data_6UEL
#
_entry.id   6UEL
#
_cell.length_a   99.587
_cell.length_b   132.342
_cell.length_c   142.443
_cell.angle_alpha   90.000
_cell.angle_beta   102.570
_cell.angle_gamma   90.000
#
_symmetry.space_group_name_H-M   'P 1 21 1'
#
loop_
_entity.id
_entity.type
_entity.pdbx_description
1 polymer 'Carbamoyl-phosphate synthase [ammonia], mitochondrial'
2 non-polymer 'ZINC ION'
3 non-polymer N~1~-[(4-fluorophenyl)methyl]-N~1~-methyl-N~4~-(4-methyl-1,3-thiazol-2-yl)piperidine-1,4-dicarboxamide
4 water water
#
_entity_poly.entity_id   1
_entity_poly.type   'polypeptide(L)'
_entity_poly.pdbx_seq_one_letter_code
;MTRILTAFKVVRTLKTGFGFTNVTAHQKWKFSRPGIRLLSVKAQTAHIVLEDGTKMKGYSFGHPSSVAGEVVFNTGLGGY
PEAITDPAYKGQILTMANPIIGNGGAPDTTALDELGLSKYLESNGIKVSGLLVLDYSKDYNHWLATKSLGQWLQEEKVPA
IYGVDTRMLTKIIRDKGTMLGKIEFEGQPVDFVDPNKQNLIAEVSTKDVKVYGKGNPTKVVAVDCGIKNNVIRLLVKRGA
EVHLVPWNHDFTKMEYDGILIAGGPGNPALAEPLIQNVRKILESDRKEPLFGISTGNLITGLAAGAKTYKMSMANRGQNQ
PVLNITNKQAFITAQNHGYALDNTLPAGWKPLFVNVNDQTNEGIMHESKPFFAVQFHPEVTPGPIDTEYLFDSFFSLIKK
GKATTITSVLPKPALVASRVEVSKVLILGSGGLSIGQAGEFDYSGSQAVKAMKEENVKTVLMNPNIASVQTNEVGLKQAD
TVYFLPITPQFVTEVIKAEQPDGLILGMGGQTALNCGVELFKRGVLKEYGVKVLGTSVESIMATEDRQLFSDKLNEINEK
IAPSFAVESIEDALKAADTIGYPVMIRSAYALGGLGSGICPNRETLMDLSTKAFAMTNQILVEKSVTGWKEIEYEVVRDA
DDNCVTVCNMENVDAMGVHTGDSVVVAPAQTLSNAEFQMLRRTSINVVRHLGIVGECNIQFALHPTSMEYCIIEVNARLS
RSSALASKATGYPLAFIAAKIALGIPLPEIKNVVSGKTSACFEPSLDYMVTKIPRWDLDRFHGTSSRIGSSMKSVGEVMA
IGRTFEESFQKALRMCHPSIEGFTPRLPMNKEWPSNLDLRKELSEPSSTRIYAIAKAIDDNMSLDEIEKLTYIDKWFLYK
MRDILNMEKTLKGLNSESMTEETLKRAKEIGFSDKQISKCLGLTEAQTRELRLKKNIHPWVKQIDTLAAEYPSVTNYLYV
TYNGQEHDVNFDDHGMMVLGCGPYHIGSSVEFDWCAVSSIRTLRQLGKKTVVVNCNPETVSTDFDECDKLYFEELSLERI
LDIYHQEACGGCIISVGGQIPNNLAVPLYKNGVKIMGTSPLQIDRAEDRSIFSAVLDELKVAQAPWKAVNTLNEALEFAK
SVDYPCLLRPSYVLSGSAMNVVFSEDEMKKFLEEATRVSQEHPVVLTKFVEGAREVEMDAVGKDGRVISHAISEHVEDAG
VHSGDATLMLPTQTISQGAIEKVKDATRKIAKAFAISGPFNVQFLVKGNDVLVIECNLRASRSFPFVSKTLGVDFIDVAT
KVMIGENVDEKHLPTLDHPIIPADYVAIKAPMFSWPRLRDADPILRCEMASTGEVACFGEGIHTAFLKAMLSTGFKIPQK
GILIGIQQSFRPRFLGVAEQLHNEGFKLFATEATSDWLNANNVPATPVAWPSQEGQNPSLSSIRKLIRDGSIDLVINLPN
NNTKFVHDNYVIRRTAVDSGIPLLTNFQVTKLFAEAVQKSRKVDSKSLFHYRQYSAGKAA
;
_entity_poly.pdbx_strand_id   A,B
#
# COMPACT_ATOMS: atom_id res chain seq x y z
N ALA A 43 -38.33 13.55 21.02
CA ALA A 43 -38.51 13.68 22.50
C ALA A 43 -39.90 14.20 22.71
N GLN A 44 -40.24 14.29 23.98
CA GLN A 44 -41.20 15.27 24.35
C GLN A 44 -40.61 16.66 24.05
N THR A 45 -41.52 17.56 23.78
CA THR A 45 -41.20 18.92 23.59
C THR A 45 -41.66 19.69 24.83
N ALA A 46 -41.22 20.95 24.90
CA ALA A 46 -41.49 21.88 25.97
C ALA A 46 -41.20 23.27 25.44
N HIS A 47 -41.84 24.27 26.01
CA HIS A 47 -41.54 25.66 25.64
C HIS A 47 -40.75 26.39 26.71
N ILE A 48 -39.90 27.32 26.25
CA ILE A 48 -39.39 28.41 27.10
C ILE A 48 -40.36 29.56 26.86
N VAL A 49 -41.04 29.98 27.94
CA VAL A 49 -41.95 31.14 27.90
C VAL A 49 -41.39 32.25 28.79
N LEU A 50 -41.25 33.43 28.25
CA LEU A 50 -40.78 34.60 28.99
C LEU A 50 -41.98 35.42 29.41
N GLU A 51 -41.82 36.22 30.46
CA GLU A 51 -42.93 37.09 30.91
C GLU A 51 -43.31 38.20 29.98
N ASP A 52 -42.42 38.58 29.08
CA ASP A 52 -42.80 39.50 28.00
C ASP A 52 -43.62 38.89 26.88
N GLY A 53 -43.91 37.58 26.91
CA GLY A 53 -44.70 36.87 25.84
C GLY A 53 -43.90 35.98 24.85
N THR A 54 -42.59 36.05 24.86
CA THR A 54 -41.71 35.31 23.97
C THR A 54 -41.94 33.88 24.27
N LYS A 55 -42.14 33.07 23.24
CA LYS A 55 -42.30 31.60 23.34
C LYS A 55 -41.42 30.93 22.32
N MET A 56 -40.63 29.93 22.73
CA MET A 56 -39.87 29.13 21.81
C MET A 56 -40.06 27.65 22.20
N LYS A 57 -40.30 26.83 21.20
CA LYS A 57 -40.50 25.43 21.39
C LYS A 57 -39.19 24.69 21.21
N GLY A 58 -38.92 23.76 22.10
CA GLY A 58 -37.71 22.98 22.07
C GLY A 58 -38.00 21.53 22.40
N TYR A 59 -36.96 20.70 22.32
CA TYR A 59 -36.98 19.28 22.68
C TYR A 59 -36.32 19.07 24.03
N SER A 60 -36.97 18.27 24.89
CA SER A 60 -36.51 18.03 26.22
C SER A 60 -35.32 17.08 26.17
N PHE A 61 -34.25 17.40 26.88
CA PHE A 61 -33.16 16.42 27.10
C PHE A 61 -32.78 16.20 28.53
N GLY A 62 -33.42 16.92 29.47
CA GLY A 62 -33.19 16.67 30.87
C GLY A 62 -34.41 16.08 31.51
N HIS A 63 -34.66 16.49 32.77
CA HIS A 63 -35.78 15.93 33.50
C HIS A 63 -37.07 16.51 32.94
N PRO A 64 -38.04 15.67 32.60
CA PRO A 64 -39.16 16.23 31.87
C PRO A 64 -40.22 16.84 32.80
N SER A 65 -39.91 17.96 33.48
CA SER A 65 -40.89 18.68 34.28
C SER A 65 -40.72 20.16 34.12
N SER A 66 -41.79 20.90 34.36
CA SER A 66 -41.76 22.33 34.25
C SER A 66 -41.01 23.03 35.41
N VAL A 67 -40.42 24.19 35.13
CA VAL A 67 -39.76 24.95 36.17
C VAL A 67 -39.83 26.40 35.84
N ALA A 68 -39.93 27.25 36.89
CA ALA A 68 -39.99 28.68 36.72
C ALA A 68 -38.77 29.32 37.45
N GLY A 69 -38.23 30.37 36.88
CA GLY A 69 -37.11 31.07 37.45
C GLY A 69 -36.77 32.33 36.70
N GLU A 70 -35.65 32.96 37.08
CA GLU A 70 -35.11 34.05 36.32
C GLU A 70 -34.31 33.48 35.14
N VAL A 71 -34.52 34.01 33.93
CA VAL A 71 -33.79 33.59 32.73
C VAL A 71 -32.59 34.49 32.60
N VAL A 72 -31.38 33.90 32.53
CA VAL A 72 -30.16 34.65 32.36
C VAL A 72 -29.38 34.04 31.15
N PHE A 73 -28.38 34.75 30.64
CA PHE A 73 -27.42 34.16 29.73
C PHE A 73 -25.99 34.37 30.22
N ASN A 74 -25.10 33.48 29.78
CA ASN A 74 -23.67 33.62 30.07
C ASN A 74 -22.90 33.41 28.74
N THR A 75 -21.93 34.28 28.43
CA THR A 75 -21.25 34.20 27.13
C THR A 75 -20.04 33.32 27.15
N GLY A 76 -19.74 32.75 28.29
CA GLY A 76 -18.65 31.83 28.40
C GLY A 76 -19.00 30.57 27.65
N LEU A 77 -18.07 30.12 26.79
CA LEU A 77 -18.31 28.98 25.88
C LEU A 77 -17.91 27.65 26.45
N GLY A 78 -16.88 27.59 27.27
CA GLY A 78 -16.35 26.31 27.70
C GLY A 78 -16.80 26.00 29.13
N GLY A 79 -16.57 24.74 29.47
CA GLY A 79 -16.78 24.23 30.81
C GLY A 79 -18.16 24.17 31.36
N TYR A 80 -19.13 23.69 30.56
CA TYR A 80 -20.50 23.59 31.02
C TYR A 80 -20.64 22.72 32.32
N PRO A 81 -19.81 21.64 32.50
CA PRO A 81 -19.98 20.94 33.82
C PRO A 81 -19.69 21.80 35.08
N GLU A 82 -18.59 22.52 35.02
CA GLU A 82 -18.23 23.45 36.07
C GLU A 82 -19.30 24.55 36.12
N ALA A 83 -19.66 25.09 34.95
CA ALA A 83 -20.63 26.19 34.93
C ALA A 83 -21.91 25.87 35.67
N ILE A 84 -22.55 24.73 35.34
CA ILE A 84 -23.90 24.45 35.81
C ILE A 84 -23.93 23.99 37.26
N THR A 85 -22.75 23.72 37.83
CA THR A 85 -22.60 23.54 39.28
C THR A 85 -22.19 24.78 40.09
N ASP A 86 -22.27 25.93 39.47
CA ASP A 86 -22.00 27.21 40.13
C ASP A 86 -23.17 27.59 41.01
N PRO A 87 -22.95 27.75 42.36
CA PRO A 87 -24.12 28.11 43.20
C PRO A 87 -24.76 29.41 42.78
N ALA A 88 -24.01 30.27 42.11
CA ALA A 88 -24.60 31.55 41.63
C ALA A 88 -25.82 31.37 40.74
N TYR A 89 -25.99 30.21 40.08
CA TYR A 89 -27.20 30.03 39.27
C TYR A 89 -28.45 29.55 39.98
N LYS A 90 -28.40 29.38 41.31
CA LYS A 90 -29.54 28.91 42.04
C LYS A 90 -30.76 29.74 41.70
N GLY A 91 -31.81 29.06 41.28
CA GLY A 91 -33.07 29.74 40.87
C GLY A 91 -33.16 30.19 39.42
N GLN A 92 -32.10 29.98 38.65
CA GLN A 92 -31.99 30.56 37.32
C GLN A 92 -32.02 29.53 36.20
N ILE A 93 -32.70 29.90 35.13
CA ILE A 93 -32.74 29.11 33.92
C ILE A 93 -31.62 29.75 33.03
N LEU A 94 -30.57 28.98 32.69
CA LEU A 94 -29.35 29.50 32.03
C LEU A 94 -29.42 29.26 30.56
N THR A 95 -29.35 30.34 29.76
CA THR A 95 -29.16 30.33 28.28
C THR A 95 -27.71 30.25 27.94
N MET A 96 -27.34 29.20 27.22
CA MET A 96 -25.93 28.97 26.86
C MET A 96 -25.64 29.68 25.53
N ALA A 97 -24.60 30.46 25.53
CA ALA A 97 -24.12 31.14 24.28
C ALA A 97 -23.53 30.14 23.28
N ASN A 98 -22.79 29.18 23.81
CA ASN A 98 -22.15 28.19 22.99
C ASN A 98 -23.28 27.37 22.40
N PRO A 99 -23.41 27.36 21.07
CA PRO A 99 -24.58 26.68 20.43
C PRO A 99 -24.46 25.13 20.50
N ILE A 100 -23.27 24.63 20.83
CA ILE A 100 -23.01 23.16 20.77
C ILE A 100 -22.63 22.63 22.15
N ILE A 101 -23.63 22.04 22.82
CA ILE A 101 -23.49 21.74 24.27
C ILE A 101 -23.57 20.25 24.48
N GLY A 102 -22.64 19.74 25.30
CA GLY A 102 -22.64 18.34 25.75
C GLY A 102 -21.54 17.48 25.13
N ASN A 103 -20.61 18.08 24.42
CA ASN A 103 -19.56 17.31 23.65
C ASN A 103 -18.71 16.40 24.54
N GLY A 104 -18.48 16.84 25.77
CA GLY A 104 -17.65 16.09 26.73
C GLY A 104 -18.45 15.24 27.73
N GLY A 105 -19.75 15.11 27.53
CA GLY A 105 -20.62 14.45 28.45
C GLY A 105 -20.61 15.05 29.84
N ALA A 106 -20.67 14.18 30.86
CA ALA A 106 -20.54 14.54 32.26
C ALA A 106 -19.42 13.73 32.91
N PRO A 107 -18.65 14.35 33.80
CA PRO A 107 -17.57 13.65 34.46
C PRO A 107 -18.11 12.70 35.54
N ASP A 108 -17.20 12.04 36.27
CA ASP A 108 -17.61 11.27 37.43
C ASP A 108 -18.16 12.24 38.50
N THR A 109 -19.47 12.32 38.63
CA THR A 109 -20.10 13.34 39.45
C THR A 109 -20.17 13.02 40.97
N THR A 110 -19.75 11.80 41.33
CA THR A 110 -19.66 11.35 42.73
C THR A 110 -18.25 11.30 43.28
N ALA A 111 -17.20 11.37 42.46
CA ALA A 111 -15.85 11.28 42.96
C ALA A 111 -15.49 12.50 43.81
N LEU A 112 -14.72 12.24 44.85
CA LEU A 112 -14.22 13.29 45.75
C LEU A 112 -12.72 13.38 45.63
N ASP A 113 -12.17 14.58 45.78
CA ASP A 113 -10.71 14.74 45.89
C ASP A 113 -10.24 14.46 47.35
N GLU A 114 -8.95 14.64 47.61
CA GLU A 114 -8.39 14.44 48.97
C GLU A 114 -9.06 15.27 50.11
N LEU A 115 -9.58 16.45 49.76
CA LEU A 115 -10.22 17.37 50.71
C LEU A 115 -11.66 17.02 50.98
N GLY A 116 -12.24 16.04 50.28
CA GLY A 116 -13.64 15.75 50.48
C GLY A 116 -14.56 16.67 49.67
N LEU A 117 -14.00 17.37 48.71
CA LEU A 117 -14.77 18.19 47.77
C LEU A 117 -15.03 17.36 46.55
N SER A 118 -16.05 17.75 45.76
CA SER A 118 -16.25 17.12 44.46
C SER A 118 -14.96 17.27 43.67
N LYS A 119 -14.53 16.18 43.08
CA LYS A 119 -13.31 16.16 42.30
C LYS A 119 -13.43 17.01 41.04
N TYR A 120 -14.56 16.90 40.32
CA TYR A 120 -14.64 17.55 39.01
C TYR A 120 -15.67 18.68 38.98
N LEU A 121 -16.45 18.86 40.02
CA LEU A 121 -17.49 19.91 40.01
C LEU A 121 -17.18 21.04 40.99
N GLU A 122 -17.94 22.13 40.88
CA GLU A 122 -17.74 23.31 41.72
C GLU A 122 -18.66 23.40 42.93
N SER A 123 -19.59 22.48 43.02
CA SER A 123 -20.47 22.39 44.25
C SER A 123 -20.99 20.96 44.24
N ASN A 124 -21.85 20.62 45.22
CA ASN A 124 -22.34 19.23 45.40
C ASN A 124 -23.44 18.77 44.40
N GLY A 125 -23.79 19.58 43.41
CA GLY A 125 -24.78 19.15 42.40
C GLY A 125 -25.03 20.25 41.38
N ILE A 126 -25.92 20.00 40.44
CA ILE A 126 -26.26 21.00 39.42
C ILE A 126 -27.09 22.05 40.15
N LYS A 127 -26.77 23.33 39.92
CA LYS A 127 -27.39 24.44 40.62
C LYS A 127 -28.35 25.21 39.77
N VAL A 128 -28.23 25.15 38.45
CA VAL A 128 -29.22 25.81 37.59
C VAL A 128 -30.59 25.19 37.82
N SER A 129 -31.63 26.01 37.66
CA SER A 129 -32.97 25.57 37.66
C SER A 129 -33.37 24.87 36.38
N GLY A 130 -32.81 25.34 35.26
CA GLY A 130 -32.97 24.66 34.01
C GLY A 130 -31.92 25.19 33.04
N LEU A 131 -31.91 24.59 31.84
CA LEU A 131 -30.91 24.86 30.82
C LEU A 131 -31.56 25.00 29.44
N LEU A 132 -31.10 25.99 28.70
CA LEU A 132 -31.58 26.29 27.37
C LEU A 132 -30.40 26.36 26.41
N VAL A 133 -30.41 25.50 25.40
CA VAL A 133 -29.29 25.39 24.45
C VAL A 133 -29.76 25.30 23.02
N LEU A 134 -28.85 25.61 22.10
CA LEU A 134 -29.23 25.55 20.69
C LEU A 134 -29.19 24.07 20.26
N ASP A 135 -28.07 23.40 20.41
CA ASP A 135 -27.94 22.01 19.92
C ASP A 135 -27.35 21.20 21.03
N TYR A 136 -27.98 20.06 21.35
CA TYR A 136 -27.52 19.17 22.40
C TYR A 136 -26.78 18.01 21.75
N SER A 137 -25.52 17.75 22.09
CA SER A 137 -24.82 16.61 21.55
C SER A 137 -25.17 15.36 22.38
N LYS A 138 -26.03 14.48 21.91
CA LYS A 138 -26.34 13.20 22.65
C LYS A 138 -25.15 12.21 22.78
N ASP A 139 -24.25 12.30 21.78
CA ASP A 139 -23.06 11.52 21.74
C ASP A 139 -21.90 12.39 22.11
N TYR A 140 -21.14 11.89 23.07
CA TYR A 140 -20.10 12.65 23.69
C TYR A 140 -18.82 11.87 23.50
N ASN A 141 -17.69 12.55 23.63
CA ASN A 141 -16.40 11.86 23.56
C ASN A 141 -15.34 12.63 24.32
N HIS A 142 -15.02 12.16 25.52
CA HIS A 142 -13.96 12.78 26.28
C HIS A 142 -13.45 11.77 27.32
N TRP A 143 -12.14 11.72 27.50
CA TRP A 143 -11.53 10.71 28.39
C TRP A 143 -12.00 10.76 29.86
N LEU A 144 -12.53 11.88 30.32
CA LEU A 144 -13.10 11.99 31.67
C LEU A 144 -14.60 11.78 31.71
N ALA A 145 -15.26 11.59 30.58
CA ALA A 145 -16.72 11.40 30.60
C ALA A 145 -17.16 10.01 31.16
N THR A 146 -18.26 9.99 31.90
CA THR A 146 -18.88 8.77 32.43
C THR A 146 -20.26 8.61 31.93
N LYS A 147 -20.83 9.67 31.35
CA LYS A 147 -22.21 9.64 30.96
C LYS A 147 -22.52 10.90 30.18
N SER A 148 -23.70 10.96 29.59
CA SER A 148 -24.13 12.11 28.79
C SER A 148 -24.59 13.23 29.75
N LEU A 149 -24.57 14.47 29.22
CA LEU A 149 -25.06 15.61 29.93
C LEU A 149 -26.56 15.39 30.22
N GLY A 150 -27.33 14.90 29.26
CA GLY A 150 -28.76 14.64 29.50
C GLY A 150 -29.03 13.64 30.62
N GLN A 151 -28.27 12.56 30.69
CA GLN A 151 -28.38 11.62 31.84
C GLN A 151 -28.16 12.29 33.21
N TRP A 152 -27.09 13.10 33.29
CA TRP A 152 -26.77 13.86 34.48
C TRP A 152 -27.89 14.75 34.87
N LEU A 153 -28.38 15.50 33.91
CA LEU A 153 -29.48 16.42 34.18
C LEU A 153 -30.73 15.69 34.69
N GLN A 154 -31.06 14.54 34.04
CA GLN A 154 -32.18 13.67 34.46
C GLN A 154 -31.99 13.14 35.88
N GLU A 155 -30.80 12.61 36.18
CA GLU A 155 -30.49 12.16 37.55
C GLU A 155 -30.71 13.31 38.59
N GLU A 156 -30.31 14.54 38.23
CA GLU A 156 -30.42 15.68 39.14
C GLU A 156 -31.80 16.35 39.10
N LYS A 157 -32.71 15.90 38.26
CA LYS A 157 -34.04 16.48 38.15
C LYS A 157 -34.07 17.86 37.58
N VAL A 158 -33.17 18.18 36.65
CA VAL A 158 -33.09 19.49 36.07
C VAL A 158 -33.66 19.46 34.68
N PRO A 159 -34.63 20.30 34.40
CA PRO A 159 -35.17 20.41 33.08
C PRO A 159 -34.24 21.10 32.10
N ALA A 160 -34.30 20.67 30.87
CA ALA A 160 -33.41 21.30 29.82
C ALA A 160 -33.99 21.05 28.46
N ILE A 161 -33.96 22.06 27.56
CA ILE A 161 -34.44 21.94 26.24
C ILE A 161 -33.42 22.44 25.24
N TYR A 162 -33.37 21.78 24.11
CA TYR A 162 -32.56 22.20 22.96
C TYR A 162 -33.42 22.60 21.80
N GLY A 163 -32.79 23.13 20.75
CA GLY A 163 -33.49 23.55 19.57
C GLY A 163 -34.05 24.95 19.71
N VAL A 164 -33.60 25.73 20.68
CA VAL A 164 -34.10 27.10 20.85
C VAL A 164 -33.03 28.13 20.40
N ASP A 165 -33.46 29.25 19.86
CA ASP A 165 -32.57 30.31 19.44
C ASP A 165 -32.01 31.16 20.60
N THR A 166 -30.90 30.64 21.11
CA THR A 166 -30.19 31.18 22.22
C THR A 166 -29.61 32.57 21.99
N ARG A 167 -29.32 32.91 20.73
CA ARG A 167 -28.93 34.25 20.41
C ARG A 167 -30.12 35.24 20.50
N MET A 168 -31.24 34.85 19.95
CA MET A 168 -32.43 35.64 20.09
C MET A 168 -32.82 35.82 21.60
N LEU A 169 -32.72 34.77 22.37
CA LEU A 169 -33.02 34.85 23.82
C LEU A 169 -32.05 35.82 24.51
N THR A 170 -30.78 35.75 24.17
CA THR A 170 -29.78 36.71 24.66
C THR A 170 -30.17 38.15 24.37
N LYS A 171 -30.52 38.46 23.12
CA LYS A 171 -30.92 39.81 22.71
C LYS A 171 -32.16 40.32 23.47
N ILE A 172 -33.08 39.44 23.73
CA ILE A 172 -34.27 39.72 24.57
C ILE A 172 -33.95 39.98 26.07
N ILE A 173 -33.15 39.13 26.70
CA ILE A 173 -32.89 39.24 28.12
C ILE A 173 -31.99 40.45 28.38
N ARG A 174 -31.06 40.72 27.47
CA ARG A 174 -30.01 41.63 27.78
C ARG A 174 -30.57 43.06 28.08
N ASP A 175 -29.95 43.69 29.05
CA ASP A 175 -30.42 45.00 29.55
C ASP A 175 -31.87 45.11 30.06
N LYS A 176 -32.49 44.00 30.51
CA LYS A 176 -33.86 44.09 31.10
C LYS A 176 -33.90 44.05 32.65
N GLY A 177 -32.77 43.88 33.31
CA GLY A 177 -32.72 43.72 34.75
C GLY A 177 -33.00 42.29 35.19
N THR A 178 -34.29 41.98 35.28
CA THR A 178 -34.79 40.67 35.55
C THR A 178 -35.79 40.19 34.49
N MET A 179 -35.42 39.17 33.74
CA MET A 179 -36.43 38.50 32.83
C MET A 179 -36.88 37.18 33.48
N LEU A 180 -38.12 37.13 33.94
CA LEU A 180 -38.69 35.88 34.42
C LEU A 180 -39.11 34.99 33.25
N GLY A 181 -38.98 33.71 33.45
CA GLY A 181 -39.48 32.79 32.49
C GLY A 181 -39.73 31.46 33.08
N LYS A 182 -40.09 30.53 32.20
CA LYS A 182 -40.40 29.16 32.61
C LYS A 182 -40.20 28.14 31.46
N ILE A 183 -39.69 26.96 31.78
CA ILE A 183 -39.74 25.86 30.92
C ILE A 183 -41.05 25.13 31.24
N GLU A 184 -41.95 25.09 30.26
CA GLU A 184 -43.30 24.56 30.45
C GLU A 184 -43.61 23.40 29.52
N PHE A 185 -43.90 22.26 30.15
CA PHE A 185 -44.38 21.03 29.51
C PHE A 185 -45.89 21.01 29.50
N GLU A 186 -46.45 20.48 28.43
CA GLU A 186 -47.93 20.30 28.34
C GLU A 186 -48.46 19.51 29.51
N GLY A 187 -49.57 19.98 30.06
CA GLY A 187 -50.14 19.33 31.25
C GLY A 187 -49.36 19.56 32.54
N GLN A 188 -48.33 20.46 32.54
CA GLN A 188 -47.66 20.85 33.80
C GLN A 188 -47.52 22.36 33.91
N PRO A 189 -48.63 23.06 33.94
CA PRO A 189 -48.54 24.49 33.90
C PRO A 189 -47.86 25.04 35.19
N VAL A 190 -47.06 26.09 35.04
CA VAL A 190 -46.42 26.78 36.17
C VAL A 190 -46.55 28.27 35.99
N ASP A 191 -46.40 28.99 37.09
CA ASP A 191 -46.60 30.43 37.18
C ASP A 191 -45.21 31.02 37.20
N PHE A 192 -45.05 32.27 36.78
CA PHE A 192 -43.80 33.00 36.95
C PHE A 192 -43.51 33.24 38.42
N VAL A 193 -42.27 33.02 38.82
CA VAL A 193 -41.74 33.33 40.17
C VAL A 193 -40.31 33.90 40.05
N ASP A 194 -40.06 34.97 40.82
CA ASP A 194 -38.70 35.57 40.94
C ASP A 194 -37.96 34.99 42.18
N PRO A 195 -37.06 34.02 41.99
CA PRO A 195 -36.32 33.49 43.17
C PRO A 195 -35.41 34.49 43.90
N ASN A 196 -35.08 35.62 43.27
CA ASN A 196 -34.29 36.73 43.89
C ASN A 196 -35.05 37.43 45.08
N LYS A 197 -36.35 37.20 45.18
CA LYS A 197 -37.13 37.77 46.27
C LYS A 197 -37.01 36.98 47.56
N GLN A 198 -36.33 35.82 47.51
CA GLN A 198 -35.99 35.09 48.73
C GLN A 198 -34.49 35.13 48.89
N ASN A 199 -34.06 34.83 50.13
CA ASN A 199 -32.65 34.86 50.47
C ASN A 199 -31.95 33.55 49.95
N LEU A 200 -31.55 33.62 48.68
CA LEU A 200 -30.75 32.57 48.04
C LEU A 200 -29.42 32.25 48.68
N ILE A 201 -28.79 33.25 49.27
CA ILE A 201 -27.54 33.02 50.00
C ILE A 201 -27.74 31.96 51.06
N ALA A 202 -28.82 32.14 51.82
CA ALA A 202 -29.12 31.23 52.92
C ALA A 202 -29.45 29.83 52.37
N GLU A 203 -29.99 29.78 51.18
CA GLU A 203 -30.44 28.52 50.64
C GLU A 203 -29.24 27.70 50.22
N VAL A 204 -28.19 28.32 49.66
CA VAL A 204 -27.03 27.56 49.23
C VAL A 204 -25.93 27.39 50.27
N SER A 205 -25.93 28.19 51.33
CA SER A 205 -24.87 28.15 52.37
C SER A 205 -24.78 26.80 53.08
N THR A 206 -23.57 26.32 53.38
CA THR A 206 -23.39 25.24 54.37
C THR A 206 -24.25 25.52 55.64
N LYS A 207 -24.85 24.48 56.20
CA LYS A 207 -25.65 24.61 57.46
C LYS A 207 -24.80 24.43 58.73
N ASP A 208 -23.59 23.90 58.57
CA ASP A 208 -22.62 23.79 59.69
C ASP A 208 -21.18 24.10 59.24
N VAL A 209 -20.28 24.21 60.21
CA VAL A 209 -18.89 24.55 59.95
C VAL A 209 -18.23 23.34 59.37
N LYS A 210 -17.57 23.49 58.24
CA LYS A 210 -16.79 22.37 57.69
C LYS A 210 -15.34 22.82 57.62
N VAL A 211 -14.42 21.88 57.86
CA VAL A 211 -12.99 22.16 57.87
C VAL A 211 -12.29 21.39 56.75
N TYR A 212 -11.56 22.13 55.93
CA TYR A 212 -10.76 21.56 54.82
C TYR A 212 -9.30 21.95 55.05
N GLY A 213 -8.40 21.05 54.72
CA GLY A 213 -6.98 21.32 54.98
C GLY A 213 -6.59 21.23 56.44
N LYS A 214 -7.23 20.31 57.15
CA LYS A 214 -7.02 20.16 58.58
C LYS A 214 -5.52 19.99 58.92
N GLY A 215 -5.03 20.81 59.84
CA GLY A 215 -3.64 20.77 60.29
C GLY A 215 -2.73 21.67 59.53
N ASN A 216 -3.23 22.33 58.47
CA ASN A 216 -2.49 23.40 57.79
C ASN A 216 -2.23 24.63 58.71
N PRO A 217 -1.19 25.45 58.41
CA PRO A 217 -0.74 26.48 59.33
C PRO A 217 -1.54 27.78 59.36
N THR A 218 -2.22 28.14 58.28
CA THR A 218 -2.87 29.42 58.23
C THR A 218 -4.37 29.22 58.31
N LYS A 219 -4.97 29.76 59.37
CA LYS A 219 -6.38 29.52 59.61
C LYS A 219 -7.15 30.59 58.84
N VAL A 220 -7.99 30.14 57.92
CA VAL A 220 -8.79 31.07 57.13
C VAL A 220 -10.25 30.73 57.35
N VAL A 221 -11.03 31.72 57.73
CA VAL A 221 -12.46 31.53 57.82
C VAL A 221 -13.04 31.95 56.45
N ALA A 222 -13.87 31.09 55.85
CA ALA A 222 -14.52 31.40 54.60
C ALA A 222 -15.99 31.42 54.91
N VAL A 223 -16.64 32.55 54.64
CA VAL A 223 -18.05 32.71 54.83
C VAL A 223 -18.75 32.29 53.54
N ASP A 224 -19.61 31.27 53.67
CA ASP A 224 -20.23 30.63 52.56
C ASP A 224 -21.45 31.39 52.06
N CYS A 225 -21.31 32.17 50.98
CA CYS A 225 -22.48 32.75 50.35
C CYS A 225 -22.79 32.04 49.02
N GLY A 226 -22.46 30.78 48.93
CA GLY A 226 -22.47 30.01 47.65
C GLY A 226 -21.10 29.93 47.04
N ILE A 227 -20.13 29.60 47.90
CA ILE A 227 -18.73 29.54 47.49
C ILE A 227 -18.56 28.43 46.41
N LYS A 228 -17.66 28.64 45.47
CA LYS A 228 -17.21 27.59 44.58
C LYS A 228 -16.08 26.76 45.15
N ASN A 229 -16.07 25.45 44.82
CA ASN A 229 -15.05 24.54 45.29
C ASN A 229 -13.63 25.00 45.01
N ASN A 230 -13.39 25.65 43.84
CA ASN A 230 -12.07 26.03 43.56
C ASN A 230 -11.47 27.08 44.48
N VAL A 231 -12.30 27.89 45.13
CA VAL A 231 -11.80 28.87 46.10
C VAL A 231 -11.13 28.07 47.24
N ILE A 232 -11.80 27.03 47.69
CA ILE A 232 -11.30 26.22 48.80
C ILE A 232 -10.00 25.51 48.38
N ARG A 233 -9.98 24.97 47.16
CA ARG A 233 -8.77 24.28 46.65
C ARG A 233 -7.56 25.22 46.59
N LEU A 234 -7.80 26.43 46.11
CA LEU A 234 -6.73 27.45 46.01
C LEU A 234 -6.22 27.94 47.36
N LEU A 235 -7.09 27.99 48.36
CA LEU A 235 -6.68 28.36 49.73
C LEU A 235 -5.84 27.24 50.35
N VAL A 236 -6.31 26.01 50.23
CA VAL A 236 -5.67 24.89 50.87
C VAL A 236 -4.30 24.64 50.27
N LYS A 237 -4.20 24.71 48.94
CA LYS A 237 -2.91 24.60 48.20
C LYS A 237 -1.87 25.60 48.78
N ARG A 238 -2.34 26.75 49.25
CA ARG A 238 -1.49 27.79 49.80
C ARG A 238 -1.20 27.69 51.31
N GLY A 239 -1.60 26.60 51.94
CA GLY A 239 -1.35 26.37 53.35
C GLY A 239 -2.47 26.82 54.27
N ALA A 240 -3.67 27.09 53.73
CA ALA A 240 -4.80 27.37 54.60
C ALA A 240 -5.42 26.10 55.18
N GLU A 241 -5.86 26.21 56.44
CA GLU A 241 -6.85 25.33 57.03
C GLU A 241 -8.11 26.18 56.95
N VAL A 242 -9.06 25.72 56.15
CA VAL A 242 -10.20 26.53 55.80
C VAL A 242 -11.36 26.09 56.69
N HIS A 243 -11.93 27.05 57.39
CA HIS A 243 -13.07 26.85 58.18
C HIS A 243 -14.24 27.49 57.38
N LEU A 244 -14.96 26.63 56.67
CA LEU A 244 -16.12 27.08 55.90
C LEU A 244 -17.33 27.25 56.82
N VAL A 245 -17.85 28.46 56.96
CA VAL A 245 -18.90 28.73 57.92
C VAL A 245 -20.18 29.22 57.26
N PRO A 246 -21.34 28.93 57.86
CA PRO A 246 -22.60 29.41 57.35
C PRO A 246 -22.60 30.94 57.18
N TRP A 247 -23.37 31.40 56.21
CA TRP A 247 -23.49 32.79 55.86
C TRP A 247 -23.78 33.67 57.08
N ASN A 248 -24.57 33.15 58.02
CA ASN A 248 -25.01 33.88 59.19
C ASN A 248 -24.30 33.40 60.46
N HIS A 249 -23.21 32.66 60.33
CA HIS A 249 -22.40 32.29 61.50
C HIS A 249 -21.79 33.57 62.09
N ASP A 250 -21.74 33.67 63.43
CA ASP A 250 -21.13 34.82 64.06
C ASP A 250 -19.68 34.45 64.16
N PHE A 251 -18.89 34.90 63.19
CA PHE A 251 -17.43 34.66 63.16
C PHE A 251 -16.66 35.81 63.90
N THR A 252 -17.36 36.81 64.40
CA THR A 252 -16.70 38.04 64.81
C THR A 252 -15.70 37.93 65.97
N LYS A 253 -15.88 36.94 66.81
CA LYS A 253 -14.93 36.68 67.89
C LYS A 253 -14.14 35.42 67.64
N MET A 254 -14.27 34.77 66.49
CA MET A 254 -13.41 33.59 66.20
C MET A 254 -11.93 34.00 66.11
N GLU A 255 -11.06 33.06 66.38
CA GLU A 255 -9.66 33.21 66.07
C GLU A 255 -9.46 32.81 64.63
N TYR A 256 -8.80 33.66 63.88
CA TYR A 256 -8.32 33.30 62.53
C TYR A 256 -7.19 34.21 62.09
N ASP A 257 -6.47 33.82 61.05
CA ASP A 257 -5.41 34.64 60.48
C ASP A 257 -5.93 35.48 59.36
N GLY A 258 -6.95 34.99 58.65
CA GLY A 258 -7.53 35.75 57.54
C GLY A 258 -8.97 35.32 57.31
N ILE A 259 -9.74 36.19 56.65
CA ILE A 259 -11.13 35.91 56.40
C ILE A 259 -11.45 36.22 54.91
N LEU A 260 -12.33 35.37 54.37
CA LEU A 260 -12.72 35.37 52.94
C LEU A 260 -14.22 35.20 52.87
N ILE A 261 -14.86 35.97 52.01
CA ILE A 261 -16.29 35.88 51.86
C ILE A 261 -16.53 35.59 50.36
N ALA A 262 -17.27 34.54 50.03
CA ALA A 262 -17.42 34.15 48.59
C ALA A 262 -18.82 33.71 48.26
N GLY A 263 -19.31 34.21 47.15
CA GLY A 263 -20.59 33.77 46.55
C GLY A 263 -20.65 34.31 45.13
N GLY A 264 -21.70 34.04 44.34
CA GLY A 264 -22.86 33.33 44.72
C GLY A 264 -24.16 33.97 44.31
N PRO A 265 -25.27 33.32 44.65
CA PRO A 265 -26.54 33.79 44.10
C PRO A 265 -27.18 34.86 44.95
N GLY A 266 -28.16 35.55 44.38
CA GLY A 266 -29.07 36.36 45.13
C GLY A 266 -28.68 37.80 45.42
N ASN A 267 -29.66 38.50 45.94
CA ASN A 267 -29.52 39.88 46.32
C ASN A 267 -28.76 39.96 47.65
N PRO A 268 -27.55 40.59 47.65
CA PRO A 268 -26.73 40.64 48.84
C PRO A 268 -27.45 41.42 49.98
N ALA A 269 -28.38 42.31 49.60
CA ALA A 269 -29.13 43.07 50.60
C ALA A 269 -30.06 42.28 51.51
N LEU A 270 -30.39 41.06 51.14
CA LEU A 270 -31.23 40.26 51.95
C LEU A 270 -30.42 39.50 53.00
N ALA A 271 -29.10 39.69 53.05
CA ALA A 271 -28.24 38.94 53.98
C ALA A 271 -27.78 39.86 55.16
N GLU A 272 -28.72 40.58 55.77
CA GLU A 272 -28.42 41.54 56.84
C GLU A 272 -27.59 41.00 58.01
N PRO A 273 -27.86 39.79 58.49
CA PRO A 273 -27.05 39.34 59.62
C PRO A 273 -25.57 39.22 59.28
N LEU A 274 -25.28 38.74 58.09
CA LEU A 274 -23.91 38.78 57.55
C LEU A 274 -23.34 40.21 57.39
N ILE A 275 -24.12 41.11 56.79
CA ILE A 275 -23.62 42.45 56.58
C ILE A 275 -23.27 43.07 57.98
N GLN A 276 -24.16 42.88 58.93
CA GLN A 276 -23.95 43.39 60.27
C GLN A 276 -22.71 42.80 60.94
N ASN A 277 -22.47 41.51 60.78
CA ASN A 277 -21.24 40.89 61.27
C ASN A 277 -19.95 41.37 60.60
N VAL A 278 -20.00 41.62 59.27
CA VAL A 278 -18.85 42.13 58.61
C VAL A 278 -18.68 43.61 59.10
N ARG A 279 -19.78 44.30 59.30
CA ARG A 279 -19.68 45.67 59.77
C ARG A 279 -19.00 45.75 61.15
N LYS A 280 -19.33 44.77 62.01
CA LYS A 280 -18.70 44.64 63.30
C LYS A 280 -17.18 44.51 63.20
N ILE A 281 -16.68 43.68 62.28
CA ILE A 281 -15.24 43.50 62.01
C ILE A 281 -14.65 44.83 61.61
N LEU A 282 -15.28 45.50 60.67
CA LEU A 282 -14.74 46.75 60.13
C LEU A 282 -14.64 47.88 61.17
N GLU A 283 -15.59 47.87 62.13
CA GLU A 283 -15.63 48.89 63.20
C GLU A 283 -14.75 48.52 64.37
N SER A 284 -14.21 47.30 64.38
CA SER A 284 -13.39 46.84 65.46
C SER A 284 -11.94 47.25 65.24
N ASP A 285 -11.06 46.72 66.07
CA ASP A 285 -9.66 46.95 65.83
C ASP A 285 -9.01 45.69 65.28
N ARG A 286 -9.81 44.70 64.84
CA ARG A 286 -9.24 43.52 64.18
C ARG A 286 -8.55 43.95 62.86
N LYS A 287 -7.44 43.34 62.53
CA LYS A 287 -6.69 43.73 61.32
C LYS A 287 -6.37 42.53 60.44
N GLU A 288 -6.98 41.34 60.69
CA GLU A 288 -6.72 40.19 59.86
C GLU A 288 -7.09 40.61 58.43
N PRO A 289 -6.30 40.18 57.46
CA PRO A 289 -6.73 40.40 56.06
C PRO A 289 -8.14 39.80 55.70
N LEU A 290 -8.91 40.59 54.96
CA LEU A 290 -10.24 40.27 54.47
C LEU A 290 -10.21 40.25 52.92
N PHE A 291 -10.72 39.16 52.34
CA PHE A 291 -10.74 38.99 50.89
C PHE A 291 -12.14 38.59 50.43
N GLY A 292 -12.82 39.48 49.75
CA GLY A 292 -14.18 39.27 49.27
C GLY A 292 -14.11 38.84 47.81
N ILE A 293 -14.85 37.78 47.45
CA ILE A 293 -14.97 37.37 46.04
C ILE A 293 -16.46 37.48 45.66
N SER A 294 -16.74 38.26 44.62
CA SER A 294 -18.07 38.54 44.02
C SER A 294 -19.19 38.99 45.03
N THR A 295 -20.00 38.05 45.53
CA THR A 295 -20.89 38.35 46.68
C THR A 295 -20.10 39.05 47.84
N GLY A 296 -18.91 38.59 48.12
CA GLY A 296 -17.92 39.26 48.98
C GLY A 296 -17.67 40.74 48.79
N ASN A 297 -17.55 41.15 47.54
CA ASN A 297 -17.44 42.50 47.20
C ASN A 297 -18.68 43.28 47.60
N LEU A 298 -19.86 42.72 47.30
CA LEU A 298 -21.10 43.37 47.58
C LEU A 298 -21.32 43.47 49.12
N ILE A 299 -21.12 42.38 49.83
CA ILE A 299 -21.30 42.29 51.29
C ILE A 299 -20.31 43.26 51.98
N THR A 300 -19.04 43.25 51.54
CA THR A 300 -18.00 44.08 52.16
C THR A 300 -18.36 45.55 51.95
N GLY A 301 -18.73 45.91 50.72
CA GLY A 301 -19.23 47.24 50.42
C GLY A 301 -20.42 47.71 51.29
N LEU A 302 -21.46 46.89 51.32
CA LEU A 302 -22.64 47.20 52.09
C LEU A 302 -22.27 47.44 53.55
N ALA A 303 -21.42 46.56 54.09
CA ALA A 303 -20.98 46.64 55.49
C ALA A 303 -20.22 47.95 55.71
N ALA A 304 -19.46 48.42 54.70
CA ALA A 304 -18.72 49.64 54.78
C ALA A 304 -19.60 50.86 54.66
N GLY A 305 -20.82 50.69 54.11
CA GLY A 305 -21.78 51.77 53.92
C GLY A 305 -22.07 52.13 52.47
N ALA A 306 -21.52 51.35 51.52
CA ALA A 306 -21.86 51.52 50.12
C ALA A 306 -23.30 51.01 49.84
N LYS A 307 -23.79 51.24 48.63
CA LYS A 307 -25.09 50.83 48.19
C LYS A 307 -24.89 49.80 47.08
N THR A 308 -25.89 48.94 46.91
CA THR A 308 -25.90 47.93 45.86
C THR A 308 -27.13 48.15 45.00
N TYR A 309 -27.09 47.69 43.75
CA TYR A 309 -28.25 47.69 42.92
C TYR A 309 -28.28 46.43 42.01
N LYS A 310 -29.48 46.09 41.55
CA LYS A 310 -29.72 45.09 40.54
C LYS A 310 -29.40 45.64 39.15
N MET A 311 -28.39 45.06 38.50
CA MET A 311 -27.87 45.62 37.21
C MET A 311 -28.88 45.45 36.08
N SER A 312 -29.05 46.46 35.28
CA SER A 312 -29.89 46.36 34.07
C SER A 312 -29.24 45.32 33.11
N MET A 313 -27.92 45.40 33.01
CA MET A 313 -27.14 44.49 32.21
C MET A 313 -26.11 43.79 33.10
N ALA A 314 -26.34 42.55 33.41
CA ALA A 314 -25.47 41.76 34.32
C ALA A 314 -24.11 41.49 33.68
N ASN A 315 -23.13 41.00 34.44
CA ASN A 315 -21.86 40.64 33.88
C ASN A 315 -21.72 39.10 34.05
N ARG A 316 -21.92 38.37 32.96
CA ARG A 316 -21.91 36.90 32.98
C ARG A 316 -21.16 36.40 31.77
N GLY A 317 -19.93 35.98 31.96
CA GLY A 317 -19.11 35.54 30.83
C GLY A 317 -17.71 35.19 31.32
N GLN A 318 -16.86 34.74 30.42
CA GLN A 318 -15.51 34.37 30.77
C GLN A 318 -14.55 35.31 30.03
N ASN A 319 -15.05 36.42 29.49
CA ASN A 319 -14.28 37.29 28.67
C ASN A 319 -14.41 38.74 29.16
N GLN A 320 -14.66 38.95 30.46
CA GLN A 320 -15.06 40.24 30.99
C GLN A 320 -13.76 41.05 31.36
N PRO A 321 -13.48 42.10 30.59
CA PRO A 321 -12.29 42.88 30.79
C PRO A 321 -12.41 43.86 31.99
N VAL A 322 -11.40 43.83 32.82
CA VAL A 322 -11.32 44.76 33.94
C VAL A 322 -9.97 45.47 33.96
N LEU A 323 -9.94 46.63 34.59
CA LEU A 323 -8.68 47.42 34.73
C LEU A 323 -8.39 47.63 36.22
N ASN A 324 -7.18 47.30 36.65
CA ASN A 324 -6.65 47.80 37.95
C ASN A 324 -6.51 49.34 37.81
N ILE A 325 -7.30 50.08 38.59
CA ILE A 325 -7.38 51.53 38.48
C ILE A 325 -6.04 52.20 38.89
N THR A 326 -5.32 51.55 39.79
CA THR A 326 -4.04 52.03 40.30
C THR A 326 -2.90 51.96 39.27
N ASN A 327 -2.81 50.87 38.51
CA ASN A 327 -1.61 50.64 37.69
C ASN A 327 -1.89 50.46 36.22
N LYS A 328 -3.17 50.64 35.83
CA LYS A 328 -3.64 50.51 34.45
C LYS A 328 -3.48 49.10 33.83
N GLN A 329 -3.26 48.07 34.61
CA GLN A 329 -3.08 46.74 34.06
C GLN A 329 -4.48 46.15 33.81
N ALA A 330 -4.64 45.52 32.64
CA ALA A 330 -5.91 44.90 32.25
C ALA A 330 -5.86 43.39 32.45
N PHE A 331 -7.02 42.84 32.80
CA PHE A 331 -7.19 41.42 33.03
C PHE A 331 -8.51 40.97 32.43
N ILE A 332 -8.49 39.77 31.89
CA ILE A 332 -9.70 39.09 31.45
C ILE A 332 -10.18 38.21 32.61
N THR A 333 -11.47 38.32 32.90
CA THR A 333 -12.04 37.65 34.08
C THR A 333 -13.30 36.83 33.78
N ALA A 334 -13.59 35.89 34.68
CA ALA A 334 -14.85 35.20 34.70
C ALA A 334 -15.73 35.90 35.71
N GLN A 335 -16.94 36.20 35.29
CA GLN A 335 -17.92 36.84 36.15
C GLN A 335 -19.25 36.22 36.04
N ASN A 336 -20.03 36.26 37.14
CA ASN A 336 -21.37 35.76 37.10
C ASN A 336 -22.15 36.47 38.16
N HIS A 337 -22.38 37.74 37.90
CA HIS A 337 -23.09 38.56 38.90
C HIS A 337 -24.13 39.48 38.24
N GLY A 338 -25.24 39.62 38.94
CA GLY A 338 -26.31 40.50 38.52
C GLY A 338 -26.61 41.69 39.41
N TYR A 339 -25.86 41.82 40.50
CA TYR A 339 -25.93 42.94 41.41
C TYR A 339 -24.56 43.55 41.50
N ALA A 340 -24.50 44.85 41.62
CA ALA A 340 -23.25 45.57 41.68
C ALA A 340 -23.26 46.64 42.76
N LEU A 341 -22.05 47.12 43.04
CA LEU A 341 -21.82 48.15 44.02
C LEU A 341 -21.96 49.50 43.35
N ASP A 342 -22.64 50.42 43.96
CA ASP A 342 -22.67 51.80 43.44
C ASP A 342 -21.27 52.40 43.49
N ASN A 343 -20.90 53.18 42.46
CA ASN A 343 -19.53 53.73 42.31
C ASN A 343 -19.14 54.80 43.36
N THR A 344 -20.11 55.33 44.10
CA THR A 344 -19.87 56.28 45.18
C THR A 344 -19.62 55.45 46.43
N LEU A 345 -18.36 55.39 46.85
CA LEU A 345 -17.89 54.59 47.96
C LEU A 345 -17.75 55.39 49.24
N PRO A 346 -17.96 54.74 50.40
CA PRO A 346 -17.83 55.46 51.64
C PRO A 346 -16.37 55.79 52.01
N ALA A 347 -16.24 56.74 52.94
CA ALA A 347 -14.97 57.19 53.48
C ALA A 347 -14.06 56.01 53.95
N GLY A 348 -12.78 56.07 53.54
CA GLY A 348 -11.79 55.00 53.82
C GLY A 348 -11.68 53.89 52.74
N TRP A 349 -12.63 53.88 51.82
CA TRP A 349 -12.72 52.85 50.75
C TRP A 349 -12.46 53.49 49.40
N LYS A 350 -11.74 52.76 48.55
CA LYS A 350 -11.36 53.18 47.17
C LYS A 350 -11.64 52.03 46.18
N PRO A 351 -11.90 52.37 44.90
CA PRO A 351 -12.12 51.33 43.88
C PRO A 351 -10.80 50.69 43.51
N LEU A 352 -10.81 49.41 43.29
CA LEU A 352 -9.58 48.69 42.97
C LEU A 352 -9.58 48.27 41.50
N PHE A 353 -10.69 47.69 41.03
CA PHE A 353 -10.84 47.36 39.64
C PHE A 353 -12.10 47.99 39.08
N VAL A 354 -12.09 48.27 37.77
CA VAL A 354 -13.25 48.80 37.04
C VAL A 354 -13.48 47.98 35.78
N ASN A 355 -14.76 47.82 35.37
CA ASN A 355 -15.07 47.05 34.16
C ASN A 355 -14.70 47.94 32.94
N VAL A 356 -13.93 47.40 31.99
CA VAL A 356 -13.47 48.18 30.82
C VAL A 356 -14.63 48.49 29.87
N ASN A 357 -15.65 47.60 29.77
CA ASN A 357 -16.82 47.80 28.88
C ASN A 357 -17.86 48.76 29.36
N ASP A 358 -18.30 48.60 30.61
CA ASP A 358 -19.49 49.31 31.12
C ASP A 358 -19.20 50.18 32.36
N GLN A 359 -17.91 50.30 32.79
CA GLN A 359 -17.48 51.23 33.86
C GLN A 359 -18.01 50.89 35.25
N THR A 360 -18.57 49.66 35.45
CA THR A 360 -19.13 49.26 36.74
C THR A 360 -17.99 48.89 37.66
N ASN A 361 -18.21 48.97 38.99
CA ASN A 361 -17.27 48.53 39.98
C ASN A 361 -16.97 47.07 39.90
N GLU A 362 -15.69 46.72 40.07
CA GLU A 362 -15.24 45.32 39.97
C GLU A 362 -14.35 44.98 41.11
N GLY A 363 -14.39 45.81 42.17
CA GLY A 363 -13.60 45.56 43.37
C GLY A 363 -13.27 46.86 44.14
N ILE A 364 -12.99 46.70 45.43
CA ILE A 364 -12.79 47.80 46.37
C ILE A 364 -11.64 47.41 47.30
N MET A 365 -11.07 48.43 47.95
CA MET A 365 -9.94 48.21 48.84
C MET A 365 -10.01 49.28 49.93
N HIS A 366 -9.62 48.89 51.12
CA HIS A 366 -9.53 49.84 52.22
C HIS A 366 -8.24 50.66 52.02
N GLU A 367 -8.29 51.95 52.30
CA GLU A 367 -7.09 52.85 52.05
C GLU A 367 -5.83 52.53 52.89
N SER A 368 -6.01 51.89 54.05
CA SER A 368 -4.90 51.54 54.93
C SER A 368 -4.88 50.13 55.47
N LYS A 369 -6.02 49.46 55.57
CA LYS A 369 -6.06 48.11 56.19
C LYS A 369 -6.09 47.05 55.09
N PRO A 370 -5.70 45.81 55.42
CA PRO A 370 -5.57 44.78 54.42
C PRO A 370 -6.89 44.09 54.07
N PHE A 371 -7.87 44.92 53.72
CA PHE A 371 -9.22 44.53 53.38
C PHE A 371 -9.42 44.89 51.89
N PHE A 372 -9.81 43.89 51.09
CA PHE A 372 -10.10 44.17 49.68
C PHE A 372 -11.10 43.08 49.16
N ALA A 373 -11.69 43.38 48.00
CA ALA A 373 -12.61 42.42 47.36
C ALA A 373 -12.64 42.70 45.88
N VAL A 374 -12.99 41.66 45.14
CA VAL A 374 -13.14 41.78 43.71
C VAL A 374 -14.51 41.18 43.38
N GLN A 375 -15.12 41.72 42.33
CA GLN A 375 -16.41 41.40 41.89
C GLN A 375 -16.46 40.18 40.92
N PHE A 376 -15.29 39.74 40.46
CA PHE A 376 -15.05 38.63 39.56
C PHE A 376 -14.53 37.43 40.37
N HIS A 377 -14.31 36.30 39.71
CA HIS A 377 -13.98 35.04 40.34
C HIS A 377 -12.57 34.65 39.92
N PRO A 378 -11.56 35.04 40.75
CA PRO A 378 -10.21 34.68 40.44
C PRO A 378 -9.93 33.21 40.47
N GLU A 379 -10.79 32.41 41.14
CA GLU A 379 -10.71 30.95 41.17
C GLU A 379 -11.21 30.28 39.84
N VAL A 380 -11.88 31.09 39.02
CA VAL A 380 -12.42 30.74 37.67
C VAL A 380 -13.19 29.41 37.73
N THR A 381 -12.84 28.44 36.90
CA THR A 381 -13.45 27.12 36.88
C THR A 381 -14.97 27.21 36.64
N PRO A 382 -15.40 27.66 35.46
CA PRO A 382 -14.57 27.89 34.28
C PRO A 382 -14.04 29.29 34.12
N GLY A 383 -13.03 29.45 33.28
CA GLY A 383 -12.59 30.78 32.85
C GLY A 383 -11.08 31.02 32.94
N PRO A 384 -10.64 32.21 32.52
CA PRO A 384 -9.22 32.54 32.32
C PRO A 384 -8.44 32.61 33.61
N ILE A 385 -7.30 31.92 33.59
CA ILE A 385 -6.47 31.74 34.81
C ILE A 385 -5.45 32.89 34.85
N ASP A 386 -5.97 34.08 34.96
CA ASP A 386 -5.19 35.30 34.81
C ASP A 386 -5.15 36.11 36.10
N THR A 387 -6.03 35.86 37.05
CA THR A 387 -6.08 36.65 38.26
C THR A 387 -5.91 35.84 39.52
N GLU A 388 -5.35 34.64 39.37
CA GLU A 388 -5.09 33.79 40.49
C GLU A 388 -4.10 34.45 41.49
N TYR A 389 -3.28 35.36 41.00
CA TYR A 389 -2.29 36.11 41.85
C TYR A 389 -2.99 36.81 43.04
N LEU A 390 -4.28 37.10 42.92
CA LEU A 390 -5.03 37.64 44.09
C LEU A 390 -5.03 36.74 45.29
N PHE A 391 -4.95 35.41 45.10
CA PHE A 391 -4.81 34.49 46.23
C PHE A 391 -3.42 34.60 46.89
N ASP A 392 -2.41 34.67 46.05
CA ASP A 392 -1.06 35.03 46.50
C ASP A 392 -1.03 36.33 47.29
N SER A 393 -1.73 37.36 46.84
CA SER A 393 -1.74 38.63 47.55
C SER A 393 -2.33 38.47 48.93
N PHE A 394 -3.41 37.73 49.03
CA PHE A 394 -4.09 37.52 50.31
C PHE A 394 -3.15 36.87 51.31
N PHE A 395 -2.47 35.80 50.90
CA PHE A 395 -1.50 35.16 51.80
C PHE A 395 -0.31 36.07 52.14
N SER A 396 0.19 36.85 51.19
CA SER A 396 1.21 37.91 51.46
C SER A 396 0.83 38.91 52.57
N LEU A 397 -0.41 39.40 52.51
CA LEU A 397 -0.98 40.28 53.52
C LEU A 397 -1.03 39.63 54.90
N ILE A 398 -1.38 38.35 54.97
CA ILE A 398 -1.41 37.59 56.22
C ILE A 398 0.02 37.46 56.79
N LYS A 399 0.99 37.11 55.93
CA LYS A 399 2.39 36.94 56.31
C LYS A 399 3.10 38.23 56.82
N LYS A 400 2.78 39.42 56.30
CA LYS A 400 3.24 40.70 56.91
C LYS A 400 2.54 41.02 58.23
N GLY A 401 2.88 42.13 58.88
CA GLY A 401 2.09 42.66 60.05
C GLY A 401 1.36 43.94 59.68
N LYS A 402 0.48 43.82 58.66
CA LYS A 402 -0.37 44.91 58.10
C LYS A 402 0.17 45.51 56.76
N ALA A 403 -0.68 46.22 55.99
CA ALA A 403 -0.36 46.83 54.64
C ALA A 403 -1.68 47.00 53.79
N THR A 404 -1.60 47.68 52.65
CA THR A 404 -2.75 47.72 51.71
C THR A 404 -2.58 46.63 50.67
N THR A 405 -3.68 46.24 50.01
CA THR A 405 -3.56 45.31 48.87
C THR A 405 -2.61 45.91 47.82
N ILE A 406 -2.66 47.22 47.60
CA ILE A 406 -1.74 47.92 46.65
C ILE A 406 -0.26 47.59 46.88
N THR A 407 0.11 47.49 48.14
CA THR A 407 1.46 47.13 48.57
C THR A 407 1.95 45.79 48.01
N SER A 408 1.08 44.81 47.81
CA SER A 408 1.49 43.42 47.51
C SER A 408 0.98 42.93 46.12
N VAL A 409 0.47 43.86 45.33
CA VAL A 409 -0.19 43.53 44.06
C VAL A 409 0.95 43.66 43.00
N LEU A 410 0.88 42.85 41.95
CA LEU A 410 1.90 42.83 40.84
C LEU A 410 2.34 44.22 40.35
N PRO A 411 3.65 44.44 40.09
CA PRO A 411 4.08 45.71 39.43
C PRO A 411 3.88 45.65 37.90
N SER A 418 0.79 55.75 23.62
CA SER A 418 1.43 55.93 22.30
C SER A 418 2.94 56.17 22.44
N ARG A 419 3.69 55.43 23.28
CA ARG A 419 5.04 55.93 23.58
C ARG A 419 6.01 56.12 22.39
N VAL A 420 6.14 55.17 21.45
CA VAL A 420 7.01 55.43 20.27
C VAL A 420 6.46 56.60 19.46
N GLU A 421 7.37 57.46 19.04
CA GLU A 421 7.08 58.58 18.16
C GLU A 421 7.62 58.15 16.81
N VAL A 422 6.74 58.18 15.82
CA VAL A 422 7.05 57.77 14.49
C VAL A 422 6.37 58.81 13.61
N SER A 423 7.06 59.27 12.59
CA SER A 423 6.40 60.16 11.65
C SER A 423 6.22 59.53 10.26
N LYS A 424 7.10 58.60 9.86
CA LYS A 424 7.01 57.92 8.58
C LYS A 424 7.39 56.47 8.73
N VAL A 425 6.49 55.56 8.32
CA VAL A 425 6.74 54.11 8.52
C VAL A 425 6.75 53.42 7.17
N LEU A 426 7.69 52.50 7.02
CA LEU A 426 7.84 51.68 5.84
C LEU A 426 7.16 50.34 6.15
N ILE A 427 6.23 49.96 5.28
CA ILE A 427 5.48 48.69 5.43
C ILE A 427 5.87 47.72 4.32
N LEU A 428 6.41 46.56 4.67
CA LEU A 428 6.82 45.63 3.65
C LEU A 428 5.62 44.76 3.22
N GLY A 429 5.25 44.89 1.95
CA GLY A 429 4.10 44.17 1.42
C GLY A 429 4.46 42.75 1.05
N SER A 430 3.50 42.12 0.39
CA SER A 430 3.59 40.73 0.03
C SER A 430 4.58 40.54 -1.10
N GLY A 431 5.51 39.61 -0.92
CA GLY A 431 6.68 39.48 -1.74
C GLY A 431 6.79 38.16 -2.43
N GLY A 432 8.03 37.78 -2.71
CA GLY A 432 8.35 36.64 -3.51
C GLY A 432 8.46 35.36 -2.72
N LEU A 433 9.32 34.47 -3.23
CA LEU A 433 9.49 33.12 -2.72
C LEU A 433 10.31 33.17 -1.45
N SER A 434 10.02 32.20 -0.57
CA SER A 434 10.85 31.89 0.61
C SER A 434 11.27 30.41 0.56
N ILE A 435 12.58 30.17 0.48
CA ILE A 435 13.17 28.81 0.31
C ILE A 435 12.64 27.84 1.39
N GLY A 436 11.99 26.74 0.95
CA GLY A 436 11.37 25.75 1.84
C GLY A 436 10.14 26.26 2.58
N GLN A 437 9.24 26.92 1.85
CA GLN A 437 7.96 27.42 2.39
C GLN A 437 7.03 27.57 1.22
N ALA A 438 5.75 27.30 1.44
CA ALA A 438 4.75 27.06 0.36
C ALA A 438 4.60 28.13 -0.75
N GLY A 439 4.69 29.40 -0.38
CA GLY A 439 4.28 30.50 -1.26
C GLY A 439 3.06 31.14 -0.62
N GLU A 440 3.16 32.43 -0.32
CA GLU A 440 2.13 33.16 0.38
C GLU A 440 1.73 34.40 -0.37
N PHE A 441 0.46 34.74 -0.22
CA PHE A 441 -0.14 36.05 -0.43
C PHE A 441 -0.39 36.55 1.01
N ASP A 442 -0.17 37.83 1.28
CA ASP A 442 -0.57 38.44 2.54
C ASP A 442 -0.59 39.95 2.34
N TYR A 443 -1.80 40.51 2.21
CA TYR A 443 -2.02 41.92 2.00
C TYR A 443 -2.50 42.67 3.27
N SER A 444 -2.32 42.05 4.45
CA SER A 444 -2.57 42.67 5.76
C SER A 444 -1.84 44.03 5.93
N GLY A 445 -0.76 44.24 5.17
CA GLY A 445 -0.10 45.53 5.05
C GLY A 445 -1.06 46.70 4.92
N SER A 446 -2.15 46.49 4.20
CA SER A 446 -3.12 47.57 4.00
C SER A 446 -3.92 48.02 5.23
N GLN A 447 -4.13 47.06 6.13
CA GLN A 447 -4.74 47.34 7.43
C GLN A 447 -3.76 48.12 8.28
N ALA A 448 -2.46 47.80 8.18
CA ALA A 448 -1.41 48.60 8.78
C ALA A 448 -1.40 50.04 8.23
N VAL A 449 -1.52 50.17 6.92
CA VAL A 449 -1.64 51.46 6.29
C VAL A 449 -2.78 52.28 6.92
N LYS A 450 -3.95 51.64 6.98
CA LYS A 450 -5.12 52.26 7.53
C LYS A 450 -4.91 52.71 8.99
N ALA A 451 -4.30 51.83 9.80
CA ALA A 451 -4.02 52.17 11.20
C ALA A 451 -3.07 53.37 11.34
N MET A 452 -2.04 53.40 10.51
CA MET A 452 -1.08 54.49 10.52
C MET A 452 -1.76 55.79 10.10
N LYS A 453 -2.55 55.76 9.04
CA LYS A 453 -3.28 56.96 8.60
C LYS A 453 -4.13 57.53 9.70
N GLU A 454 -4.83 56.71 10.49
CA GLU A 454 -5.62 57.26 11.61
C GLU A 454 -4.76 57.90 12.70
N GLU A 455 -3.51 57.49 12.81
CA GLU A 455 -2.60 58.11 13.75
C GLU A 455 -1.74 59.24 13.13
N ASN A 456 -2.07 59.69 11.91
CA ASN A 456 -1.27 60.73 11.17
C ASN A 456 0.15 60.34 11.03
N VAL A 457 0.39 59.08 10.70
CA VAL A 457 1.73 58.62 10.43
C VAL A 457 1.73 58.48 8.90
N LYS A 458 2.79 58.99 8.28
CA LYS A 458 2.98 58.89 6.84
C LYS A 458 3.39 57.46 6.51
N THR A 459 2.89 56.94 5.39
CA THR A 459 3.17 55.55 5.03
C THR A 459 3.88 55.38 3.69
N VAL A 460 4.80 54.43 3.66
CA VAL A 460 5.43 54.01 2.44
C VAL A 460 5.18 52.51 2.36
N LEU A 461 4.67 52.02 1.23
CA LEU A 461 4.42 50.54 1.04
C LEU A 461 5.23 49.99 -0.14
N MET A 462 5.82 48.83 0.03
CA MET A 462 6.47 48.17 -1.04
C MET A 462 5.67 46.91 -1.42
N ASN A 463 5.43 46.77 -2.73
CA ASN A 463 4.78 45.62 -3.33
C ASN A 463 5.23 45.67 -4.83
N PRO A 464 6.03 44.68 -5.28
CA PRO A 464 6.49 44.76 -6.69
C PRO A 464 5.40 44.45 -7.76
N ASN A 465 4.24 43.88 -7.37
CA ASN A 465 3.24 43.55 -8.37
C ASN A 465 2.46 44.81 -8.76
N ILE A 466 2.67 45.33 -9.98
CA ILE A 466 1.94 46.57 -10.36
C ILE A 466 0.44 46.43 -10.41
N ALA A 467 -0.10 45.20 -10.52
CA ALA A 467 -1.55 44.99 -10.55
C ALA A 467 -2.09 44.41 -9.23
N SER A 468 -1.31 44.46 -8.16
CA SER A 468 -1.79 43.85 -6.90
C SER A 468 -3.06 44.46 -6.37
N VAL A 469 -3.95 43.62 -5.89
CA VAL A 469 -5.13 44.10 -5.16
C VAL A 469 -4.71 45.01 -4.03
N GLN A 470 -3.59 44.73 -3.36
CA GLN A 470 -3.11 45.54 -2.27
C GLN A 470 -2.91 47.01 -2.61
N THR A 471 -2.37 47.30 -3.80
CA THR A 471 -2.25 48.68 -4.27
C THR A 471 -3.45 49.18 -5.08
N ASN A 472 -4.50 48.40 -5.21
CA ASN A 472 -5.72 48.89 -5.92
C ASN A 472 -6.66 49.61 -4.89
N GLU A 473 -6.14 50.63 -4.24
CA GLU A 473 -6.83 51.23 -3.06
C GLU A 473 -6.71 52.73 -3.19
N VAL A 474 -7.76 53.44 -2.85
CA VAL A 474 -7.85 54.85 -3.09
C VAL A 474 -8.28 55.69 -1.84
N GLY A 475 -8.52 55.05 -0.71
CA GLY A 475 -9.01 55.76 0.48
C GLY A 475 -8.05 55.60 1.67
N LEU A 476 -8.59 55.15 2.78
CA LEU A 476 -7.79 54.98 4.00
C LEU A 476 -6.76 53.89 3.86
N LYS A 477 -6.96 52.95 2.94
CA LYS A 477 -6.02 51.87 2.80
C LYS A 477 -4.90 52.17 1.76
N GLN A 478 -4.90 53.35 1.16
CA GLN A 478 -3.86 53.71 0.17
C GLN A 478 -2.62 54.31 0.86
N ALA A 479 -1.46 53.70 0.73
CA ALA A 479 -0.22 54.28 1.29
C ALA A 479 0.06 55.65 0.69
N ASP A 480 0.78 56.51 1.42
CA ASP A 480 1.04 57.87 0.89
C ASP A 480 1.98 57.70 -0.29
N THR A 481 2.89 56.73 -0.21
CA THR A 481 3.82 56.47 -1.28
C THR A 481 3.96 54.94 -1.45
N VAL A 482 3.92 54.47 -2.69
CA VAL A 482 4.16 53.07 -3.02
C VAL A 482 5.37 52.96 -3.93
N TYR A 483 6.22 52.00 -3.66
CA TYR A 483 7.32 51.62 -4.52
C TYR A 483 7.02 50.19 -5.01
N PHE A 484 6.97 50.05 -6.31
CA PHE A 484 6.85 48.80 -6.98
C PHE A 484 8.21 48.14 -7.18
N LEU A 485 8.76 47.59 -6.09
CA LEU A 485 10.12 47.06 -6.03
C LEU A 485 10.09 45.71 -5.38
N PRO A 486 11.05 44.83 -5.69
CA PRO A 486 11.10 43.54 -5.02
C PRO A 486 11.27 43.68 -3.51
N ILE A 487 10.80 42.67 -2.75
CA ILE A 487 10.90 42.67 -1.32
C ILE A 487 12.16 41.89 -1.03
N THR A 488 13.28 42.59 -1.10
CA THR A 488 14.60 41.97 -0.89
C THR A 488 15.50 43.00 -0.21
N PRO A 489 16.58 42.53 0.46
CA PRO A 489 17.34 43.52 1.26
C PRO A 489 17.93 44.71 0.50
N GLN A 490 18.44 44.43 -0.71
CA GLN A 490 18.97 45.48 -1.58
C GLN A 490 17.96 46.54 -1.86
N PHE A 491 16.74 46.13 -2.23
CA PHE A 491 15.72 47.10 -2.64
C PHE A 491 15.11 47.87 -1.51
N VAL A 492 14.91 47.19 -0.38
CA VAL A 492 14.34 47.83 0.76
C VAL A 492 15.35 48.84 1.28
N THR A 493 16.66 48.49 1.24
CA THR A 493 17.69 49.51 1.60
C THR A 493 17.54 50.74 0.77
N GLU A 494 17.36 50.61 -0.54
CA GLU A 494 17.20 51.83 -1.40
C GLU A 494 16.01 52.71 -1.05
N VAL A 495 14.92 52.06 -0.67
CA VAL A 495 13.72 52.79 -0.24
C VAL A 495 13.98 53.50 1.08
N ILE A 496 14.69 52.84 1.96
CA ILE A 496 15.06 53.47 3.24
C ILE A 496 15.90 54.74 2.99
N LYS A 497 16.96 54.59 2.16
CA LYS A 497 17.81 55.73 1.74
C LYS A 497 17.00 56.82 1.15
N ALA A 498 16.04 56.47 0.29
CA ALA A 498 15.26 57.48 -0.43
C ALA A 498 14.22 58.20 0.43
N GLU A 499 13.59 57.44 1.32
CA GLU A 499 12.43 57.99 2.03
C GLU A 499 12.71 58.38 3.45
N GLN A 500 13.74 57.78 4.04
CA GLN A 500 14.12 58.06 5.41
C GLN A 500 12.96 57.84 6.36
N PRO A 501 12.39 56.61 6.34
CA PRO A 501 11.35 56.33 7.34
C PRO A 501 11.99 56.21 8.73
N ASP A 502 11.26 56.52 9.80
CA ASP A 502 11.75 56.21 11.17
C ASP A 502 11.18 54.93 11.81
N GLY A 503 10.22 54.29 11.11
CA GLY A 503 9.69 52.98 11.55
C GLY A 503 9.56 52.01 10.38
N LEU A 504 9.66 50.73 10.71
CA LEU A 504 9.47 49.64 9.77
C LEU A 504 8.50 48.59 10.36
N ILE A 505 7.48 48.22 9.56
CA ILE A 505 6.63 47.03 9.84
C ILE A 505 7.03 45.92 8.90
N LEU A 506 7.53 44.85 9.48
CA LEU A 506 8.14 43.75 8.76
C LEU A 506 7.40 42.45 8.96
N GLY A 507 6.38 42.46 9.81
CA GLY A 507 5.64 41.24 10.20
C GLY A 507 4.26 41.08 9.51
N MET A 508 4.01 41.83 8.43
CA MET A 508 2.71 41.85 7.77
C MET A 508 2.79 41.62 6.25
N GLY A 509 3.82 40.96 5.79
CA GLY A 509 4.00 40.64 4.37
C GLY A 509 4.48 39.21 4.24
N GLY A 510 4.14 38.35 5.19
CA GLY A 510 4.54 36.95 5.10
C GLY A 510 6.01 36.72 5.38
N GLN A 511 6.41 35.47 5.19
CA GLN A 511 7.75 35.05 5.50
C GLN A 511 8.83 35.84 4.81
N THR A 512 8.62 36.21 3.55
CA THR A 512 9.68 36.89 2.80
C THR A 512 9.95 38.28 3.32
N ALA A 513 8.90 39.05 3.66
CA ALA A 513 9.08 40.35 4.29
C ALA A 513 9.79 40.21 5.64
N LEU A 514 9.41 39.21 6.42
CA LEU A 514 10.09 38.94 7.68
C LEU A 514 11.58 38.67 7.49
N ASN A 515 11.91 37.71 6.62
CA ASN A 515 13.32 37.36 6.39
C ASN A 515 14.11 38.58 5.95
N CYS A 516 13.46 39.42 5.17
CA CYS A 516 14.07 40.63 4.70
C CYS A 516 14.36 41.65 5.82
N GLY A 517 13.38 41.97 6.66
CA GLY A 517 13.58 42.90 7.77
C GLY A 517 14.65 42.42 8.76
N VAL A 518 14.68 41.12 9.01
CA VAL A 518 15.67 40.49 9.88
C VAL A 518 17.09 40.63 9.29
N GLU A 519 17.21 40.44 7.98
CA GLU A 519 18.50 40.60 7.29
C GLU A 519 18.98 42.06 7.30
N LEU A 520 18.09 43.04 7.09
CA LEU A 520 18.44 44.41 7.27
C LEU A 520 18.89 44.75 8.69
N PHE A 521 18.26 44.12 9.67
CA PHE A 521 18.68 44.30 11.04
C PHE A 521 20.12 43.78 11.22
N LYS A 522 20.36 42.54 10.84
CA LYS A 522 21.65 41.90 11.04
C LYS A 522 22.80 42.67 10.40
N ARG A 523 22.58 43.18 9.19
CA ARG A 523 23.62 43.92 8.45
C ARG A 523 23.82 45.35 8.98
N GLY A 524 23.05 45.78 9.95
CA GLY A 524 23.26 47.07 10.56
C GLY A 524 22.59 48.17 9.81
N VAL A 525 21.77 47.81 8.81
CA VAL A 525 21.18 48.83 7.95
C VAL A 525 20.12 49.62 8.74
N LEU A 526 19.39 48.93 9.59
CA LEU A 526 18.33 49.61 10.35
C LEU A 526 18.94 50.57 11.38
N LYS A 527 19.93 50.08 12.12
CA LYS A 527 20.70 50.96 13.04
C LYS A 527 21.29 52.15 12.28
N GLU A 528 22.01 51.89 11.19
CA GLU A 528 22.61 52.95 10.38
C GLU A 528 21.66 54.03 9.97
N TYR A 529 20.40 53.70 9.62
CA TYR A 529 19.52 54.77 9.13
C TYR A 529 18.50 55.24 10.13
N GLY A 530 18.57 54.74 11.37
CA GLY A 530 17.66 55.21 12.42
C GLY A 530 16.23 54.71 12.18
N VAL A 531 16.13 53.45 11.78
CA VAL A 531 14.82 52.84 11.49
C VAL A 531 14.49 51.90 12.63
N LYS A 532 13.48 52.26 13.42
CA LYS A 532 12.96 51.42 14.52
C LYS A 532 12.09 50.27 13.97
N VAL A 533 12.27 49.06 14.43
CA VAL A 533 11.31 47.98 14.18
C VAL A 533 10.11 48.20 15.07
N LEU A 534 8.97 48.45 14.47
CA LEU A 534 7.73 48.61 15.24
C LEU A 534 7.08 47.26 15.60
N GLY A 535 6.75 47.05 16.87
CA GLY A 535 6.12 45.82 17.31
C GLY A 535 7.19 44.93 17.86
N THR A 536 7.03 43.65 17.67
CA THR A 536 7.99 42.65 18.19
C THR A 536 9.41 42.91 17.60
N SER A 537 10.42 42.82 18.45
CA SER A 537 11.80 43.20 18.07
C SER A 537 12.36 42.07 17.24
N VAL A 538 13.38 42.36 16.41
CA VAL A 538 14.03 41.34 15.63
C VAL A 538 14.71 40.32 16.53
N GLU A 539 15.24 40.77 17.65
CA GLU A 539 15.85 39.84 18.64
C GLU A 539 14.82 38.79 19.11
N SER A 540 13.61 39.24 19.43
CA SER A 540 12.55 38.30 19.83
C SER A 540 12.13 37.41 18.69
N ILE A 541 12.05 37.97 17.49
CA ILE A 541 11.69 37.16 16.31
C ILE A 541 12.70 36.06 16.02
N MET A 542 13.97 36.42 16.06
CA MET A 542 15.02 35.42 15.79
C MET A 542 14.90 34.24 16.75
N ALA A 543 14.56 34.53 17.99
CA ALA A 543 14.39 33.45 18.98
C ALA A 543 13.23 32.50 18.66
N THR A 544 12.20 32.95 17.95
CA THR A 544 11.12 32.06 17.53
C THR A 544 11.41 31.31 16.24
N GLU A 545 12.16 31.94 15.31
CA GLU A 545 12.49 31.35 14.00
C GLU A 545 13.56 30.25 14.06
N ASP A 546 14.51 30.32 14.99
CA ASP A 546 15.54 29.29 15.13
C ASP A 546 15.04 28.26 16.12
N ARG A 547 14.90 27.02 15.67
CA ARG A 547 14.38 25.95 16.51
C ARG A 547 15.09 25.83 17.88
N GLN A 548 16.41 25.89 17.85
CA GLN A 548 17.24 25.66 19.06
C GLN A 548 17.12 26.83 20.03
N LEU A 549 17.26 28.06 19.55
CA LEU A 549 17.02 29.24 20.39
C LEU A 549 15.60 29.22 21.05
N PHE A 550 14.64 28.72 20.29
CA PHE A 550 13.23 28.68 20.72
C PHE A 550 13.11 27.70 21.87
N SER A 551 13.64 26.50 21.71
CA SER A 551 13.69 25.49 22.80
C SER A 551 14.30 26.03 24.08
N ASP A 552 15.44 26.68 23.94
CA ASP A 552 16.14 27.26 25.11
C ASP A 552 15.33 28.35 25.81
N LYS A 553 14.69 29.24 25.05
CA LYS A 553 13.78 30.27 25.63
C LYS A 553 12.60 29.67 26.39
N LEU A 554 12.05 28.57 25.83
CA LEU A 554 10.92 27.88 26.41
C LEU A 554 11.32 27.14 27.69
N ASN A 555 12.48 26.49 27.64
CA ASN A 555 13.06 25.82 28.84
C ASN A 555 13.22 26.80 30.02
N GLU A 556 13.51 28.06 29.76
CA GLU A 556 13.52 29.07 30.84
C GLU A 556 12.21 29.22 31.63
N ILE A 557 11.04 28.92 31.05
CA ILE A 557 9.77 29.00 31.83
C ILE A 557 9.12 27.62 31.98
N ASN A 558 9.96 26.58 31.87
CA ASN A 558 9.58 25.16 32.05
C ASN A 558 8.52 24.65 31.07
N GLU A 559 8.63 25.14 29.81
CA GLU A 559 7.83 24.65 28.70
C GLU A 559 8.77 23.96 27.73
N LYS A 560 8.24 23.21 26.78
CA LYS A 560 9.06 22.35 25.91
C LYS A 560 8.48 22.20 24.51
N ILE A 561 9.38 22.04 23.54
CA ILE A 561 9.04 21.46 22.25
C ILE A 561 9.30 19.96 22.26
N LYS A 624 10.22 13.18 18.06
CA LYS A 624 9.07 12.52 18.66
C LYS A 624 7.80 12.68 17.84
N SER A 625 6.94 11.67 17.93
CA SER A 625 5.66 11.60 17.22
C SER A 625 4.50 12.20 18.06
N VAL A 626 3.87 13.24 17.50
CA VAL A 626 2.60 13.75 18.04
C VAL A 626 1.42 13.20 17.22
N THR A 627 1.62 12.02 16.60
CA THR A 627 0.59 11.38 15.78
C THR A 627 -0.63 10.98 16.60
N GLY A 628 -1.78 11.53 16.17
CA GLY A 628 -3.01 11.34 16.90
C GLY A 628 -3.13 12.12 18.21
N TRP A 629 -2.25 13.07 18.46
CA TRP A 629 -2.50 14.03 19.56
C TRP A 629 -3.46 15.09 18.99
N LYS A 630 -4.26 15.72 19.84
CA LYS A 630 -5.10 16.83 19.37
C LYS A 630 -4.21 18.02 19.08
N GLU A 631 -4.44 18.69 17.96
CA GLU A 631 -3.71 19.90 17.57
C GLU A 631 -4.62 21.14 17.72
N ILE A 632 -4.19 22.05 18.61
CA ILE A 632 -4.94 23.21 19.04
C ILE A 632 -4.04 24.40 18.85
N GLU A 633 -4.60 25.47 18.29
CA GLU A 633 -3.87 26.69 18.16
C GLU A 633 -4.62 27.91 18.68
N TYR A 634 -3.85 28.89 19.16
CA TYR A 634 -4.33 30.13 19.72
C TYR A 634 -3.74 31.29 18.98
N GLU A 635 -4.57 32.29 18.74
CA GLU A 635 -4.06 33.59 18.32
C GLU A 635 -4.05 34.53 19.53
N VAL A 636 -2.91 35.21 19.75
CA VAL A 636 -2.65 35.95 20.99
C VAL A 636 -2.21 37.32 20.56
N VAL A 637 -2.69 38.32 21.28
CA VAL A 637 -2.26 39.70 21.07
C VAL A 637 -1.63 40.11 22.41
N ARG A 638 -0.46 40.77 22.36
CA ARG A 638 0.16 41.37 23.54
C ARG A 638 0.55 42.84 23.22
N ASP A 639 0.13 43.77 24.09
CA ASP A 639 0.48 45.19 23.91
C ASP A 639 1.79 45.63 24.63
N ALA A 640 2.18 46.89 24.39
CA ALA A 640 3.47 47.41 24.95
C ALA A 640 3.39 47.54 26.50
N ASP A 641 2.18 47.71 27.04
CA ASP A 641 1.89 47.63 28.51
C ASP A 641 1.70 46.21 29.15
N ASP A 642 2.05 45.16 28.40
CA ASP A 642 2.02 43.79 28.88
C ASP A 642 0.60 43.26 29.10
N ASN A 643 -0.41 43.91 28.56
CA ASN A 643 -1.76 43.29 28.49
C ASN A 643 -1.71 42.24 27.37
N CYS A 644 -2.22 41.05 27.66
CA CYS A 644 -2.01 39.91 26.79
C CYS A 644 -3.32 39.11 26.74
N VAL A 645 -4.03 39.15 25.58
CA VAL A 645 -5.29 38.38 25.37
C VAL A 645 -5.26 37.34 24.24
N THR A 646 -6.09 36.29 24.38
CA THR A 646 -6.31 35.31 23.30
C THR A 646 -7.57 35.64 22.51
N VAL A 647 -7.48 35.77 21.20
CA VAL A 647 -8.59 36.24 20.42
C VAL A 647 -9.31 35.13 19.65
N CYS A 648 -8.66 34.00 19.49
CA CYS A 648 -9.24 32.90 18.80
C CYS A 648 -8.50 31.62 19.15
N ASN A 649 -9.23 30.52 19.10
CA ASN A 649 -8.68 29.22 19.23
C ASN A 649 -9.32 28.29 18.23
N MET A 650 -8.53 27.34 17.77
CA MET A 650 -8.90 26.45 16.67
C MET A 650 -8.43 25.02 16.90
N GLU A 651 -9.25 24.09 16.47
CA GLU A 651 -8.94 22.65 16.60
C GLU A 651 -8.86 21.99 15.24
N ASN A 652 -7.76 21.30 14.98
CA ASN A 652 -7.59 20.52 13.78
C ASN A 652 -8.44 19.29 13.84
N VAL A 653 -9.38 19.21 12.90
CA VAL A 653 -10.21 18.04 12.76
C VAL A 653 -9.40 16.86 12.26
N ASP A 654 -8.60 17.15 11.23
CA ASP A 654 -7.91 16.16 10.41
C ASP A 654 -6.76 16.87 9.74
N ALA A 655 -5.56 16.40 10.06
CA ALA A 655 -4.31 16.92 9.50
C ALA A 655 -3.64 15.88 8.57
N MET A 656 -3.43 16.28 7.32
CA MET A 656 -2.95 15.41 6.21
C MET A 656 -1.64 15.94 5.59
N THR A 660 1.85 20.95 7.46
CA THR A 660 2.15 22.02 6.52
C THR A 660 1.16 23.20 6.67
N GLY A 661 0.32 23.18 7.71
CA GLY A 661 -0.74 24.20 7.90
C GLY A 661 -2.05 24.06 7.11
N ASP A 662 -2.18 23.02 6.27
CA ASP A 662 -3.39 22.74 5.46
C ASP A 662 -4.23 21.61 6.13
N SER A 663 -4.70 21.92 7.31
CA SER A 663 -5.58 21.04 7.99
C SER A 663 -7.05 21.50 7.79
N VAL A 664 -7.99 20.60 8.00
CA VAL A 664 -9.37 20.99 8.23
C VAL A 664 -9.43 21.44 9.69
N VAL A 665 -10.02 22.62 9.93
CA VAL A 665 -10.00 23.24 11.20
C VAL A 665 -11.41 23.69 11.59
N VAL A 666 -11.73 23.58 12.87
CA VAL A 666 -12.90 24.25 13.41
C VAL A 666 -12.53 25.34 14.46
N ALA A 667 -13.34 26.39 14.51
CA ALA A 667 -13.23 27.37 15.54
C ALA A 667 -14.60 27.66 16.13
N PRO A 668 -14.74 27.72 17.47
CA PRO A 668 -13.73 27.42 18.45
C PRO A 668 -13.45 25.96 18.53
N ALA A 669 -12.46 25.63 19.33
CA ALA A 669 -12.23 24.23 19.61
C ALA A 669 -13.45 23.57 20.25
N GLN A 670 -13.67 22.30 19.92
CA GLN A 670 -14.88 21.61 20.26
C GLN A 670 -14.73 20.52 21.29
N THR A 671 -13.59 19.82 21.35
CA THR A 671 -13.51 18.63 22.20
C THR A 671 -12.70 18.77 23.49
N LEU A 672 -12.38 20.02 23.91
CA LEU A 672 -11.60 20.22 25.10
C LEU A 672 -12.46 20.42 26.33
N SER A 673 -11.93 20.03 27.47
CA SER A 673 -12.51 20.41 28.75
C SER A 673 -12.00 21.81 29.10
N ASN A 674 -12.65 22.40 30.11
CA ASN A 674 -12.22 23.65 30.67
C ASN A 674 -10.78 23.56 31.12
N ALA A 675 -10.43 22.46 31.78
CA ALA A 675 -9.07 22.39 32.33
C ALA A 675 -8.07 22.44 31.20
N GLU A 676 -8.36 21.72 30.13
CA GLU A 676 -7.39 21.61 29.00
C GLU A 676 -7.30 22.93 28.28
N PHE A 677 -8.47 23.50 27.97
CA PHE A 677 -8.52 24.76 27.27
C PHE A 677 -7.81 25.84 28.05
N GLN A 678 -8.08 25.88 29.36
CA GLN A 678 -7.51 26.98 30.18
C GLN A 678 -6.05 26.75 30.46
N MET A 679 -5.64 25.50 30.51
CA MET A 679 -4.20 25.19 30.61
C MET A 679 -3.42 25.72 29.38
N LEU A 680 -3.91 25.39 28.17
CA LEU A 680 -3.21 25.83 26.96
C LEU A 680 -3.29 27.33 26.80
N ARG A 681 -4.46 27.89 27.09
CA ARG A 681 -4.65 29.35 26.96
C ARG A 681 -3.62 30.10 27.83
N ARG A 682 -3.44 29.64 29.04
CA ARG A 682 -2.53 30.27 29.96
C ARG A 682 -1.07 30.11 29.53
N THR A 683 -0.69 28.90 29.09
CA THR A 683 0.62 28.68 28.52
C THR A 683 0.88 29.60 27.30
N SER A 684 -0.12 29.80 26.45
CA SER A 684 -0.02 30.71 25.34
C SER A 684 0.37 32.10 25.80
N ILE A 685 -0.32 32.57 26.83
CA ILE A 685 -0.08 33.92 27.37
C ILE A 685 1.31 33.98 28.01
N ASN A 686 1.70 32.94 28.75
CA ASN A 686 3.00 32.93 29.39
C ASN A 686 4.13 32.94 28.33
N VAL A 687 3.98 32.16 27.28
CA VAL A 687 4.97 32.05 26.23
C VAL A 687 5.06 33.34 25.45
N VAL A 688 3.92 33.94 25.11
CA VAL A 688 3.92 35.16 24.32
C VAL A 688 4.59 36.38 25.08
N ARG A 689 4.31 36.48 26.36
CA ARG A 689 4.87 37.54 27.21
C ARG A 689 6.36 37.27 27.38
N HIS A 690 6.74 36.02 27.61
CA HIS A 690 8.14 35.70 27.82
C HIS A 690 8.93 35.94 26.54
N LEU A 691 8.32 35.70 25.37
CA LEU A 691 9.00 35.97 24.10
C LEU A 691 9.10 37.44 23.73
N GLY A 692 8.48 38.34 24.49
CA GLY A 692 8.49 39.76 24.14
C GLY A 692 7.64 40.17 22.96
N ILE A 693 6.58 39.41 22.65
CA ILE A 693 5.71 39.79 21.55
C ILE A 693 5.04 41.10 21.84
N VAL A 694 5.02 41.97 20.83
CA VAL A 694 4.31 43.22 20.90
C VAL A 694 3.54 43.30 19.57
N GLY A 695 2.31 42.78 19.59
CA GLY A 695 1.54 42.60 18.40
C GLY A 695 0.81 41.23 18.50
N GLU A 696 0.76 40.51 17.38
CA GLU A 696 0.07 39.24 17.26
C GLU A 696 1.10 38.13 17.28
N CYS A 697 0.66 36.96 17.73
CA CYS A 697 1.43 35.73 17.71
C CYS A 697 0.47 34.55 17.57
N ASN A 698 0.89 33.54 16.83
CA ASN A 698 0.11 32.28 16.71
C ASN A 698 0.90 31.24 17.48
N ILE A 699 0.25 30.39 18.27
CA ILE A 699 0.95 29.30 18.95
C ILE A 699 0.19 28.01 18.80
N GLN A 700 0.89 26.93 18.42
CA GLN A 700 0.30 25.65 18.09
C GLN A 700 0.81 24.66 19.12
N PHE A 701 -0.15 23.85 19.62
CA PHE A 701 0.05 22.85 20.61
C PHE A 701 -0.33 21.47 20.08
N ALA A 702 0.36 20.44 20.55
CA ALA A 702 -0.15 19.07 20.51
C ALA A 702 -0.55 18.67 21.95
N LEU A 703 -1.79 18.21 22.11
CA LEU A 703 -2.33 17.79 23.38
C LEU A 703 -2.61 16.31 23.34
N HIS A 704 -2.04 15.56 24.29
CA HIS A 704 -2.31 14.12 24.36
C HIS A 704 -3.83 13.86 24.53
N PRO A 705 -4.42 12.91 23.76
CA PRO A 705 -5.93 12.87 23.71
C PRO A 705 -6.64 12.26 24.93
N THR A 706 -5.89 11.73 25.90
CA THR A 706 -6.46 11.09 27.08
C THR A 706 -5.72 11.46 28.36
N SER A 707 -5.07 12.63 28.39
CA SER A 707 -4.45 13.18 29.61
C SER A 707 -4.30 14.71 29.49
N MET A 708 -3.46 15.30 30.36
CA MET A 708 -3.15 16.73 30.33
C MET A 708 -1.76 17.05 29.74
N GLU A 709 -1.06 16.04 29.23
CA GLU A 709 0.27 16.24 28.69
C GLU A 709 0.17 16.95 27.33
N TYR A 710 1.02 17.95 27.12
CA TYR A 710 1.07 18.67 25.87
C TYR A 710 2.49 19.05 25.50
N CYS A 711 2.67 19.45 24.24
CA CYS A 711 3.81 20.22 23.95
C CYS A 711 3.56 21.23 22.86
N ILE A 712 4.45 22.20 22.83
CA ILE A 712 4.45 23.28 21.88
C ILE A 712 5.08 22.82 20.58
N ILE A 713 4.38 23.04 19.50
CA ILE A 713 4.84 22.66 18.19
C ILE A 713 5.55 23.82 17.56
N GLU A 714 4.95 25.02 17.63
CA GLU A 714 5.62 26.20 17.12
C GLU A 714 4.92 27.51 17.45
N VAL A 715 5.67 28.61 17.28
CA VAL A 715 5.18 29.95 17.43
C VAL A 715 5.46 30.74 16.14
N ASN A 716 4.55 31.62 15.76
CA ASN A 716 4.70 32.46 14.57
C ASN A 716 4.45 33.88 15.00
N ALA A 717 5.52 34.65 15.01
CA ALA A 717 5.50 36.03 15.50
C ALA A 717 5.28 37.03 14.37
N ARG A 718 4.65 36.59 13.29
CA ARG A 718 4.24 37.47 12.20
C ARG A 718 2.84 37.03 11.81
N LEU A 719 2.12 37.90 11.09
CA LEU A 719 0.79 37.54 10.61
C LEU A 719 0.93 36.35 9.70
N SER A 720 -0.09 35.49 9.71
CA SER A 720 -0.04 34.24 8.94
C SER A 720 -1.44 33.92 8.46
N ARG A 721 -1.53 32.84 7.70
CA ARG A 721 -2.82 32.24 7.31
C ARG A 721 -3.72 32.03 8.52
N SER A 722 -3.15 31.60 9.64
CA SER A 722 -3.94 31.43 10.89
C SER A 722 -4.53 32.71 11.41
N SER A 723 -3.77 33.79 11.35
CA SER A 723 -4.26 35.03 11.90
C SER A 723 -5.29 35.59 10.96
N ALA A 724 -5.12 35.39 9.67
CA ALA A 724 -6.15 35.87 8.69
C ALA A 724 -7.47 35.09 8.86
N LEU A 725 -7.36 33.79 9.04
CA LEU A 725 -8.53 32.95 9.37
C LEU A 725 -9.24 33.34 10.67
N ALA A 726 -8.45 33.51 11.70
CA ALA A 726 -8.96 33.95 13.01
C ALA A 726 -9.69 35.34 12.91
N SER A 727 -9.17 36.31 12.14
CA SER A 727 -9.89 37.58 11.93
C SER A 727 -11.22 37.40 11.25
N LYS A 728 -11.25 36.55 10.22
CA LYS A 728 -12.50 36.23 9.53
C LYS A 728 -13.47 35.44 10.43
N ALA A 729 -12.98 34.49 11.23
CA ALA A 729 -13.84 33.66 12.04
C ALA A 729 -14.53 34.44 13.20
N THR A 730 -13.83 35.48 13.68
CA THR A 730 -14.26 36.20 14.89
C THR A 730 -14.78 37.57 14.61
N GLY A 731 -14.37 38.20 13.49
CA GLY A 731 -14.61 39.61 13.30
C GLY A 731 -13.67 40.55 14.07
N TYR A 732 -12.64 40.02 14.69
CA TYR A 732 -11.64 40.83 15.39
C TYR A 732 -10.56 41.16 14.37
N PRO A 733 -10.30 42.45 14.12
CA PRO A 733 -9.39 42.87 13.02
C PRO A 733 -7.93 42.78 13.46
N LEU A 734 -7.35 41.57 13.45
CA LEU A 734 -6.08 41.37 14.07
C LEU A 734 -4.97 42.22 13.52
N ALA A 735 -4.92 42.35 12.20
CA ALA A 735 -3.84 43.10 11.57
C ALA A 735 -3.90 44.60 11.94
N PHE A 736 -5.07 45.21 11.87
CA PHE A 736 -5.27 46.59 12.26
C PHE A 736 -4.87 46.85 13.73
N ILE A 737 -5.27 45.93 14.61
CA ILE A 737 -4.98 46.02 16.01
C ILE A 737 -3.50 45.81 16.24
N ALA A 738 -2.91 44.87 15.52
CA ALA A 738 -1.46 44.68 15.66
C ALA A 738 -0.67 45.92 15.25
N ALA A 739 -1.17 46.65 14.24
CA ALA A 739 -0.51 47.83 13.77
C ALA A 739 -0.65 48.94 14.82
N LYS A 740 -1.83 49.11 15.43
CA LYS A 740 -1.99 50.09 16.54
C LYS A 740 -1.11 49.77 17.75
N ILE A 741 -1.01 48.49 18.07
CA ILE A 741 -0.10 48.04 19.12
C ILE A 741 1.37 48.41 18.85
N ALA A 742 1.80 48.36 17.58
CA ALA A 742 3.18 48.66 17.19
C ALA A 742 3.51 50.13 17.42
N LEU A 743 2.49 50.99 17.46
CA LEU A 743 2.63 52.38 17.89
C LEU A 743 2.61 52.58 19.40
N GLY A 744 2.62 51.49 20.17
CA GLY A 744 2.59 51.53 21.62
C GLY A 744 1.26 51.88 22.27
N ILE A 745 0.18 51.83 21.51
CA ILE A 745 -1.16 52.07 22.03
C ILE A 745 -1.56 50.78 22.74
N PRO A 746 -2.08 50.89 23.99
CA PRO A 746 -2.54 49.68 24.67
C PRO A 746 -3.94 49.28 24.25
N LEU A 747 -4.25 47.99 24.45
CA LEU A 747 -5.58 47.41 24.03
C LEU A 747 -6.78 48.18 24.51
N PRO A 748 -6.81 48.55 25.82
CA PRO A 748 -8.00 49.27 26.27
C PRO A 748 -8.25 50.59 25.55
N GLU A 749 -7.23 51.17 24.90
CA GLU A 749 -7.35 52.48 24.24
C GLU A 749 -7.64 52.38 22.75
N ILE A 750 -7.79 51.17 22.22
CA ILE A 750 -8.21 50.91 20.83
C ILE A 750 -9.67 50.40 20.76
N LYS A 751 -10.53 51.03 19.97
CA LYS A 751 -11.91 50.49 19.58
C LYS A 751 -12.16 49.05 18.89
N ASN A 752 -13.15 48.31 19.42
CA ASN A 752 -13.65 47.08 18.77
C ASN A 752 -14.48 47.56 17.59
N VAL A 753 -13.94 47.48 16.37
CA VAL A 753 -14.67 48.06 15.17
C VAL A 753 -16.11 47.53 14.89
N VAL A 754 -16.40 46.33 15.40
CA VAL A 754 -17.66 45.66 15.16
C VAL A 754 -18.78 46.18 16.11
N SER A 755 -18.46 46.29 17.41
CA SER A 755 -19.43 46.78 18.42
C SER A 755 -19.54 48.29 18.35
N GLY A 756 -18.41 48.95 18.10
CA GLY A 756 -18.32 50.41 18.11
C GLY A 756 -18.24 51.07 19.49
N LYS A 757 -18.71 50.39 20.55
CA LYS A 757 -18.83 50.97 21.88
C LYS A 757 -17.88 50.36 22.90
N THR A 758 -17.03 49.40 22.48
CA THR A 758 -16.18 48.62 23.42
C THR A 758 -14.80 48.50 22.78
N SER A 759 -13.81 47.94 23.48
CA SER A 759 -12.40 48.06 23.09
C SER A 759 -11.86 46.73 22.59
N ALA A 760 -10.64 46.77 22.09
CA ALA A 760 -9.89 45.62 21.66
C ALA A 760 -9.32 44.81 22.79
N CYS A 761 -9.47 45.31 24.02
CA CYS A 761 -9.09 44.51 25.20
C CYS A 761 -10.18 43.53 25.60
N PHE A 762 -10.27 42.44 24.87
CA PHE A 762 -11.29 41.44 25.09
C PHE A 762 -11.03 40.16 24.35
N GLU A 763 -11.74 39.10 24.75
CA GLU A 763 -11.69 37.82 24.03
C GLU A 763 -13.06 37.53 23.41
N PRO A 764 -13.11 37.37 22.07
CA PRO A 764 -14.39 37.17 21.43
C PRO A 764 -15.12 35.99 21.98
N SER A 765 -16.42 36.13 22.04
CA SER A 765 -17.27 34.96 22.25
C SER A 765 -18.12 34.71 20.98
N LEU A 766 -18.13 33.48 20.52
CA LEU A 766 -18.72 33.10 19.23
C LEU A 766 -19.94 32.26 19.53
N ASP A 767 -21.08 32.65 18.98
CA ASP A 767 -22.31 31.87 19.14
C ASP A 767 -22.63 31.06 17.86
N TYR A 768 -21.58 30.68 17.12
CA TYR A 768 -21.63 29.90 15.92
C TYR A 768 -20.32 29.14 15.90
N MET A 769 -20.18 28.26 14.93
CA MET A 769 -18.92 27.51 14.75
C MET A 769 -18.50 27.73 13.28
N VAL A 770 -17.21 27.75 13.07
CA VAL A 770 -16.64 27.92 11.77
C VAL A 770 -15.89 26.63 11.39
N THR A 771 -15.89 26.31 10.10
CA THR A 771 -15.18 25.20 9.54
C THR A 771 -14.41 25.72 8.38
N LYS A 772 -13.11 25.49 8.39
CA LYS A 772 -12.24 25.86 7.26
C LYS A 772 -11.72 24.55 6.66
N ILE A 773 -11.72 24.50 5.35
CA ILE A 773 -11.22 23.31 4.60
C ILE A 773 -10.24 23.84 3.54
N PRO A 774 -9.06 23.22 3.44
CA PRO A 774 -8.19 23.60 2.34
C PRO A 774 -8.74 23.22 0.97
N ARG A 775 -8.36 23.98 -0.06
CA ARG A 775 -8.79 23.71 -1.40
C ARG A 775 -7.61 23.05 -2.05
N TRP A 776 -7.81 21.78 -2.42
CA TRP A 776 -6.77 21.02 -3.04
C TRP A 776 -6.73 21.24 -4.57
N ASP A 777 -5.56 20.98 -5.13
CA ASP A 777 -5.33 21.19 -6.58
C ASP A 777 -5.81 19.98 -7.34
N LEU A 778 -7.11 19.86 -7.53
CA LEU A 778 -7.71 18.66 -8.12
C LEU A 778 -8.49 18.95 -9.40
N ASP A 779 -8.49 20.19 -9.84
CA ASP A 779 -9.24 20.61 -11.02
C ASP A 779 -8.77 19.97 -12.35
N ARG A 780 -7.47 19.78 -12.49
CA ARG A 780 -6.90 19.15 -13.71
C ARG A 780 -7.16 17.64 -13.68
N PHE A 781 -7.28 17.06 -12.48
CA PHE A 781 -7.55 15.62 -12.18
C PHE A 781 -6.27 14.80 -12.15
N ILE A 788 -2.18 9.83 -3.22
CA ILE A 788 -2.01 11.09 -3.93
C ILE A 788 -1.68 12.22 -2.93
N GLY A 789 -0.57 12.90 -3.18
CA GLY A 789 0.07 13.76 -2.17
C GLY A 789 1.45 14.25 -2.59
N SER A 790 2.20 13.38 -3.29
CA SER A 790 3.41 13.79 -4.02
C SER A 790 3.03 14.85 -5.07
N SER A 791 3.37 16.13 -4.78
CA SER A 791 3.03 17.31 -5.62
C SER A 791 1.51 17.51 -5.87
N MET A 792 0.74 17.45 -4.78
CA MET A 792 -0.71 17.72 -4.80
C MET A 792 -1.04 18.64 -3.58
N LYS A 793 -0.81 19.94 -3.78
CA LYS A 793 -0.80 20.88 -2.68
C LYS A 793 -2.12 21.69 -2.50
N SER A 794 -2.16 22.38 -1.37
CA SER A 794 -3.22 23.32 -1.02
C SER A 794 -2.97 24.65 -1.76
N VAL A 795 -3.95 25.04 -2.55
CA VAL A 795 -3.92 26.26 -3.34
C VAL A 795 -4.96 27.30 -2.94
N GLY A 796 -5.76 27.02 -1.92
CA GLY A 796 -6.71 28.03 -1.41
C GLY A 796 -7.41 27.46 -0.16
N GLU A 797 -8.50 28.06 0.25
CA GLU A 797 -9.25 27.58 1.38
C GLU A 797 -10.66 28.17 1.37
N VAL A 798 -11.57 27.51 2.06
CA VAL A 798 -12.91 28.02 2.23
C VAL A 798 -13.12 28.07 3.74
N MET A 799 -14.08 28.88 4.12
CA MET A 799 -14.56 28.93 5.49
C MET A 799 -16.09 29.04 5.49
N ALA A 800 -16.74 28.28 6.34
CA ALA A 800 -18.22 28.29 6.39
C ALA A 800 -18.65 28.47 7.85
N ILE A 801 -19.71 29.19 8.08
CA ILE A 801 -20.26 29.40 9.38
C ILE A 801 -21.59 28.69 9.51
N GLY A 802 -21.82 28.04 10.63
CA GLY A 802 -23.13 27.45 10.94
C GLY A 802 -23.36 27.49 12.45
N ARG A 803 -24.54 27.15 12.87
CA ARG A 803 -24.79 27.05 14.32
C ARG A 803 -24.91 25.62 14.81
N THR A 804 -24.77 24.66 13.89
CA THR A 804 -24.37 23.27 14.29
C THR A 804 -23.08 22.96 13.59
N PHE A 805 -22.33 22.01 14.14
CA PHE A 805 -21.17 21.47 13.40
C PHE A 805 -21.57 21.03 12.01
N GLU A 806 -22.67 20.25 11.95
CA GLU A 806 -23.11 19.68 10.73
C GLU A 806 -23.42 20.74 9.67
N GLU A 807 -24.12 21.79 10.02
CA GLU A 807 -24.42 22.89 9.11
C GLU A 807 -23.15 23.52 8.55
N SER A 808 -22.21 23.80 9.45
CA SER A 808 -20.94 24.43 9.03
C SER A 808 -20.14 23.48 8.10
N PHE A 809 -20.11 22.23 8.50
CA PHE A 809 -19.32 21.19 7.83
C PHE A 809 -19.77 20.92 6.42
N GLN A 810 -21.09 20.66 6.22
CA GLN A 810 -21.57 20.42 4.89
C GLN A 810 -21.43 21.60 4.01
N LYS A 811 -21.71 22.78 4.59
CA LYS A 811 -21.53 23.98 3.83
C LYS A 811 -20.08 24.16 3.36
N ALA A 812 -19.10 23.91 4.21
CA ALA A 812 -17.74 24.09 3.78
C ALA A 812 -17.34 23.11 2.69
N LEU A 813 -17.80 21.85 2.82
CA LEU A 813 -17.55 20.84 1.77
C LEU A 813 -18.10 21.35 0.42
N ARG A 814 -19.34 21.83 0.43
CA ARG A 814 -19.89 22.37 -0.81
C ARG A 814 -19.06 23.53 -1.37
N MET A 815 -18.54 24.37 -0.49
CA MET A 815 -17.78 25.53 -0.91
C MET A 815 -16.53 25.14 -1.69
N CYS A 816 -16.00 23.95 -1.42
CA CYS A 816 -14.77 23.54 -2.09
C CYS A 816 -14.91 23.44 -3.61
N HIS A 817 -16.00 22.85 -4.10
CA HIS A 817 -16.20 22.73 -5.51
C HIS A 817 -17.68 22.43 -5.79
N PRO A 818 -18.23 22.96 -6.91
CA PRO A 818 -19.65 22.72 -7.23
C PRO A 818 -20.04 21.29 -7.47
N SER A 819 -19.11 20.43 -7.75
CA SER A 819 -19.45 19.01 -7.92
C SER A 819 -19.69 18.35 -6.56
N ILE A 820 -19.39 19.03 -5.45
CA ILE A 820 -19.52 18.43 -4.10
C ILE A 820 -20.92 18.76 -3.55
N GLU A 821 -21.65 17.72 -3.18
CA GLU A 821 -23.00 17.91 -2.65
C GLU A 821 -23.11 18.19 -1.18
N GLY A 822 -22.10 17.81 -0.44
CA GLY A 822 -22.16 17.84 1.02
C GLY A 822 -21.35 16.64 1.46
N PHE A 823 -21.60 16.13 2.65
CA PHE A 823 -20.98 14.92 3.14
C PHE A 823 -21.74 13.68 2.61
N THR A 824 -21.04 12.85 1.86
CA THR A 824 -21.68 11.75 1.12
C THR A 824 -20.69 10.60 0.97
N PRO A 825 -21.17 9.35 1.00
CA PRO A 825 -20.28 8.22 0.69
C PRO A 825 -20.05 7.94 -0.81
N ARG A 826 -20.64 8.75 -1.68
CA ARG A 826 -20.56 8.60 -3.13
C ARG A 826 -19.54 9.58 -3.66
N LEU A 827 -18.64 9.06 -4.46
CA LEU A 827 -17.67 9.86 -5.11
C LEU A 827 -18.30 10.89 -6.04
N PRO A 828 -17.71 12.08 -6.13
CA PRO A 828 -18.35 13.08 -7.00
C PRO A 828 -18.25 12.69 -8.51
N MET A 829 -19.00 13.41 -9.36
CA MET A 829 -19.00 13.19 -10.84
C MET A 829 -19.35 11.70 -11.19
N ASN A 830 -20.35 11.16 -10.47
CA ASN A 830 -20.83 9.78 -10.59
C ASN A 830 -19.81 8.59 -10.65
N LYS A 831 -18.58 8.82 -10.20
CA LYS A 831 -17.55 7.79 -10.21
C LYS A 831 -17.87 6.73 -9.21
N GLU A 832 -17.31 5.56 -9.45
CA GLU A 832 -17.66 4.40 -8.68
C GLU A 832 -16.47 4.06 -7.85
N TRP A 833 -16.75 3.54 -6.67
CA TRP A 833 -15.70 2.99 -5.84
C TRP A 833 -15.12 1.77 -6.56
N PRO A 834 -13.76 1.64 -6.64
CA PRO A 834 -13.21 0.37 -7.14
C PRO A 834 -13.81 -0.88 -6.47
N SER A 835 -14.14 -1.89 -7.27
CA SER A 835 -14.63 -3.20 -6.78
C SER A 835 -13.71 -3.87 -5.73
N ASN A 836 -12.40 -3.68 -5.91
CA ASN A 836 -11.33 -4.18 -5.03
C ASN A 836 -11.04 -3.27 -3.80
N LEU A 837 -11.84 -2.22 -3.58
CA LEU A 837 -11.53 -1.22 -2.55
C LEU A 837 -11.11 -1.88 -1.25
N ASP A 838 -9.94 -1.48 -0.73
CA ASP A 838 -9.58 -1.75 0.67
C ASP A 838 -9.76 -0.43 1.53
N LEU A 839 -10.87 -0.39 2.26
CA LEU A 839 -11.27 0.79 2.99
C LEU A 839 -10.26 1.23 4.07
N ARG A 840 -9.80 0.28 4.88
CA ARG A 840 -8.77 0.53 5.91
C ARG A 840 -7.48 1.10 5.37
N LYS A 841 -7.10 0.65 4.20
CA LYS A 841 -6.00 1.27 3.45
C LYS A 841 -6.31 2.73 3.08
N GLU A 842 -7.48 3.01 2.50
CA GLU A 842 -7.86 4.40 2.13
C GLU A 842 -7.86 5.35 3.34
N LEU A 843 -8.26 4.83 4.49
CA LEU A 843 -8.43 5.60 5.68
C LEU A 843 -7.07 5.97 6.33
N SER A 844 -6.03 5.18 6.05
CA SER A 844 -4.77 5.28 6.78
C SER A 844 -3.71 6.09 6.06
N GLU A 845 -3.93 6.41 4.79
CA GLU A 845 -3.00 7.24 4.00
C GLU A 845 -3.75 8.41 3.34
N PRO A 846 -3.16 9.63 3.34
CA PRO A 846 -3.83 10.76 2.64
C PRO A 846 -4.25 10.42 1.19
N SER A 847 -5.45 10.82 0.79
CA SER A 847 -5.93 10.69 -0.59
C SER A 847 -6.84 11.86 -0.91
N SER A 848 -7.03 12.08 -2.19
CA SER A 848 -7.95 13.06 -2.70
C SER A 848 -9.42 12.73 -2.48
N THR A 849 -9.71 11.52 -2.05
CA THR A 849 -11.08 11.09 -1.80
C THR A 849 -11.31 10.77 -0.31
N ARG A 850 -10.43 11.28 0.54
CA ARG A 850 -10.42 10.89 1.97
C ARG A 850 -11.80 11.06 2.64
N ILE A 851 -12.45 12.21 2.42
CA ILE A 851 -13.69 12.46 3.15
C ILE A 851 -14.81 11.50 2.71
N TYR A 852 -14.80 11.14 1.43
CA TYR A 852 -15.77 10.21 0.87
C TYR A 852 -15.49 8.81 1.43
N ALA A 853 -14.22 8.48 1.61
CA ALA A 853 -13.83 7.19 2.21
C ALA A 853 -14.32 7.07 3.66
N ILE A 854 -14.21 8.16 4.42
CA ILE A 854 -14.74 8.20 5.79
C ILE A 854 -16.26 8.02 5.78
N ALA A 855 -16.93 8.68 4.85
CA ALA A 855 -18.37 8.53 4.77
C ALA A 855 -18.76 7.07 4.42
N LYS A 856 -18.08 6.52 3.45
CA LYS A 856 -18.30 5.10 3.07
C LYS A 856 -18.03 4.14 4.24
N ALA A 857 -16.98 4.38 5.03
CA ALA A 857 -16.66 3.52 6.16
C ALA A 857 -17.77 3.57 7.18
N ILE A 858 -18.28 4.75 7.46
CA ILE A 858 -19.37 4.88 8.41
C ILE A 858 -20.59 4.13 7.89
N ASP A 859 -20.86 4.28 6.61
CA ASP A 859 -22.07 3.74 5.99
C ASP A 859 -21.93 2.20 5.82
N ASP A 860 -20.73 1.68 5.58
CA ASP A 860 -20.49 0.25 5.61
C ASP A 860 -20.44 -0.36 7.01
N ASN A 861 -20.80 0.41 8.06
CA ASN A 861 -20.87 -0.05 9.47
C ASN A 861 -19.54 -0.44 10.06
N MET A 862 -18.43 0.05 9.49
CA MET A 862 -17.18 0.12 10.22
C MET A 862 -17.42 0.91 11.55
N SER A 863 -16.97 0.35 12.68
CA SER A 863 -17.19 1.02 13.98
C SER A 863 -16.47 2.40 14.01
N LEU A 864 -17.07 3.32 14.73
CA LEU A 864 -16.50 4.66 14.84
C LEU A 864 -15.15 4.63 15.55
N ASP A 865 -15.02 3.69 16.48
CA ASP A 865 -13.76 3.50 17.19
C ASP A 865 -12.66 3.10 16.27
N GLU A 866 -12.95 2.21 15.33
CA GLU A 866 -11.95 1.86 14.33
C GLU A 866 -11.62 3.00 13.36
N ILE A 867 -12.63 3.75 12.97
CA ILE A 867 -12.38 4.88 12.07
C ILE A 867 -11.48 5.94 12.73
N GLU A 868 -11.72 6.16 14.03
CA GLU A 868 -10.93 7.11 14.77
C GLU A 868 -9.50 6.57 14.91
N LYS A 869 -9.35 5.27 15.17
CA LYS A 869 -7.99 4.67 15.26
C LYS A 869 -7.20 4.85 13.94
N LEU A 870 -7.88 4.67 12.80
CA LEU A 870 -7.22 4.74 11.51
C LEU A 870 -6.98 6.15 11.01
N THR A 871 -7.95 7.06 11.23
CA THR A 871 -7.85 8.42 10.69
C THR A 871 -7.23 9.42 11.69
N TYR A 872 -7.33 9.11 12.96
CA TYR A 872 -7.00 10.02 14.06
C TYR A 872 -8.01 11.13 14.26
N ILE A 873 -9.13 11.10 13.57
CA ILE A 873 -10.15 12.07 13.78
C ILE A 873 -10.91 11.72 15.07
N ASP A 874 -11.02 12.67 15.98
CA ASP A 874 -11.72 12.44 17.27
C ASP A 874 -13.12 11.95 17.02
N LYS A 875 -13.52 10.94 17.78
CA LYS A 875 -14.80 10.32 17.55
C LYS A 875 -16.00 11.30 17.66
N TRP A 876 -15.81 12.44 18.34
CA TRP A 876 -16.90 13.44 18.43
C TRP A 876 -17.34 13.92 17.05
N PHE A 877 -16.36 14.23 16.22
CA PHE A 877 -16.63 14.63 14.90
C PHE A 877 -17.30 13.48 14.13
N LEU A 878 -16.84 12.24 14.35
CA LEU A 878 -17.41 11.09 13.60
C LEU A 878 -18.88 10.84 13.94
N TYR A 879 -19.24 11.06 15.18
CA TYR A 879 -20.65 10.99 15.56
C TYR A 879 -21.53 11.94 14.79
N LYS A 880 -21.07 13.17 14.60
CA LYS A 880 -21.79 14.19 13.82
C LYS A 880 -21.89 13.78 12.31
N MET A 881 -20.80 13.25 11.78
CA MET A 881 -20.83 12.71 10.44
C MET A 881 -21.85 11.53 10.30
N ARG A 882 -21.84 10.66 11.27
CA ARG A 882 -22.82 9.57 11.27
C ARG A 882 -24.25 10.08 11.33
N ASP A 883 -24.53 11.13 12.10
CA ASP A 883 -25.89 11.70 12.11
C ASP A 883 -26.29 12.26 10.76
N ILE A 884 -25.31 12.84 10.05
CA ILE A 884 -25.64 13.34 8.68
C ILE A 884 -26.09 12.13 7.84
N LEU A 885 -25.30 11.05 7.85
CA LEU A 885 -25.61 9.86 7.03
C LEU A 885 -26.91 9.22 7.46
N ASN A 886 -27.19 9.22 8.77
CA ASN A 886 -28.45 8.71 9.24
C ASN A 886 -29.62 9.52 8.79
N MET A 887 -29.45 10.85 8.70
CA MET A 887 -30.52 11.68 8.17
C MET A 887 -30.82 11.38 6.67
N GLU A 888 -29.76 11.19 5.91
CA GLU A 888 -29.93 10.83 4.55
C GLU A 888 -30.78 9.47 4.40
N LYS A 889 -30.54 8.50 5.26
CA LYS A 889 -31.38 7.24 5.30
C LYS A 889 -32.81 7.49 5.68
N THR A 890 -33.02 8.38 6.62
CA THR A 890 -34.35 8.79 7.00
C THR A 890 -35.03 9.41 5.81
N LEU A 891 -34.34 10.31 5.13
CA LEU A 891 -34.96 11.03 4.04
C LEU A 891 -35.29 10.07 2.85
N LYS A 892 -34.43 9.08 2.58
CA LYS A 892 -34.61 8.13 1.51
C LYS A 892 -35.85 7.23 1.64
N GLY A 893 -36.35 6.96 2.84
CA GLY A 893 -37.62 6.29 3.02
C GLY A 893 -38.80 7.24 3.03
N LEU A 894 -38.61 8.51 2.67
CA LEU A 894 -39.73 9.45 2.72
C LEU A 894 -40.08 9.96 1.33
N ASN A 895 -41.12 10.77 1.19
CA ASN A 895 -41.46 11.34 -0.13
C ASN A 895 -42.10 12.67 0.16
N SER A 896 -42.50 13.39 -0.89
CA SER A 896 -43.04 14.73 -0.76
C SER A 896 -44.25 14.77 0.09
N GLU A 897 -45.02 13.69 0.15
CA GLU A 897 -46.21 13.68 1.02
C GLU A 897 -45.93 13.29 2.41
N SER A 898 -45.06 12.33 2.63
CA SER A 898 -44.86 11.76 3.99
C SER A 898 -43.78 12.54 4.82
N MET A 899 -42.86 13.23 4.18
CA MET A 899 -41.84 14.02 4.98
C MET A 899 -42.56 15.13 5.73
N THR A 900 -42.41 15.11 7.05
CA THR A 900 -42.97 16.13 7.93
C THR A 900 -42.06 17.34 7.95
N GLU A 901 -42.68 18.41 8.33
CA GLU A 901 -42.02 19.67 8.62
C GLU A 901 -40.87 19.54 9.60
N GLU A 902 -41.08 18.76 10.67
CA GLU A 902 -40.05 18.53 11.65
C GLU A 902 -38.81 17.88 11.06
N THR A 903 -38.97 16.81 10.28
CA THR A 903 -37.85 16.17 9.66
C THR A 903 -37.10 17.17 8.67
N LEU A 904 -37.82 17.90 7.86
CA LEU A 904 -37.18 18.74 6.80
C LEU A 904 -36.39 19.82 7.52
N LYS A 905 -36.98 20.32 8.60
CA LYS A 905 -36.37 21.38 9.43
C LYS A 905 -35.07 20.87 10.02
N ARG A 906 -35.13 19.69 10.61
CA ARG A 906 -33.92 19.12 11.13
C ARG A 906 -32.89 18.90 10.02
N ALA A 907 -33.33 18.37 8.87
CA ALA A 907 -32.36 18.16 7.78
C ALA A 907 -31.66 19.50 7.41
N LYS A 908 -32.40 20.57 7.25
CA LYS A 908 -31.78 21.83 6.89
C LYS A 908 -30.81 22.33 7.98
N GLU A 909 -31.13 22.07 9.25
CA GLU A 909 -30.37 22.48 10.40
C GLU A 909 -29.09 21.80 10.51
N ILE A 910 -28.99 20.61 9.92
CA ILE A 910 -27.73 19.89 9.87
C ILE A 910 -27.08 19.93 8.49
N GLY A 911 -27.47 20.89 7.73
CA GLY A 911 -26.77 21.29 6.51
C GLY A 911 -27.09 20.67 5.22
N PHE A 912 -28.23 19.98 5.15
CA PHE A 912 -28.63 19.44 3.86
C PHE A 912 -29.04 20.50 2.90
N SER A 913 -28.56 20.40 1.67
CA SER A 913 -29.07 21.30 0.60
C SER A 913 -30.38 20.74 0.02
N ASP A 914 -31.11 21.60 -0.67
CA ASP A 914 -32.26 21.21 -1.41
C ASP A 914 -31.93 20.15 -2.43
N LYS A 915 -30.76 20.27 -3.05
CA LYS A 915 -30.34 19.30 -4.03
C LYS A 915 -30.14 17.92 -3.36
N GLN A 916 -29.43 17.86 -2.23
CA GLN A 916 -29.31 16.59 -1.53
C GLN A 916 -30.68 15.95 -1.19
N ILE A 917 -31.56 16.77 -0.60
CA ILE A 917 -32.88 16.36 -0.22
C ILE A 917 -33.67 15.84 -1.47
N SER A 918 -33.57 16.58 -2.61
CA SER A 918 -34.25 16.24 -3.84
C SER A 918 -33.97 14.77 -4.29
N LYS A 919 -32.72 14.30 -4.19
CA LYS A 919 -32.35 12.96 -4.62
C LYS A 919 -32.96 11.95 -3.68
N CYS A 920 -33.10 12.30 -2.40
CA CYS A 920 -33.74 11.37 -1.44
C CYS A 920 -35.24 11.23 -1.69
N LEU A 921 -35.89 12.32 -2.05
CA LEU A 921 -37.31 12.34 -2.23
C LEU A 921 -37.75 12.03 -3.67
N GLY A 922 -36.84 12.00 -4.65
CA GLY A 922 -37.18 11.77 -6.06
C GLY A 922 -37.80 13.00 -6.68
N LEU A 923 -37.32 14.18 -6.33
CA LEU A 923 -37.84 15.42 -6.81
C LEU A 923 -36.66 16.12 -7.53
N THR A 924 -36.97 17.16 -8.23
CA THR A 924 -35.90 18.09 -8.69
C THR A 924 -35.53 19.08 -7.57
N GLU A 925 -34.38 19.74 -7.76
CA GLU A 925 -33.94 20.77 -6.83
C GLU A 925 -35.02 21.83 -6.67
N ALA A 926 -35.51 22.34 -7.79
CA ALA A 926 -36.55 23.39 -7.76
C ALA A 926 -37.84 22.98 -7.07
N GLN A 927 -38.26 21.73 -7.27
CA GLN A 927 -39.44 21.24 -6.62
C GLN A 927 -39.27 21.15 -5.09
N THR A 928 -38.06 20.77 -4.66
CA THR A 928 -37.71 20.69 -3.27
C THR A 928 -37.65 22.07 -2.61
N ARG A 929 -37.07 23.07 -3.29
CA ARG A 929 -37.10 24.45 -2.78
C ARG A 929 -38.54 24.92 -2.57
N GLU A 930 -39.36 24.65 -3.57
CA GLU A 930 -40.77 25.06 -3.57
C GLU A 930 -41.51 24.43 -2.37
N LEU A 931 -41.33 23.14 -2.18
CA LEU A 931 -41.90 22.34 -1.09
C LEU A 931 -41.50 22.87 0.27
N ARG A 932 -40.21 23.10 0.39
CA ARG A 932 -39.68 23.70 1.60
C ARG A 932 -40.23 25.12 1.90
N LEU A 933 -40.29 25.97 0.89
CA LEU A 933 -40.91 27.28 1.12
C LEU A 933 -42.41 27.25 1.38
N LYS A 934 -43.12 26.30 0.80
CA LYS A 934 -44.55 26.08 1.14
C LYS A 934 -44.78 25.78 2.68
N LYS A 935 -43.82 25.13 3.33
CA LYS A 935 -43.87 24.89 4.75
C LYS A 935 -43.26 26.05 5.57
N ASN A 936 -42.89 27.14 4.92
CA ASN A 936 -42.23 28.31 5.50
C ASN A 936 -40.94 27.96 6.28
N ILE A 937 -40.20 26.99 5.79
CA ILE A 937 -38.85 26.64 6.31
C ILE A 937 -37.82 27.44 5.48
N HIS A 938 -37.22 28.43 6.08
CA HIS A 938 -36.27 29.31 5.41
C HIS A 938 -35.15 29.62 6.41
N PRO A 939 -34.00 30.00 5.91
CA PRO A 939 -32.92 30.36 6.86
C PRO A 939 -32.99 31.84 7.32
N TRP A 940 -32.11 32.15 8.26
CA TRP A 940 -32.12 33.37 9.04
C TRP A 940 -30.77 34.02 8.93
N VAL A 941 -30.77 35.34 8.83
CA VAL A 941 -29.56 36.12 8.64
C VAL A 941 -29.07 36.55 10.00
N LYS A 942 -27.93 36.05 10.40
CA LYS A 942 -27.27 36.41 11.64
C LYS A 942 -25.98 37.22 11.44
N GLN A 943 -25.72 38.09 12.41
CA GLN A 943 -24.50 38.88 12.50
C GLN A 943 -23.38 38.15 13.21
N ILE A 944 -22.18 38.41 12.75
CA ILE A 944 -20.93 37.96 13.47
C ILE A 944 -20.62 39.20 14.32
N ASP A 945 -20.97 39.26 15.61
CA ASP A 945 -20.78 40.51 16.39
C ASP A 945 -19.56 40.51 17.35
N THR A 946 -18.79 39.40 17.39
CA THR A 946 -17.65 39.19 18.29
C THR A 946 -17.97 38.93 19.77
N LEU A 947 -19.20 39.17 20.20
CA LEU A 947 -19.59 39.18 21.64
C LEU A 947 -20.75 38.29 22.02
N ALA A 948 -21.15 37.38 21.14
CA ALA A 948 -22.32 36.53 21.36
C ALA A 948 -23.52 37.33 21.85
N ALA A 949 -23.72 38.47 21.22
CA ALA A 949 -24.90 39.34 21.48
C ALA A 949 -24.88 40.07 22.85
N GLU A 950 -23.76 40.03 23.54
CA GLU A 950 -23.64 40.68 24.86
C GLU A 950 -23.96 42.15 24.70
N TYR A 951 -23.41 42.77 23.67
CA TYR A 951 -23.75 44.13 23.26
C TYR A 951 -24.36 44.18 21.88
N PRO A 952 -25.41 45.03 21.73
CA PRO A 952 -25.95 45.36 20.40
C PRO A 952 -24.80 45.55 19.50
N SER A 953 -24.92 45.04 18.30
CA SER A 953 -24.01 45.39 17.24
C SER A 953 -24.78 45.96 16.08
N VAL A 954 -24.09 46.80 15.29
CA VAL A 954 -24.62 47.31 14.05
C VAL A 954 -23.72 46.76 12.92
N THR A 955 -23.02 45.63 13.17
CA THR A 955 -22.14 45.10 12.13
C THR A 955 -22.95 44.70 10.95
N ASN A 956 -22.37 44.83 9.76
CA ASN A 956 -22.93 44.28 8.55
C ASN A 956 -22.20 42.96 8.07
N TYR A 957 -21.61 42.21 8.98
CA TYR A 957 -20.83 41.02 8.70
C TYR A 957 -21.71 39.79 9.06
N LEU A 958 -22.19 39.14 8.02
CA LEU A 958 -23.35 38.24 8.09
C LEU A 958 -23.11 36.84 7.61
N TYR A 959 -23.91 35.93 8.18
CA TYR A 959 -24.05 34.56 7.67
C TYR A 959 -25.51 34.21 7.73
N VAL A 960 -25.79 33.01 7.20
CA VAL A 960 -27.14 32.51 7.05
C VAL A 960 -27.22 31.09 7.69
N THR A 961 -28.19 30.91 8.55
CA THR A 961 -28.37 29.64 9.27
C THR A 961 -29.83 29.26 9.38
N TYR A 962 -30.10 27.97 9.35
CA TYR A 962 -31.45 27.43 9.68
C TYR A 962 -31.65 27.35 11.21
N ASN A 963 -30.58 27.50 12.01
CA ASN A 963 -30.71 27.36 13.46
C ASN A 963 -30.97 28.71 14.15
N GLY A 964 -32.20 29.17 14.03
CA GLY A 964 -32.57 30.43 14.61
C GLY A 964 -34.08 30.66 14.45
N GLN A 965 -34.56 31.78 14.97
CA GLN A 965 -35.99 32.13 14.96
C GLN A 965 -36.24 33.63 14.60
N GLU A 966 -35.20 34.35 14.15
CA GLU A 966 -35.23 35.76 13.74
C GLU A 966 -33.98 36.08 12.92
N HIS A 967 -34.08 37.17 12.20
CA HIS A 967 -32.98 37.81 11.49
C HIS A 967 -32.44 38.90 12.39
N ASP A 968 -31.16 39.20 12.26
CA ASP A 968 -30.50 40.22 13.02
C ASP A 968 -30.48 41.59 12.33
N VAL A 969 -30.86 41.70 11.04
CA VAL A 969 -30.83 42.95 10.29
C VAL A 969 -32.16 43.15 9.64
N ASN A 970 -32.37 44.38 9.19
CA ASN A 970 -33.51 44.73 8.32
C ASN A 970 -33.07 44.61 6.85
N PHE A 971 -34.04 44.62 5.95
CA PHE A 971 -33.89 44.43 4.52
C PHE A 971 -34.50 45.59 3.75
N ASP A 972 -33.98 46.76 4.05
CA ASP A 972 -34.42 48.01 3.45
C ASP A 972 -33.42 48.58 2.47
N ASP A 973 -32.23 47.98 2.33
CA ASP A 973 -31.21 48.52 1.43
C ASP A 973 -31.56 48.23 -0.03
N HIS A 974 -32.01 47.02 -0.36
CA HIS A 974 -32.29 46.64 -1.71
C HIS A 974 -31.06 46.84 -2.61
N GLY A 975 -29.91 46.44 -2.13
CA GLY A 975 -28.68 46.77 -2.80
C GLY A 975 -28.33 45.89 -4.01
N MET A 976 -27.17 46.19 -4.60
CA MET A 976 -26.63 45.50 -5.76
C MET A 976 -25.74 44.41 -5.27
N MET A 977 -26.06 43.18 -5.62
CA MET A 977 -25.24 42.05 -5.21
C MET A 977 -24.02 41.93 -6.10
N VAL A 978 -22.85 41.65 -5.51
CA VAL A 978 -21.68 41.35 -6.29
C VAL A 978 -21.12 39.95 -5.87
N LEU A 979 -21.11 38.97 -6.73
CA LEU A 979 -20.68 37.63 -6.31
C LEU A 979 -19.19 37.43 -6.44
N GLY A 980 -18.57 36.84 -5.43
CA GLY A 980 -17.15 36.61 -5.44
C GLY A 980 -16.74 35.29 -6.09
N CYS A 981 -15.48 34.92 -5.91
CA CYS A 981 -14.85 33.91 -6.81
C CYS A 981 -14.74 32.54 -6.16
N GLY A 982 -15.01 32.46 -4.85
CA GLY A 982 -14.85 31.24 -4.17
C GLY A 982 -13.38 30.96 -3.89
N PRO A 983 -12.99 29.71 -3.51
CA PRO A 983 -11.62 29.46 -3.09
C PRO A 983 -10.66 29.60 -4.27
N TYR A 984 -9.51 30.15 -4.00
CA TYR A 984 -8.46 30.25 -4.98
C TYR A 984 -8.01 28.85 -5.37
N HIS A 985 -7.62 28.71 -6.60
CA HIS A 985 -7.08 27.43 -7.09
C HIS A 985 -6.34 27.79 -8.42
N ILE A 986 -5.76 26.80 -9.07
CA ILE A 986 -5.00 27.09 -10.31
C ILE A 986 -5.93 27.64 -11.39
N GLY A 987 -5.59 28.82 -11.87
CA GLY A 987 -6.41 29.51 -12.86
C GLY A 987 -7.47 30.43 -12.24
N SER A 988 -7.64 30.42 -10.94
CA SER A 988 -8.63 31.31 -10.33
C SER A 988 -7.99 31.84 -9.06
N SER A 989 -7.31 32.95 -9.24
CA SER A 989 -6.38 33.41 -8.20
C SER A 989 -6.68 34.87 -7.86
N VAL A 990 -5.71 35.56 -7.30
CA VAL A 990 -5.87 36.89 -6.70
C VAL A 990 -6.33 37.99 -7.64
N GLU A 991 -6.19 37.78 -8.96
CA GLU A 991 -6.70 38.76 -9.89
C GLU A 991 -8.19 39.02 -9.70
N PHE A 992 -8.97 38.02 -9.32
CA PHE A 992 -10.41 38.24 -9.20
C PHE A 992 -10.76 39.05 -7.91
N ASP A 993 -9.87 39.04 -6.93
CA ASP A 993 -9.97 39.88 -5.72
C ASP A 993 -9.85 41.36 -6.13
N TRP A 994 -8.89 41.66 -7.04
CA TRP A 994 -8.73 42.99 -7.60
C TRP A 994 -10.02 43.41 -8.31
N CYS A 995 -10.59 42.52 -9.12
CA CYS A 995 -11.84 42.83 -9.88
C CYS A 995 -13.00 43.17 -8.91
N ALA A 996 -13.11 42.35 -7.85
CA ALA A 996 -14.09 42.58 -6.79
C ALA A 996 -13.99 43.94 -6.15
N VAL A 997 -12.80 44.28 -5.73
CA VAL A 997 -12.48 45.56 -5.09
C VAL A 997 -12.87 46.67 -5.98
N SER A 998 -12.50 46.60 -7.27
CA SER A 998 -12.88 47.66 -8.20
C SER A 998 -14.36 47.79 -8.45
N SER A 999 -15.04 46.65 -8.63
CA SER A 999 -16.47 46.73 -8.89
C SER A 999 -17.29 47.27 -7.66
N ILE A 1000 -16.96 46.76 -6.50
CA ILE A 1000 -17.61 47.18 -5.23
C ILE A 1000 -17.37 48.73 -4.98
N ARG A 1001 -16.14 49.19 -5.26
CA ARG A 1001 -15.80 50.64 -5.12
C ARG A 1001 -16.59 51.47 -6.15
N THR A 1002 -16.65 51.04 -7.42
CA THR A 1002 -17.49 51.77 -8.42
C THR A 1002 -18.94 52.01 -7.96
N LEU A 1003 -19.56 50.94 -7.48
CA LEU A 1003 -20.91 50.99 -6.92
C LEU A 1003 -20.97 51.99 -5.72
N ARG A 1004 -20.06 51.82 -4.76
CA ARG A 1004 -20.01 52.72 -3.62
C ARG A 1004 -19.86 54.21 -4.03
N GLN A 1005 -18.97 54.47 -5.00
CA GLN A 1005 -18.72 55.83 -5.47
C GLN A 1005 -19.96 56.42 -6.15
N LEU A 1006 -20.79 55.58 -6.72
CA LEU A 1006 -22.02 56.06 -7.32
C LEU A 1006 -23.19 56.09 -6.33
N GLY A 1007 -22.94 55.93 -5.04
CA GLY A 1007 -24.02 55.91 -4.05
C GLY A 1007 -24.97 54.69 -4.03
N LYS A 1008 -24.51 53.55 -4.57
CA LYS A 1008 -25.31 52.34 -4.60
C LYS A 1008 -24.94 51.44 -3.45
N LYS A 1009 -25.95 50.95 -2.76
CA LYS A 1009 -25.74 50.00 -1.70
C LYS A 1009 -25.29 48.69 -2.30
N THR A 1010 -24.34 48.01 -1.65
CA THR A 1010 -23.77 46.76 -2.11
C THR A 1010 -24.01 45.59 -1.11
N VAL A 1011 -24.10 44.36 -1.65
CA VAL A 1011 -24.15 43.16 -0.92
C VAL A 1011 -23.08 42.28 -1.56
N VAL A 1012 -22.05 41.91 -0.82
CA VAL A 1012 -21.00 41.04 -1.27
C VAL A 1012 -21.23 39.67 -0.74
N VAL A 1013 -21.11 38.64 -1.59
CA VAL A 1013 -21.15 37.25 -1.13
C VAL A 1013 -19.88 36.55 -1.58
N ASN A 1014 -19.17 35.96 -0.63
CA ASN A 1014 -17.99 35.16 -0.92
C ASN A 1014 -17.65 34.30 0.24
N CYS A 1015 -16.82 33.27 0.01
CA CYS A 1015 -16.55 32.28 1.02
C CYS A 1015 -15.06 31.96 1.11
N ASN A 1016 -14.23 32.84 0.58
CA ASN A 1016 -12.80 32.68 0.51
C ASN A 1016 -12.20 33.62 1.56
N PRO A 1017 -11.62 33.08 2.64
CA PRO A 1017 -11.08 33.94 3.72
C PRO A 1017 -9.74 34.62 3.44
N GLU A 1018 -9.14 34.35 2.29
CA GLU A 1018 -7.93 34.97 1.85
C GLU A 1018 -8.19 36.23 1.05
N THR A 1019 -9.44 36.66 0.84
CA THR A 1019 -9.72 37.77 -0.05
C THR A 1019 -9.75 39.06 0.72
N VAL A 1020 -9.27 40.12 0.09
CA VAL A 1020 -9.29 41.54 0.64
C VAL A 1020 -10.70 42.05 0.48
N SER A 1021 -11.37 41.71 -0.63
CA SER A 1021 -12.71 42.19 -0.93
C SER A 1021 -13.82 41.75 0.06
N THR A 1022 -13.57 40.77 0.91
CA THR A 1022 -14.54 40.43 1.93
C THR A 1022 -14.27 41.26 3.16
N ASP A 1023 -14.37 42.59 2.99
CA ASP A 1023 -14.01 43.60 4.00
C ASP A 1023 -15.32 44.31 4.27
N PHE A 1024 -15.89 44.10 5.45
CA PHE A 1024 -17.20 44.65 5.79
C PHE A 1024 -17.15 46.17 5.93
N ASP A 1025 -15.97 46.77 6.06
CA ASP A 1025 -15.85 48.24 5.95
C ASP A 1025 -15.94 48.80 4.53
N GLU A 1026 -15.90 47.97 3.47
CA GLU A 1026 -15.93 48.56 2.12
C GLU A 1026 -17.23 48.29 1.37
N CYS A 1027 -18.09 47.47 1.99
CA CYS A 1027 -19.39 47.18 1.43
C CYS A 1027 -20.43 47.34 2.50
N ASP A 1028 -21.68 47.44 2.08
CA ASP A 1028 -22.79 47.70 3.05
C ASP A 1028 -23.25 46.42 3.79
N LYS A 1029 -23.25 45.27 3.10
CA LYS A 1029 -23.56 43.96 3.68
C LYS A 1029 -22.61 42.92 3.13
N LEU A 1030 -21.94 42.24 4.01
CA LEU A 1030 -21.03 41.17 3.60
C LEU A 1030 -21.60 39.82 4.11
N TYR A 1031 -21.94 38.94 3.17
CA TYR A 1031 -22.41 37.59 3.52
C TYR A 1031 -21.24 36.67 3.22
N PHE A 1032 -20.73 36.05 4.26
CA PHE A 1032 -19.67 35.14 4.15
C PHE A 1032 -20.31 33.74 4.03
N GLU A 1033 -20.73 33.49 2.81
CA GLU A 1033 -21.70 32.41 2.46
C GLU A 1033 -21.38 31.61 1.23
N GLU A 1034 -22.11 30.51 1.06
CA GLU A 1034 -21.95 29.59 -0.03
C GLU A 1034 -22.46 30.22 -1.33
N LEU A 1035 -21.71 30.02 -2.39
CA LEU A 1035 -22.01 30.57 -3.67
C LEU A 1035 -22.76 29.54 -4.50
N SER A 1036 -23.84 29.01 -3.98
CA SER A 1036 -24.68 28.03 -4.70
C SER A 1036 -25.92 28.80 -5.18
N LEU A 1037 -26.64 28.18 -6.09
CA LEU A 1037 -27.94 28.74 -6.54
C LEU A 1037 -28.87 28.90 -5.32
N GLU A 1038 -28.95 27.86 -4.50
CA GLU A 1038 -29.85 27.85 -3.36
C GLU A 1038 -29.58 29.08 -2.44
N ARG A 1039 -28.31 29.25 -2.05
CA ARG A 1039 -27.97 30.26 -1.04
C ARG A 1039 -27.95 31.68 -1.58
N ILE A 1040 -27.51 31.82 -2.82
CA ILE A 1040 -27.63 33.09 -3.46
C ILE A 1040 -29.10 33.51 -3.65
N LEU A 1041 -29.97 32.62 -4.06
CA LEU A 1041 -31.41 32.94 -4.08
C LEU A 1041 -31.94 33.29 -2.68
N ASP A 1042 -31.48 32.56 -1.66
CA ASP A 1042 -31.93 32.90 -0.29
C ASP A 1042 -31.58 34.34 0.11
N ILE A 1043 -30.32 34.71 -0.14
CA ILE A 1043 -29.82 36.05 0.17
C ILE A 1043 -30.46 37.12 -0.76
N TYR A 1044 -30.42 36.89 -2.07
CA TYR A 1044 -31.04 37.87 -3.01
C TYR A 1044 -32.50 38.20 -2.72
N HIS A 1045 -33.29 37.18 -2.50
CA HIS A 1045 -34.73 37.35 -2.22
C HIS A 1045 -35.03 37.82 -0.84
N GLN A 1046 -34.23 37.42 0.16
CA GLN A 1046 -34.42 37.98 1.50
C GLN A 1046 -34.08 39.50 1.52
N GLU A 1047 -33.02 39.89 0.84
CA GLU A 1047 -32.61 41.32 0.78
C GLU A 1047 -33.52 42.09 -0.20
N ALA A 1048 -34.16 41.38 -1.11
CA ALA A 1048 -34.86 41.95 -2.27
C ALA A 1048 -33.90 42.91 -3.03
N CYS A 1049 -32.73 42.36 -3.36
CA CYS A 1049 -31.67 43.06 -4.07
C CYS A 1049 -32.25 43.62 -5.36
N GLY A 1050 -31.72 44.75 -5.77
CA GLY A 1050 -32.11 45.40 -7.05
C GLY A 1050 -31.40 44.77 -8.24
N GLY A 1051 -30.31 44.07 -8.03
CA GLY A 1051 -29.68 43.33 -9.13
C GLY A 1051 -28.50 42.49 -8.62
N CYS A 1052 -27.90 41.72 -9.53
CA CYS A 1052 -26.75 40.90 -9.22
C CYS A 1052 -25.73 41.00 -10.38
N ILE A 1053 -24.48 41.24 -10.03
CA ILE A 1053 -23.32 41.20 -10.93
C ILE A 1053 -22.61 39.87 -10.76
N ILE A 1054 -22.60 39.11 -11.83
CA ILE A 1054 -22.05 37.77 -11.87
C ILE A 1054 -20.80 37.72 -12.77
N SER A 1055 -20.37 38.88 -13.26
CA SER A 1055 -19.34 39.01 -14.30
C SER A 1055 -17.87 39.19 -13.83
N VAL A 1056 -17.63 39.35 -12.50
CA VAL A 1056 -16.36 39.78 -12.00
C VAL A 1056 -15.79 38.86 -10.98
N GLY A 1057 -16.28 37.62 -10.93
CA GLY A 1057 -15.76 36.66 -9.98
C GLY A 1057 -15.30 35.34 -10.54
N GLY A 1058 -14.86 35.33 -11.78
CA GLY A 1058 -14.47 34.11 -12.46
C GLY A 1058 -15.61 33.20 -12.82
N GLN A 1059 -15.32 31.93 -12.93
CA GLN A 1059 -16.29 30.99 -13.51
C GLN A 1059 -17.42 30.63 -12.56
N ILE A 1060 -17.13 30.52 -11.29
CA ILE A 1060 -18.18 30.07 -10.33
C ILE A 1060 -19.46 30.90 -10.53
N PRO A 1061 -19.40 32.23 -10.33
CA PRO A 1061 -20.61 33.03 -10.45
C PRO A 1061 -21.19 33.04 -11.82
N ASN A 1062 -20.31 33.08 -12.83
CA ASN A 1062 -20.79 33.19 -14.17
C ASN A 1062 -21.61 31.95 -14.58
N ASN A 1063 -21.23 30.76 -14.13
CA ASN A 1063 -21.97 29.53 -14.41
C ASN A 1063 -23.38 29.47 -13.77
N LEU A 1064 -23.67 30.36 -12.83
CA LEU A 1064 -25.02 30.48 -12.25
C LEU A 1064 -25.92 31.46 -12.99
N ALA A 1065 -25.45 32.08 -14.08
CA ALA A 1065 -26.21 33.12 -14.76
C ALA A 1065 -27.63 32.73 -15.13
N VAL A 1066 -27.71 31.63 -15.83
CA VAL A 1066 -28.99 31.16 -16.36
C VAL A 1066 -29.95 30.63 -15.20
N PRO A 1067 -29.45 29.77 -14.32
CA PRO A 1067 -30.31 29.38 -13.18
C PRO A 1067 -30.78 30.54 -12.31
N LEU A 1068 -29.91 31.52 -11.98
CA LEU A 1068 -30.39 32.74 -11.29
C LEU A 1068 -31.48 33.45 -12.09
N TYR A 1069 -31.23 33.62 -13.36
CA TYR A 1069 -32.14 34.35 -14.26
C TYR A 1069 -33.53 33.67 -14.32
N LYS A 1070 -33.55 32.35 -14.36
CA LYS A 1070 -34.79 31.59 -14.34
C LYS A 1070 -35.49 31.58 -12.96
N ASN A 1071 -34.84 32.10 -11.92
CA ASN A 1071 -35.39 32.11 -10.54
C ASN A 1071 -35.53 33.52 -10.00
N GLY A 1072 -35.82 34.46 -10.88
CA GLY A 1072 -36.19 35.83 -10.52
C GLY A 1072 -35.06 36.81 -10.23
N VAL A 1073 -33.82 36.49 -10.60
CA VAL A 1073 -32.76 37.40 -10.30
C VAL A 1073 -32.56 38.28 -11.52
N LYS A 1074 -32.45 39.59 -11.28
CA LYS A 1074 -32.05 40.51 -12.30
C LYS A 1074 -30.51 40.49 -12.41
N ILE A 1075 -30.03 39.94 -13.50
CA ILE A 1075 -28.63 39.96 -13.83
C ILE A 1075 -28.28 41.22 -14.57
N MET A 1076 -27.27 41.93 -14.08
CA MET A 1076 -26.85 43.20 -14.67
C MET A 1076 -25.91 42.92 -15.83
N GLY A 1077 -26.07 43.72 -16.88
CA GLY A 1077 -25.25 43.59 -18.09
C GLY A 1077 -25.71 42.60 -19.10
N THR A 1078 -24.77 41.89 -19.73
CA THR A 1078 -25.07 40.98 -20.81
C THR A 1078 -26.08 39.92 -20.35
N SER A 1079 -27.14 39.74 -21.14
CA SER A 1079 -28.18 38.73 -20.85
C SER A 1079 -27.61 37.36 -20.61
N PRO A 1080 -28.06 36.70 -19.54
CA PRO A 1080 -27.65 35.30 -19.33
C PRO A 1080 -27.96 34.37 -20.50
N LEU A 1081 -29.01 34.68 -21.26
CA LEU A 1081 -29.31 33.93 -22.49
C LEU A 1081 -28.13 34.03 -23.46
N GLN A 1082 -27.48 35.20 -23.52
CA GLN A 1082 -26.33 35.38 -24.44
C GLN A 1082 -25.08 34.70 -23.92
N ILE A 1083 -24.91 34.72 -22.62
CA ILE A 1083 -23.77 34.08 -21.99
C ILE A 1083 -23.84 32.60 -22.29
N ASP A 1084 -25.04 32.07 -22.14
CA ASP A 1084 -25.31 30.67 -22.45
C ASP A 1084 -24.99 30.37 -23.93
N ARG A 1085 -25.47 31.19 -24.87
CA ARG A 1085 -25.14 30.93 -26.31
C ARG A 1085 -23.64 30.95 -26.49
N ALA A 1086 -22.96 31.97 -25.95
CA ALA A 1086 -21.53 32.10 -26.20
C ALA A 1086 -20.71 31.01 -25.59
N GLU A 1087 -21.17 30.43 -24.50
CA GLU A 1087 -20.31 29.47 -23.84
C GLU A 1087 -20.71 28.01 -24.21
N ASP A 1088 -21.78 27.83 -25.04
CA ASP A 1088 -22.14 26.56 -25.71
C ASP A 1088 -21.33 26.46 -27.04
N ARG A 1089 -20.46 25.44 -27.11
CA ARG A 1089 -19.49 25.29 -28.15
C ARG A 1089 -20.22 25.26 -29.51
N SER A 1090 -21.29 24.44 -29.62
CA SER A 1090 -22.02 24.23 -30.89
C SER A 1090 -22.67 25.53 -31.40
N ILE A 1091 -23.30 26.24 -30.50
CA ILE A 1091 -23.94 27.52 -30.81
C ILE A 1091 -22.94 28.63 -31.18
N PHE A 1092 -21.89 28.71 -30.40
CA PHE A 1092 -20.88 29.72 -30.56
C PHE A 1092 -20.21 29.47 -31.91
N SER A 1093 -19.84 28.20 -32.15
CA SER A 1093 -19.18 27.86 -33.42
C SER A 1093 -20.05 28.16 -34.68
N ALA A 1094 -21.35 27.91 -34.59
CA ALA A 1094 -22.23 28.20 -35.71
C ALA A 1094 -22.40 29.71 -35.87
N VAL A 1095 -22.45 30.44 -34.75
CA VAL A 1095 -22.39 31.92 -34.84
C VAL A 1095 -21.12 32.39 -35.56
N LEU A 1096 -19.97 31.86 -35.16
CA LEU A 1096 -18.68 32.24 -35.87
C LEU A 1096 -18.70 31.87 -37.35
N ASP A 1097 -19.23 30.69 -37.68
CA ASP A 1097 -19.34 30.26 -39.11
C ASP A 1097 -20.16 31.32 -39.90
N GLU A 1098 -21.27 31.77 -39.32
CA GLU A 1098 -22.17 32.70 -40.02
C GLU A 1098 -21.46 34.05 -40.18
N LEU A 1099 -20.69 34.48 -39.16
CA LEU A 1099 -19.97 35.74 -39.26
C LEU A 1099 -18.68 35.71 -40.12
N LYS A 1100 -18.32 34.54 -40.64
CA LYS A 1100 -17.06 34.27 -41.31
C LYS A 1100 -15.78 34.49 -40.48
N VAL A 1101 -15.83 34.16 -39.20
CA VAL A 1101 -14.70 34.21 -38.30
C VAL A 1101 -14.15 32.81 -38.16
N ALA A 1102 -12.87 32.63 -38.46
CA ALA A 1102 -12.26 31.33 -38.42
C ALA A 1102 -12.06 30.78 -37.00
N GLN A 1103 -12.01 29.46 -36.90
CA GLN A 1103 -11.77 28.68 -35.69
C GLN A 1103 -11.10 27.37 -36.15
N ALA A 1104 -10.36 26.68 -35.32
CA ALA A 1104 -9.78 25.38 -35.67
C ALA A 1104 -10.86 24.29 -35.77
N PRO A 1105 -10.72 23.36 -36.73
CA PRO A 1105 -11.71 22.26 -36.82
C PRO A 1105 -11.90 21.54 -35.48
N TRP A 1106 -13.16 21.14 -35.18
CA TRP A 1106 -13.47 20.45 -33.90
C TRP A 1106 -14.70 19.55 -34.03
N LYS A 1107 -14.80 18.56 -33.11
CA LYS A 1107 -15.94 17.63 -32.99
C LYS A 1107 -16.17 17.22 -31.54
N ALA A 1108 -17.45 17.20 -31.14
CA ALA A 1108 -17.89 16.47 -29.93
C ALA A 1108 -18.08 15.04 -30.40
N VAL A 1109 -17.43 14.09 -29.74
CA VAL A 1109 -17.52 12.65 -30.15
C VAL A 1109 -18.15 11.75 -29.05
N ASN A 1110 -19.04 10.84 -29.48
CA ASN A 1110 -19.65 9.83 -28.59
C ASN A 1110 -18.78 8.58 -28.58
N THR A 1111 -18.51 8.05 -29.76
CA THR A 1111 -17.95 6.71 -29.94
C THR A 1111 -16.38 6.79 -30.06
N LEU A 1112 -15.70 5.65 -29.98
CA LEU A 1112 -14.22 5.57 -30.09
C LEU A 1112 -13.77 5.61 -31.56
N ASN A 1113 -14.55 4.96 -32.41
CA ASN A 1113 -14.50 5.06 -33.88
C ASN A 1113 -14.84 6.48 -34.45
N GLU A 1114 -15.48 7.36 -33.67
CA GLU A 1114 -15.78 8.74 -34.10
C GLU A 1114 -14.54 9.56 -33.84
N ALA A 1115 -14.04 9.49 -32.59
CA ALA A 1115 -12.80 10.14 -32.15
C ALA A 1115 -11.58 9.86 -33.05
N LEU A 1116 -11.44 8.61 -33.49
CA LEU A 1116 -10.34 8.19 -34.36
C LEU A 1116 -10.47 8.75 -35.79
N GLU A 1117 -11.70 8.72 -36.32
CA GLU A 1117 -12.00 9.22 -37.67
C GLU A 1117 -11.82 10.73 -37.79
N PHE A 1118 -12.06 11.46 -36.70
CA PHE A 1118 -11.83 12.91 -36.67
C PHE A 1118 -10.32 13.24 -36.56
N ALA A 1119 -9.61 12.58 -35.63
CA ALA A 1119 -8.16 12.72 -35.50
C ALA A 1119 -7.40 12.53 -36.84
N LYS A 1120 -7.88 11.60 -37.66
CA LYS A 1120 -7.32 11.38 -39.00
C LYS A 1120 -7.82 12.40 -40.07
N SER A 1121 -9.03 12.92 -39.92
CA SER A 1121 -9.59 13.86 -40.92
C SER A 1121 -8.83 15.20 -41.04
N VAL A 1122 -8.08 15.57 -40.01
CA VAL A 1122 -7.34 16.85 -39.97
C VAL A 1122 -5.90 16.72 -39.39
N ASP A 1123 -5.33 15.51 -39.43
CA ASP A 1123 -3.95 15.22 -38.96
C ASP A 1123 -3.75 15.37 -37.43
N TYR A 1124 -2.87 14.53 -36.87
CA TYR A 1124 -2.45 14.66 -35.45
C TYR A 1124 -1.58 15.92 -35.23
N PRO A 1125 -1.41 16.35 -33.97
CA PRO A 1125 -2.22 15.89 -32.81
C PRO A 1125 -3.67 16.45 -32.79
N CYS A 1126 -4.39 16.24 -31.68
CA CYS A 1126 -5.69 16.87 -31.42
C CYS A 1126 -5.79 17.08 -29.92
N LEU A 1127 -6.57 18.08 -29.49
CA LEU A 1127 -6.89 18.30 -28.06
C LEU A 1127 -8.24 17.64 -27.66
N LEU A 1128 -8.25 17.01 -26.47
CA LEU A 1128 -9.45 16.42 -25.87
C LEU A 1128 -9.81 17.15 -24.57
N ARG A 1129 -11.09 17.21 -24.25
CA ARG A 1129 -11.55 17.80 -22.98
C ARG A 1129 -12.98 17.37 -22.64
N PRO A 1130 -13.33 17.29 -21.32
CA PRO A 1130 -14.68 16.78 -20.94
C PRO A 1130 -15.86 17.69 -21.32
N PRO A 1163 -19.11 11.45 -23.97
CA PRO A 1163 -19.31 12.73 -24.71
C PRO A 1163 -18.08 13.70 -24.62
N VAL A 1164 -17.11 13.57 -25.54
CA VAL A 1164 -15.79 14.29 -25.47
C VAL A 1164 -15.43 15.18 -26.71
N VAL A 1165 -14.85 16.35 -26.44
CA VAL A 1165 -14.61 17.41 -27.46
C VAL A 1165 -13.19 17.36 -28.06
N LEU A 1166 -13.12 16.97 -29.32
CA LEU A 1166 -11.86 16.94 -30.08
C LEU A 1166 -11.65 18.23 -30.88
N THR A 1167 -10.47 18.86 -30.76
CA THR A 1167 -10.03 19.97 -31.65
C THR A 1167 -8.65 19.73 -32.28
N LYS A 1168 -8.53 20.02 -33.56
CA LYS A 1168 -7.23 20.05 -34.23
C LYS A 1168 -6.26 20.95 -33.44
N PHE A 1169 -5.08 20.42 -33.12
CA PHE A 1169 -4.04 21.23 -32.44
C PHE A 1169 -3.12 21.90 -33.48
N VAL A 1170 -3.05 23.23 -33.48
CA VAL A 1170 -2.22 23.95 -34.44
C VAL A 1170 -0.82 24.17 -33.83
N GLU A 1171 0.23 23.74 -34.52
CA GLU A 1171 1.58 23.73 -33.94
C GLU A 1171 2.35 24.95 -34.31
N GLY A 1172 3.19 25.41 -33.39
CA GLY A 1172 4.01 26.59 -33.59
C GLY A 1172 3.20 27.87 -33.76
N ALA A 1173 2.02 27.95 -33.16
CA ALA A 1173 1.22 29.17 -33.28
C ALA A 1173 1.48 30.07 -32.06
N ARG A 1174 1.16 31.34 -32.20
CA ARG A 1174 1.14 32.31 -31.11
C ARG A 1174 -0.27 32.30 -30.55
N GLU A 1175 -0.40 32.78 -29.34
CA GLU A 1175 -1.70 32.99 -28.74
C GLU A 1175 -1.83 34.41 -28.25
N VAL A 1176 -3.00 34.97 -28.44
CA VAL A 1176 -3.29 36.36 -28.07
C VAL A 1176 -4.57 36.38 -27.24
N GLU A 1177 -4.61 37.23 -26.23
CA GLU A 1177 -5.75 37.45 -25.38
C GLU A 1177 -6.35 38.77 -25.81
N MET A 1178 -7.67 38.83 -26.04
CA MET A 1178 -8.37 40.10 -26.18
C MET A 1178 -9.23 40.29 -24.88
N ASP A 1179 -8.95 41.34 -24.07
CA ASP A 1179 -9.81 41.72 -22.94
C ASP A 1179 -10.53 43.00 -23.33
N ALA A 1180 -11.83 43.07 -23.06
CA ALA A 1180 -12.65 44.08 -23.63
C ALA A 1180 -13.88 44.33 -22.82
N VAL A 1181 -14.48 45.47 -23.09
CA VAL A 1181 -15.71 45.87 -22.41
C VAL A 1181 -16.61 46.25 -23.59
N GLY A 1182 -17.80 45.63 -23.60
CA GLY A 1182 -18.84 46.02 -24.56
C GLY A 1182 -19.90 46.88 -23.88
N LYS A 1183 -20.57 47.68 -24.70
CA LYS A 1183 -21.74 48.44 -24.32
C LYS A 1183 -22.72 48.39 -25.46
N ASP A 1184 -23.90 47.80 -25.21
CA ASP A 1184 -24.91 47.55 -26.26
C ASP A 1184 -24.32 46.93 -27.52
N GLY A 1185 -23.42 45.95 -27.38
CA GLY A 1185 -22.79 45.32 -28.48
C GLY A 1185 -21.61 45.99 -29.19
N ARG A 1186 -21.11 47.12 -28.67
CA ARG A 1186 -20.03 47.95 -29.27
C ARG A 1186 -18.87 47.77 -28.33
N VAL A 1187 -17.70 47.56 -28.86
CA VAL A 1187 -16.53 47.44 -28.02
C VAL A 1187 -16.06 48.85 -27.57
N ILE A 1188 -16.08 49.18 -26.29
CA ILE A 1188 -15.69 50.49 -25.85
C ILE A 1188 -14.38 50.49 -25.11
N SER A 1189 -13.78 49.34 -24.80
CA SER A 1189 -12.42 49.32 -24.23
C SER A 1189 -11.87 47.97 -24.63
N HIS A 1190 -10.61 47.94 -25.03
CA HIS A 1190 -9.96 46.65 -25.38
C HIS A 1190 -8.44 46.69 -25.14
N ALA A 1191 -7.83 45.53 -24.94
CA ALA A 1191 -6.38 45.41 -24.83
C ALA A 1191 -5.99 44.05 -25.36
N ILE A 1192 -5.03 44.02 -26.29
CA ILE A 1192 -4.57 42.83 -26.87
C ILE A 1192 -3.17 42.50 -26.27
N SER A 1193 -3.04 41.32 -25.69
CA SER A 1193 -1.83 40.84 -25.08
C SER A 1193 -1.37 39.65 -25.81
N GLU A 1194 -0.09 39.36 -25.77
CA GLU A 1194 0.45 38.25 -26.47
C GLU A 1194 1.14 37.29 -25.49
N HIS A 1195 0.85 35.99 -25.58
CA HIS A 1195 1.53 35.03 -24.78
C HIS A 1195 2.99 34.92 -25.20
N VAL A 1196 3.88 34.73 -24.21
CA VAL A 1196 5.24 34.47 -24.53
C VAL A 1196 5.32 33.08 -25.20
N GLU A 1197 4.73 32.13 -24.53
CA GLU A 1197 4.75 30.75 -24.93
C GLU A 1197 3.85 30.53 -26.19
N ASP A 1198 4.34 29.67 -27.09
CA ASP A 1198 3.50 29.15 -28.19
C ASP A 1198 2.17 28.57 -27.66
N ALA A 1199 1.13 28.67 -28.48
CA ALA A 1199 -0.14 28.06 -28.10
C ALA A 1199 0.02 26.56 -27.80
N GLY A 1200 -0.53 26.10 -26.69
CA GLY A 1200 -0.23 24.75 -26.19
C GLY A 1200 -1.41 24.21 -25.43
N VAL A 1201 -1.18 23.33 -24.45
CA VAL A 1201 -2.28 22.82 -23.55
C VAL A 1201 -2.48 23.73 -22.30
N HIS A 1202 -1.52 24.63 -22.09
CA HIS A 1202 -1.46 25.51 -20.93
C HIS A 1202 -1.92 26.93 -21.36
N SER A 1203 -2.91 27.47 -20.67
CA SER A 1203 -3.42 28.82 -20.93
C SER A 1203 -4.15 29.30 -19.67
N GLY A 1204 -3.61 30.33 -19.03
CA GLY A 1204 -3.83 30.56 -17.60
C GLY A 1204 -2.62 30.13 -16.80
N ASP A 1205 -1.67 29.45 -17.46
CA ASP A 1205 -0.24 29.33 -17.04
C ASP A 1205 0.65 30.39 -17.77
N ALA A 1206 0.14 30.99 -18.86
CA ALA A 1206 0.96 31.74 -19.79
C ALA A 1206 1.38 33.10 -19.25
N THR A 1207 2.55 33.53 -19.68
CA THR A 1207 3.08 34.84 -19.40
C THR A 1207 2.64 35.79 -20.53
N LEU A 1208 2.07 36.96 -20.17
CA LEU A 1208 1.48 37.87 -21.12
C LEU A 1208 2.38 39.10 -21.35
N MET A 1209 2.42 39.64 -22.58
CA MET A 1209 3.18 40.81 -22.92
C MET A 1209 2.14 41.78 -23.49
N LEU A 1210 2.16 43.03 -23.06
CA LEU A 1210 1.27 44.00 -23.54
C LEU A 1210 2.06 45.26 -23.74
N PRO A 1211 2.05 45.85 -24.93
CA PRO A 1211 1.39 45.39 -26.11
C PRO A 1211 2.13 44.24 -26.85
N THR A 1212 1.62 43.84 -28.03
CA THR A 1212 2.14 42.64 -28.72
C THR A 1212 3.54 42.94 -29.24
N GLN A 1213 4.35 41.90 -29.30
CA GLN A 1213 5.70 41.97 -29.68
C GLN A 1213 5.99 41.35 -31.04
N THR A 1214 5.41 40.18 -31.33
CA THR A 1214 5.72 39.45 -32.56
C THR A 1214 4.44 38.98 -33.30
N ILE A 1215 3.42 39.82 -33.30
CA ILE A 1215 2.20 39.56 -34.02
C ILE A 1215 2.16 40.53 -35.22
N SER A 1216 1.75 39.99 -36.36
CA SER A 1216 1.65 40.82 -37.58
C SER A 1216 0.58 41.86 -37.48
N GLN A 1217 0.80 42.98 -38.18
CA GLN A 1217 -0.23 44.01 -38.16
C GLN A 1217 -1.61 43.53 -38.71
N GLY A 1218 -1.57 42.67 -39.75
CA GLY A 1218 -2.80 42.11 -40.34
C GLY A 1218 -3.52 41.24 -39.34
N ALA A 1219 -2.78 40.39 -38.63
CA ALA A 1219 -3.41 39.57 -37.57
C ALA A 1219 -4.09 40.46 -36.53
N ILE A 1220 -3.45 41.55 -36.10
CA ILE A 1220 -4.08 42.46 -35.19
C ILE A 1220 -5.40 42.95 -35.72
N GLU A 1221 -5.45 43.35 -36.98
CA GLU A 1221 -6.72 43.86 -37.56
C GLU A 1221 -7.81 42.77 -37.55
N LYS A 1222 -7.43 41.53 -37.81
CA LYS A 1222 -8.39 40.41 -37.82
C LYS A 1222 -8.89 40.14 -36.39
N VAL A 1223 -8.00 40.23 -35.40
CA VAL A 1223 -8.39 40.10 -33.98
C VAL A 1223 -9.42 41.13 -33.60
N LYS A 1224 -9.15 42.38 -34.01
CA LYS A 1224 -10.11 43.41 -33.75
C LYS A 1224 -11.41 43.25 -34.46
N ASP A 1225 -11.36 42.87 -35.74
CA ASP A 1225 -12.60 42.68 -36.51
C ASP A 1225 -13.49 41.52 -35.93
N ALA A 1226 -12.84 40.44 -35.53
CA ALA A 1226 -13.52 39.33 -34.93
C ALA A 1226 -14.17 39.73 -33.61
N THR A 1227 -13.50 40.58 -32.82
CA THR A 1227 -13.94 41.02 -31.56
C THR A 1227 -15.18 41.91 -31.74
N ARG A 1228 -15.16 42.73 -32.74
CA ARG A 1228 -16.27 43.62 -33.07
C ARG A 1228 -17.53 42.78 -33.43
N LYS A 1229 -17.32 41.75 -34.19
CA LYS A 1229 -18.40 40.86 -34.64
C LYS A 1229 -19.01 40.08 -33.44
N ILE A 1230 -18.15 39.53 -32.58
CA ILE A 1230 -18.57 38.75 -31.42
C ILE A 1230 -19.36 39.63 -30.44
N ALA A 1231 -18.88 40.82 -30.15
CA ALA A 1231 -19.59 41.69 -29.27
C ALA A 1231 -21.00 42.06 -29.75
N LYS A 1232 -21.14 42.34 -31.04
CA LYS A 1232 -22.44 42.56 -31.63
C LYS A 1232 -23.34 41.29 -31.61
N ALA A 1233 -22.78 40.14 -31.98
CA ALA A 1233 -23.49 38.91 -32.09
C ALA A 1233 -24.03 38.43 -30.72
N PHE A 1234 -23.37 38.78 -29.62
CA PHE A 1234 -23.83 38.40 -28.26
C PHE A 1234 -24.38 39.56 -27.45
N ALA A 1235 -24.61 40.69 -28.12
CA ALA A 1235 -25.17 41.90 -27.50
C ALA A 1235 -24.48 42.21 -26.16
N ILE A 1236 -23.15 42.31 -26.21
CA ILE A 1236 -22.39 42.41 -24.96
C ILE A 1236 -22.49 43.81 -24.29
N SER A 1237 -22.84 43.79 -23.01
CA SER A 1237 -22.83 44.92 -22.16
C SER A 1237 -22.16 44.51 -20.88
N GLY A 1238 -20.86 44.68 -20.82
CA GLY A 1238 -20.07 44.29 -19.69
C GLY A 1238 -18.73 43.73 -20.18
N PRO A 1239 -18.00 43.11 -19.25
CA PRO A 1239 -16.71 42.56 -19.56
C PRO A 1239 -16.70 41.27 -20.40
N PHE A 1240 -15.67 41.07 -21.25
CA PHE A 1240 -15.53 39.79 -21.94
C PHE A 1240 -14.10 39.60 -22.39
N ASN A 1241 -13.80 38.38 -22.77
CA ASN A 1241 -12.43 38.01 -23.19
C ASN A 1241 -12.60 37.03 -24.35
N VAL A 1242 -11.69 37.10 -25.33
CA VAL A 1242 -11.64 36.16 -26.41
C VAL A 1242 -10.21 35.78 -26.55
N GLN A 1243 -9.97 34.50 -26.75
CA GLN A 1243 -8.63 34.03 -26.97
C GLN A 1243 -8.46 33.57 -28.38
N PHE A 1244 -7.33 33.90 -28.96
CA PHE A 1244 -7.07 33.64 -30.34
C PHE A 1244 -5.77 32.88 -30.54
N LEU A 1245 -5.74 32.04 -31.57
CA LEU A 1245 -4.50 31.44 -32.11
C LEU A 1245 -4.10 32.29 -33.30
N VAL A 1246 -2.81 32.64 -33.41
CA VAL A 1246 -2.33 33.41 -34.54
C VAL A 1246 -1.12 32.71 -35.15
N LYS A 1247 -1.13 32.54 -36.48
CA LYS A 1247 0.01 31.95 -37.18
C LYS A 1247 0.20 32.72 -38.47
N GLY A 1248 1.18 33.64 -38.45
CA GLY A 1248 1.32 34.60 -39.56
C GLY A 1248 0.13 35.53 -39.64
N ASN A 1249 -0.62 35.43 -40.72
CA ASN A 1249 -1.88 36.15 -40.86
C ASN A 1249 -3.13 35.30 -40.58
N ASP A 1250 -2.99 34.04 -40.21
CA ASP A 1250 -4.18 33.21 -39.91
C ASP A 1250 -4.60 33.45 -38.45
N VAL A 1251 -5.82 33.88 -38.23
CA VAL A 1251 -6.31 34.19 -36.88
C VAL A 1251 -7.52 33.28 -36.62
N LEU A 1252 -7.50 32.47 -35.56
CA LEU A 1252 -8.53 31.45 -35.24
C LEU A 1252 -9.04 31.74 -33.85
N VAL A 1253 -10.35 31.82 -33.68
CA VAL A 1253 -10.86 31.98 -32.30
C VAL A 1253 -10.76 30.66 -31.56
N ILE A 1254 -10.19 30.67 -30.36
CA ILE A 1254 -10.10 29.47 -29.48
C ILE A 1254 -11.38 29.43 -28.62
N GLU A 1255 -11.73 30.53 -27.97
CA GLU A 1255 -12.94 30.59 -27.15
C GLU A 1255 -13.22 31.98 -26.66
N CYS A 1256 -14.41 32.19 -26.13
CA CYS A 1256 -14.84 33.46 -25.64
C CYS A 1256 -15.33 33.17 -24.21
N ASN A 1257 -15.06 34.05 -23.28
CA ASN A 1257 -15.54 33.93 -21.85
C ASN A 1257 -16.23 35.23 -21.73
N LEU A 1258 -17.52 35.20 -21.54
CA LEU A 1258 -18.30 36.39 -21.45
C LEU A 1258 -18.35 36.85 -19.97
N ARG A 1259 -17.17 37.25 -19.49
CA ARG A 1259 -16.99 37.73 -18.16
C ARG A 1259 -15.55 38.35 -18.11
N ALA A 1260 -15.24 38.99 -16.99
CA ALA A 1260 -13.88 39.51 -16.79
C ALA A 1260 -12.97 38.32 -16.74
N SER A 1261 -11.78 38.51 -17.27
CA SER A 1261 -10.69 37.49 -17.18
C SER A 1261 -9.64 37.90 -16.10
N ARG A 1262 -8.72 37.00 -15.84
CA ARG A 1262 -7.70 37.24 -14.87
C ARG A 1262 -6.71 38.34 -15.30
N SER A 1263 -6.71 38.72 -16.60
CA SER A 1263 -5.83 39.74 -17.03
C SER A 1263 -6.43 41.13 -16.99
N PHE A 1264 -7.66 41.27 -16.50
CA PHE A 1264 -8.29 42.59 -16.38
C PHE A 1264 -7.45 43.60 -15.50
N PRO A 1265 -6.94 43.15 -14.32
CA PRO A 1265 -6.10 44.08 -13.53
C PRO A 1265 -4.88 44.58 -14.27
N PHE A 1266 -4.16 43.64 -14.84
CA PHE A 1266 -2.97 43.85 -15.64
C PHE A 1266 -3.18 44.83 -16.74
N VAL A 1267 -4.23 44.63 -17.50
CA VAL A 1267 -4.41 45.52 -18.68
C VAL A 1267 -4.87 46.89 -18.21
N SER A 1268 -5.65 46.93 -17.13
CA SER A 1268 -6.13 48.19 -16.54
C SER A 1268 -4.99 49.10 -16.08
N LYS A 1269 -4.06 48.53 -15.33
CA LYS A 1269 -2.93 49.28 -14.78
C LYS A 1269 -2.01 49.61 -15.95
N THR A 1270 -1.87 48.72 -16.93
CA THR A 1270 -0.93 48.97 -18.04
C THR A 1270 -1.44 50.17 -18.90
N LEU A 1271 -2.72 50.22 -19.14
CA LEU A 1271 -3.27 51.28 -19.96
C LEU A 1271 -3.76 52.49 -19.21
N GLY A 1272 -3.80 52.46 -17.88
CA GLY A 1272 -4.25 53.63 -17.10
C GLY A 1272 -5.76 53.79 -17.09
N VAL A 1273 -6.53 52.71 -17.33
CA VAL A 1273 -7.98 52.78 -17.38
C VAL A 1273 -8.52 51.53 -16.66
N ASP A 1274 -9.38 51.71 -15.68
CA ASP A 1274 -9.86 50.63 -14.90
C ASP A 1274 -11.04 49.96 -15.68
N PHE A 1275 -10.71 48.82 -16.29
CA PHE A 1275 -11.69 48.10 -17.18
C PHE A 1275 -12.86 47.62 -16.39
N ILE A 1276 -12.65 47.32 -15.11
CA ILE A 1276 -13.71 46.84 -14.26
C ILE A 1276 -14.63 47.97 -13.88
N ASP A 1277 -14.06 49.12 -13.56
CA ASP A 1277 -14.84 50.37 -13.36
C ASP A 1277 -15.74 50.67 -14.55
N VAL A 1278 -15.18 50.69 -15.76
CA VAL A 1278 -15.92 50.94 -16.97
C VAL A 1278 -17.03 49.91 -17.18
N ALA A 1279 -16.70 48.62 -17.01
CA ALA A 1279 -17.67 47.54 -17.16
C ALA A 1279 -18.84 47.61 -16.14
N THR A 1280 -18.50 47.91 -14.89
CA THR A 1280 -19.50 48.04 -13.81
C THR A 1280 -20.47 49.16 -14.14
N LYS A 1281 -19.90 50.29 -14.58
CA LYS A 1281 -20.73 51.43 -15.07
C LYS A 1281 -21.70 51.02 -16.19
N VAL A 1282 -21.17 50.32 -17.17
CA VAL A 1282 -21.97 49.90 -18.29
C VAL A 1282 -23.05 48.99 -17.78
N MET A 1283 -22.71 48.00 -16.96
CA MET A 1283 -23.71 46.99 -16.52
C MET A 1283 -24.85 47.63 -15.70
N ILE A 1284 -24.57 48.71 -14.98
CA ILE A 1284 -25.65 49.35 -14.19
C ILE A 1284 -26.33 50.51 -14.90
N GLY A 1285 -25.94 50.82 -16.12
CA GLY A 1285 -26.55 51.90 -16.88
C GLY A 1285 -26.00 53.28 -16.57
N GLU A 1286 -24.80 53.39 -16.01
CA GLU A 1286 -24.21 54.69 -15.73
C GLU A 1286 -23.45 55.15 -17.00
N ASN A 1287 -23.57 56.43 -17.36
CA ASN A 1287 -22.91 56.84 -18.60
C ASN A 1287 -21.40 56.84 -18.51
N VAL A 1288 -20.78 56.64 -19.65
CA VAL A 1288 -19.37 56.47 -19.70
C VAL A 1288 -18.97 57.37 -20.86
N ASP A 1289 -17.98 58.24 -20.67
CA ASP A 1289 -17.40 58.97 -21.81
C ASP A 1289 -16.34 58.14 -22.52
N GLU A 1290 -16.56 57.89 -23.79
CA GLU A 1290 -15.73 57.00 -24.57
C GLU A 1290 -14.57 57.70 -25.23
N LYS A 1291 -14.55 59.04 -25.19
CA LYS A 1291 -13.51 59.82 -25.91
C LYS A 1291 -12.09 59.37 -25.58
N HIS A 1292 -11.81 59.09 -24.32
CA HIS A 1292 -10.46 58.69 -23.89
C HIS A 1292 -10.29 57.18 -23.66
N LEU A 1293 -11.30 56.37 -23.98
CA LEU A 1293 -11.22 54.89 -23.75
C LEU A 1293 -10.49 54.22 -24.87
N PRO A 1294 -9.87 53.04 -24.62
CA PRO A 1294 -9.25 52.34 -25.73
C PRO A 1294 -10.29 51.59 -26.55
N THR A 1295 -11.04 52.31 -27.40
CA THR A 1295 -11.97 51.68 -28.35
C THR A 1295 -11.23 51.02 -29.47
N LEU A 1296 -11.94 50.24 -30.28
CA LEU A 1296 -11.29 49.60 -31.45
C LEU A 1296 -10.74 50.61 -32.46
N ASP A 1297 -11.41 51.75 -32.58
CA ASP A 1297 -10.95 52.79 -33.54
C ASP A 1297 -9.80 53.63 -32.99
N HIS A 1298 -9.65 53.67 -31.66
CA HIS A 1298 -8.55 54.42 -31.02
C HIS A 1298 -7.97 53.66 -29.78
N PRO A 1299 -7.15 52.64 -30.05
CA PRO A 1299 -6.52 51.84 -29.04
C PRO A 1299 -5.56 52.64 -28.21
N ILE A 1300 -5.17 52.12 -27.01
CA ILE A 1300 -4.13 52.73 -26.25
C ILE A 1300 -3.05 51.69 -26.32
N ILE A 1301 -1.98 52.09 -26.98
CA ILE A 1301 -0.81 51.27 -27.18
C ILE A 1301 0.36 51.98 -26.44
N PRO A 1302 0.79 51.45 -25.28
CA PRO A 1302 2.02 52.00 -24.77
C PRO A 1302 3.20 51.98 -25.82
N ALA A 1303 3.94 53.10 -25.83
CA ALA A 1303 5.12 53.28 -26.71
C ALA A 1303 6.43 53.11 -25.92
N ASP A 1304 6.49 53.76 -24.78
CA ASP A 1304 7.73 53.90 -23.97
C ASP A 1304 7.99 52.79 -22.99
N TYR A 1305 7.02 51.88 -22.81
CA TYR A 1305 7.17 50.75 -21.96
C TYR A 1305 6.36 49.56 -22.44
N VAL A 1306 6.76 48.39 -21.98
CA VAL A 1306 6.00 47.12 -22.13
C VAL A 1306 5.70 46.56 -20.71
N ALA A 1307 4.57 45.87 -20.56
CA ALA A 1307 4.18 45.22 -19.35
C ALA A 1307 4.23 43.73 -19.52
N ILE A 1308 4.58 43.03 -18.46
CA ILE A 1308 4.59 41.61 -18.47
C ILE A 1308 3.80 41.09 -17.26
N LYS A 1309 3.10 39.98 -17.44
CA LYS A 1309 2.32 39.36 -16.35
C LYS A 1309 2.77 37.90 -16.33
N ALA A 1310 3.31 37.45 -15.21
CA ALA A 1310 3.82 36.14 -15.04
C ALA A 1310 3.33 35.56 -13.71
N PRO A 1311 3.32 34.22 -13.58
CA PRO A 1311 2.98 33.58 -12.30
C PRO A 1311 3.96 33.92 -11.17
N MET A 1312 3.48 34.01 -9.93
CA MET A 1312 4.33 34.28 -8.79
C MET A 1312 5.05 32.96 -8.42
N PHE A 1313 4.37 31.83 -8.54
CA PHE A 1313 4.89 30.54 -8.04
C PHE A 1313 4.59 29.50 -9.05
N SER A 1314 5.54 28.65 -9.33
CA SER A 1314 5.38 27.51 -10.18
C SER A 1314 6.01 26.30 -9.54
N TRP A 1315 5.43 25.12 -9.78
CA TRP A 1315 6.00 23.87 -9.25
C TRP A 1315 5.59 22.74 -10.14
N PRO A 1316 6.45 21.68 -10.24
CA PRO A 1316 6.17 20.53 -11.04
C PRO A 1316 5.07 19.61 -10.41
N ARG A 1317 4.40 18.88 -11.28
CA ARG A 1317 3.39 17.90 -10.90
C ARG A 1317 3.66 16.64 -11.70
N LEU A 1318 3.82 15.53 -10.98
CA LEU A 1318 3.89 14.19 -11.56
C LEU A 1318 2.48 13.67 -11.90
N ARG A 1319 2.30 13.18 -13.12
CA ARG A 1319 1.03 12.66 -13.64
C ARG A 1319 1.08 11.14 -13.99
N ASP A 1320 0.00 10.40 -13.66
CA ASP A 1320 -0.53 9.23 -14.47
C ASP A 1320 -1.81 8.62 -13.90
N LEU A 1325 1.78 8.88 -18.02
CA LEU A 1325 3.05 9.22 -17.32
C LEU A 1325 3.78 10.46 -17.89
N ARG A 1326 3.63 11.59 -17.19
CA ARG A 1326 4.40 12.80 -17.49
C ARG A 1326 4.46 13.81 -16.35
N CYS A 1327 5.22 14.86 -16.58
CA CYS A 1327 5.53 15.89 -15.62
C CYS A 1327 5.04 17.22 -16.22
N GLU A 1328 4.16 17.90 -15.51
CA GLU A 1328 3.65 19.22 -15.94
C GLU A 1328 4.03 20.24 -14.90
N MET A 1329 3.79 21.49 -15.25
CA MET A 1329 3.94 22.60 -14.33
C MET A 1329 2.58 23.10 -13.97
N ALA A 1330 2.48 23.57 -12.74
CA ALA A 1330 1.34 24.28 -12.21
C ALA A 1330 1.85 25.61 -11.73
N SER A 1331 1.01 26.63 -11.81
CA SER A 1331 1.35 27.93 -11.31
C SER A 1331 0.16 28.77 -10.92
N THR A 1332 0.41 29.69 -9.98
CA THR A 1332 -0.59 30.59 -9.41
C THR A 1332 0.01 31.91 -9.03
N GLY A 1333 -0.84 32.84 -8.63
CA GLY A 1333 -0.41 34.14 -8.25
C GLY A 1333 -0.02 34.96 -9.47
N GLU A 1334 0.39 36.19 -9.21
CA GLU A 1334 0.71 37.11 -10.23
C GLU A 1334 1.88 37.94 -9.83
N VAL A 1335 2.81 38.17 -10.77
CA VAL A 1335 3.61 39.33 -10.73
C VAL A 1335 3.53 40.06 -12.06
N ALA A 1336 3.30 41.38 -12.01
CA ALA A 1336 3.22 42.20 -13.22
C ALA A 1336 4.24 43.36 -13.04
N CYS A 1337 5.05 43.68 -14.05
CA CYS A 1337 6.10 44.71 -13.98
C CYS A 1337 6.06 45.43 -15.31
N PHE A 1338 6.46 46.69 -15.33
CA PHE A 1338 6.78 47.42 -16.54
C PHE A 1338 8.27 47.42 -16.84
N GLY A 1339 8.61 47.61 -18.09
CA GLY A 1339 9.99 47.75 -18.50
C GLY A 1339 10.04 48.59 -19.76
N GLU A 1340 11.21 49.15 -20.07
CA GLU A 1340 11.41 49.84 -21.36
C GLU A 1340 11.02 48.94 -22.54
N GLY A 1341 11.45 47.68 -22.49
CA GLY A 1341 10.95 46.63 -23.34
C GLY A 1341 10.69 45.33 -22.60
N ILE A 1342 10.28 44.33 -23.35
CA ILE A 1342 9.80 43.10 -22.78
C ILE A 1342 11.00 42.43 -22.09
N HIS A 1343 12.19 42.64 -22.62
CA HIS A 1343 13.38 41.99 -22.02
C HIS A 1343 13.65 42.50 -20.60
N THR A 1344 13.64 43.82 -20.41
CA THR A 1344 13.84 44.31 -19.03
C THR A 1344 12.63 44.00 -18.14
N ALA A 1345 11.40 44.11 -18.70
CA ALA A 1345 10.21 43.68 -17.92
C ALA A 1345 10.36 42.28 -17.38
N PHE A 1346 10.91 41.40 -18.19
CA PHE A 1346 11.04 40.03 -17.85
C PHE A 1346 12.08 39.83 -16.71
N LEU A 1347 13.22 40.53 -16.82
CA LEU A 1347 14.20 40.51 -15.77
C LEU A 1347 13.60 41.08 -14.45
N LYS A 1348 12.82 42.12 -14.53
CA LYS A 1348 12.22 42.68 -13.36
C LYS A 1348 11.22 41.74 -12.73
N ALA A 1349 10.49 40.97 -13.54
CA ALA A 1349 9.61 39.97 -13.01
C ALA A 1349 10.37 38.89 -12.27
N MET A 1350 11.49 38.49 -12.82
CA MET A 1350 12.30 37.47 -12.19
C MET A 1350 12.78 37.97 -10.80
N LEU A 1351 13.26 39.21 -10.70
CA LEU A 1351 13.67 39.81 -9.40
C LEU A 1351 12.48 39.97 -8.48
N SER A 1352 11.34 40.40 -9.03
CA SER A 1352 10.13 40.56 -8.23
C SER A 1352 9.62 39.25 -7.65
N THR A 1353 9.85 38.11 -8.31
CA THR A 1353 9.40 36.85 -7.73
C THR A 1353 10.40 36.29 -6.71
N GLY A 1354 11.49 37.02 -6.49
CA GLY A 1354 12.42 36.74 -5.44
C GLY A 1354 13.63 35.98 -5.93
N PHE A 1355 13.95 36.02 -7.21
CA PHE A 1355 15.10 35.25 -7.73
C PHE A 1355 16.25 36.17 -7.94
N LYS A 1356 17.45 35.62 -7.86
CA LYS A 1356 18.63 36.33 -8.28
C LYS A 1356 18.73 36.10 -9.80
N ILE A 1357 19.02 37.14 -10.59
CA ILE A 1357 19.22 36.93 -12.05
C ILE A 1357 20.44 36.04 -12.23
N PRO A 1358 20.28 34.85 -12.80
CA PRO A 1358 21.42 33.97 -12.98
C PRO A 1358 22.68 34.61 -13.61
N GLN A 1359 23.83 34.16 -13.13
CA GLN A 1359 25.15 34.61 -13.63
C GLN A 1359 26.17 33.53 -13.87
N LYS A 1360 26.04 32.36 -13.25
CA LYS A 1360 27.14 31.38 -13.20
C LYS A 1360 26.98 30.20 -14.12
N GLY A 1361 25.90 29.44 -13.98
CA GLY A 1361 25.82 28.12 -14.59
C GLY A 1361 24.38 27.72 -14.90
N ILE A 1362 24.18 27.03 -16.00
CA ILE A 1362 22.84 26.65 -16.41
C ILE A 1362 22.83 25.15 -16.67
N LEU A 1363 21.90 24.46 -16.02
CA LEU A 1363 21.55 23.10 -16.35
C LEU A 1363 20.60 23.08 -17.57
N ILE A 1364 21.02 22.34 -18.62
CA ILE A 1364 20.31 22.22 -19.86
C ILE A 1364 19.72 20.82 -19.94
N GLY A 1365 18.38 20.75 -20.01
CA GLY A 1365 17.69 19.50 -20.25
C GLY A 1365 16.63 19.64 -21.31
N ILE A 1366 16.78 18.88 -22.38
CA ILE A 1366 15.94 18.91 -23.52
C ILE A 1366 15.73 17.49 -24.05
N GLN A 1367 14.62 17.30 -24.75
CA GLN A 1367 14.40 16.04 -25.44
C GLN A 1367 15.41 15.85 -26.58
N GLN A 1368 15.87 14.64 -26.82
CA GLN A 1368 16.81 14.38 -27.87
C GLN A 1368 16.38 14.93 -29.27
N SER A 1369 15.08 14.78 -29.64
CA SER A 1369 14.61 15.26 -30.93
C SER A 1369 14.64 16.81 -31.02
N PHE A 1370 14.72 17.50 -29.91
CA PHE A 1370 14.77 18.97 -29.90
C PHE A 1370 16.18 19.63 -30.08
N ARG A 1371 17.21 18.81 -30.14
CA ARG A 1371 18.59 19.23 -30.27
C ARG A 1371 18.86 20.26 -31.41
N PRO A 1372 18.46 19.95 -32.65
CA PRO A 1372 18.70 20.96 -33.72
C PRO A 1372 18.08 22.30 -33.43
N ARG A 1373 16.91 22.29 -32.83
CA ARG A 1373 16.27 23.56 -32.52
C ARG A 1373 16.88 24.30 -31.38
N PHE A 1374 17.56 23.60 -30.48
CA PHE A 1374 18.05 24.23 -29.26
C PHE A 1374 19.49 24.68 -29.40
N LEU A 1375 20.27 24.15 -30.34
CA LEU A 1375 21.70 24.34 -30.35
C LEU A 1375 22.06 25.82 -30.37
N GLY A 1376 21.30 26.63 -31.12
CA GLY A 1376 21.53 28.05 -31.19
C GLY A 1376 21.40 28.79 -29.89
N VAL A 1377 20.34 28.49 -29.15
CA VAL A 1377 20.12 29.11 -27.86
C VAL A 1377 21.21 28.66 -26.86
N ALA A 1378 21.58 27.39 -26.93
CA ALA A 1378 22.69 26.92 -26.08
C ALA A 1378 23.99 27.74 -26.27
N GLU A 1379 24.31 28.05 -27.51
CA GLU A 1379 25.52 28.78 -27.82
C GLU A 1379 25.41 30.19 -27.35
N GLN A 1380 24.23 30.75 -27.54
CA GLN A 1380 23.96 32.08 -27.07
C GLN A 1380 24.14 32.27 -25.53
N LEU A 1381 23.67 31.29 -24.78
CA LEU A 1381 23.77 31.33 -23.35
C LEU A 1381 25.24 31.19 -22.97
N HIS A 1382 25.92 30.26 -23.61
CA HIS A 1382 27.35 30.13 -23.39
C HIS A 1382 28.17 31.40 -23.72
N ASN A 1383 27.84 32.06 -24.83
CA ASN A 1383 28.54 33.26 -25.22
C ASN A 1383 28.33 34.42 -24.29
N GLU A 1384 27.25 34.42 -23.49
CA GLU A 1384 27.09 35.40 -22.41
C GLU A 1384 27.87 35.08 -21.16
N GLY A 1385 28.67 34.02 -21.18
CA GLY A 1385 29.54 33.64 -20.04
C GLY A 1385 28.95 32.63 -19.09
N PHE A 1386 27.80 32.00 -19.42
CA PHE A 1386 27.28 30.92 -18.57
C PHE A 1386 28.02 29.66 -18.87
N LYS A 1387 28.34 28.96 -17.79
CA LYS A 1387 28.84 27.63 -17.90
C LYS A 1387 27.64 26.75 -18.10
N LEU A 1388 27.74 25.77 -18.97
CA LEU A 1388 26.66 24.82 -19.27
C LEU A 1388 26.87 23.45 -18.65
N PHE A 1389 25.82 22.94 -18.00
CA PHE A 1389 25.78 21.59 -17.52
C PHE A 1389 24.63 20.85 -18.16
N ALA A 1390 24.80 19.56 -18.37
CA ALA A 1390 23.76 18.72 -18.98
C ALA A 1390 24.08 17.27 -18.66
N THR A 1391 23.08 16.42 -18.79
CA THR A 1391 23.29 15.00 -18.60
C THR A 1391 24.22 14.52 -19.69
N GLU A 1392 24.93 13.41 -19.43
CA GLU A 1392 26.11 13.04 -20.23
C GLU A 1392 25.94 13.10 -21.75
N ALA A 1393 24.93 12.46 -22.26
CA ALA A 1393 24.71 12.39 -23.67
C ALA A 1393 24.49 13.80 -24.28
N THR A 1394 23.74 14.64 -23.57
CA THR A 1394 23.51 16.02 -24.03
C THR A 1394 24.79 16.87 -23.99
N SER A 1395 25.55 16.65 -22.94
CA SER A 1395 26.84 17.33 -22.73
C SER A 1395 27.82 17.01 -23.85
N ASP A 1396 27.87 15.74 -24.24
CA ASP A 1396 28.73 15.25 -25.32
C ASP A 1396 28.31 15.81 -26.65
N TRP A 1397 26.99 15.89 -26.86
CA TRP A 1397 26.44 16.43 -28.08
C TRP A 1397 26.79 17.93 -28.12
N LEU A 1398 26.67 18.62 -27.01
CA LEU A 1398 27.04 20.07 -27.01
C LEU A 1398 28.54 20.27 -27.36
N ASN A 1399 29.38 19.57 -26.63
CA ASN A 1399 30.82 19.59 -26.87
C ASN A 1399 31.21 19.22 -28.30
N ALA A 1400 30.51 18.26 -28.92
CA ALA A 1400 30.85 17.81 -30.28
C ALA A 1400 30.46 18.90 -31.24
N ASN A 1401 29.52 19.78 -30.86
CA ASN A 1401 29.15 20.95 -31.67
C ASN A 1401 29.89 22.27 -31.28
N ASN A 1402 30.99 22.16 -30.55
CA ASN A 1402 31.78 23.31 -30.15
C ASN A 1402 31.12 24.30 -29.23
N VAL A 1403 30.16 23.79 -28.44
CA VAL A 1403 29.59 24.52 -27.34
C VAL A 1403 30.06 23.81 -26.04
N PRO A 1404 30.94 24.45 -25.25
CA PRO A 1404 31.47 23.78 -24.04
C PRO A 1404 30.40 23.39 -23.02
N ALA A 1405 30.48 22.18 -22.48
CA ALA A 1405 29.53 21.77 -21.46
C ALA A 1405 30.19 20.80 -20.54
N THR A 1406 29.70 20.73 -19.31
CA THR A 1406 30.16 19.76 -18.29
C THR A 1406 29.09 18.70 -18.01
N PRO A 1407 29.46 17.40 -18.09
CA PRO A 1407 28.41 16.42 -17.91
C PRO A 1407 28.04 16.28 -16.43
N VAL A 1408 26.77 15.93 -16.18
CA VAL A 1408 26.29 15.60 -14.81
C VAL A 1408 25.51 14.31 -14.81
N ALA A 1409 25.26 13.76 -13.61
CA ALA A 1409 24.53 12.50 -13.51
C ALA A 1409 23.02 12.75 -13.43
N TRP A 1410 22.25 11.86 -14.04
CA TRP A 1410 20.80 11.81 -13.72
C TRP A 1410 20.63 11.53 -12.22
N PRO A 1411 19.73 12.25 -11.53
CA PRO A 1411 19.51 11.91 -10.10
C PRO A 1411 19.40 10.40 -9.78
N SER A 1412 18.66 9.61 -10.57
CA SER A 1412 18.54 8.18 -10.31
C SER A 1412 19.79 7.35 -10.62
N GLN A 1413 20.85 7.96 -11.14
CA GLN A 1413 22.04 7.20 -11.46
C GLN A 1413 23.28 7.77 -10.74
N GLU A 1414 23.09 8.55 -9.67
CA GLU A 1414 24.25 9.17 -9.00
C GLU A 1414 25.24 8.15 -8.38
N GLY A 1415 24.76 6.99 -7.95
CA GLY A 1415 25.64 5.87 -7.56
C GLY A 1415 26.53 5.39 -8.70
N GLN A 1416 25.89 5.08 -9.84
CA GLN A 1416 26.53 4.48 -11.03
C GLN A 1416 27.82 5.14 -11.56
N ASN A 1417 28.14 6.38 -11.19
CA ASN A 1417 29.40 7.00 -11.62
C ASN A 1417 29.81 8.13 -10.70
N PRO A 1418 30.75 7.83 -9.77
CA PRO A 1418 31.37 8.88 -8.94
C PRO A 1418 32.21 9.95 -9.69
N SER A 1419 32.58 9.74 -10.96
CA SER A 1419 33.31 10.77 -11.73
C SER A 1419 32.45 12.02 -12.11
N LEU A 1420 31.17 11.81 -12.47
CA LEU A 1420 30.21 12.91 -12.82
C LEU A 1420 29.66 13.59 -11.59
N SER A 1421 29.63 14.92 -11.59
CA SER A 1421 28.98 15.68 -10.52
C SER A 1421 27.49 15.45 -10.43
N SER A 1422 26.94 15.74 -9.25
CA SER A 1422 25.54 15.60 -8.99
C SER A 1422 24.87 16.98 -9.15
N ILE A 1423 23.63 16.96 -9.64
CA ILE A 1423 22.89 18.22 -9.86
C ILE A 1423 22.71 18.97 -8.56
N ARG A 1424 22.28 18.21 -7.56
CA ARG A 1424 22.01 18.75 -6.21
C ARG A 1424 23.25 19.44 -5.62
N LYS A 1425 24.41 18.79 -5.74
CA LYS A 1425 25.65 19.35 -5.18
C LYS A 1425 26.02 20.61 -5.93
N LEU A 1426 25.91 20.58 -7.27
CA LEU A 1426 26.23 21.77 -8.10
C LEU A 1426 25.29 22.91 -7.82
N ILE A 1427 24.05 22.60 -7.44
CA ILE A 1427 23.09 23.65 -7.07
C ILE A 1427 23.45 24.22 -5.70
N ARG A 1428 23.64 23.34 -4.71
CA ARG A 1428 23.93 23.80 -3.34
C ARG A 1428 25.14 24.69 -3.33
N ASP A 1429 26.19 24.35 -4.07
CA ASP A 1429 27.39 25.19 -4.02
C ASP A 1429 27.41 26.35 -5.00
N GLY A 1430 26.31 26.61 -5.72
CA GLY A 1430 26.19 27.83 -6.52
C GLY A 1430 26.78 27.77 -7.93
N SER A 1431 27.16 26.58 -8.39
CA SER A 1431 27.66 26.43 -9.76
C SER A 1431 26.53 26.54 -10.78
N ILE A 1432 25.34 26.03 -10.40
CA ILE A 1432 24.18 26.13 -11.29
C ILE A 1432 23.24 27.09 -10.61
N ASP A 1433 22.89 28.19 -11.30
CA ASP A 1433 21.93 29.13 -10.76
C ASP A 1433 20.69 29.36 -11.65
N LEU A 1434 20.49 28.44 -12.60
CA LEU A 1434 19.31 28.38 -13.50
C LEU A 1434 19.15 27.01 -14.00
N VAL A 1435 17.92 26.55 -14.12
CA VAL A 1435 17.64 25.22 -14.68
C VAL A 1435 16.67 25.43 -15.84
N ILE A 1436 17.08 24.96 -16.98
CA ILE A 1436 16.21 24.83 -18.12
C ILE A 1436 15.84 23.35 -18.21
N ASN A 1437 14.54 23.05 -18.18
CA ASN A 1437 14.12 21.67 -18.29
C ASN A 1437 12.87 21.63 -19.13
N LEU A 1438 13.03 21.43 -20.43
CA LEU A 1438 12.01 21.53 -21.39
C LEU A 1438 11.22 20.19 -21.43
N PRO A 1439 9.99 20.20 -21.99
CA PRO A 1439 9.20 18.96 -22.05
C PRO A 1439 10.00 17.85 -22.69
N ASN A 1440 9.93 16.68 -22.06
CA ASN A 1440 10.69 15.50 -22.48
C ASN A 1440 9.75 14.29 -22.34
N ASN A 1441 9.31 13.75 -23.48
CA ASN A 1441 8.37 12.60 -23.51
C ASN A 1441 9.02 11.20 -23.34
N ASN A 1442 10.34 11.14 -23.16
CA ASN A 1442 11.06 9.91 -22.81
C ASN A 1442 10.68 9.38 -21.40
N THR A 1443 9.76 8.39 -21.36
CA THR A 1443 9.18 7.91 -20.09
C THR A 1443 10.16 7.31 -19.07
N LYS A 1444 11.34 6.89 -19.52
CA LYS A 1444 12.43 6.44 -18.63
C LYS A 1444 13.00 7.56 -17.74
N PHE A 1445 12.86 8.82 -18.18
CA PHE A 1445 13.41 9.93 -17.45
C PHE A 1445 12.37 10.88 -16.90
N VAL A 1446 11.09 10.52 -17.01
CA VAL A 1446 10.01 11.37 -16.47
C VAL A 1446 10.17 11.68 -15.00
N HIS A 1447 10.50 10.66 -14.20
CA HIS A 1447 10.66 10.85 -12.78
C HIS A 1447 11.92 11.69 -12.44
N ASP A 1448 13.04 11.42 -13.12
CA ASP A 1448 14.23 12.28 -12.96
C ASP A 1448 13.97 13.74 -13.34
N ASN A 1449 13.23 13.99 -14.43
CA ASN A 1449 12.87 15.36 -14.81
C ASN A 1449 12.00 16.03 -13.74
N TYR A 1450 11.03 15.28 -13.22
CA TYR A 1450 10.30 15.76 -12.03
C TYR A 1450 11.27 16.10 -10.89
N VAL A 1451 12.20 15.19 -10.56
CA VAL A 1451 13.15 15.45 -9.47
C VAL A 1451 14.00 16.72 -9.70
N ILE A 1452 14.55 16.83 -10.92
CA ILE A 1452 15.29 18.03 -11.30
C ILE A 1452 14.46 19.30 -11.08
N ARG A 1453 13.24 19.32 -11.60
CA ARG A 1453 12.39 20.48 -11.45
C ARG A 1453 12.10 20.80 -9.99
N ARG A 1454 11.80 19.77 -9.20
CA ARG A 1454 11.53 19.94 -7.75
C ARG A 1454 12.74 20.52 -7.00
N THR A 1455 13.96 20.05 -7.36
CA THR A 1455 15.20 20.59 -6.81
C THR A 1455 15.40 22.07 -7.07
N ALA A 1456 15.20 22.52 -8.31
CA ALA A 1456 15.28 23.93 -8.57
C ALA A 1456 14.29 24.70 -7.70
N VAL A 1457 13.03 24.26 -7.68
CA VAL A 1457 11.97 25.01 -6.99
C VAL A 1457 12.28 25.09 -5.48
N ASP A 1458 12.64 23.96 -4.89
CA ASP A 1458 13.06 23.86 -3.46
C ASP A 1458 14.33 24.62 -3.14
N SER A 1459 15.27 24.73 -4.09
CA SER A 1459 16.49 25.54 -3.80
C SER A 1459 16.28 27.00 -4.09
N GLY A 1460 15.14 27.38 -4.66
CA GLY A 1460 14.91 28.81 -4.92
C GLY A 1460 15.72 29.39 -6.08
N ILE A 1461 16.00 28.56 -7.08
CA ILE A 1461 16.56 29.10 -8.31
C ILE A 1461 15.57 29.04 -9.51
N PRO A 1462 15.76 29.92 -10.51
CA PRO A 1462 14.76 30.01 -11.56
C PRO A 1462 14.73 28.74 -12.39
N LEU A 1463 13.53 28.36 -12.84
CA LEU A 1463 13.30 27.16 -13.58
C LEU A 1463 12.50 27.56 -14.86
N LEU A 1464 13.07 27.35 -16.04
CA LEU A 1464 12.45 27.60 -17.32
C LEU A 1464 12.06 26.23 -17.92
N THR A 1465 10.80 26.10 -18.27
CA THR A 1465 10.29 24.86 -18.83
C THR A 1465 9.64 25.05 -20.16
N ASN A 1466 9.78 26.22 -20.75
CA ASN A 1466 9.29 26.47 -22.12
C ASN A 1466 10.38 27.10 -22.99
N PHE A 1467 10.41 26.72 -24.24
CA PHE A 1467 11.46 27.19 -25.19
C PHE A 1467 11.39 28.66 -25.49
N GLN A 1468 10.17 29.22 -25.63
CA GLN A 1468 10.05 30.64 -25.90
C GLN A 1468 10.53 31.48 -24.71
N VAL A 1469 10.16 31.07 -23.49
CA VAL A 1469 10.61 31.73 -22.34
C VAL A 1469 12.14 31.63 -22.24
N THR A 1470 12.70 30.47 -22.55
CA THR A 1470 14.18 30.31 -22.55
C THR A 1470 14.86 31.28 -23.55
N LYS A 1471 14.25 31.48 -24.69
CA LYS A 1471 14.79 32.41 -25.71
C LYS A 1471 14.65 33.82 -25.21
N LEU A 1472 13.55 34.12 -24.50
CA LEU A 1472 13.39 35.47 -23.98
C LEU A 1472 14.45 35.79 -22.95
N PHE A 1473 14.74 34.86 -22.03
CA PHE A 1473 15.78 35.00 -21.03
C PHE A 1473 17.17 35.21 -21.68
N ALA A 1474 17.48 34.32 -22.60
CA ALA A 1474 18.74 34.39 -23.35
C ALA A 1474 18.95 35.73 -24.03
N GLU A 1475 17.91 36.27 -24.71
CA GLU A 1475 17.97 37.61 -25.28
C GLU A 1475 18.13 38.69 -24.20
N ALA A 1476 17.41 38.54 -23.09
CA ALA A 1476 17.41 39.60 -22.11
C ALA A 1476 18.74 39.72 -21.39
N VAL A 1477 19.43 38.62 -21.14
CA VAL A 1477 20.71 38.72 -20.45
C VAL A 1477 21.83 39.26 -21.37
N GLN A 1478 21.73 39.05 -22.68
CA GLN A 1478 22.55 39.76 -23.68
C GLN A 1478 22.32 41.26 -23.54
N LYS A 1479 21.04 41.63 -23.54
CA LYS A 1479 20.58 43.04 -23.57
C LYS A 1479 20.98 43.87 -22.35
N SER A 1480 21.08 43.25 -21.17
CA SER A 1480 21.08 44.03 -19.91
C SER A 1480 22.44 44.67 -19.54
N SER A 1485 21.16 45.28 -11.38
CA SER A 1485 19.86 44.90 -10.82
C SER A 1485 19.12 46.15 -10.35
N LYS A 1486 19.74 46.94 -9.47
CA LYS A 1486 19.12 48.18 -8.96
C LYS A 1486 18.75 49.07 -10.15
N SER A 1487 19.69 49.23 -11.08
CA SER A 1487 19.56 50.16 -12.22
C SER A 1487 18.18 50.09 -12.95
N LEU A 1488 17.77 48.86 -13.32
CA LEU A 1488 16.51 48.57 -14.06
C LEU A 1488 15.20 49.24 -13.50
N PHE A 1489 15.12 49.49 -12.18
CA PHE A 1489 13.84 49.80 -11.49
C PHE A 1489 13.29 51.24 -11.33
N HIS A 1490 12.22 51.34 -10.52
CA HIS A 1490 10.88 51.80 -10.94
C HIS A 1490 10.12 52.84 -10.00
N TYR A 1491 9.09 52.42 -9.21
CA TYR A 1491 8.26 53.27 -8.22
C TYR A 1491 7.13 54.19 -8.72
N ARG A 1492 6.32 54.67 -7.78
CA ARG A 1492 5.36 55.79 -8.00
C ARG A 1492 5.08 56.50 -6.66
N ALA B 43 -21.61 -52.63 1.77
CA ALA B 43 -20.96 -51.63 2.70
C ALA B 43 -21.86 -50.38 2.88
N GLN B 44 -22.05 -49.98 4.12
CA GLN B 44 -23.03 -48.96 4.49
C GLN B 44 -22.65 -47.54 4.04
N THR B 45 -23.63 -46.81 3.51
CA THR B 45 -23.45 -45.47 3.03
C THR B 45 -24.23 -44.44 3.83
N ALA B 46 -23.85 -43.19 3.63
CA ALA B 46 -24.53 -42.03 4.18
C ALA B 46 -24.20 -40.78 3.36
N HIS B 47 -24.91 -39.70 3.63
CA HIS B 47 -24.69 -38.44 2.95
C HIS B 47 -24.21 -37.38 3.91
N ILE B 48 -23.34 -36.50 3.41
CA ILE B 48 -23.15 -35.24 4.02
C ILE B 48 -24.11 -34.31 3.27
N VAL B 49 -25.01 -33.71 4.03
CA VAL B 49 -25.99 -32.77 3.50
C VAL B 49 -25.75 -31.42 4.14
N LEU B 50 -25.61 -30.38 3.33
CA LEU B 50 -25.41 -29.00 3.82
C LEU B 50 -26.74 -28.27 3.71
N GLU B 51 -26.88 -27.24 4.52
CA GLU B 51 -28.10 -26.43 4.53
C GLU B 51 -28.27 -25.68 3.19
N ASP B 52 -27.24 -25.54 2.39
CA ASP B 52 -27.41 -24.89 1.11
C ASP B 52 -27.90 -25.83 0.02
N GLY B 53 -28.14 -27.10 0.37
CA GLY B 53 -28.66 -28.12 -0.52
C GLY B 53 -27.57 -29.01 -1.12
N THR B 54 -26.28 -28.64 -0.94
CA THR B 54 -25.25 -29.59 -1.36
C THR B 54 -25.39 -30.95 -0.65
N LYS B 55 -25.19 -32.02 -1.41
CA LYS B 55 -25.28 -33.41 -0.96
C LYS B 55 -24.14 -34.23 -1.54
N MET B 56 -23.41 -34.98 -0.69
CA MET B 56 -22.41 -35.92 -1.22
C MET B 56 -22.65 -37.23 -0.58
N LYS B 57 -22.59 -38.31 -1.36
CA LYS B 57 -22.67 -39.65 -0.80
C LYS B 57 -21.30 -40.23 -0.45
N GLY B 58 -21.17 -40.81 0.72
CA GLY B 58 -19.95 -41.46 1.17
C GLY B 58 -20.23 -42.80 1.78
N TYR B 59 -19.15 -43.47 2.14
CA TYR B 59 -19.16 -44.72 2.80
C TYR B 59 -18.87 -44.52 4.27
N SER B 60 -19.67 -45.17 5.11
CA SER B 60 -19.51 -45.08 6.55
C SER B 60 -18.26 -45.82 7.04
N PHE B 61 -17.41 -45.19 7.79
CA PHE B 61 -16.40 -45.95 8.55
C PHE B 61 -16.36 -45.74 10.05
N GLY B 62 -17.22 -44.88 10.58
CA GLY B 62 -17.31 -44.64 12.00
C GLY B 62 -18.61 -45.28 12.52
N HIS B 63 -19.15 -44.66 13.54
CA HIS B 63 -20.36 -45.18 14.15
C HIS B 63 -21.53 -44.87 13.19
N PRO B 64 -22.38 -45.89 12.91
CA PRO B 64 -23.32 -45.69 11.82
C PRO B 64 -24.58 -45.02 12.33
N SER B 65 -24.48 -43.75 12.70
CA SER B 65 -25.61 -42.97 13.17
C SER B 65 -25.48 -41.53 12.69
N SER B 66 -26.64 -40.88 12.50
CA SER B 66 -26.66 -39.52 12.01
C SER B 66 -26.25 -38.51 13.05
N VAL B 67 -25.78 -37.40 12.58
CA VAL B 67 -25.43 -36.28 13.45
C VAL B 67 -25.47 -34.99 12.69
N ALA B 68 -25.87 -33.92 13.39
CA ALA B 68 -25.88 -32.59 12.83
C ALA B 68 -24.95 -31.63 13.59
N GLY B 69 -24.37 -30.68 12.88
CA GLY B 69 -23.60 -29.61 13.49
C GLY B 69 -23.10 -28.59 12.48
N GLU B 70 -22.15 -27.76 12.89
CA GLU B 70 -21.46 -26.86 11.97
C GLU B 70 -20.39 -27.69 11.26
N VAL B 71 -20.30 -27.56 9.94
CA VAL B 71 -19.28 -28.14 9.10
C VAL B 71 -18.15 -27.12 8.95
N VAL B 72 -16.95 -27.57 9.34
CA VAL B 72 -15.72 -26.79 9.26
C VAL B 72 -14.63 -27.59 8.51
N PHE B 73 -13.61 -26.89 8.08
CA PHE B 73 -12.43 -27.50 7.49
C PHE B 73 -11.19 -27.08 8.26
N ASN B 74 -10.18 -27.91 8.23
CA ASN B 74 -8.86 -27.55 8.81
C ASN B 74 -7.79 -28.01 7.83
N THR B 75 -6.85 -27.13 7.51
CA THR B 75 -5.90 -27.43 6.39
C THR B 75 -4.65 -28.14 6.91
N GLY B 76 -4.63 -28.44 8.20
CA GLY B 76 -3.43 -29.11 8.77
C GLY B 76 -3.49 -30.54 8.32
N LEU B 77 -2.38 -31.09 7.84
CA LEU B 77 -2.39 -32.42 7.29
C LEU B 77 -2.12 -33.57 8.29
N GLY B 78 -1.26 -33.34 9.24
CA GLY B 78 -0.86 -34.44 10.12
C GLY B 78 -1.57 -34.37 11.46
N GLY B 79 -1.36 -35.43 12.20
CA GLY B 79 -1.82 -35.55 13.59
C GLY B 79 -3.29 -35.67 13.75
N TYR B 80 -3.96 -36.46 12.91
CA TYR B 80 -5.42 -36.60 13.07
C TYR B 80 -5.85 -37.08 14.45
N PRO B 81 -5.10 -38.01 15.11
CA PRO B 81 -5.58 -38.41 16.46
C PRO B 81 -5.62 -37.29 17.45
N GLU B 82 -4.57 -36.49 17.48
CA GLU B 82 -4.54 -35.32 18.31
C GLU B 82 -5.62 -34.35 17.89
N ALA B 83 -5.72 -34.13 16.60
CA ALA B 83 -6.69 -33.15 16.11
C ALA B 83 -8.10 -33.46 16.55
N ILE B 84 -8.58 -34.69 16.39
CA ILE B 84 -9.98 -34.96 16.55
C ILE B 84 -10.36 -35.03 18.05
N THR B 85 -9.33 -35.02 18.91
CA THR B 85 -9.53 -34.89 20.41
C THR B 85 -9.42 -33.45 20.93
N ASP B 86 -9.32 -32.52 20.00
CA ASP B 86 -9.28 -31.06 20.30
C ASP B 86 -10.71 -30.62 20.76
N PRO B 87 -10.86 -30.22 22.04
CA PRO B 87 -12.18 -29.67 22.48
C PRO B 87 -12.78 -28.53 21.64
N ALA B 88 -11.96 -27.75 20.91
CA ALA B 88 -12.52 -26.70 20.02
C ALA B 88 -13.51 -27.21 18.94
N TYR B 89 -13.50 -28.51 18.63
CA TYR B 89 -14.39 -29.12 17.59
C TYR B 89 -15.72 -29.56 18.13
N LYS B 90 -15.96 -29.34 19.44
CA LYS B 90 -17.26 -29.70 20.02
C LYS B 90 -18.42 -29.17 19.20
N GLY B 91 -19.34 -30.04 18.81
CA GLY B 91 -20.52 -29.68 17.96
C GLY B 91 -20.21 -29.51 16.46
N GLN B 92 -18.97 -29.81 16.03
CA GLN B 92 -18.59 -29.58 14.63
C GLN B 92 -18.28 -30.90 13.89
N ILE B 93 -18.58 -30.90 12.59
CA ILE B 93 -18.28 -31.97 11.65
C ILE B 93 -17.03 -31.46 10.90
N LEU B 94 -15.92 -32.19 11.09
CA LEU B 94 -14.66 -31.78 10.55
C LEU B 94 -14.40 -32.39 9.17
N THR B 95 -14.13 -31.52 8.23
CA THR B 95 -13.68 -31.87 6.87
C THR B 95 -12.17 -31.81 6.83
N MET B 96 -11.55 -32.95 6.52
CA MET B 96 -10.11 -33.06 6.52
C MET B 96 -9.50 -32.69 5.15
N ALA B 97 -8.48 -31.84 5.16
CA ALA B 97 -7.77 -31.40 3.95
C ALA B 97 -6.92 -32.53 3.41
N ASN B 98 -6.29 -33.28 4.31
CA ASN B 98 -5.44 -34.36 3.88
C ASN B 98 -6.36 -35.45 3.31
N PRO B 99 -6.21 -35.78 2.03
CA PRO B 99 -7.07 -36.78 1.41
C PRO B 99 -6.90 -38.23 1.88
N ILE B 100 -5.78 -38.52 2.50
CA ILE B 100 -5.44 -39.91 2.87
C ILE B 100 -5.35 -40.04 4.43
N ILE B 101 -6.42 -40.50 5.04
CA ILE B 101 -6.62 -40.45 6.50
C ILE B 101 -6.67 -41.85 7.10
N GLY B 102 -5.87 -42.07 8.15
CA GLY B 102 -5.86 -43.28 8.91
C GLY B 102 -4.56 -44.08 8.86
N ASN B 103 -3.49 -43.57 8.25
CA ASN B 103 -2.28 -44.34 7.96
C ASN B 103 -1.61 -44.93 9.21
N GLY B 104 -1.71 -44.18 10.29
CA GLY B 104 -1.21 -44.54 11.62
C GLY B 104 -2.17 -45.20 12.55
N GLY B 105 -3.36 -45.60 12.09
CA GLY B 105 -4.38 -46.05 12.98
C GLY B 105 -4.73 -45.08 14.13
N ALA B 106 -5.10 -45.67 15.27
CA ALA B 106 -5.29 -44.96 16.51
C ALA B 106 -4.25 -45.49 17.53
N PRO B 107 -3.70 -44.61 18.41
CA PRO B 107 -2.74 -44.99 19.42
C PRO B 107 -3.47 -45.69 20.58
N ASP B 108 -2.75 -45.97 21.66
CA ASP B 108 -3.33 -46.50 22.91
C ASP B 108 -4.19 -45.42 23.59
N THR B 109 -5.48 -45.51 23.35
CA THR B 109 -6.40 -44.52 23.78
C THR B 109 -6.78 -44.62 25.26
N THR B 110 -6.32 -45.64 25.94
CA THR B 110 -6.57 -45.76 27.43
C THR B 110 -5.33 -45.45 28.22
N ALA B 111 -4.14 -45.35 27.62
CA ALA B 111 -2.97 -45.04 28.41
C ALA B 111 -2.97 -43.61 29.02
N LEU B 112 -2.52 -43.51 30.25
CA LEU B 112 -2.41 -42.25 30.92
C LEU B 112 -0.95 -41.90 31.20
N ASP B 113 -0.65 -40.63 31.31
CA ASP B 113 0.72 -40.27 31.71
C ASP B 113 0.82 -40.16 33.24
N GLU B 114 1.98 -39.78 33.73
CA GLU B 114 2.16 -39.54 35.16
C GLU B 114 1.21 -38.50 35.78
N LEU B 115 0.71 -37.55 35.00
CA LEU B 115 -0.26 -36.59 35.54
C LEU B 115 -1.71 -37.09 35.56
N GLY B 116 -1.97 -38.29 35.07
CA GLY B 116 -3.36 -38.73 34.92
C GLY B 116 -4.08 -38.17 33.68
N LEU B 117 -3.33 -37.57 32.78
CA LEU B 117 -3.88 -37.14 31.45
C LEU B 117 -3.66 -38.25 30.45
N SER B 118 -4.51 -38.26 29.42
CA SER B 118 -4.31 -39.16 28.28
C SER B 118 -2.87 -39.01 27.78
N LYS B 119 -2.18 -40.12 27.62
CA LYS B 119 -0.84 -40.10 27.23
C LYS B 119 -0.65 -39.60 25.78
N TYR B 120 -1.53 -39.97 24.86
CA TYR B 120 -1.37 -39.70 23.44
C TYR B 120 -2.43 -38.77 22.86
N LEU B 121 -3.43 -38.37 23.61
CA LEU B 121 -4.48 -37.59 23.02
C LEU B 121 -4.60 -36.24 23.74
N GLU B 122 -5.38 -35.34 23.17
CA GLU B 122 -5.46 -34.01 23.75
C GLU B 122 -6.63 -33.72 24.72
N SER B 123 -7.54 -34.64 24.84
CA SER B 123 -8.64 -34.59 25.82
C SER B 123 -9.02 -36.04 26.10
N ASN B 124 -10.03 -36.27 26.91
CA ASN B 124 -10.37 -37.61 27.28
C ASN B 124 -11.39 -38.21 26.31
N GLY B 125 -11.56 -37.66 25.12
CA GLY B 125 -12.40 -38.38 24.10
C GLY B 125 -12.31 -37.62 22.74
N ILE B 126 -12.88 -38.24 21.71
CA ILE B 126 -13.01 -37.62 20.39
C ILE B 126 -14.03 -36.52 20.58
N LYS B 127 -13.68 -35.33 20.13
CA LYS B 127 -14.53 -34.17 20.34
C LYS B 127 -15.31 -33.74 19.15
N VAL B 128 -14.87 -34.13 17.92
CA VAL B 128 -15.64 -33.79 16.74
C VAL B 128 -16.98 -34.49 16.85
N SER B 129 -18.00 -33.83 16.30
CA SER B 129 -19.30 -34.51 16.06
C SER B 129 -19.31 -35.60 15.02
N GLY B 130 -18.45 -35.41 14.01
CA GLY B 130 -18.30 -36.35 12.95
C GLY B 130 -17.17 -35.91 12.04
N LEU B 131 -16.82 -36.79 11.09
CA LEU B 131 -15.59 -36.63 10.28
C LEU B 131 -15.89 -36.94 8.82
N LEU B 132 -15.38 -36.07 7.93
CA LEU B 132 -15.55 -36.20 6.52
C LEU B 132 -14.12 -36.32 5.88
N VAL B 133 -13.84 -37.41 5.16
CA VAL B 133 -12.53 -37.60 4.54
C VAL B 133 -12.65 -38.08 3.10
N LEU B 134 -11.62 -37.84 2.33
CA LEU B 134 -11.63 -38.32 0.96
C LEU B 134 -11.38 -39.83 0.88
N ASP B 135 -10.25 -40.28 1.41
CA ASP B 135 -9.91 -41.70 1.39
C ASP B 135 -9.55 -42.10 2.84
N TYR B 136 -10.13 -43.19 3.29
CA TYR B 136 -9.81 -43.77 4.57
C TYR B 136 -8.95 -45.03 4.34
N SER B 137 -7.78 -45.09 5.00
CA SER B 137 -6.91 -46.28 4.94
C SER B 137 -7.39 -47.23 6.02
N LYS B 138 -7.98 -48.34 5.64
CA LYS B 138 -8.49 -49.35 6.61
C LYS B 138 -7.26 -50.11 7.22
N ASP B 139 -6.20 -50.24 6.41
CA ASP B 139 -4.94 -50.77 6.85
C ASP B 139 -3.96 -49.70 7.26
N TYR B 140 -3.39 -49.88 8.46
CA TYR B 140 -2.54 -48.89 9.08
C TYR B 140 -1.19 -49.50 9.41
N ASN B 141 -0.17 -48.67 9.63
CA ASN B 141 1.14 -49.19 10.00
C ASN B 141 1.92 -48.11 10.67
N HIS B 142 2.02 -48.23 12.00
CA HIS B 142 2.81 -47.35 12.76
C HIS B 142 3.08 -48.01 14.11
N TRP B 143 4.28 -47.81 14.62
CA TRP B 143 4.64 -48.51 15.87
C TRP B 143 3.83 -48.17 17.10
N LEU B 144 3.15 -47.02 17.14
CA LEU B 144 2.29 -46.65 18.24
C LEU B 144 0.80 -46.99 18.02
N ALA B 145 0.45 -47.56 16.87
CA ALA B 145 -0.95 -47.90 16.62
C ALA B 145 -1.40 -49.11 17.46
N THR B 146 -2.63 -49.10 17.92
CA THR B 146 -3.28 -50.24 18.58
C THR B 146 -4.49 -50.75 17.88
N LYS B 147 -4.99 -50.04 16.87
CA LYS B 147 -6.27 -50.38 16.26
C LYS B 147 -6.46 -49.38 15.10
N SER B 148 -7.49 -49.55 14.30
CA SER B 148 -7.76 -48.64 13.19
C SER B 148 -8.43 -47.33 13.71
N LEU B 149 -8.38 -46.29 12.91
CA LEU B 149 -9.16 -45.08 13.17
C LEU B 149 -10.67 -45.37 13.14
N GLY B 150 -11.11 -46.22 12.20
CA GLY B 150 -12.49 -46.67 12.15
C GLY B 150 -12.96 -47.29 13.47
N GLN B 151 -12.14 -48.18 14.01
CA GLN B 151 -12.53 -48.88 15.23
C GLN B 151 -12.70 -47.86 16.34
N TRP B 152 -11.73 -46.95 16.47
CA TRP B 152 -11.74 -45.88 17.44
C TRP B 152 -12.96 -45.02 17.41
N LEU B 153 -13.30 -44.59 16.23
CA LEU B 153 -14.52 -43.82 16.00
C LEU B 153 -15.81 -44.59 16.36
N GLN B 154 -15.86 -45.86 16.02
CA GLN B 154 -16.99 -46.68 16.38
C GLN B 154 -17.15 -46.82 17.91
N GLU B 155 -16.05 -47.05 18.63
CA GLU B 155 -16.04 -47.13 20.10
C GLU B 155 -16.59 -45.86 20.72
N GLU B 156 -16.29 -44.73 20.11
CA GLU B 156 -16.61 -43.47 20.65
C GLU B 156 -17.93 -42.97 20.10
N LYS B 157 -18.60 -43.77 19.26
CA LYS B 157 -19.91 -43.48 18.69
C LYS B 157 -19.87 -42.21 17.83
N VAL B 158 -18.81 -42.02 17.04
CA VAL B 158 -18.67 -40.84 16.23
C VAL B 158 -18.86 -41.26 14.79
N PRO B 159 -19.78 -40.64 14.06
CA PRO B 159 -19.90 -40.96 12.66
C PRO B 159 -18.80 -40.38 11.82
N ALA B 160 -18.53 -41.07 10.71
CA ALA B 160 -17.50 -40.69 9.74
C ALA B 160 -17.73 -41.35 8.42
N ILE B 161 -17.55 -40.58 7.34
CA ILE B 161 -17.67 -41.10 6.03
C ILE B 161 -16.49 -40.72 5.15
N TYR B 162 -16.13 -41.64 4.27
CA TYR B 162 -15.09 -41.45 3.28
C TYR B 162 -15.69 -41.42 1.89
N GLY B 163 -14.92 -41.02 0.92
CA GLY B 163 -15.38 -40.99 -0.44
C GLY B 163 -16.02 -39.68 -0.79
N VAL B 164 -15.86 -38.68 0.04
CA VAL B 164 -16.43 -37.36 -0.28
C VAL B 164 -15.40 -36.37 -0.73
N ASP B 165 -15.81 -35.49 -1.62
CA ASP B 165 -14.90 -34.46 -2.13
C ASP B 165 -14.62 -33.35 -1.11
N THR B 166 -13.56 -33.56 -0.31
CA THR B 166 -13.27 -32.60 0.73
C THR B 166 -12.76 -31.24 0.24
N ARG B 167 -12.16 -31.16 -0.98
CA ARG B 167 -11.81 -29.90 -1.54
C ARG B 167 -13.05 -29.09 -1.96
N MET B 168 -14.00 -29.74 -2.55
CA MET B 168 -15.24 -29.09 -2.89
C MET B 168 -15.97 -28.59 -1.62
N LEU B 169 -15.99 -29.45 -0.58
CA LEU B 169 -16.57 -29.02 0.69
C LEU B 169 -15.87 -27.80 1.25
N THR B 170 -14.54 -27.80 1.21
CA THR B 170 -13.77 -26.65 1.70
C THR B 170 -14.12 -25.37 0.95
N LYS B 171 -14.12 -25.44 -0.38
CA LYS B 171 -14.49 -24.27 -1.19
C LYS B 171 -15.90 -23.75 -0.85
N ILE B 172 -16.84 -24.66 -0.62
CA ILE B 172 -18.26 -24.26 -0.22
C ILE B 172 -18.30 -23.59 1.16
N ILE B 173 -17.56 -24.17 2.11
CA ILE B 173 -17.52 -23.65 3.49
C ILE B 173 -16.79 -22.32 3.57
N ARG B 174 -15.66 -22.22 2.88
CA ARG B 174 -14.86 -21.06 2.80
C ARG B 174 -15.77 -19.86 2.42
N ASP B 175 -16.48 -20.08 1.30
CA ASP B 175 -17.19 -19.08 0.53
C ASP B 175 -18.50 -18.62 1.22
N LYS B 176 -18.91 -19.26 2.33
CA LYS B 176 -20.00 -18.82 3.26
C LYS B 176 -19.46 -18.68 4.72
N GLY B 177 -20.26 -18.39 5.77
CA GLY B 177 -19.68 -17.96 7.09
C GLY B 177 -19.86 -18.83 8.35
N THR B 178 -21.01 -19.48 8.43
CA THR B 178 -21.29 -20.62 9.28
C THR B 178 -22.00 -21.55 8.28
N MET B 179 -21.45 -22.72 7.96
CA MET B 179 -22.19 -23.70 7.17
C MET B 179 -22.71 -24.82 8.08
N LEU B 180 -24.02 -24.99 8.15
CA LEU B 180 -24.60 -26.08 8.90
C LEU B 180 -24.74 -27.29 8.02
N GLY B 181 -24.57 -28.44 8.59
CA GLY B 181 -24.67 -29.66 7.88
C GLY B 181 -25.01 -30.85 8.75
N LYS B 182 -25.09 -31.98 8.07
CA LYS B 182 -25.39 -33.21 8.71
C LYS B 182 -24.87 -34.40 7.97
N ILE B 183 -24.46 -35.40 8.73
CA ILE B 183 -24.23 -36.74 8.22
C ILE B 183 -25.45 -37.53 8.45
N GLU B 184 -26.08 -37.99 7.38
CA GLU B 184 -27.45 -38.56 7.46
C GLU B 184 -27.41 -39.97 6.92
N PHE B 185 -27.81 -40.94 7.75
CA PHE B 185 -28.01 -42.30 7.30
C PHE B 185 -29.49 -42.53 7.00
N GLU B 186 -29.75 -43.47 6.12
CA GLU B 186 -31.16 -43.82 5.72
C GLU B 186 -31.95 -44.30 6.93
N GLY B 187 -33.14 -43.75 7.11
CA GLY B 187 -33.93 -44.13 8.27
C GLY B 187 -33.58 -43.45 9.53
N GLN B 188 -32.61 -42.53 9.48
CA GLN B 188 -32.17 -41.84 10.65
C GLN B 188 -32.12 -40.35 10.41
N PRO B 189 -33.23 -39.76 10.01
CA PRO B 189 -33.17 -38.29 9.76
C PRO B 189 -32.86 -37.45 10.99
N VAL B 190 -32.21 -36.30 10.78
CA VAL B 190 -31.92 -35.39 11.86
C VAL B 190 -32.14 -34.01 11.33
N ASP B 191 -32.39 -33.08 12.22
CA ASP B 191 -32.48 -31.68 11.82
C ASP B 191 -31.14 -31.00 11.85
N PHE B 192 -31.02 -29.93 11.08
CA PHE B 192 -29.86 -29.05 11.18
C PHE B 192 -29.84 -28.45 12.55
N VAL B 193 -28.63 -28.32 13.13
CA VAL B 193 -28.46 -27.62 14.41
C VAL B 193 -27.21 -26.70 14.36
N ASP B 194 -27.35 -25.49 14.90
CA ASP B 194 -26.26 -24.61 15.08
C ASP B 194 -25.76 -24.71 16.53
N PRO B 195 -24.67 -25.43 16.74
CA PRO B 195 -24.13 -25.60 18.11
C PRO B 195 -23.61 -24.30 18.80
N ASN B 196 -23.27 -23.30 18.03
CA ASN B 196 -22.85 -21.98 18.51
C ASN B 196 -23.94 -21.14 19.18
N LYS B 197 -25.21 -21.53 19.05
CA LYS B 197 -26.29 -20.93 19.82
C LYS B 197 -26.18 -21.29 21.28
N GLN B 198 -25.48 -22.36 21.59
CA GLN B 198 -25.27 -22.80 22.96
C GLN B 198 -23.89 -22.37 23.48
N ASN B 199 -23.77 -22.29 24.80
CA ASN B 199 -22.48 -22.00 25.43
C ASN B 199 -21.62 -23.31 25.46
N LEU B 200 -20.88 -23.53 24.36
CA LEU B 200 -20.12 -24.74 24.14
C LEU B 200 -18.97 -24.82 25.13
N ILE B 201 -18.49 -23.71 25.64
CA ILE B 201 -17.48 -23.72 26.71
C ILE B 201 -17.95 -24.62 27.89
N ALA B 202 -19.22 -24.47 28.24
CA ALA B 202 -19.82 -25.30 29.32
C ALA B 202 -19.93 -26.79 29.01
N GLU B 203 -19.98 -27.21 27.75
CA GLU B 203 -20.06 -28.62 27.43
C GLU B 203 -18.71 -29.32 27.41
N VAL B 204 -17.59 -28.56 27.46
CA VAL B 204 -16.25 -29.17 27.53
C VAL B 204 -15.47 -28.82 28.82
N SER B 205 -15.82 -27.74 29.50
CA SER B 205 -15.10 -27.31 30.71
C SER B 205 -15.23 -28.36 31.82
N THR B 206 -14.15 -28.61 32.54
CA THR B 206 -14.22 -29.40 33.74
C THR B 206 -15.32 -28.90 34.66
N LYS B 207 -16.02 -29.82 35.25
CA LYS B 207 -17.08 -29.49 36.22
C LYS B 207 -16.57 -29.23 37.64
N ASP B 208 -15.32 -29.58 37.89
CA ASP B 208 -14.70 -29.49 39.22
C ASP B 208 -13.26 -29.08 39.13
N VAL B 209 -12.77 -28.39 40.15
CA VAL B 209 -11.35 -28.10 40.25
C VAL B 209 -10.56 -29.39 40.31
N LYS B 210 -9.49 -29.44 39.51
CA LYS B 210 -8.58 -30.61 39.39
C LYS B 210 -7.15 -30.09 39.40
N VAL B 211 -6.29 -30.80 40.09
CA VAL B 211 -4.93 -30.33 40.34
C VAL B 211 -3.98 -31.26 39.64
N TYR B 212 -3.04 -30.70 38.90
CA TYR B 212 -2.04 -31.50 38.12
C TYR B 212 -0.68 -30.95 38.53
N GLY B 213 0.27 -31.83 38.74
CA GLY B 213 1.59 -31.40 39.14
C GLY B 213 1.66 -31.04 40.60
N LYS B 214 0.96 -31.81 41.43
CA LYS B 214 0.89 -31.57 42.85
C LYS B 214 2.27 -31.52 43.49
N GLY B 215 2.50 -30.47 44.28
CA GLY B 215 3.79 -30.27 44.94
C GLY B 215 4.80 -29.43 44.18
N ASN B 216 4.50 -29.06 42.93
CA ASN B 216 5.35 -28.16 42.20
C ASN B 216 5.28 -26.73 42.75
N PRO B 217 6.34 -25.96 42.57
CA PRO B 217 6.52 -24.68 43.29
C PRO B 217 5.70 -23.47 42.81
N THR B 218 5.29 -23.45 41.55
CA THR B 218 4.56 -22.33 40.98
C THR B 218 3.07 -22.65 40.79
N LYS B 219 2.19 -21.95 41.50
CA LYS B 219 0.80 -22.21 41.47
C LYS B 219 0.24 -21.44 40.29
N VAL B 220 -0.31 -22.17 39.32
CA VAL B 220 -0.95 -21.57 38.16
C VAL B 220 -2.40 -22.00 38.14
N VAL B 221 -3.31 -21.02 38.15
CA VAL B 221 -4.73 -21.30 37.86
C VAL B 221 -4.94 -21.38 36.34
N ALA B 222 -5.49 -22.48 35.87
CA ALA B 222 -5.85 -22.64 34.43
C ALA B 222 -7.34 -22.66 34.31
N VAL B 223 -7.89 -21.63 33.68
CA VAL B 223 -9.32 -21.58 33.45
C VAL B 223 -9.67 -22.40 32.23
N ASP B 224 -10.45 -23.46 32.43
CA ASP B 224 -10.82 -24.41 31.39
C ASP B 224 -11.94 -23.92 30.47
N CYS B 225 -11.57 -23.47 29.25
CA CYS B 225 -12.60 -23.18 28.29
C CYS B 225 -12.53 -24.19 27.20
N GLY B 226 -12.11 -25.41 27.53
CA GLY B 226 -11.81 -26.41 26.52
C GLY B 226 -10.32 -26.46 26.28
N ILE B 227 -9.54 -26.50 27.34
CA ILE B 227 -8.08 -26.61 27.27
C ILE B 227 -7.66 -27.92 26.61
N LYS B 228 -6.55 -27.86 25.87
CA LYS B 228 -5.87 -29.04 25.42
C LYS B 228 -4.89 -29.59 26.45
N ASN B 229 -4.75 -30.91 26.52
CA ASN B 229 -3.78 -31.55 27.42
C ASN B 229 -2.40 -30.99 27.36
N ASN B 230 -1.90 -30.65 26.13
CA ASN B 230 -0.58 -30.17 26.04
C ASN B 230 -0.30 -28.85 26.76
N VAL B 231 -1.29 -27.97 26.90
CA VAL B 231 -1.14 -26.83 27.70
C VAL B 231 -0.75 -27.23 29.15
N ILE B 232 -1.44 -28.20 29.71
CA ILE B 232 -1.19 -28.63 31.11
C ILE B 232 0.21 -29.27 31.20
N ARG B 233 0.55 -30.15 30.24
CA ARG B 233 1.85 -30.79 30.22
C ARG B 233 2.99 -29.74 30.22
N LEU B 234 2.86 -28.72 29.36
CA LEU B 234 3.91 -27.74 29.21
C LEU B 234 4.04 -26.86 30.47
N LEU B 235 2.91 -26.53 31.11
CA LEU B 235 2.97 -25.83 32.42
C LEU B 235 3.67 -26.64 33.50
N VAL B 236 3.32 -27.91 33.62
CA VAL B 236 3.82 -28.80 34.67
C VAL B 236 5.33 -29.05 34.46
N LYS B 237 5.79 -29.14 33.19
CA LYS B 237 7.24 -29.30 32.92
C LYS B 237 8.09 -28.13 33.37
N ARG B 238 7.53 -26.94 33.37
CA ARG B 238 8.20 -25.73 33.78
C ARG B 238 7.98 -25.43 35.29
N GLY B 239 7.45 -26.37 36.03
CA GLY B 239 7.33 -26.27 37.47
C GLY B 239 6.02 -25.78 38.03
N ALA B 240 4.97 -25.77 37.21
CA ALA B 240 3.69 -25.39 37.71
C ALA B 240 2.99 -26.51 38.41
N GLU B 241 2.25 -26.12 39.45
CA GLU B 241 1.17 -26.95 40.03
C GLU B 241 -0.10 -26.31 39.44
N VAL B 242 -0.78 -27.03 38.57
CA VAL B 242 -1.89 -26.42 37.81
C VAL B 242 -3.17 -26.71 38.52
N HIS B 243 -3.93 -25.68 38.84
CA HIS B 243 -5.27 -25.82 39.31
C HIS B 243 -6.23 -25.46 38.16
N LEU B 244 -6.78 -26.49 37.56
CA LEU B 244 -7.73 -26.41 36.46
C LEU B 244 -9.06 -26.21 37.07
N VAL B 245 -9.66 -25.07 36.73
CA VAL B 245 -10.92 -24.68 37.32
C VAL B 245 -11.96 -24.55 36.23
N PRO B 246 -13.22 -24.79 36.57
CA PRO B 246 -14.32 -24.60 35.64
C PRO B 246 -14.36 -23.24 35.05
N TRP B 247 -14.92 -23.13 33.83
CA TRP B 247 -14.99 -21.89 33.08
C TRP B 247 -15.62 -20.72 33.94
N ASN B 248 -16.60 -21.08 34.76
CA ASN B 248 -17.36 -20.12 35.52
C ASN B 248 -16.98 -20.15 37.00
N HIS B 249 -15.81 -20.66 37.32
CA HIS B 249 -15.35 -20.70 38.71
C HIS B 249 -14.89 -19.32 39.16
N ASP B 250 -15.22 -18.95 40.40
CA ASP B 250 -14.79 -17.64 40.87
C ASP B 250 -13.35 -17.78 41.45
N PHE B 251 -12.36 -17.48 40.61
CA PHE B 251 -10.99 -17.58 40.96
C PHE B 251 -10.49 -16.20 41.49
N THR B 252 -11.34 -15.18 41.51
CA THR B 252 -10.84 -13.81 41.68
C THR B 252 -10.16 -13.51 43.06
N LYS B 253 -10.50 -14.32 44.05
CA LYS B 253 -9.90 -14.24 45.38
C LYS B 253 -8.97 -15.42 45.76
N MET B 254 -8.71 -16.36 44.85
CA MET B 254 -7.77 -17.45 45.08
C MET B 254 -6.38 -16.88 45.08
N GLU B 255 -5.46 -17.57 45.76
CA GLU B 255 -4.05 -17.24 45.70
C GLU B 255 -3.45 -17.97 44.52
N TYR B 256 -2.55 -17.31 43.80
CA TYR B 256 -1.84 -17.97 42.70
C TYR B 256 -0.70 -17.12 42.28
N ASP B 257 0.25 -17.72 41.56
CA ASP B 257 1.39 -17.06 41.00
C ASP B 257 1.17 -16.57 39.58
N GLY B 258 0.23 -17.18 38.85
CA GLY B 258 -0.16 -16.70 37.51
C GLY B 258 -1.42 -17.39 37.10
N ILE B 259 -2.07 -16.88 36.07
CA ILE B 259 -3.35 -17.39 35.65
C ILE B 259 -3.31 -17.51 34.12
N LEU B 260 -3.82 -18.64 33.66
CA LEU B 260 -3.86 -18.97 32.22
C LEU B 260 -5.32 -19.23 31.88
N ILE B 261 -5.75 -18.77 30.70
CA ILE B 261 -7.13 -19.06 30.18
C ILE B 261 -6.99 -19.70 28.80
N ALA B 262 -7.57 -20.86 28.56
CA ALA B 262 -7.33 -21.63 27.29
C ALA B 262 -8.60 -22.31 26.80
N GLY B 263 -8.85 -22.27 25.47
CA GLY B 263 -9.97 -22.95 24.81
C GLY B 263 -9.77 -22.66 23.32
N GLY B 264 -10.57 -23.19 22.44
CA GLY B 264 -11.68 -24.05 22.75
C GLY B 264 -12.83 -23.68 21.89
N PRO B 265 -13.97 -24.35 22.09
CA PRO B 265 -15.10 -24.15 21.21
C PRO B 265 -15.94 -22.90 21.58
N GLY B 266 -16.82 -22.48 20.68
CA GLY B 266 -17.93 -21.63 21.03
C GLY B 266 -17.72 -20.14 20.88
N ASN B 267 -18.84 -19.44 20.87
CA ASN B 267 -18.86 -17.99 20.90
C ASN B 267 -18.41 -17.50 22.30
N PRO B 268 -17.23 -16.87 22.39
CA PRO B 268 -16.80 -16.37 23.75
C PRO B 268 -17.84 -15.41 24.43
N ALA B 269 -18.66 -14.70 23.63
CA ALA B 269 -19.61 -13.72 24.16
C ALA B 269 -20.66 -14.37 25.01
N LEU B 270 -20.88 -15.67 24.83
CA LEU B 270 -21.79 -16.38 25.69
C LEU B 270 -21.23 -16.71 27.09
N ALA B 271 -19.98 -16.39 27.41
CA ALA B 271 -19.38 -16.86 28.67
C ALA B 271 -19.31 -15.67 29.63
N GLU B 272 -20.44 -15.03 29.84
CA GLU B 272 -20.51 -13.79 30.63
C GLU B 272 -19.92 -13.88 32.05
N PRO B 273 -20.23 -14.97 32.78
CA PRO B 273 -19.70 -15.08 34.13
C PRO B 273 -18.18 -15.07 34.11
N LEU B 274 -17.57 -15.79 33.14
CA LEU B 274 -16.10 -15.74 33.02
C LEU B 274 -15.59 -14.36 32.67
N ILE B 275 -16.20 -13.71 31.67
CA ILE B 275 -15.75 -12.39 31.27
C ILE B 275 -15.75 -11.39 32.47
N GLN B 276 -16.81 -11.41 33.26
CA GLN B 276 -16.94 -10.57 34.47
C GLN B 276 -15.83 -10.86 35.50
N ASN B 277 -15.54 -12.15 35.69
CA ASN B 277 -14.48 -12.58 36.56
C ASN B 277 -13.14 -12.09 36.13
N VAL B 278 -12.84 -12.14 34.83
CA VAL B 278 -11.57 -11.63 34.36
C VAL B 278 -11.52 -10.11 34.45
N ARG B 279 -12.60 -9.47 34.12
CA ARG B 279 -12.76 -8.03 34.33
C ARG B 279 -12.52 -7.61 35.78
N LYS B 280 -13.05 -8.36 36.77
CA LYS B 280 -12.73 -8.09 38.17
C LYS B 280 -11.23 -8.09 38.39
N ILE B 281 -10.52 -9.10 37.91
CA ILE B 281 -9.04 -9.09 38.03
C ILE B 281 -8.40 -7.85 37.37
N LEU B 282 -8.83 -7.49 36.15
CA LEU B 282 -8.26 -6.35 35.43
C LEU B 282 -8.50 -4.97 36.13
N GLU B 283 -9.62 -4.83 36.82
CA GLU B 283 -9.95 -3.61 37.54
C GLU B 283 -9.36 -3.60 39.00
N SER B 284 -8.76 -4.70 39.45
CA SER B 284 -8.28 -4.83 40.81
C SER B 284 -6.85 -4.40 40.78
N ASP B 285 -6.17 -4.54 41.91
CA ASP B 285 -4.74 -4.25 41.99
C ASP B 285 -3.85 -5.48 41.78
N ARG B 286 -4.43 -6.60 41.36
CA ARG B 286 -3.67 -7.85 41.28
C ARG B 286 -2.77 -7.73 40.09
N LYS B 287 -1.55 -8.22 40.26
CA LYS B 287 -0.51 -8.10 39.26
C LYS B 287 0.08 -9.47 38.80
N GLU B 288 -0.49 -10.59 39.23
CA GLU B 288 -0.05 -11.89 38.72
C GLU B 288 -0.11 -11.91 37.16
N PRO B 289 0.90 -12.52 36.54
CA PRO B 289 0.87 -12.62 35.06
C PRO B 289 -0.35 -13.41 34.59
N LEU B 290 -0.92 -12.97 33.47
CA LEU B 290 -2.06 -13.58 32.85
C LEU B 290 -1.66 -13.94 31.42
N PHE B 291 -1.96 -15.18 31.01
CA PHE B 291 -1.65 -15.68 29.66
C PHE B 291 -2.90 -16.34 29.07
N GLY B 292 -3.47 -15.73 28.05
CA GLY B 292 -4.57 -16.30 27.28
C GLY B 292 -4.11 -17.06 26.05
N ILE B 293 -4.71 -18.24 25.83
CA ILE B 293 -4.53 -19.01 24.62
C ILE B 293 -5.93 -19.17 23.92
N SER B 294 -6.00 -18.72 22.65
CA SER B 294 -7.14 -18.76 21.71
C SER B 294 -8.46 -18.20 22.29
N THR B 295 -9.37 -19.02 22.80
CA THR B 295 -10.47 -18.45 23.62
C THR B 295 -9.99 -17.43 24.68
N GLY B 296 -8.85 -17.69 25.30
CA GLY B 296 -8.17 -16.75 26.21
C GLY B 296 -7.94 -15.33 25.71
N ASN B 297 -7.57 -15.21 24.42
CA ASN B 297 -7.36 -13.96 23.82
C ASN B 297 -8.72 -13.27 23.70
N LEU B 298 -9.72 -14.02 23.27
CA LEU B 298 -11.07 -13.47 23.07
C LEU B 298 -11.72 -13.02 24.42
N ILE B 299 -11.52 -13.84 25.44
CA ILE B 299 -12.02 -13.57 26.80
C ILE B 299 -11.33 -12.40 27.40
N THR B 300 -9.99 -12.40 27.34
CA THR B 300 -9.24 -11.29 27.87
C THR B 300 -9.61 -9.95 27.17
N GLY B 301 -9.67 -9.95 25.86
CA GLY B 301 -10.08 -8.80 25.09
C GLY B 301 -11.49 -8.33 25.49
N LEU B 302 -12.46 -9.24 25.54
CA LEU B 302 -13.83 -8.90 25.93
C LEU B 302 -13.84 -8.27 27.34
N ALA B 303 -13.13 -8.89 28.29
CA ALA B 303 -12.98 -8.31 29.64
C ALA B 303 -12.31 -6.94 29.62
N ALA B 304 -11.33 -6.69 28.76
CA ALA B 304 -10.73 -5.35 28.70
C ALA B 304 -11.63 -4.30 28.01
N GLY B 305 -12.71 -4.70 27.36
CA GLY B 305 -13.59 -3.79 26.65
C GLY B 305 -13.52 -3.88 25.12
N ALA B 306 -12.81 -4.86 24.55
CA ALA B 306 -12.77 -5.02 23.10
C ALA B 306 -14.05 -5.78 22.65
N LYS B 307 -14.32 -5.87 21.34
CA LYS B 307 -15.47 -6.66 20.80
C LYS B 307 -14.97 -7.90 20.05
N THR B 308 -15.86 -8.86 19.88
CA THR B 308 -15.56 -10.10 19.14
C THR B 308 -16.60 -10.26 18.04
N TYR B 309 -16.28 -11.02 17.01
CA TYR B 309 -17.19 -11.29 15.91
C TYR B 309 -16.96 -12.75 15.39
N LYS B 310 -18.01 -13.35 14.81
CA LYS B 310 -17.83 -14.62 14.10
C LYS B 310 -17.15 -14.36 12.78
N MET B 311 -16.04 -15.03 12.54
CA MET B 311 -15.29 -14.78 11.29
C MET B 311 -15.99 -15.34 10.06
N SER B 312 -15.98 -14.64 8.95
CA SER B 312 -16.54 -15.27 7.76
C SER B 312 -15.55 -16.30 7.22
N MET B 313 -14.25 -16.07 7.39
CA MET B 313 -13.22 -17.08 7.07
C MET B 313 -12.46 -17.44 8.36
N ALA B 314 -12.77 -18.57 8.92
CA ALA B 314 -12.17 -19.00 10.17
C ALA B 314 -10.64 -19.24 9.93
N ASN B 315 -9.85 -19.35 10.98
CA ASN B 315 -8.43 -19.69 10.85
C ASN B 315 -8.25 -21.12 11.44
N ARG B 316 -8.11 -22.14 10.60
CA ARG B 316 -8.07 -23.52 11.05
C ARG B 316 -7.02 -24.20 10.20
N GLY B 317 -5.82 -24.36 10.78
CA GLY B 317 -4.76 -25.05 10.09
C GLY B 317 -3.52 -25.11 10.92
N GLN B 318 -2.45 -25.67 10.35
CA GLN B 318 -1.17 -25.75 11.05
C GLN B 318 -0.10 -24.90 10.33
N ASN B 319 -0.52 -24.06 9.39
CA ASN B 319 0.37 -23.31 8.54
C ASN B 319 0.03 -21.79 8.60
N GLN B 320 -0.55 -21.33 9.70
CA GLN B 320 -1.18 -20.01 9.78
C GLN B 320 -0.07 -19.04 10.21
N PRO B 321 0.33 -18.14 9.30
CA PRO B 321 1.44 -17.23 9.60
C PRO B 321 0.98 -16.00 10.39
N VAL B 322 1.76 -15.63 11.38
CA VAL B 322 1.47 -14.46 12.17
C VAL B 322 2.77 -13.66 12.27
N LEU B 323 2.64 -12.40 12.57
CA LEU B 323 3.77 -11.48 12.76
C LEU B 323 3.72 -10.84 14.14
N ASN B 324 4.82 -10.86 14.88
CA ASN B 324 4.98 -10.03 16.08
C ASN B 324 5.05 -8.56 15.60
N ILE B 325 4.03 -7.80 15.88
CA ILE B 325 3.92 -6.39 15.44
C ILE B 325 5.02 -5.51 15.98
N THR B 326 5.53 -5.84 17.14
CA THR B 326 6.56 -5.00 17.78
C THR B 326 7.92 -5.14 17.11
N ASN B 327 8.26 -6.31 16.56
CA ASN B 327 9.61 -6.57 16.02
C ASN B 327 9.68 -7.23 14.62
N LYS B 328 8.54 -7.33 13.94
CA LYS B 328 8.38 -7.89 12.60
C LYS B 328 8.81 -9.38 12.44
N GLN B 329 9.01 -10.10 13.51
CA GLN B 329 9.35 -11.52 13.40
C GLN B 329 8.11 -12.33 13.11
N ALA B 330 8.25 -13.28 12.19
CA ALA B 330 7.12 -14.13 11.74
C ALA B 330 7.18 -15.52 12.31
N PHE B 331 6.00 -16.13 12.54
CA PHE B 331 5.96 -17.46 13.09
C PHE B 331 4.82 -18.20 12.36
N ILE B 332 5.04 -19.48 12.15
CA ILE B 332 4.04 -20.38 11.67
C ILE B 332 3.33 -20.97 12.87
N THR B 333 1.99 -20.95 12.84
CA THR B 333 1.20 -21.37 14.03
C THR B 333 0.13 -22.37 13.66
N ALA B 334 -0.36 -23.06 14.68
CA ALA B 334 -1.57 -23.87 14.58
C ALA B 334 -2.68 -23.00 15.17
N GLN B 335 -3.83 -23.00 14.48
CA GLN B 335 -4.97 -22.27 14.88
C GLN B 335 -6.22 -23.09 14.64
N ASN B 336 -7.22 -22.91 15.51
CA ASN B 336 -8.52 -23.48 15.30
C ASN B 336 -9.59 -22.62 15.91
N HIS B 337 -9.82 -21.47 15.29
CA HIS B 337 -10.79 -20.53 15.86
C HIS B 337 -11.64 -19.92 14.75
N GLY B 338 -12.90 -19.77 15.05
CA GLY B 338 -13.82 -19.07 14.19
C GLY B 338 -14.41 -17.80 14.71
N TYR B 339 -13.93 -17.35 15.88
CA TYR B 339 -14.30 -16.03 16.36
C TYR B 339 -13.03 -15.30 16.51
N ALA B 340 -13.11 -13.98 16.33
CA ALA B 340 -11.94 -13.10 16.47
C ALA B 340 -12.25 -11.80 17.24
N LEU B 341 -11.19 -11.17 17.71
CA LEU B 341 -11.21 -9.85 18.39
C LEU B 341 -11.16 -8.78 17.33
N ASP B 342 -12.02 -7.76 17.51
CA ASP B 342 -11.96 -6.52 16.73
C ASP B 342 -10.58 -5.99 16.88
N ASN B 343 -10.01 -5.44 15.81
CA ASN B 343 -8.65 -4.92 15.86
C ASN B 343 -8.51 -3.66 16.74
N THR B 344 -9.65 -3.03 17.04
CA THR B 344 -9.69 -1.85 17.93
C THR B 344 -9.84 -2.08 19.46
N LEU B 345 -8.70 -2.03 20.16
CA LEU B 345 -8.60 -2.27 21.61
C LEU B 345 -8.74 -1.03 22.52
N PRO B 346 -9.20 -1.26 23.76
CA PRO B 346 -9.31 -0.18 24.70
C PRO B 346 -7.95 0.31 25.21
N ALA B 347 -7.94 1.56 25.66
CA ALA B 347 -6.84 2.22 26.40
C ALA B 347 -5.98 1.27 27.23
N GLY B 348 -4.67 1.34 27.04
CA GLY B 348 -3.78 0.45 27.77
C GLY B 348 -3.54 -0.96 27.22
N TRP B 349 -4.30 -1.35 26.19
CA TRP B 349 -4.12 -2.66 25.49
C TRP B 349 -3.60 -2.40 24.11
N LYS B 350 -2.70 -3.25 23.66
CA LYS B 350 -2.03 -3.09 22.35
C LYS B 350 -2.05 -4.45 21.57
N PRO B 351 -2.17 -4.41 20.23
CA PRO B 351 -2.02 -5.69 19.55
C PRO B 351 -0.60 -6.21 19.73
N LEU B 352 -0.45 -7.53 19.79
CA LEU B 352 0.85 -8.19 19.89
C LEU B 352 1.19 -9.00 18.62
N PHE B 353 0.28 -9.87 18.15
CA PHE B 353 0.48 -10.59 16.90
C PHE B 353 -0.63 -10.25 15.96
N VAL B 354 -0.35 -10.31 14.66
CA VAL B 354 -1.33 -10.09 13.56
C VAL B 354 -1.15 -11.22 12.53
N ASN B 355 -2.25 -11.58 11.88
CA ASN B 355 -2.28 -12.67 10.91
C ASN B 355 -1.73 -12.07 9.62
N VAL B 356 -0.71 -12.71 9.08
CA VAL B 356 -0.08 -12.25 7.84
C VAL B 356 -0.98 -12.33 6.60
N ASN B 357 -1.91 -13.31 6.56
CA ASN B 357 -2.79 -13.52 5.43
C ASN B 357 -3.93 -12.56 5.45
N ASP B 358 -4.59 -12.40 6.60
CA ASP B 358 -5.88 -11.74 6.60
C ASP B 358 -6.00 -10.55 7.53
N GLN B 359 -4.89 -10.15 8.15
CA GLN B 359 -4.76 -8.97 9.02
C GLN B 359 -5.60 -9.05 10.32
N THR B 360 -6.24 -10.17 10.61
CA THR B 360 -6.96 -10.32 11.88
C THR B 360 -6.05 -10.37 13.09
N ASN B 361 -6.60 -10.01 14.26
CA ASN B 361 -5.85 -10.05 15.46
C ASN B 361 -5.45 -11.46 15.84
N GLU B 362 -4.25 -11.60 16.32
CA GLU B 362 -3.72 -12.91 16.80
C GLU B 362 -3.08 -12.86 18.17
N GLY B 363 -3.30 -11.77 18.89
CA GLY B 363 -2.83 -11.65 20.27
C GLY B 363 -2.84 -10.17 20.73
N ILE B 364 -2.89 -10.01 22.03
CA ILE B 364 -2.90 -8.74 22.72
C ILE B 364 -1.94 -8.73 23.91
N MET B 365 -1.60 -7.53 24.34
CA MET B 365 -0.80 -7.32 25.55
C MET B 365 -1.25 -6.00 26.22
N HIS B 366 -1.16 -5.97 27.54
CA HIS B 366 -1.33 -4.73 28.32
C HIS B 366 -0.03 -3.97 28.18
N GLU B 367 -0.12 -2.63 28.19
CA GLU B 367 1.07 -1.75 27.98
C GLU B 367 2.08 -1.73 29.13
N SER B 368 1.65 -2.04 30.35
CA SER B 368 2.53 -2.03 31.50
C SER B 368 2.38 -3.25 32.45
N LYS B 369 1.22 -3.90 32.47
CA LYS B 369 0.98 -5.04 33.34
C LYS B 369 1.36 -6.36 32.60
N PRO B 370 1.73 -7.41 33.33
CA PRO B 370 2.25 -8.62 32.67
C PRO B 370 1.07 -9.53 32.18
N PHE B 371 0.17 -8.94 31.39
CA PHE B 371 -1.03 -9.58 30.91
C PHE B 371 -0.90 -9.70 29.38
N PHE B 372 -0.97 -10.92 28.87
CA PHE B 372 -0.99 -11.10 27.42
C PHE B 372 -1.77 -12.34 27.00
N ALA B 373 -2.04 -12.38 25.70
CA ALA B 373 -2.79 -13.47 25.13
C ALA B 373 -2.44 -13.65 23.65
N VAL B 374 -2.48 -14.91 23.21
CA VAL B 374 -2.36 -15.22 21.80
C VAL B 374 -3.60 -15.94 21.32
N GLN B 375 -3.92 -15.78 20.03
CA GLN B 375 -5.10 -16.36 19.43
C GLN B 375 -4.85 -17.79 18.84
N PHE B 376 -3.59 -18.15 18.69
CA PHE B 376 -3.10 -19.42 18.23
C PHE B 376 -2.71 -20.28 19.42
N HIS B 377 -2.32 -21.52 19.12
CA HIS B 377 -2.06 -22.59 20.13
C HIS B 377 -0.57 -22.86 20.19
N PRO B 378 0.15 -22.14 21.06
CA PRO B 378 1.58 -22.49 21.11
C PRO B 378 1.92 -23.88 21.60
N GLU B 379 0.97 -24.51 22.28
CA GLU B 379 1.10 -25.93 22.67
C GLU B 379 1.01 -26.95 21.53
N VAL B 380 0.57 -26.43 20.39
CA VAL B 380 0.34 -27.17 19.14
C VAL B 380 -0.29 -28.54 19.38
N THR B 381 0.33 -29.66 18.97
CA THR B 381 -0.27 -30.98 19.17
C THR B 381 -1.66 -31.14 18.61
N PRO B 382 -1.83 -31.04 17.30
CA PRO B 382 -0.76 -30.97 16.31
C PRO B 382 -0.29 -29.57 15.91
N GLY B 383 0.88 -29.54 15.26
CA GLY B 383 1.38 -28.38 14.59
C GLY B 383 2.76 -27.95 14.96
N PRO B 384 3.22 -26.86 14.34
CA PRO B 384 4.64 -26.47 14.32
C PRO B 384 5.12 -25.94 15.64
N ILE B 385 6.22 -26.49 16.12
CA ILE B 385 6.72 -26.19 17.42
C ILE B 385 7.68 -24.97 17.36
N ASP B 386 7.11 -23.81 17.08
CA ASP B 386 7.79 -22.61 16.81
C ASP B 386 7.47 -21.50 17.82
N THR B 387 6.45 -21.66 18.66
CA THR B 387 6.01 -20.59 19.54
C THR B 387 5.91 -21.06 20.99
N GLU B 388 6.55 -22.20 21.29
CA GLU B 388 6.62 -22.73 22.65
C GLU B 388 7.29 -21.73 23.64
N TYR B 389 8.19 -20.91 23.10
CA TYR B 389 8.85 -19.87 23.89
C TYR B 389 7.86 -19.00 24.70
N LEU B 390 6.60 -18.93 24.27
CA LEU B 390 5.61 -18.14 25.01
C LEU B 390 5.34 -18.71 26.38
N PHE B 391 5.42 -20.03 26.57
CA PHE B 391 5.33 -20.65 27.90
C PHE B 391 6.54 -20.23 28.75
N ASP B 392 7.74 -20.16 28.15
CA ASP B 392 8.94 -19.59 28.85
C ASP B 392 8.74 -18.13 29.26
N SER B 393 8.12 -17.33 28.38
CA SER B 393 7.87 -15.94 28.66
C SER B 393 6.94 -15.75 29.88
N PHE B 394 5.87 -16.54 29.95
CA PHE B 394 4.92 -16.58 31.07
C PHE B 394 5.61 -16.80 32.37
N PHE B 395 6.45 -17.82 32.44
CA PHE B 395 7.21 -18.14 33.65
C PHE B 395 8.26 -17.09 34.02
N SER B 396 8.81 -16.38 33.04
CA SER B 396 9.74 -15.27 33.26
C SER B 396 9.03 -14.09 33.89
N LEU B 397 7.85 -13.81 33.39
CA LEU B 397 7.00 -12.81 34.03
C LEU B 397 6.70 -13.15 35.50
N ILE B 398 6.48 -14.43 35.83
CA ILE B 398 6.10 -14.83 37.20
C ILE B 398 7.35 -14.68 38.06
N LYS B 399 8.49 -15.14 37.54
CA LYS B 399 9.73 -15.14 38.32
C LYS B 399 10.26 -13.71 38.54
N LYS B 400 10.18 -12.83 37.54
CA LYS B 400 10.72 -11.44 37.63
C LYS B 400 9.88 -10.55 38.52
N GLY B 401 8.57 -10.62 38.35
CA GLY B 401 7.63 -9.86 39.21
C GLY B 401 7.60 -8.38 38.87
N LYS B 402 8.00 -7.54 39.84
CA LYS B 402 7.92 -6.07 39.76
C LYS B 402 7.62 -5.48 38.35
N ALA B 403 6.38 -5.66 37.89
CA ALA B 403 5.85 -4.95 36.70
C ALA B 403 6.69 -5.09 35.41
N THR B 404 7.13 -6.31 35.08
CA THR B 404 7.85 -6.56 33.83
C THR B 404 6.84 -6.50 32.67
N THR B 405 7.27 -6.01 31.51
CA THR B 405 6.36 -5.97 30.34
C THR B 405 6.45 -7.27 29.50
N ILE B 406 5.42 -7.47 28.72
CA ILE B 406 5.37 -8.65 27.90
C ILE B 406 6.49 -8.57 26.83
N THR B 407 6.70 -7.39 26.25
CA THR B 407 7.81 -7.17 25.30
C THR B 407 9.17 -7.53 25.88
N SER B 408 9.35 -7.29 27.18
CA SER B 408 10.68 -7.47 27.79
C SER B 408 11.08 -8.93 27.92
N VAL B 409 10.15 -9.87 27.83
CA VAL B 409 10.51 -11.30 27.97
C VAL B 409 10.31 -12.16 26.69
N LEU B 410 10.08 -11.51 25.55
CA LEU B 410 9.94 -12.16 24.25
C LEU B 410 11.28 -12.20 23.55
N PRO B 411 11.48 -13.15 22.61
CA PRO B 411 12.81 -13.23 21.97
C PRO B 411 13.16 -11.92 21.28
N LYS B 412 14.40 -11.44 21.45
CA LYS B 412 14.88 -10.24 20.71
C LYS B 412 15.39 -10.73 19.34
N PRO B 413 14.98 -10.11 18.22
CA PRO B 413 15.48 -10.58 16.92
C PRO B 413 16.98 -10.63 16.84
N ALA B 414 17.52 -11.77 16.40
CA ALA B 414 18.94 -11.91 16.05
C ALA B 414 19.24 -11.04 14.81
N LEU B 415 18.63 -11.40 13.67
CA LEU B 415 18.88 -10.71 12.38
C LEU B 415 17.87 -9.57 12.08
N ARG B 419 18.40 -4.66 3.74
CA ARG B 419 18.38 -4.79 2.31
C ARG B 419 19.77 -4.49 1.74
N VAL B 420 20.17 -5.32 0.81
CA VAL B 420 21.50 -5.19 0.22
C VAL B 420 21.24 -4.13 -0.83
N GLU B 421 22.20 -3.30 -1.15
CA GLU B 421 21.98 -2.43 -2.32
C GLU B 421 22.78 -3.03 -3.46
N VAL B 422 22.05 -3.35 -4.52
CA VAL B 422 22.60 -4.04 -5.65
C VAL B 422 22.12 -3.32 -6.87
N SER B 423 23.05 -3.04 -7.75
CA SER B 423 22.73 -2.42 -9.04
C SER B 423 22.67 -3.45 -10.20
N LYS B 424 23.66 -4.33 -10.22
CA LYS B 424 23.91 -5.31 -11.23
C LYS B 424 24.34 -6.61 -10.55
N VAL B 425 23.63 -7.69 -10.86
CA VAL B 425 23.89 -9.04 -10.36
C VAL B 425 24.32 -9.96 -11.52
N LEU B 426 25.34 -10.77 -11.26
CA LEU B 426 25.78 -11.82 -12.14
C LEU B 426 25.19 -13.16 -11.66
N ILE B 427 24.50 -13.82 -12.55
CA ILE B 427 23.88 -15.14 -12.27
C ILE B 427 24.60 -16.21 -13.04
N LEU B 428 25.15 -17.19 -12.36
CA LEU B 428 25.85 -18.30 -13.02
C LEU B 428 24.79 -19.38 -13.40
N GLY B 429 24.61 -19.55 -14.71
CA GLY B 429 23.70 -20.53 -15.28
C GLY B 429 24.33 -21.90 -15.30
N SER B 430 23.61 -22.78 -15.97
CA SER B 430 23.97 -24.16 -16.00
C SER B 430 25.24 -24.38 -16.77
N GLY B 431 26.17 -25.14 -16.22
CA GLY B 431 27.48 -25.38 -16.84
C GLY B 431 27.82 -26.84 -17.02
N GLY B 432 29.12 -27.13 -16.91
CA GLY B 432 29.71 -28.38 -17.35
C GLY B 432 29.81 -29.39 -16.27
N LEU B 433 30.79 -30.26 -16.36
CA LEU B 433 30.96 -31.35 -15.40
C LEU B 433 31.52 -30.83 -14.08
N SER B 434 31.09 -31.44 -12.99
CA SER B 434 31.82 -31.41 -11.74
C SER B 434 32.29 -32.85 -11.50
N ILE B 435 33.54 -33.00 -11.08
CA ILE B 435 34.07 -34.29 -10.60
C ILE B 435 33.12 -34.71 -9.46
N GLY B 436 32.60 -35.92 -9.51
CA GLY B 436 31.74 -36.44 -8.42
C GLY B 436 30.25 -36.46 -8.73
N GLN B 437 29.71 -35.36 -9.22
CA GLN B 437 28.31 -35.32 -9.63
C GLN B 437 28.06 -36.20 -10.85
N ALA B 438 26.89 -36.81 -10.91
CA ALA B 438 26.31 -37.20 -12.19
C ALA B 438 26.16 -35.90 -13.05
N GLY B 439 26.09 -36.05 -14.37
CA GLY B 439 25.70 -34.93 -15.24
C GLY B 439 24.44 -34.23 -14.68
N GLU B 440 24.50 -32.90 -14.57
CA GLU B 440 23.44 -32.13 -13.98
C GLU B 440 23.22 -30.89 -14.85
N PHE B 441 21.96 -30.48 -14.98
CA PHE B 441 21.60 -29.18 -15.56
C PHE B 441 20.54 -28.50 -14.66
N ASP B 442 20.54 -27.17 -14.62
CA ASP B 442 19.69 -26.40 -13.69
C ASP B 442 19.53 -25.02 -14.24
N TYR B 443 18.29 -24.71 -14.60
CA TYR B 443 17.95 -23.49 -15.25
C TYR B 443 17.15 -22.52 -14.37
N SER B 444 17.16 -22.79 -13.04
CA SER B 444 16.61 -21.91 -12.02
C SER B 444 17.16 -20.48 -12.04
N GLY B 445 18.33 -20.27 -12.64
CA GLY B 445 18.86 -18.91 -12.80
C GLY B 445 17.87 -17.97 -13.49
N SER B 446 16.99 -18.49 -14.34
CA SER B 446 16.01 -17.70 -15.04
C SER B 446 14.96 -17.14 -14.13
N GLN B 447 14.67 -17.90 -13.05
CA GLN B 447 13.75 -17.41 -12.06
C GLN B 447 14.44 -16.28 -11.28
N ALA B 448 15.75 -16.44 -11.02
CA ALA B 448 16.56 -15.33 -10.45
C ALA B 448 16.53 -14.11 -11.32
N VAL B 449 16.69 -14.30 -12.62
CA VAL B 449 16.59 -13.16 -13.54
C VAL B 449 15.28 -12.43 -13.38
N LYS B 450 14.17 -13.17 -13.42
CA LYS B 450 12.82 -12.58 -13.28
C LYS B 450 12.67 -11.83 -11.90
N ALA B 451 13.17 -12.42 -10.84
CA ALA B 451 13.11 -11.77 -9.51
C ALA B 451 13.90 -10.46 -9.49
N MET B 452 15.11 -10.53 -10.02
CA MET B 452 16.01 -9.37 -10.05
C MET B 452 15.40 -8.25 -10.87
N LYS B 453 14.80 -8.60 -12.00
CA LYS B 453 14.20 -7.58 -12.89
C LYS B 453 12.95 -6.96 -12.31
N GLU B 454 12.15 -7.70 -11.56
CA GLU B 454 11.05 -7.07 -10.82
C GLU B 454 11.50 -5.99 -9.82
N GLU B 455 12.72 -6.09 -9.30
CA GLU B 455 13.29 -5.14 -8.35
C GLU B 455 14.24 -4.14 -8.97
N ASN B 456 14.18 -3.96 -10.30
CA ASN B 456 15.03 -3.03 -11.06
C ASN B 456 16.51 -3.21 -10.82
N VAL B 457 16.93 -4.46 -10.66
CA VAL B 457 18.34 -4.82 -10.65
C VAL B 457 18.72 -5.27 -12.07
N LYS B 458 19.87 -4.82 -12.57
CA LYS B 458 20.38 -5.26 -13.85
C LYS B 458 20.94 -6.67 -13.73
N THR B 459 20.79 -7.45 -14.80
CA THR B 459 21.18 -8.87 -14.77
C THR B 459 22.17 -9.19 -15.84
N VAL B 460 23.14 -9.99 -15.44
CA VAL B 460 24.05 -10.64 -16.37
C VAL B 460 23.97 -12.17 -16.13
N LEU B 461 23.78 -12.93 -17.19
CA LEU B 461 23.69 -14.39 -17.10
C LEU B 461 24.76 -15.03 -17.93
N MET B 462 25.44 -16.01 -17.36
CA MET B 462 26.39 -16.82 -18.10
C MET B 462 25.81 -18.24 -18.32
N ASN B 463 25.88 -18.71 -19.58
CA ASN B 463 25.55 -20.08 -20.02
C ASN B 463 26.26 -20.29 -21.35
N PRO B 464 27.16 -21.27 -21.46
CA PRO B 464 27.93 -21.37 -22.67
C PRO B 464 27.17 -21.92 -23.88
N ASN B 465 26.05 -22.60 -23.63
CA ASN B 465 25.34 -23.29 -24.68
C ASN B 465 24.47 -22.25 -25.46
N ILE B 466 24.84 -21.96 -26.70
CA ILE B 466 24.07 -20.98 -27.52
C ILE B 466 22.66 -21.36 -27.84
N ALA B 467 22.31 -22.65 -27.74
CA ALA B 467 20.93 -23.10 -28.03
C ALA B 467 20.13 -23.48 -26.75
N SER B 468 20.60 -23.03 -25.60
CA SER B 468 19.99 -23.46 -24.35
C SER B 468 18.60 -22.86 -24.18
N VAL B 469 17.74 -23.68 -23.57
CA VAL B 469 16.40 -23.25 -23.20
C VAL B 469 16.49 -22.06 -22.29
N GLN B 470 17.53 -22.01 -21.47
CA GLN B 470 17.64 -20.93 -20.49
C GLN B 470 17.70 -19.57 -21.13
N THR B 471 18.35 -19.47 -22.29
CA THR B 471 18.51 -18.20 -22.98
C THR B 471 17.52 -18.05 -24.16
N ASN B 472 16.52 -18.95 -24.26
CA ASN B 472 15.46 -18.85 -25.30
C ASN B 472 14.31 -18.03 -24.68
N GLU B 473 14.61 -16.89 -24.07
CA GLU B 473 13.63 -16.16 -23.22
C GLU B 473 13.58 -14.77 -23.78
N VAL B 474 12.40 -14.15 -23.88
CA VAL B 474 12.36 -12.78 -24.36
C VAL B 474 11.57 -11.82 -23.50
N GLY B 475 11.14 -12.19 -22.31
CA GLY B 475 10.44 -11.21 -21.47
C GLY B 475 11.12 -10.94 -20.13
N LEU B 476 10.37 -11.17 -19.07
CA LEU B 476 10.87 -10.97 -17.73
C LEU B 476 11.97 -11.95 -17.39
N LYS B 477 12.05 -13.06 -18.11
CA LYS B 477 13.05 -14.08 -17.85
C LYS B 477 14.36 -13.93 -18.65
N GLN B 478 14.43 -12.95 -19.52
CA GLN B 478 15.66 -12.69 -20.32
C GLN B 478 16.60 -11.75 -19.54
N ALA B 479 17.83 -12.16 -19.38
CA ALA B 479 18.81 -11.32 -18.69
C ALA B 479 19.10 -10.11 -19.55
N ASP B 480 19.42 -8.98 -18.94
CA ASP B 480 19.82 -7.77 -19.69
C ASP B 480 21.01 -8.07 -20.56
N THR B 481 21.93 -8.89 -20.08
CA THR B 481 23.10 -9.18 -20.82
C THR B 481 23.45 -10.68 -20.64
N VAL B 482 23.71 -11.38 -21.73
CA VAL B 482 24.10 -12.82 -21.67
C VAL B 482 25.48 -13.03 -22.21
N TYR B 483 26.32 -13.81 -21.49
CA TYR B 483 27.63 -14.22 -21.95
C TYR B 483 27.62 -15.72 -22.19
N PHE B 484 27.93 -16.12 -23.42
CA PHE B 484 28.01 -17.48 -23.83
C PHE B 484 29.39 -17.98 -23.57
N LEU B 485 29.73 -18.11 -22.28
CA LEU B 485 31.06 -18.48 -21.84
C LEU B 485 30.98 -19.58 -20.90
N PRO B 486 32.05 -20.38 -20.80
CA PRO B 486 32.04 -21.44 -19.86
C PRO B 486 31.95 -21.00 -18.41
N ILE B 487 31.41 -21.87 -17.57
CA ILE B 487 31.23 -21.57 -16.14
C ILE B 487 32.45 -22.15 -15.47
N THR B 488 33.54 -21.39 -15.60
CA THR B 488 34.79 -21.69 -14.94
C THR B 488 35.37 -20.42 -14.35
N PRO B 489 36.29 -20.54 -13.35
CA PRO B 489 36.86 -19.31 -12.68
C PRO B 489 37.47 -18.27 -13.62
N GLN B 490 38.23 -18.75 -14.58
CA GLN B 490 38.83 -17.89 -15.57
C GLN B 490 37.77 -17.05 -16.28
N PHE B 491 36.74 -17.70 -16.80
CA PHE B 491 35.76 -16.98 -17.62
C PHE B 491 34.85 -16.14 -16.74
N VAL B 492 34.48 -16.61 -15.54
CA VAL B 492 33.61 -15.78 -14.69
C VAL B 492 34.40 -14.52 -14.30
N THR B 493 35.72 -14.72 -14.07
CA THR B 493 36.56 -13.54 -13.75
C THR B 493 36.56 -12.52 -14.85
N GLU B 494 36.61 -12.95 -16.12
CA GLU B 494 36.56 -11.97 -17.19
C GLU B 494 35.27 -11.24 -17.24
N VAL B 495 34.14 -11.92 -16.94
CA VAL B 495 32.82 -11.22 -16.97
C VAL B 495 32.71 -10.23 -15.77
N ILE B 496 33.25 -10.61 -14.64
CA ILE B 496 33.28 -9.69 -13.49
C ILE B 496 34.07 -8.38 -13.89
N LYS B 497 35.23 -8.52 -14.54
CA LYS B 497 36.03 -7.31 -14.98
C LYS B 497 35.30 -6.50 -16.02
N ALA B 498 34.64 -7.19 -16.97
CA ALA B 498 33.91 -6.46 -18.02
C ALA B 498 32.69 -5.78 -17.53
N GLU B 499 31.96 -6.40 -16.60
CA GLU B 499 30.63 -5.92 -16.22
C GLU B 499 30.58 -5.20 -14.86
N GLN B 500 31.52 -5.50 -13.98
CA GLN B 500 31.52 -4.88 -12.63
C GLN B 500 30.23 -5.07 -11.90
N PRO B 501 29.74 -6.34 -11.86
CA PRO B 501 28.56 -6.51 -11.02
C PRO B 501 28.88 -6.28 -9.55
N ASP B 502 27.90 -5.88 -8.78
CA ASP B 502 28.09 -5.81 -7.35
C ASP B 502 27.58 -6.97 -6.55
N GLY B 503 26.84 -7.87 -7.23
CA GLY B 503 26.19 -9.06 -6.59
C GLY B 503 26.44 -10.29 -7.47
N LEU B 504 26.57 -11.45 -6.84
CA LEU B 504 26.75 -12.78 -7.48
C LEU B 504 25.73 -13.80 -6.91
N ILE B 505 24.98 -14.44 -7.81
CA ILE B 505 24.18 -15.60 -7.46
C ILE B 505 24.88 -16.85 -7.98
N LEU B 506 25.40 -17.64 -7.06
CA LEU B 506 26.21 -18.84 -7.39
C LEU B 506 25.54 -20.16 -7.03
N GLY B 507 24.35 -20.12 -6.49
CA GLY B 507 23.66 -21.32 -6.01
C GLY B 507 22.47 -21.79 -6.86
N MET B 508 22.33 -21.31 -8.11
CA MET B 508 21.18 -21.62 -8.93
C MET B 508 21.61 -22.17 -10.30
N GLY B 509 22.81 -22.73 -10.33
CA GLY B 509 23.37 -23.32 -11.56
C GLY B 509 23.97 -24.68 -11.34
N GLY B 510 23.54 -25.40 -10.30
CA GLY B 510 24.12 -26.71 -10.04
C GLY B 510 25.48 -26.71 -9.38
N GLN B 511 26.03 -27.89 -9.25
CA GLN B 511 27.31 -28.06 -8.50
C GLN B 511 28.45 -27.25 -9.12
N THR B 512 28.50 -27.23 -10.45
CA THR B 512 29.58 -26.55 -11.15
C THR B 512 29.60 -25.02 -10.93
N ALA B 513 28.43 -24.39 -10.98
CA ALA B 513 28.33 -22.98 -10.65
C ALA B 513 28.74 -22.67 -9.18
N LEU B 514 28.27 -23.52 -8.26
CA LEU B 514 28.60 -23.36 -6.84
C LEU B 514 30.12 -23.52 -6.65
N ASN B 515 30.72 -24.57 -7.21
CA ASN B 515 32.16 -24.77 -7.06
C ASN B 515 32.99 -23.61 -7.65
N CYS B 516 32.55 -23.06 -8.78
CA CYS B 516 33.20 -21.94 -9.41
C CYS B 516 33.08 -20.68 -8.52
N GLY B 517 31.91 -20.42 -7.94
CA GLY B 517 31.72 -19.27 -7.06
C GLY B 517 32.61 -19.38 -5.83
N VAL B 518 32.71 -20.59 -5.28
CA VAL B 518 33.48 -20.82 -4.05
C VAL B 518 34.95 -20.59 -4.32
N GLU B 519 35.44 -21.08 -5.46
CA GLU B 519 36.82 -20.94 -5.87
C GLU B 519 37.14 -19.47 -6.11
N LEU B 520 36.27 -18.71 -6.71
CA LEU B 520 36.50 -17.29 -6.83
C LEU B 520 36.59 -16.56 -5.49
N PHE B 521 35.74 -16.99 -4.56
CA PHE B 521 35.76 -16.44 -3.24
C PHE B 521 37.14 -16.79 -2.65
N LYS B 522 37.58 -18.05 -2.78
CA LYS B 522 38.80 -18.48 -2.15
C LYS B 522 40.02 -17.75 -2.68
N ARG B 523 40.06 -17.51 -4.00
CA ARG B 523 41.15 -16.79 -4.63
C ARG B 523 41.21 -15.29 -4.31
N GLY B 524 40.18 -14.70 -3.70
CA GLY B 524 40.16 -13.28 -3.45
C GLY B 524 39.59 -12.48 -4.58
N VAL B 525 39.02 -13.15 -5.61
CA VAL B 525 38.58 -12.43 -6.78
C VAL B 525 37.35 -11.64 -6.40
N LEU B 526 36.45 -12.21 -5.63
CA LEU B 526 35.21 -11.51 -5.30
C LEU B 526 35.46 -10.22 -4.46
N LYS B 527 36.35 -10.36 -3.51
CA LYS B 527 36.77 -9.21 -2.66
C LYS B 527 37.47 -8.15 -3.50
N GLU B 528 38.44 -8.59 -4.29
CA GLU B 528 39.19 -7.67 -5.13
C GLU B 528 38.21 -6.88 -5.95
N TYR B 529 37.20 -7.51 -6.60
CA TYR B 529 36.29 -6.69 -7.40
C TYR B 529 35.06 -6.17 -6.71
N GLY B 530 34.90 -6.36 -5.39
CA GLY B 530 33.73 -5.79 -4.73
C GLY B 530 32.42 -6.52 -5.14
N VAL B 531 32.48 -7.83 -5.26
CA VAL B 531 31.28 -8.59 -5.69
C VAL B 531 30.73 -9.27 -4.45
N LYS B 532 29.53 -8.88 -4.03
CA LYS B 532 28.95 -9.49 -2.83
C LYS B 532 28.24 -10.83 -3.21
N VAL B 533 28.42 -11.88 -2.44
CA VAL B 533 27.64 -13.10 -2.61
C VAL B 533 26.25 -12.88 -2.02
N LEU B 534 25.21 -12.95 -2.85
CA LEU B 534 23.87 -12.73 -2.42
C LEU B 534 23.29 -14.09 -1.95
N GLY B 535 22.61 -14.08 -0.80
CA GLY B 535 22.12 -15.27 -0.15
C GLY B 535 23.09 -15.86 0.85
N THR B 536 23.08 -17.18 0.92
CA THR B 536 23.95 -17.88 1.83
C THR B 536 25.42 -17.53 1.56
N SER B 537 26.15 -17.20 2.62
CA SER B 537 27.58 -16.86 2.46
C SER B 537 28.41 -18.06 1.98
N VAL B 538 29.53 -17.76 1.34
CA VAL B 538 30.45 -18.85 0.97
C VAL B 538 30.96 -19.61 2.20
N GLU B 539 31.23 -18.88 3.27
CA GLU B 539 31.62 -19.49 4.59
C GLU B 539 30.58 -20.51 5.01
N SER B 540 29.30 -20.16 4.94
CA SER B 540 28.25 -21.13 5.31
C SER B 540 28.15 -22.31 4.34
N ILE B 541 28.23 -22.04 3.04
CA ILE B 541 28.21 -23.11 2.09
C ILE B 541 29.32 -24.11 2.35
N MET B 542 30.53 -23.62 2.59
CA MET B 542 31.72 -24.50 2.75
C MET B 542 31.56 -25.51 3.90
N ALA B 543 30.99 -24.99 4.97
CA ALA B 543 30.68 -25.77 6.15
C ALA B 543 29.64 -26.83 5.90
N THR B 544 28.83 -26.72 4.85
CA THR B 544 27.97 -27.80 4.46
C THR B 544 28.52 -28.72 3.40
N GLU B 545 29.47 -28.25 2.60
CA GLU B 545 30.06 -29.09 1.53
C GLU B 545 31.19 -29.93 2.09
N ASP B 546 31.75 -29.61 3.27
CA ASP B 546 32.79 -30.48 3.87
C ASP B 546 32.20 -31.30 5.01
N ARG B 547 32.22 -32.63 4.91
CA ARG B 547 31.60 -33.50 5.92
C ARG B 547 32.13 -33.29 7.32
N GLN B 548 33.45 -33.11 7.47
CA GLN B 548 34.00 -32.81 8.79
C GLN B 548 33.48 -31.51 9.39
N LEU B 549 33.50 -30.45 8.60
CA LEU B 549 33.04 -29.13 9.09
C LEU B 549 31.53 -29.11 9.45
N PHE B 550 30.75 -29.78 8.61
CA PHE B 550 29.31 -29.95 8.80
C PHE B 550 29.09 -30.77 10.11
N SER B 551 29.76 -31.91 10.27
CA SER B 551 29.65 -32.66 11.53
C SER B 551 29.98 -31.80 12.75
N ASP B 552 31.05 -31.02 12.64
CA ASP B 552 31.45 -30.03 13.68
C ASP B 552 30.38 -28.99 13.99
N LYS B 553 29.91 -28.25 12.97
CA LYS B 553 28.81 -27.29 13.17
C LYS B 553 27.57 -27.91 13.81
N LEU B 554 27.19 -29.11 13.38
CA LEU B 554 25.99 -29.76 13.95
C LEU B 554 26.20 -30.14 15.42
N ASN B 555 27.44 -30.45 15.81
CA ASN B 555 27.68 -30.80 17.21
C ASN B 555 27.50 -29.62 18.13
N GLU B 556 27.66 -28.40 17.63
CA GLU B 556 27.42 -27.21 18.45
C GLU B 556 26.00 -27.05 18.86
N ILE B 557 25.04 -27.71 18.19
CA ILE B 557 23.62 -27.65 18.63
C ILE B 557 23.04 -29.04 18.95
N ASN B 558 23.92 -29.96 19.37
CA ASN B 558 23.55 -31.31 19.85
C ASN B 558 22.97 -32.17 18.73
N GLU B 559 23.48 -31.99 17.52
CA GLU B 559 23.01 -32.81 16.41
C GLU B 559 24.21 -33.56 15.87
N LYS B 560 23.92 -34.56 15.05
CA LYS B 560 24.91 -35.54 14.63
C LYS B 560 24.56 -36.10 13.25
N ILE B 561 25.63 -36.50 12.57
CA ILE B 561 25.62 -36.90 11.16
C ILE B 561 25.39 -38.38 10.85
N SER B 625 25.57 -47.69 8.78
CA SER B 625 24.34 -48.43 8.45
C SER B 625 23.04 -47.92 9.14
N VAL B 626 22.27 -47.13 8.39
CA VAL B 626 20.89 -46.75 8.78
C VAL B 626 19.92 -47.47 7.83
N THR B 627 20.17 -48.77 7.66
CA THR B 627 19.44 -49.59 6.72
C THR B 627 18.04 -49.93 7.28
N GLY B 628 17.00 -49.77 6.43
CA GLY B 628 15.59 -49.89 6.88
C GLY B 628 15.05 -48.73 7.74
N TRP B 629 15.79 -47.65 7.85
CA TRP B 629 15.26 -46.44 8.50
C TRP B 629 14.44 -45.64 7.47
N LYS B 630 13.51 -44.83 7.95
CA LYS B 630 12.70 -44.05 7.06
C LYS B 630 13.50 -42.81 6.66
N GLU B 631 13.49 -42.46 5.36
CA GLU B 631 14.25 -41.34 4.88
C GLU B 631 13.29 -40.27 4.51
N ILE B 632 13.50 -39.12 5.11
CA ILE B 632 12.49 -38.02 5.08
C ILE B 632 13.32 -36.80 4.78
N GLU B 633 12.91 -36.02 3.82
CA GLU B 633 13.57 -34.77 3.54
C GLU B 633 12.64 -33.56 3.57
N TYR B 634 13.22 -32.42 3.93
CA TYR B 634 12.54 -31.15 4.04
C TYR B 634 13.23 -30.09 3.15
N GLU B 635 12.39 -29.28 2.49
CA GLU B 635 12.82 -28.08 1.86
C GLU B 635 12.51 -26.96 2.76
N VAL B 636 13.53 -26.18 3.11
CA VAL B 636 13.44 -25.06 4.04
C VAL B 636 13.89 -23.72 3.40
N VAL B 637 13.26 -22.66 3.85
CA VAL B 637 13.56 -21.33 3.37
C VAL B 637 13.77 -20.47 4.61
N ARG B 638 14.80 -19.63 4.57
CA ARG B 638 15.18 -18.74 5.67
C ARG B 638 15.53 -17.39 5.08
N ASP B 639 14.92 -16.36 5.59
CA ASP B 639 15.14 -15.04 5.06
C ASP B 639 16.21 -14.27 5.90
N ALA B 640 16.58 -13.07 5.44
CA ALA B 640 17.56 -12.27 6.17
C ALA B 640 17.07 -11.75 7.53
N ASP B 641 15.75 -11.72 7.79
CA ASP B 641 15.15 -11.41 9.09
C ASP B 641 15.07 -12.61 10.06
N ASP B 642 15.68 -13.74 9.70
CA ASP B 642 15.60 -14.95 10.46
C ASP B 642 14.22 -15.68 10.47
N ASN B 643 13.29 -15.31 9.60
CA ASN B 643 12.05 -16.09 9.43
C ASN B 643 12.43 -17.37 8.68
N CYS B 644 11.99 -18.49 9.16
CA CYS B 644 12.48 -19.77 8.65
C CYS B 644 11.27 -20.70 8.56
N VAL B 645 10.89 -21.13 7.31
CA VAL B 645 9.68 -22.02 7.10
C VAL B 645 10.04 -23.29 6.33
N THR B 646 9.24 -24.33 6.48
CA THR B 646 9.42 -25.51 5.64
C THR B 646 8.31 -25.61 4.61
N VAL B 647 8.69 -25.66 3.34
CA VAL B 647 7.73 -25.59 2.30
C VAL B 647 7.31 -26.94 1.76
N CYS B 648 8.09 -28.00 1.99
CA CYS B 648 7.79 -29.31 1.42
C CYS B 648 8.55 -30.36 2.22
N ASN B 649 7.94 -31.53 2.35
CA ASN B 649 8.55 -32.66 2.97
C ASN B 649 8.19 -33.88 2.10
N MET B 650 9.13 -34.79 2.01
CA MET B 650 9.00 -35.95 1.19
C MET B 650 9.47 -37.18 1.91
N GLU B 651 8.87 -38.34 1.60
CA GLU B 651 9.25 -39.61 2.21
C GLU B 651 9.72 -40.51 1.09
N ASN B 652 10.85 -41.17 1.30
CA ASN B 652 11.35 -42.16 0.34
C ASN B 652 10.57 -43.42 0.44
N VAL B 653 9.96 -43.87 -0.64
CA VAL B 653 9.18 -45.13 -0.60
C VAL B 653 10.26 -46.24 -0.57
N ASP B 654 11.22 -46.10 -1.43
CA ASP B 654 12.22 -47.14 -1.72
C ASP B 654 13.45 -46.42 -2.36
N ALA B 655 14.58 -46.78 -1.78
CA ALA B 655 15.91 -46.21 -2.13
C ALA B 655 16.69 -47.09 -3.16
N MET B 656 16.22 -48.34 -3.36
CA MET B 656 16.96 -49.44 -4.02
C MET B 656 18.10 -49.92 -3.12
N GLY B 661 19.50 -39.78 -4.38
CA GLY B 661 18.91 -38.86 -5.34
C GLY B 661 17.89 -39.48 -6.28
N ASP B 662 18.07 -40.76 -6.58
CA ASP B 662 17.25 -41.47 -7.55
C ASP B 662 16.29 -42.36 -6.81
N SER B 663 15.60 -41.83 -5.81
CA SER B 663 14.65 -42.68 -5.09
C SER B 663 13.24 -42.39 -5.60
N VAL B 664 12.36 -43.34 -5.35
CA VAL B 664 10.97 -43.11 -5.45
C VAL B 664 10.55 -42.38 -4.16
N VAL B 665 9.84 -41.27 -4.35
CA VAL B 665 9.43 -40.39 -3.32
C VAL B 665 7.96 -40.07 -3.39
N VAL B 666 7.30 -39.94 -2.21
CA VAL B 666 5.99 -39.27 -2.12
C VAL B 666 6.07 -37.97 -1.36
N ALA B 667 5.16 -37.07 -1.67
CA ALA B 667 5.02 -35.79 -0.99
C ALA B 667 3.56 -35.52 -0.79
N PRO B 668 3.10 -35.16 0.40
CA PRO B 668 3.86 -35.16 1.61
C PRO B 668 4.16 -36.52 2.12
N ALA B 669 5.06 -36.56 3.07
CA ALA B 669 5.28 -37.82 3.78
C ALA B 669 3.99 -38.42 4.31
N GLN B 670 3.95 -39.75 4.32
CA GLN B 670 2.70 -40.44 4.62
C GLN B 670 2.68 -41.22 5.91
N THR B 671 3.82 -41.73 6.37
CA THR B 671 3.76 -42.71 7.44
C THR B 671 4.21 -42.17 8.80
N LEU B 672 4.38 -40.85 8.95
CA LEU B 672 4.83 -40.20 10.20
C LEU B 672 3.67 -39.80 11.10
N SER B 673 3.91 -39.84 12.40
CA SER B 673 2.99 -39.30 13.39
C SER B 673 3.26 -37.78 13.46
N ASN B 674 2.39 -37.06 14.10
CA ASN B 674 2.67 -35.64 14.37
C ASN B 674 4.00 -35.46 15.16
N ALA B 675 4.20 -36.25 16.21
CA ALA B 675 5.37 -36.07 17.04
C ALA B 675 6.64 -36.20 16.13
N GLU B 676 6.69 -37.20 15.29
CA GLU B 676 7.86 -37.41 14.47
C GLU B 676 8.01 -36.30 13.43
N PHE B 677 6.93 -36.04 12.68
CA PHE B 677 6.98 -35.00 11.65
C PHE B 677 7.46 -33.67 12.29
N GLN B 678 6.92 -33.28 13.45
CA GLN B 678 7.20 -31.91 14.03
C GLN B 678 8.59 -31.86 14.68
N MET B 679 9.05 -33.03 15.12
CA MET B 679 10.44 -33.18 15.64
C MET B 679 11.45 -32.89 14.49
N LEU B 680 11.28 -33.58 13.36
CA LEU B 680 12.20 -33.37 12.21
C LEU B 680 12.04 -31.97 11.59
N ARG B 681 10.81 -31.46 11.56
CA ARG B 681 10.55 -30.14 11.05
C ARG B 681 11.36 -29.15 11.88
N ARG B 682 11.26 -29.27 13.19
CA ARG B 682 11.88 -28.32 14.02
C ARG B 682 13.39 -28.39 13.94
N THR B 683 13.94 -29.61 13.92
CA THR B 683 15.35 -29.82 13.73
C THR B 683 15.80 -29.20 12.38
N SER B 684 15.01 -29.33 11.34
CA SER B 684 15.30 -28.67 10.04
C SER B 684 15.46 -27.18 10.26
N ILE B 685 14.49 -26.57 10.92
CA ILE B 685 14.58 -25.14 11.12
C ILE B 685 15.78 -24.72 11.98
N ASN B 686 15.99 -25.40 13.09
CA ASN B 686 17.19 -25.18 13.93
C ASN B 686 18.51 -25.35 13.17
N VAL B 687 18.65 -26.37 12.34
CA VAL B 687 19.89 -26.59 11.60
C VAL B 687 20.12 -25.49 10.57
N VAL B 688 19.08 -25.15 9.81
CA VAL B 688 19.20 -24.19 8.74
C VAL B 688 19.53 -22.81 9.30
N ARG B 689 18.93 -22.45 10.41
CA ARG B 689 19.24 -21.20 11.11
C ARG B 689 20.68 -21.18 11.62
N HIS B 690 21.11 -22.27 12.23
CA HIS B 690 22.45 -22.40 12.78
C HIS B 690 23.50 -22.32 11.67
N LEU B 691 23.18 -22.88 10.51
CA LEU B 691 24.10 -22.81 9.34
C LEU B 691 24.14 -21.51 8.64
N GLY B 692 23.26 -20.59 8.99
CA GLY B 692 23.23 -19.30 8.35
C GLY B 692 22.65 -19.26 6.94
N ILE B 693 21.78 -20.18 6.58
CA ILE B 693 21.19 -20.14 5.25
C ILE B 693 20.37 -18.86 5.05
N VAL B 694 20.51 -18.23 3.88
CA VAL B 694 19.68 -17.09 3.51
C VAL B 694 19.21 -17.39 2.10
N GLY B 695 18.09 -18.12 1.99
CA GLY B 695 17.59 -18.62 0.72
C GLY B 695 16.98 -19.99 1.02
N GLU B 696 17.28 -20.98 0.17
CA GLU B 696 16.70 -22.36 0.22
C GLU B 696 17.77 -23.30 0.70
N CYS B 697 17.34 -24.36 1.37
CA CYS B 697 18.19 -25.46 1.86
C CYS B 697 17.35 -26.75 1.83
N ASN B 698 17.97 -27.84 1.46
CA ASN B 698 17.39 -29.18 1.50
C ASN B 698 18.07 -29.88 2.69
N ILE B 699 17.31 -30.55 3.53
CA ILE B 699 17.91 -31.40 4.56
C ILE B 699 17.25 -32.77 4.55
N GLN B 700 18.05 -33.80 4.67
CA GLN B 700 17.59 -35.20 4.61
C GLN B 700 17.90 -35.87 5.93
N PHE B 701 16.95 -36.65 6.40
CA PHE B 701 17.05 -37.36 7.66
C PHE B 701 16.86 -38.84 7.45
N ALA B 702 17.45 -39.60 8.39
CA ALA B 702 17.12 -40.98 8.58
C ALA B 702 16.48 -41.13 9.95
N LEU B 703 15.29 -41.69 9.99
CA LEU B 703 14.46 -41.87 11.22
C LEU B 703 14.28 -43.35 11.49
N HIS B 704 14.59 -43.72 12.72
CA HIS B 704 14.41 -45.12 13.16
C HIS B 704 12.91 -45.46 13.05
N PRO B 705 12.57 -46.60 12.45
CA PRO B 705 11.17 -46.84 12.06
C PRO B 705 10.22 -47.29 13.19
N THR B 706 10.77 -47.52 14.39
CA THR B 706 9.97 -47.87 15.56
C THR B 706 10.36 -47.09 16.80
N SER B 707 10.79 -45.85 16.66
CA SER B 707 11.08 -44.97 17.81
C SER B 707 11.23 -43.49 17.29
N MET B 708 11.88 -42.62 18.09
CA MET B 708 12.08 -41.19 17.80
C MET B 708 13.55 -40.79 17.50
N GLU B 709 14.45 -41.75 17.51
CA GLU B 709 15.86 -41.56 17.18
C GLU B 709 16.04 -41.23 15.68
N TYR B 710 16.84 -40.23 15.39
CA TYR B 710 17.15 -39.91 13.97
C TYR B 710 18.58 -39.49 13.81
N CYS B 711 19.02 -39.35 12.58
CA CYS B 711 20.18 -38.55 12.31
C CYS B 711 20.09 -37.86 10.98
N ILE B 712 20.91 -36.85 10.84
CA ILE B 712 20.94 -36.00 9.68
C ILE B 712 21.87 -36.70 8.73
N ILE B 713 21.44 -36.87 7.49
CA ILE B 713 22.25 -37.49 6.46
C ILE B 713 23.01 -36.43 5.72
N GLU B 714 22.33 -35.35 5.30
CA GLU B 714 22.98 -34.29 4.54
C GLU B 714 22.14 -33.10 4.35
N VAL B 715 22.86 -32.01 4.06
CA VAL B 715 22.23 -30.72 3.79
C VAL B 715 22.71 -30.25 2.40
N ASN B 716 21.86 -29.56 1.64
CA ASN B 716 22.26 -29.01 0.32
C ASN B 716 21.83 -27.56 0.29
N ALA B 717 22.81 -26.65 0.29
CA ALA B 717 22.57 -25.22 0.40
C ALA B 717 22.55 -24.51 -0.97
N ARG B 718 22.45 -25.29 -2.04
CA ARG B 718 22.18 -24.74 -3.36
C ARG B 718 20.90 -25.39 -3.90
N LEU B 719 20.30 -24.79 -4.92
CA LEU B 719 19.16 -25.41 -5.60
C LEU B 719 19.60 -26.76 -6.17
N SER B 720 18.66 -27.69 -6.10
CA SER B 720 18.97 -29.10 -6.39
C SER B 720 17.78 -29.71 -7.14
N ARG B 721 17.90 -30.99 -7.50
CA ARG B 721 16.74 -31.76 -8.03
C ARG B 721 15.60 -31.79 -7.04
N SER B 722 15.92 -31.93 -5.75
CA SER B 722 14.91 -31.84 -4.68
C SER B 722 14.13 -30.54 -4.62
N SER B 723 14.84 -29.43 -4.71
CA SER B 723 14.15 -28.17 -4.67
C SER B 723 13.30 -27.99 -5.93
N ALA B 724 13.76 -28.44 -7.08
CA ALA B 724 12.95 -28.33 -8.28
C ALA B 724 11.68 -29.19 -8.14
N LEU B 725 11.86 -30.40 -7.64
CA LEU B 725 10.72 -31.28 -7.42
C LEU B 725 9.71 -30.73 -6.41
N ALA B 726 10.23 -30.21 -5.31
CA ALA B 726 9.39 -29.51 -4.34
C ALA B 726 8.58 -28.36 -4.93
N SER B 727 9.17 -27.55 -5.81
CA SER B 727 8.49 -26.38 -6.40
C SER B 727 7.36 -26.91 -7.29
N LYS B 728 7.59 -27.98 -8.06
CA LYS B 728 6.53 -28.54 -8.89
C LYS B 728 5.44 -29.18 -8.08
N ALA B 729 5.82 -29.89 -7.01
CA ALA B 729 4.90 -30.60 -6.15
C ALA B 729 3.97 -29.69 -5.40
N THR B 730 4.49 -28.53 -4.96
CA THR B 730 3.70 -27.59 -4.15
C THR B 730 3.12 -26.39 -4.83
N GLY B 731 3.68 -25.99 -5.97
CA GLY B 731 3.40 -24.67 -6.50
C GLY B 731 4.10 -23.52 -5.75
N TYR B 732 5.02 -23.84 -4.86
CA TYR B 732 5.86 -22.83 -4.15
C TYR B 732 7.13 -22.61 -5.00
N PRO B 733 7.31 -21.40 -5.53
CA PRO B 733 8.45 -21.19 -6.48
C PRO B 733 9.77 -20.93 -5.78
N LEU B 734 10.47 -21.97 -5.39
CA LEU B 734 11.65 -21.87 -4.54
C LEU B 734 12.76 -21.01 -5.14
N ALA B 735 13.10 -21.23 -6.40
CA ALA B 735 14.16 -20.43 -7.03
C ALA B 735 13.83 -18.91 -7.00
N PHE B 736 12.65 -18.57 -7.43
CA PHE B 736 12.17 -17.20 -7.38
C PHE B 736 12.23 -16.56 -6.03
N ILE B 737 11.68 -17.26 -5.03
CA ILE B 737 11.66 -16.74 -3.69
C ILE B 737 13.07 -16.64 -3.12
N ALA B 738 13.91 -17.65 -3.38
CA ALA B 738 15.28 -17.56 -2.89
C ALA B 738 16.05 -16.32 -3.46
N ALA B 739 15.73 -15.95 -4.70
CA ALA B 739 16.32 -14.82 -5.36
C ALA B 739 15.86 -13.50 -4.71
N LYS B 740 14.61 -13.40 -4.41
CA LYS B 740 14.07 -12.29 -3.59
C LYS B 740 14.70 -12.23 -2.21
N ILE B 741 14.84 -13.37 -1.56
CA ILE B 741 15.43 -13.40 -0.25
C ILE B 741 16.91 -12.91 -0.34
N ALA B 742 17.59 -13.23 -1.43
CA ALA B 742 18.98 -12.86 -1.62
C ALA B 742 19.21 -11.30 -1.66
N LEU B 743 18.16 -10.56 -1.98
CA LEU B 743 18.14 -9.12 -1.92
C LEU B 743 17.76 -8.56 -0.52
N GLY B 744 17.63 -9.43 0.48
CA GLY B 744 17.22 -9.07 1.82
C GLY B 744 15.77 -8.74 2.02
N ILE B 745 14.89 -9.13 1.10
CA ILE B 745 13.47 -8.96 1.22
C ILE B 745 12.93 -10.11 2.12
N PRO B 746 12.15 -9.77 3.18
CA PRO B 746 11.70 -10.87 4.05
C PRO B 746 10.48 -11.58 3.51
N LEU B 747 10.24 -12.82 3.98
CA LEU B 747 9.15 -13.67 3.46
C LEU B 747 7.79 -12.99 3.44
N PRO B 748 7.41 -12.27 4.51
CA PRO B 748 6.08 -11.60 4.47
C PRO B 748 5.91 -10.50 3.40
N GLU B 749 7.03 -9.97 2.92
CA GLU B 749 7.01 -8.98 1.85
C GLU B 749 7.07 -9.56 0.45
N ILE B 750 7.18 -10.88 0.31
CA ILE B 750 7.22 -11.49 -1.01
C ILE B 750 5.80 -12.10 -1.31
N LYS B 751 5.26 -11.91 -2.52
CA LYS B 751 3.96 -12.46 -2.90
C LYS B 751 3.92 -14.03 -3.23
N ASN B 752 2.81 -14.66 -2.78
CA ASN B 752 2.46 -16.04 -3.18
C ASN B 752 1.93 -15.91 -4.55
N VAL B 753 2.75 -16.31 -5.55
CA VAL B 753 2.32 -16.08 -6.93
C VAL B 753 1.09 -16.91 -7.35
N VAL B 754 0.82 -18.03 -6.67
CA VAL B 754 -0.37 -18.89 -7.00
C VAL B 754 -1.65 -18.29 -6.47
N SER B 755 -1.65 -17.81 -5.21
CA SER B 755 -2.87 -17.20 -4.63
C SER B 755 -3.02 -15.77 -5.10
N GLY B 756 -1.89 -15.06 -5.29
CA GLY B 756 -1.95 -13.65 -5.69
C GLY B 756 -2.10 -12.75 -4.48
N LYS B 757 -2.82 -13.22 -3.45
CA LYS B 757 -3.33 -12.38 -2.39
C LYS B 757 -2.59 -12.56 -1.03
N THR B 758 -1.71 -13.55 -0.91
CA THR B 758 -1.02 -13.86 0.33
C THR B 758 0.48 -13.88 0.06
N SER B 759 1.29 -14.15 1.06
CA SER B 759 2.72 -13.99 0.94
C SER B 759 3.41 -15.36 0.87
N ALA B 760 4.71 -15.29 0.66
CA ALA B 760 5.57 -16.46 0.70
C ALA B 760 5.91 -16.97 2.10
N CYS B 761 5.46 -16.23 3.12
CA CYS B 761 5.62 -16.63 4.52
C CYS B 761 4.50 -17.62 4.93
N PHE B 762 4.64 -18.87 4.52
CA PHE B 762 3.69 -19.90 4.85
C PHE B 762 4.28 -21.23 4.48
N GLU B 763 3.59 -22.26 4.97
CA GLU B 763 3.95 -23.63 4.61
C GLU B 763 2.78 -24.24 3.80
N PRO B 764 3.05 -24.70 2.56
CA PRO B 764 1.94 -25.15 1.74
C PRO B 764 1.17 -26.27 2.38
N SER B 765 -0.16 -26.32 2.16
CA SER B 765 -0.92 -27.50 2.52
C SER B 765 -1.42 -28.18 1.23
N LEU B 766 -1.14 -29.47 1.07
CA LEU B 766 -1.44 -30.20 -0.15
C LEU B 766 -2.68 -31.02 0.10
N ASP B 767 -3.70 -30.83 -0.74
CA ASP B 767 -4.89 -31.66 -0.71
C ASP B 767 -4.84 -32.83 -1.75
N TYR B 768 -3.63 -33.26 -2.11
CA TYR B 768 -3.39 -34.29 -3.07
C TYR B 768 -2.05 -34.88 -2.63
N MET B 769 -1.66 -35.99 -3.26
CA MET B 769 -0.37 -36.60 -3.00
C MET B 769 0.42 -36.69 -4.34
N VAL B 770 1.74 -36.47 -4.26
CA VAL B 770 2.63 -36.53 -5.40
C VAL B 770 3.50 -37.80 -5.30
N THR B 771 3.80 -38.42 -6.45
CA THR B 771 4.76 -39.54 -6.59
C THR B 771 5.74 -39.17 -7.60
N LYS B 772 7.01 -39.21 -7.24
CA LYS B 772 8.07 -39.03 -8.16
C LYS B 772 8.84 -40.33 -8.31
N ILE B 773 9.17 -40.69 -9.55
CA ILE B 773 9.86 -41.93 -9.86
C ILE B 773 11.03 -41.57 -10.80
N PRO B 774 12.23 -42.09 -10.53
CA PRO B 774 13.31 -41.94 -11.50
C PRO B 774 13.11 -42.65 -12.82
N ARG B 775 13.60 -42.02 -13.89
CA ARG B 775 13.54 -42.64 -15.22
C ARG B 775 14.90 -43.30 -15.43
N TRP B 776 14.91 -44.61 -15.50
CA TRP B 776 16.17 -45.35 -15.67
C TRP B 776 16.49 -45.53 -17.16
N ASP B 777 17.78 -45.75 -17.42
CA ASP B 777 18.30 -45.88 -18.77
C ASP B 777 18.11 -47.29 -19.30
N LEU B 778 16.87 -47.60 -19.63
CA LEU B 778 16.48 -48.92 -20.06
C LEU B 778 16.10 -48.98 -21.54
N ASP B 779 16.07 -47.85 -22.22
CA ASP B 779 15.74 -47.84 -23.65
C ASP B 779 16.87 -48.60 -24.44
N MET B 792 21.76 -48.94 -15.01
CA MET B 792 20.61 -48.15 -14.58
C MET B 792 20.99 -46.84 -13.84
N LYS B 793 21.84 -46.05 -14.50
CA LYS B 793 21.89 -44.61 -14.25
C LYS B 793 20.45 -44.08 -14.37
N SER B 794 20.08 -43.10 -13.54
CA SER B 794 18.81 -42.46 -13.76
C SER B 794 19.06 -41.24 -14.68
N VAL B 795 18.27 -41.13 -15.74
CA VAL B 795 18.48 -40.14 -16.80
C VAL B 795 17.35 -39.12 -16.88
N GLY B 796 16.37 -39.22 -15.97
CA GLY B 796 15.29 -38.27 -15.91
C GLY B 796 14.34 -38.64 -14.78
N GLU B 797 13.15 -38.03 -14.78
CA GLU B 797 12.17 -38.33 -13.76
C GLU B 797 10.77 -37.94 -14.22
N VAL B 798 9.78 -38.49 -13.52
CA VAL B 798 8.38 -38.20 -13.73
C VAL B 798 7.81 -37.82 -12.38
N MET B 799 6.77 -37.01 -12.40
CA MET B 799 5.97 -36.70 -11.22
C MET B 799 4.50 -36.82 -11.56
N ALA B 800 3.74 -37.48 -10.70
CA ALA B 800 2.30 -37.68 -10.91
C ALA B 800 1.54 -37.20 -9.67
N ILE B 801 0.35 -36.64 -9.90
CA ILE B 801 -0.52 -36.17 -8.87
C ILE B 801 -1.78 -36.97 -8.80
N GLY B 802 -2.20 -37.37 -7.60
CA GLY B 802 -3.52 -37.97 -7.44
C GLY B 802 -4.05 -37.69 -6.04
N ARG B 803 -5.25 -38.10 -5.78
CA ARG B 803 -5.83 -37.85 -4.47
C ARG B 803 -5.96 -39.08 -3.64
N THR B 804 -5.57 -40.22 -4.20
CA THR B 804 -5.19 -41.37 -3.41
C THR B 804 -3.74 -41.70 -3.72
N PHE B 805 -3.13 -42.46 -2.85
CA PHE B 805 -1.78 -42.98 -3.12
C PHE B 805 -1.79 -43.80 -4.40
N GLU B 806 -2.83 -44.64 -4.53
CA GLU B 806 -2.82 -45.63 -5.60
C GLU B 806 -2.93 -44.89 -6.97
N GLU B 807 -3.76 -43.86 -7.04
CA GLU B 807 -3.92 -43.06 -8.28
C GLU B 807 -2.61 -42.44 -8.66
N SER B 808 -1.99 -41.76 -7.72
CA SER B 808 -0.73 -41.06 -8.00
C SER B 808 0.38 -42.07 -8.43
N PHE B 809 0.41 -43.16 -7.73
CA PHE B 809 1.40 -44.28 -7.95
C PHE B 809 1.32 -44.97 -9.33
N GLN B 810 0.12 -45.41 -9.71
CA GLN B 810 -0.06 -46.06 -11.01
C GLN B 810 0.18 -45.09 -12.13
N LYS B 811 -0.22 -43.87 -11.94
CA LYS B 811 0.04 -42.83 -12.93
C LYS B 811 1.53 -42.58 -13.16
N ALA B 812 2.28 -42.49 -12.05
CA ALA B 812 3.69 -42.24 -12.09
C ALA B 812 4.39 -43.43 -12.83
N LEU B 813 3.95 -44.65 -12.53
CA LEU B 813 4.53 -45.81 -13.24
C LEU B 813 4.29 -45.71 -14.73
N ARG B 814 3.04 -45.43 -15.15
CA ARG B 814 2.80 -45.32 -16.54
C ARG B 814 3.58 -44.19 -17.21
N MET B 815 3.74 -43.08 -16.49
CA MET B 815 4.52 -41.97 -16.99
C MET B 815 5.96 -42.37 -17.40
N CYS B 816 6.55 -43.38 -16.76
CA CYS B 816 7.94 -43.75 -17.09
C CYS B 816 8.22 -44.20 -18.48
N HIS B 817 7.28 -44.98 -19.05
CA HIS B 817 7.43 -45.49 -20.39
C HIS B 817 6.07 -46.07 -20.89
N PRO B 818 5.73 -45.92 -22.19
CA PRO B 818 4.42 -46.32 -22.69
C PRO B 818 4.15 -47.81 -22.68
N SER B 819 5.19 -48.61 -22.48
CA SER B 819 5.02 -50.05 -22.31
C SER B 819 4.56 -50.43 -20.90
N ILE B 820 4.56 -49.49 -19.94
CA ILE B 820 4.20 -49.83 -18.58
C ILE B 820 2.73 -49.54 -18.46
N GLU B 821 1.96 -50.52 -18.02
CA GLU B 821 0.50 -50.33 -17.87
C GLU B 821 0.03 -49.75 -16.51
N GLY B 822 0.86 -49.85 -15.50
CA GLY B 822 0.49 -49.48 -14.12
C GLY B 822 1.24 -50.38 -13.20
N PHE B 823 0.70 -50.73 -12.04
CA PHE B 823 1.36 -51.62 -11.10
C PHE B 823 0.88 -53.00 -11.45
N THR B 824 1.81 -53.87 -11.84
CA THR B 824 1.45 -55.20 -12.39
C THR B 824 2.51 -56.23 -11.99
N PRO B 825 2.10 -57.49 -11.73
CA PRO B 825 3.10 -58.53 -11.53
C PRO B 825 3.64 -59.08 -12.85
N ARG B 826 3.16 -58.64 -14.01
CA ARG B 826 3.64 -59.11 -15.33
C ARG B 826 4.79 -58.22 -15.80
N LEU B 827 5.88 -58.85 -16.22
CA LEU B 827 6.98 -58.14 -16.90
C LEU B 827 6.48 -57.43 -18.14
N PRO B 828 7.00 -56.22 -18.43
CA PRO B 828 6.46 -55.50 -19.61
C PRO B 828 6.89 -56.13 -20.95
N MET B 829 6.32 -55.64 -22.05
CA MET B 829 6.69 -56.08 -23.43
C MET B 829 6.84 -57.62 -23.47
N ASN B 830 8.08 -58.13 -23.32
CA ASN B 830 8.38 -59.51 -22.89
C ASN B 830 7.11 -60.32 -22.55
N LYS B 831 6.83 -60.46 -21.28
CA LYS B 831 6.05 -61.56 -20.75
C LYS B 831 6.93 -62.23 -19.70
N GLU B 832 7.69 -63.26 -20.07
CA GLU B 832 7.83 -64.36 -19.12
C GLU B 832 8.94 -64.18 -18.06
N TRP B 833 8.56 -64.51 -16.81
CA TRP B 833 9.48 -64.64 -15.70
C TRP B 833 10.29 -65.91 -15.92
N PRO B 834 11.54 -65.98 -15.41
CA PRO B 834 12.21 -67.29 -15.41
C PRO B 834 11.46 -68.37 -14.58
N SER B 835 11.62 -69.65 -14.92
CA SER B 835 11.09 -70.79 -14.10
C SER B 835 11.91 -71.01 -12.82
N ASN B 836 13.22 -70.77 -12.94
CA ASN B 836 14.16 -70.87 -11.79
C ASN B 836 14.03 -69.77 -10.69
N LEU B 837 13.29 -68.68 -11.00
CA LEU B 837 13.14 -67.46 -10.15
C LEU B 837 13.24 -67.60 -8.64
N ASP B 838 14.27 -67.01 -8.05
CA ASP B 838 14.35 -66.85 -6.58
C ASP B 838 13.84 -65.41 -6.19
N LEU B 839 12.57 -65.36 -5.76
CA LEU B 839 11.87 -64.09 -5.51
C LEU B 839 12.51 -63.33 -4.34
N ARG B 840 12.86 -64.06 -3.28
CA ARG B 840 13.57 -63.48 -2.13
C ARG B 840 14.89 -62.83 -2.52
N LYS B 841 15.63 -63.47 -3.43
CA LYS B 841 16.85 -62.87 -3.95
C LYS B 841 16.51 -61.65 -4.83
N GLU B 842 15.50 -61.75 -5.71
CA GLU B 842 15.08 -60.60 -6.53
C GLU B 842 14.65 -59.38 -5.68
N LEU B 843 14.00 -59.58 -4.54
CA LEU B 843 13.56 -58.47 -3.73
C LEU B 843 14.67 -57.87 -2.86
N SER B 844 15.81 -58.57 -2.78
CA SER B 844 16.87 -58.23 -1.84
C SER B 844 17.90 -57.36 -2.46
N GLU B 845 17.86 -57.20 -3.78
CA GLU B 845 18.90 -56.46 -4.45
C GLU B 845 18.41 -55.73 -5.67
N PRO B 846 18.50 -54.38 -5.68
CA PRO B 846 18.17 -53.54 -6.84
C PRO B 846 18.31 -54.19 -8.21
N SER B 847 17.23 -54.18 -8.98
CA SER B 847 17.27 -54.60 -10.36
C SER B 847 16.35 -53.71 -11.12
N SER B 848 16.45 -53.81 -12.43
CA SER B 848 15.63 -53.04 -13.33
C SER B 848 14.17 -53.54 -13.40
N THR B 849 13.85 -54.64 -12.70
CA THR B 849 12.48 -55.16 -12.66
C THR B 849 11.92 -55.22 -11.21
N ARG B 850 12.52 -54.43 -10.35
CA ARG B 850 12.20 -54.39 -8.93
C ARG B 850 10.72 -54.31 -8.66
N ILE B 851 10.04 -53.35 -9.32
CA ILE B 851 8.66 -53.06 -8.96
C ILE B 851 7.76 -54.22 -9.37
N TYR B 852 8.09 -54.85 -10.48
CA TYR B 852 7.40 -56.05 -10.97
C TYR B 852 7.55 -57.25 -10.02
N ALA B 853 8.77 -57.41 -9.45
CA ALA B 853 9.07 -58.44 -8.45
C ALA B 853 8.32 -58.19 -7.17
N ILE B 854 8.22 -56.93 -6.74
CA ILE B 854 7.38 -56.63 -5.60
C ILE B 854 5.96 -57.03 -5.85
N ALA B 855 5.41 -56.65 -7.01
CA ALA B 855 4.05 -57.00 -7.32
C ALA B 855 3.85 -58.53 -7.36
N LYS B 856 4.82 -59.20 -7.96
CA LYS B 856 4.80 -60.68 -8.06
C LYS B 856 4.80 -61.33 -6.66
N ALA B 857 5.61 -60.83 -5.74
CA ALA B 857 5.65 -61.41 -4.39
C ALA B 857 4.33 -61.24 -3.64
N ILE B 858 3.74 -60.06 -3.78
CA ILE B 858 2.46 -59.82 -3.22
C ILE B 858 1.38 -60.72 -3.84
N ASP B 859 1.38 -60.82 -5.15
CA ASP B 859 0.34 -61.54 -5.84
C ASP B 859 0.45 -63.04 -5.50
N ASP B 860 1.68 -63.52 -5.40
CA ASP B 860 1.96 -64.90 -4.95
C ASP B 860 1.85 -65.20 -3.42
N ASN B 861 1.31 -64.27 -2.64
CA ASN B 861 1.10 -64.44 -1.17
C ASN B 861 2.32 -64.62 -0.25
N MET B 862 3.49 -64.18 -0.69
CA MET B 862 4.52 -63.84 0.28
C MET B 862 3.87 -62.82 1.19
N SER B 863 4.06 -62.99 2.51
CA SER B 863 3.48 -62.09 3.46
C SER B 863 4.14 -60.67 3.35
N LEU B 864 3.32 -59.67 3.68
CA LEU B 864 3.77 -58.29 3.62
C LEU B 864 4.89 -58.06 4.59
N ASP B 865 4.84 -58.70 5.75
CA ASP B 865 5.93 -58.56 6.75
C ASP B 865 7.24 -58.99 6.18
N GLU B 866 7.25 -60.10 5.47
CA GLU B 866 8.47 -60.58 4.88
C GLU B 866 8.88 -59.72 3.73
N ILE B 867 7.93 -59.30 2.90
CA ILE B 867 8.29 -58.32 1.85
C ILE B 867 8.92 -57.08 2.44
N GLU B 868 8.39 -56.60 3.54
CA GLU B 868 8.93 -55.39 4.19
C GLU B 868 10.36 -55.65 4.68
N LYS B 869 10.51 -56.80 5.31
CA LYS B 869 11.80 -57.26 5.83
C LYS B 869 12.85 -57.30 4.72
N LEU B 870 12.50 -57.77 3.53
CA LEU B 870 13.51 -57.87 2.44
C LEU B 870 13.75 -56.59 1.68
N THR B 871 12.69 -55.78 1.50
CA THR B 871 12.80 -54.61 0.64
C THR B 871 13.05 -53.32 1.39
N TYR B 872 12.75 -53.33 2.68
CA TYR B 872 12.68 -52.11 3.55
C TYR B 872 11.57 -51.13 3.21
N ILE B 873 10.63 -51.51 2.36
CA ILE B 873 9.47 -50.69 2.06
C ILE B 873 8.46 -50.80 3.22
N ASP B 874 8.06 -49.66 3.79
CA ASP B 874 7.13 -49.62 4.90
C ASP B 874 5.86 -50.32 4.47
N LYS B 875 5.34 -51.13 5.39
CA LYS B 875 4.20 -51.94 5.06
C LYS B 875 2.97 -51.06 4.69
N TRP B 876 2.90 -49.77 5.10
CA TRP B 876 1.73 -48.98 4.62
C TRP B 876 1.66 -48.95 3.11
N PHE B 877 2.80 -48.72 2.48
CA PHE B 877 2.86 -48.72 0.99
C PHE B 877 2.49 -50.11 0.38
N LEU B 878 2.90 -51.19 1.04
CA LEU B 878 2.63 -52.53 0.56
C LEU B 878 1.15 -52.85 0.66
N TYR B 879 0.45 -52.37 1.70
CA TYR B 879 -0.95 -52.53 1.77
C TYR B 879 -1.63 -51.92 0.53
N LYS B 880 -1.25 -50.74 0.18
CA LYS B 880 -1.84 -50.06 -0.99
C LYS B 880 -1.53 -50.81 -2.28
N MET B 881 -0.33 -51.25 -2.40
CA MET B 881 0.05 -52.12 -3.53
C MET B 881 -0.80 -53.38 -3.58
N ARG B 882 -1.08 -53.98 -2.42
CA ARG B 882 -1.91 -55.18 -2.43
C ARG B 882 -3.38 -54.85 -2.87
N ASP B 883 -3.90 -53.71 -2.39
CA ASP B 883 -5.18 -53.26 -2.78
C ASP B 883 -5.31 -53.14 -4.31
N ILE B 884 -4.34 -52.57 -4.96
CA ILE B 884 -4.35 -52.55 -6.44
C ILE B 884 -4.42 -53.98 -7.04
N LEU B 885 -3.56 -54.86 -6.55
CA LEU B 885 -3.60 -56.23 -7.07
C LEU B 885 -4.92 -56.99 -6.83
N ASN B 886 -5.53 -56.81 -5.67
CA ASN B 886 -6.81 -57.39 -5.37
C ASN B 886 -7.90 -56.80 -6.21
N MET B 887 -7.80 -55.55 -6.56
CA MET B 887 -8.75 -55.00 -7.56
C MET B 887 -8.64 -55.61 -8.96
N GLU B 888 -7.42 -55.85 -9.40
CA GLU B 888 -7.16 -56.51 -10.64
C GLU B 888 -7.80 -57.92 -10.59
N LYS B 889 -7.67 -58.63 -9.46
CA LYS B 889 -8.38 -59.95 -9.29
C LYS B 889 -9.88 -59.85 -9.32
N THR B 890 -10.44 -58.88 -8.61
CA THR B 890 -11.83 -58.57 -8.72
C THR B 890 -12.28 -58.37 -10.17
N LEU B 891 -11.59 -57.50 -10.91
CA LEU B 891 -12.02 -57.11 -12.26
C LEU B 891 -11.98 -58.36 -13.18
N LYS B 892 -10.96 -59.19 -13.00
CA LYS B 892 -10.82 -60.39 -13.83
C LYS B 892 -11.99 -61.39 -13.73
N GLY B 893 -12.71 -61.37 -12.61
CA GLY B 893 -13.88 -62.21 -12.44
C GLY B 893 -15.13 -61.57 -13.00
N LEU B 894 -15.00 -60.36 -13.54
CA LEU B 894 -16.17 -59.65 -14.03
C LEU B 894 -16.15 -59.50 -15.56
N ASN B 895 -17.18 -58.90 -16.15
CA ASN B 895 -17.26 -58.73 -17.58
C ASN B 895 -18.07 -57.48 -17.75
N SER B 896 -18.31 -57.11 -18.98
CA SER B 896 -18.99 -55.89 -19.32
C SER B 896 -20.39 -55.79 -18.81
N GLU B 897 -21.03 -56.94 -18.63
CA GLU B 897 -22.37 -56.94 -18.04
C GLU B 897 -22.39 -56.92 -16.49
N SER B 898 -21.48 -57.64 -15.84
CA SER B 898 -21.59 -57.86 -14.40
C SER B 898 -20.80 -56.76 -13.58
N MET B 899 -19.81 -56.11 -14.20
CA MET B 899 -19.09 -55.00 -13.52
C MET B 899 -20.04 -53.87 -13.21
N THR B 900 -20.18 -53.60 -11.92
CA THR B 900 -21.03 -52.50 -11.46
C THR B 900 -20.30 -51.16 -11.62
N GLU B 901 -21.09 -50.11 -11.67
CA GLU B 901 -20.67 -48.75 -11.53
C GLU B 901 -19.76 -48.51 -10.35
N GLU B 902 -20.11 -49.05 -9.20
CA GLU B 902 -19.30 -48.90 -8.00
C GLU B 902 -17.93 -49.49 -8.08
N THR B 903 -17.80 -50.70 -8.62
CA THR B 903 -16.53 -51.30 -8.82
C THR B 903 -15.70 -50.51 -9.85
N LEU B 904 -16.28 -50.11 -10.97
CA LEU B 904 -15.54 -49.36 -12.01
C LEU B 904 -15.02 -48.01 -11.44
N LYS B 905 -15.88 -47.33 -10.68
CA LYS B 905 -15.51 -46.09 -10.04
C LYS B 905 -14.36 -46.26 -9.09
N ARG B 906 -14.36 -47.31 -8.28
CA ARG B 906 -13.30 -47.51 -7.35
C ARG B 906 -12.02 -47.85 -8.12
N ALA B 907 -12.14 -48.70 -9.10
CA ALA B 907 -10.94 -49.01 -9.94
C ALA B 907 -10.29 -47.74 -10.55
N LYS B 908 -11.09 -46.83 -11.07
CA LYS B 908 -10.54 -45.57 -11.58
C LYS B 908 -9.89 -44.73 -10.51
N GLU B 909 -10.46 -44.79 -9.31
CA GLU B 909 -10.04 -43.98 -8.18
C GLU B 909 -8.73 -44.48 -7.61
N ILE B 910 -8.36 -45.72 -7.85
CA ILE B 910 -7.08 -46.21 -7.41
C ILE B 910 -6.13 -46.43 -8.58
N GLY B 911 -6.36 -45.66 -9.65
CA GLY B 911 -5.42 -45.56 -10.75
C GLY B 911 -5.43 -46.54 -11.93
N PHE B 912 -6.48 -47.35 -12.06
CA PHE B 912 -6.59 -48.21 -13.23
C PHE B 912 -6.84 -47.44 -14.50
N SER B 913 -6.04 -47.75 -15.53
CA SER B 913 -6.32 -47.21 -16.82
C SER B 913 -7.44 -47.99 -17.48
N ASP B 914 -8.02 -47.41 -18.54
CA ASP B 914 -8.96 -48.18 -19.36
C ASP B 914 -8.33 -49.43 -19.97
N LYS B 915 -7.06 -49.32 -20.35
CA LYS B 915 -6.33 -50.41 -20.93
C LYS B 915 -6.17 -51.57 -19.93
N GLN B 916 -5.74 -51.29 -18.74
CA GLN B 916 -5.68 -52.33 -17.66
C GLN B 916 -7.05 -53.02 -17.47
N ILE B 917 -8.15 -52.22 -17.43
CA ILE B 917 -9.47 -52.72 -17.17
C ILE B 917 -9.90 -53.55 -18.36
N SER B 918 -9.57 -53.08 -19.58
CA SER B 918 -9.89 -53.79 -20.78
C SER B 918 -9.37 -55.26 -20.80
N LYS B 919 -8.16 -55.48 -20.35
CA LYS B 919 -7.56 -56.79 -20.33
C LYS B 919 -8.24 -57.65 -19.28
N CYS B 920 -8.76 -57.06 -18.19
CA CYS B 920 -9.52 -57.86 -17.21
C CYS B 920 -10.89 -58.27 -17.76
N LEU B 921 -11.56 -57.40 -18.48
CA LEU B 921 -12.89 -57.67 -18.92
C LEU B 921 -13.01 -58.39 -20.28
N GLY B 922 -11.90 -58.55 -21.03
CA GLY B 922 -11.93 -59.10 -22.38
C GLY B 922 -12.42 -58.10 -23.42
N LEU B 923 -12.13 -56.81 -23.24
CA LEU B 923 -12.55 -55.78 -24.14
C LEU B 923 -11.34 -55.10 -24.75
N THR B 924 -11.58 -54.30 -25.78
CA THR B 924 -10.54 -53.40 -26.25
C THR B 924 -10.52 -52.15 -25.33
N GLU B 925 -9.44 -51.40 -25.46
CA GLU B 925 -9.31 -50.11 -24.74
C GLU B 925 -10.43 -49.19 -25.08
N ALA B 926 -10.67 -49.03 -26.36
CA ALA B 926 -11.75 -48.15 -26.82
C ALA B 926 -13.17 -48.56 -26.33
N GLN B 927 -13.41 -49.83 -26.27
CA GLN B 927 -14.70 -50.35 -25.78
C GLN B 927 -14.84 -50.09 -24.31
N THR B 928 -13.70 -50.12 -23.57
CA THR B 928 -13.72 -49.92 -22.14
C THR B 928 -13.96 -48.43 -21.85
N ARG B 929 -13.29 -47.55 -22.63
CA ARG B 929 -13.57 -46.11 -22.50
C ARG B 929 -15.09 -45.78 -22.76
N GLU B 930 -15.64 -46.41 -23.77
CA GLU B 930 -17.05 -46.16 -24.16
C GLU B 930 -17.98 -46.61 -23.01
N LEU B 931 -17.67 -47.78 -22.47
CA LEU B 931 -18.49 -48.37 -21.38
C LEU B 931 -18.46 -47.47 -20.13
N ARG B 932 -17.26 -47.06 -19.79
CA ARG B 932 -17.04 -46.13 -18.68
C ARG B 932 -17.80 -44.84 -18.85
N LEU B 933 -17.71 -44.24 -20.01
CA LEU B 933 -18.40 -42.98 -20.26
C LEU B 933 -19.89 -43.17 -20.36
N LYS B 934 -20.36 -44.37 -20.73
CA LYS B 934 -21.81 -44.60 -20.77
C LYS B 934 -22.37 -44.61 -19.34
N LYS B 935 -21.53 -44.95 -18.33
CA LYS B 935 -21.93 -44.85 -16.92
C LYS B 935 -21.67 -43.44 -16.36
N ASN B 936 -21.26 -42.47 -17.19
CA ASN B 936 -20.83 -41.13 -16.74
C ASN B 936 -19.76 -41.16 -15.62
N ILE B 937 -18.84 -42.11 -15.67
CA ILE B 937 -17.61 -42.07 -14.84
C ILE B 937 -16.47 -41.41 -15.60
N HIS B 938 -16.14 -40.19 -15.16
CA HIS B 938 -15.10 -39.39 -15.79
C HIS B 938 -14.28 -38.70 -14.68
N PRO B 939 -13.08 -38.29 -15.02
CA PRO B 939 -12.30 -37.59 -14.04
C PRO B 939 -12.59 -36.09 -13.96
N TRP B 940 -11.95 -35.47 -13.01
CA TRP B 940 -12.23 -34.07 -12.68
C TRP B 940 -10.96 -33.25 -12.68
N VAL B 941 -11.06 -32.01 -13.09
CA VAL B 941 -9.93 -31.11 -13.17
C VAL B 941 -9.82 -30.30 -11.90
N LYS B 942 -8.67 -30.43 -11.24
CA LYS B 942 -8.38 -29.81 -9.98
C LYS B 942 -7.18 -28.89 -10.13
N GLN B 943 -7.22 -27.80 -9.35
CA GLN B 943 -6.10 -26.88 -9.23
C GLN B 943 -5.11 -27.28 -8.15
N ILE B 944 -3.88 -27.02 -8.39
CA ILE B 944 -2.87 -26.92 -7.30
C ILE B 944 -2.88 -25.47 -6.81
N ASP B 945 -3.33 -25.21 -5.57
CA ASP B 945 -3.44 -23.77 -5.09
C ASP B 945 -2.52 -23.39 -3.98
N THR B 946 -1.69 -24.35 -3.60
CA THR B 946 -0.75 -24.28 -2.47
C THR B 946 -1.39 -24.29 -1.07
N LEU B 947 -2.69 -24.10 -0.96
CA LEU B 947 -3.33 -23.78 0.33
C LEU B 947 -4.50 -24.64 0.72
N ALA B 948 -4.63 -25.76 0.02
CA ALA B 948 -5.73 -26.72 0.18
C ALA B 948 -7.08 -25.95 0.19
N ALA B 949 -7.19 -25.02 -0.75
CA ALA B 949 -8.39 -24.30 -1.00
C ALA B 949 -8.79 -23.32 0.09
N GLU B 950 -7.89 -23.06 1.04
CA GLU B 950 -8.13 -21.99 1.99
C GLU B 950 -8.41 -20.63 1.32
N TYR B 951 -7.66 -20.35 0.26
CA TYR B 951 -7.82 -19.22 -0.63
C TYR B 951 -7.89 -19.74 -2.10
N PRO B 952 -8.68 -19.08 -3.00
CA PRO B 952 -8.63 -19.35 -4.47
C PRO B 952 -7.29 -19.06 -5.17
N SER B 953 -6.93 -19.87 -6.18
CA SER B 953 -5.77 -19.67 -7.02
C SER B 953 -6.08 -18.59 -8.12
N VAL B 954 -5.09 -17.76 -8.44
CA VAL B 954 -5.14 -16.91 -9.67
C VAL B 954 -4.48 -17.56 -10.93
N THR B 955 -4.09 -18.82 -10.85
CA THR B 955 -3.44 -19.50 -11.99
C THR B 955 -4.05 -20.92 -12.17
N ASN B 956 -3.65 -21.53 -13.23
CA ASN B 956 -4.20 -22.75 -13.67
C ASN B 956 -3.09 -23.74 -13.84
N TYR B 957 -2.65 -24.19 -12.69
CA TYR B 957 -1.76 -25.31 -12.58
C TYR B 957 -2.63 -26.47 -12.13
N LEU B 958 -2.79 -27.44 -13.00
CA LEU B 958 -3.86 -28.38 -12.94
C LEU B 958 -3.42 -29.83 -12.99
N TYR B 959 -4.24 -30.69 -12.38
CA TYR B 959 -4.14 -32.15 -12.54
C TYR B 959 -5.56 -32.73 -12.70
N VAL B 960 -5.61 -34.02 -13.01
CA VAL B 960 -6.87 -34.71 -13.23
C VAL B 960 -6.98 -35.87 -12.26
N THR B 961 -8.11 -35.95 -11.61
CA THR B 961 -8.35 -37.02 -10.65
C THR B 961 -9.76 -37.57 -10.76
N TYR B 962 -9.88 -38.85 -10.45
CA TYR B 962 -11.16 -39.48 -10.30
C TYR B 962 -11.79 -39.20 -8.94
N ASN B 963 -11.03 -38.66 -8.01
CA ASN B 963 -11.45 -38.55 -6.64
C ASN B 963 -11.99 -37.15 -6.42
N GLY B 964 -13.22 -36.92 -6.81
CA GLY B 964 -13.81 -35.59 -6.67
C GLY B 964 -15.23 -35.58 -7.16
N GLN B 965 -15.86 -34.40 -7.11
CA GLN B 965 -17.23 -34.23 -7.47
C GLN B 965 -17.47 -32.96 -8.25
N GLU B 966 -16.44 -32.19 -8.64
CA GLU B 966 -16.56 -31.02 -9.47
C GLU B 966 -15.21 -30.71 -10.07
N HIS B 967 -15.23 -29.86 -11.10
CA HIS B 967 -14.04 -29.23 -11.66
C HIS B 967 -13.75 -27.90 -10.97
N ASP B 968 -12.49 -27.52 -10.88
CA ASP B 968 -12.08 -26.27 -10.33
C ASP B 968 -12.01 -25.08 -11.35
N VAL B 969 -12.18 -25.36 -12.62
CA VAL B 969 -12.05 -24.32 -13.66
C VAL B 969 -13.21 -24.44 -14.61
N ASN B 970 -13.42 -23.41 -15.41
CA ASN B 970 -14.39 -23.44 -16.53
C ASN B 970 -13.65 -23.88 -17.83
N PHE B 971 -14.40 -24.28 -18.83
CA PHE B 971 -13.88 -24.79 -20.06
C PHE B 971 -14.37 -23.94 -21.21
N ASP B 972 -14.12 -22.65 -21.11
CA ASP B 972 -14.52 -21.69 -22.17
C ASP B 972 -13.36 -21.16 -22.98
N ASP B 973 -12.11 -21.55 -22.73
CA ASP B 973 -10.90 -21.08 -23.47
C ASP B 973 -10.87 -21.77 -24.85
N HIS B 974 -11.15 -23.08 -24.90
CA HIS B 974 -11.05 -23.86 -26.15
C HIS B 974 -9.69 -23.69 -26.78
N GLY B 975 -8.64 -23.76 -25.95
CA GLY B 975 -7.31 -23.42 -26.37
C GLY B 975 -6.63 -24.44 -27.29
N MET B 976 -5.41 -24.09 -27.68
CA MET B 976 -4.53 -24.96 -28.47
C MET B 976 -3.64 -25.79 -27.54
N MET B 977 -3.71 -27.10 -27.67
CA MET B 977 -2.98 -28.03 -26.83
C MET B 977 -1.60 -28.25 -27.40
N VAL B 978 -0.58 -28.28 -26.55
CA VAL B 978 0.81 -28.52 -26.96
C VAL B 978 1.29 -29.67 -26.07
N LEU B 979 1.63 -30.79 -26.66
CA LEU B 979 2.04 -31.98 -25.91
C LEU B 979 3.54 -31.96 -25.69
N GLY B 980 3.93 -32.20 -24.44
CA GLY B 980 5.35 -32.23 -24.06
C GLY B 980 5.97 -33.61 -24.29
N CYS B 981 7.24 -33.75 -23.83
CA CYS B 981 8.10 -34.82 -24.25
C CYS B 981 8.14 -36.00 -23.29
N GLY B 982 7.54 -35.90 -22.10
CA GLY B 982 7.70 -36.97 -21.09
C GLY B 982 9.06 -36.86 -20.33
N PRO B 983 9.43 -37.88 -19.49
CA PRO B 983 10.77 -37.81 -18.87
C PRO B 983 11.95 -37.80 -19.90
N TYR B 984 13.02 -37.13 -19.53
CA TYR B 984 14.21 -37.15 -20.29
C TYR B 984 14.84 -38.50 -20.18
N HIS B 985 15.52 -38.88 -21.23
CA HIS B 985 16.26 -40.14 -21.26
C HIS B 985 17.27 -40.08 -22.45
N ILE B 986 17.98 -41.16 -22.71
CA ILE B 986 19.02 -41.09 -23.78
C ILE B 986 18.30 -40.93 -25.10
N GLY B 987 18.54 -39.84 -25.76
CA GLY B 987 17.94 -39.62 -27.08
C GLY B 987 16.76 -38.68 -27.01
N SER B 988 16.35 -38.31 -25.79
CA SER B 988 15.28 -37.35 -25.64
C SER B 988 15.53 -36.42 -24.44
N SER B 989 16.07 -35.27 -24.77
CA SER B 989 16.70 -34.44 -23.81
C SER B 989 16.21 -33.01 -23.93
N VAL B 990 16.99 -32.06 -23.43
CA VAL B 990 16.53 -30.71 -23.11
C VAL B 990 16.18 -29.92 -24.38
N GLU B 991 16.65 -30.39 -25.52
CA GLU B 991 16.34 -29.68 -26.77
C GLU B 991 14.82 -29.57 -26.97
N PHE B 992 14.06 -30.58 -26.48
CA PHE B 992 12.60 -30.55 -26.61
C PHE B 992 11.93 -29.56 -25.71
N ASP B 993 12.59 -29.23 -24.63
CA ASP B 993 12.17 -28.08 -23.78
C ASP B 993 12.24 -26.77 -24.53
N TRP B 994 13.32 -26.54 -25.24
CA TRP B 994 13.46 -25.33 -26.06
C TRP B 994 12.32 -25.27 -27.07
N CYS B 995 12.04 -26.40 -27.71
CA CYS B 995 10.94 -26.50 -28.65
C CYS B 995 9.60 -26.15 -28.09
N ALA B 996 9.30 -26.67 -26.93
CA ALA B 996 8.07 -26.36 -26.28
C ALA B 996 7.94 -24.89 -25.98
N VAL B 997 8.96 -24.32 -25.34
CA VAL B 997 9.05 -22.92 -25.02
C VAL B 997 8.75 -22.08 -26.23
N SER B 998 9.40 -22.37 -27.36
CA SER B 998 9.17 -21.57 -28.54
C SER B 998 7.75 -21.70 -29.11
N SER B 999 7.22 -22.92 -29.16
CA SER B 999 5.89 -23.09 -29.66
C SER B 999 4.81 -22.43 -28.84
N ILE B 1000 4.90 -22.64 -27.52
CA ILE B 1000 3.95 -22.04 -26.56
C ILE B 1000 3.97 -20.48 -26.67
N ARG B 1001 5.17 -19.94 -26.79
CA ARG B 1001 5.34 -18.51 -26.98
C ARG B 1001 4.76 -17.97 -28.28
N THR B 1002 5.01 -18.66 -29.40
CA THR B 1002 4.43 -18.28 -30.66
C THR B 1002 2.92 -18.19 -30.57
N LEU B 1003 2.31 -19.23 -29.99
CA LEU B 1003 0.87 -19.22 -29.76
C LEU B 1003 0.41 -18.00 -28.90
N ARG B 1004 1.09 -17.74 -27.79
CA ARG B 1004 0.76 -16.63 -26.90
C ARG B 1004 0.92 -15.29 -27.63
N GLN B 1005 1.99 -15.11 -28.38
CA GLN B 1005 2.24 -13.84 -29.12
C GLN B 1005 1.16 -13.58 -30.15
N LEU B 1006 0.60 -14.64 -30.73
CA LEU B 1006 -0.58 -14.56 -31.63
C LEU B 1006 -1.96 -14.39 -30.94
N GLY B 1007 -1.98 -14.27 -29.62
CA GLY B 1007 -3.21 -14.20 -28.87
C GLY B 1007 -4.00 -15.50 -28.77
N LYS B 1008 -3.34 -16.66 -28.92
CA LYS B 1008 -4.03 -17.96 -28.85
C LYS B 1008 -3.92 -18.49 -27.40
N LYS B 1009 -5.04 -18.88 -26.83
CA LYS B 1009 -5.06 -19.58 -25.56
C LYS B 1009 -4.37 -20.95 -25.73
N THR B 1010 -3.53 -21.33 -24.74
CA THR B 1010 -2.71 -22.53 -24.79
C THR B 1010 -3.08 -23.50 -23.66
N VAL B 1011 -2.98 -24.82 -23.92
CA VAL B 1011 -3.14 -25.85 -22.90
C VAL B 1011 -1.85 -26.69 -23.05
N VAL B 1012 -1.05 -26.79 -22.01
CA VAL B 1012 0.18 -27.52 -22.08
C VAL B 1012 0.04 -28.74 -21.24
N VAL B 1013 0.50 -29.90 -21.76
CA VAL B 1013 0.47 -31.16 -21.00
C VAL B 1013 1.86 -31.80 -20.98
N ASN B 1014 2.40 -32.03 -19.79
CA ASN B 1014 3.68 -32.75 -19.64
C ASN B 1014 3.82 -33.30 -18.25
N CYS B 1015 4.74 -34.27 -18.06
CA CYS B 1015 4.87 -34.87 -16.74
C CYS B 1015 6.29 -34.90 -16.24
N ASN B 1016 7.15 -34.04 -16.81
CA ASN B 1016 8.57 -34.02 -16.55
C ASN B 1016 8.84 -32.84 -15.68
N PRO B 1017 9.18 -33.08 -14.39
CA PRO B 1017 9.36 -31.96 -13.54
C PRO B 1017 10.69 -31.21 -13.80
N GLU B 1018 11.53 -31.66 -14.74
CA GLU B 1018 12.77 -30.95 -15.08
C GLU B 1018 12.67 -29.96 -16.22
N THR B 1019 11.45 -29.71 -16.71
CA THR B 1019 11.24 -28.90 -17.91
C THR B 1019 10.97 -27.45 -17.43
N VAL B 1020 11.56 -26.47 -18.11
CA VAL B 1020 11.23 -25.04 -18.02
C VAL B 1020 9.83 -24.79 -18.57
N SER B 1021 9.42 -25.54 -19.60
CA SER B 1021 8.14 -25.33 -20.27
C SER B 1021 6.86 -25.65 -19.47
N THR B 1022 6.99 -26.37 -18.38
CA THR B 1022 5.89 -26.57 -17.44
C THR B 1022 5.84 -25.44 -16.41
N ASP B 1023 5.68 -24.23 -16.93
CA ASP B 1023 5.64 -22.96 -16.14
C ASP B 1023 4.26 -22.41 -16.38
N PHE B 1024 3.45 -22.40 -15.33
CA PHE B 1024 2.09 -21.88 -15.44
C PHE B 1024 1.93 -20.40 -15.74
N ASP B 1025 3.01 -19.62 -15.57
CA ASP B 1025 3.00 -18.24 -15.95
C ASP B 1025 3.15 -18.04 -17.43
N GLU B 1026 3.60 -19.05 -18.20
CA GLU B 1026 3.83 -18.87 -19.65
C GLU B 1026 2.75 -19.49 -20.56
N CYS B 1027 1.78 -20.17 -19.96
CA CYS B 1027 0.66 -20.76 -20.69
C CYS B 1027 -0.61 -20.50 -19.95
N ASP B 1028 -1.75 -20.69 -20.59
CA ASP B 1028 -3.00 -20.40 -19.94
C ASP B 1028 -3.48 -21.51 -19.01
N LYS B 1029 -3.27 -22.78 -19.38
CA LYS B 1029 -3.57 -23.89 -18.52
C LYS B 1029 -2.44 -24.89 -18.65
N LEU B 1030 -1.90 -25.33 -17.53
CA LEU B 1030 -0.88 -26.33 -17.50
C LEU B 1030 -1.43 -27.54 -16.79
N TYR B 1031 -1.41 -28.66 -17.47
CA TYR B 1031 -1.85 -29.95 -16.92
C TYR B 1031 -0.57 -30.75 -16.72
N PHE B 1032 -0.27 -31.05 -15.46
CA PHE B 1032 0.89 -31.84 -15.12
C PHE B 1032 0.40 -33.27 -15.04
N GLU B 1033 0.28 -33.87 -16.19
CA GLU B 1033 -0.47 -35.09 -16.37
C GLU B 1033 0.18 -36.09 -17.32
N GLU B 1034 -0.40 -37.29 -17.31
CA GLU B 1034 0.05 -38.37 -18.13
C GLU B 1034 -0.21 -38.09 -19.62
N LEU B 1035 0.81 -38.42 -20.40
CA LEU B 1035 0.76 -38.31 -21.89
C LEU B 1035 0.32 -39.65 -22.55
N SER B 1036 -0.86 -40.13 -22.17
CA SER B 1036 -1.45 -41.37 -22.74
C SER B 1036 -2.60 -40.94 -23.61
N LEU B 1037 -3.01 -41.84 -24.53
CA LEU B 1037 -4.24 -41.59 -25.28
C LEU B 1037 -5.38 -41.27 -24.34
N GLU B 1038 -5.55 -42.10 -23.32
CA GLU B 1038 -6.69 -41.96 -22.36
C GLU B 1038 -6.75 -40.53 -21.77
N ARG B 1039 -5.64 -40.10 -21.19
CA ARG B 1039 -5.57 -38.85 -20.46
C ARG B 1039 -5.57 -37.65 -21.35
N ILE B 1040 -4.90 -37.74 -22.51
CA ILE B 1040 -4.99 -36.66 -23.44
C ILE B 1040 -6.37 -36.47 -23.95
N LEU B 1041 -7.04 -37.56 -24.27
CA LEU B 1041 -8.44 -37.44 -24.73
C LEU B 1041 -9.32 -36.80 -23.63
N ASP B 1042 -9.15 -37.25 -22.40
CA ASP B 1042 -9.83 -36.68 -21.25
C ASP B 1042 -9.71 -35.15 -21.22
N ILE B 1043 -8.47 -34.69 -21.33
CA ILE B 1043 -8.19 -33.25 -21.30
C ILE B 1043 -8.69 -32.49 -22.50
N TYR B 1044 -8.40 -33.02 -23.71
CA TYR B 1044 -8.79 -32.41 -24.93
C TYR B 1044 -10.31 -32.24 -25.02
N HIS B 1045 -11.04 -33.30 -24.69
CA HIS B 1045 -12.50 -33.26 -24.81
C HIS B 1045 -13.18 -32.52 -23.69
N GLN B 1046 -12.56 -32.45 -22.50
CA GLN B 1046 -13.12 -31.67 -21.41
C GLN B 1046 -12.96 -30.18 -21.67
N GLU B 1047 -11.79 -29.79 -22.15
CA GLU B 1047 -11.51 -28.41 -22.56
C GLU B 1047 -12.24 -28.00 -23.84
N ALA B 1048 -12.61 -29.00 -24.66
CA ALA B 1048 -13.00 -28.86 -26.03
C ALA B 1048 -11.99 -27.94 -26.74
N CYS B 1049 -10.73 -28.39 -26.73
CA CYS B 1049 -9.61 -27.69 -27.36
C CYS B 1049 -9.89 -27.49 -28.85
N GLY B 1050 -9.38 -26.40 -29.39
CA GLY B 1050 -9.47 -26.10 -30.80
C GLY B 1050 -8.53 -26.92 -31.63
N GLY B 1051 -7.48 -27.47 -31.01
CA GLY B 1051 -6.60 -28.36 -31.73
C GLY B 1051 -5.46 -28.83 -30.89
N CYS B 1052 -4.58 -29.69 -31.44
CA CYS B 1052 -3.50 -30.28 -30.67
C CYS B 1052 -2.21 -30.32 -31.51
N ILE B 1053 -1.08 -29.85 -30.96
CA ILE B 1053 0.20 -29.86 -31.66
C ILE B 1053 0.92 -31.04 -31.05
N ILE B 1054 1.29 -31.97 -31.90
CA ILE B 1054 1.99 -33.18 -31.47
C ILE B 1054 3.40 -33.27 -32.00
N SER B 1055 3.89 -32.20 -32.61
CA SER B 1055 5.13 -32.30 -33.39
C SER B 1055 6.36 -31.62 -32.78
N VAL B 1056 6.21 -31.12 -31.57
CA VAL B 1056 7.33 -30.41 -30.94
C VAL B 1056 7.77 -31.01 -29.61
N GLY B 1057 7.40 -32.27 -29.31
CA GLY B 1057 7.78 -32.91 -28.05
C GLY B 1057 8.41 -34.27 -28.20
N GLY B 1058 9.11 -34.50 -29.30
CA GLY B 1058 9.74 -35.80 -29.51
C GLY B 1058 8.81 -36.94 -29.90
N GLN B 1059 9.23 -38.14 -29.61
CA GLN B 1059 8.50 -39.30 -30.12
C GLN B 1059 7.20 -39.63 -29.33
N ILE B 1060 7.15 -39.37 -28.03
CA ILE B 1060 5.96 -39.75 -27.23
C ILE B 1060 4.68 -39.16 -27.86
N PRO B 1061 4.64 -37.84 -28.01
CA PRO B 1061 3.44 -37.27 -28.59
C PRO B 1061 3.23 -37.63 -30.01
N ASN B 1062 4.32 -37.73 -30.79
CA ASN B 1062 4.16 -38.10 -32.22
C ASN B 1062 3.55 -39.51 -32.44
N ASN B 1063 3.92 -40.48 -31.61
CA ASN B 1063 3.31 -41.82 -31.68
C ASN B 1063 1.79 -41.88 -31.36
N LEU B 1064 1.25 -40.84 -30.76
CA LEU B 1064 -0.19 -40.71 -30.51
C LEU B 1064 -0.99 -40.10 -31.67
N ALA B 1065 -0.34 -39.69 -32.76
CA ALA B 1065 -1.01 -38.94 -33.84
C ALA B 1065 -2.27 -39.60 -34.38
N VAL B 1066 -2.16 -40.85 -34.81
CA VAL B 1066 -3.26 -41.55 -35.40
C VAL B 1066 -4.32 -41.98 -34.36
N PRO B 1067 -3.93 -42.53 -33.18
CA PRO B 1067 -4.94 -42.81 -32.11
C PRO B 1067 -5.73 -41.58 -31.72
N LEU B 1068 -5.07 -40.45 -31.60
CA LEU B 1068 -5.79 -39.19 -31.35
C LEU B 1068 -6.73 -38.78 -32.45
N TYR B 1069 -6.25 -38.84 -33.67
CA TYR B 1069 -7.00 -38.54 -34.87
C TYR B 1069 -8.25 -39.41 -35.01
N LYS B 1070 -8.10 -40.68 -34.70
CA LYS B 1070 -9.24 -41.58 -34.71
C LYS B 1070 -10.25 -41.29 -33.60
N ASN B 1071 -9.91 -40.47 -32.60
CA ASN B 1071 -10.78 -40.23 -31.43
C ASN B 1071 -11.21 -38.80 -31.30
N GLY B 1072 -11.31 -38.16 -32.45
CA GLY B 1072 -11.93 -36.84 -32.58
C GLY B 1072 -11.00 -35.67 -32.33
N VAL B 1073 -9.69 -35.88 -32.21
CA VAL B 1073 -8.77 -34.73 -31.93
C VAL B 1073 -8.37 -34.12 -33.29
N LYS B 1074 -8.38 -32.79 -33.41
CA LYS B 1074 -7.87 -32.11 -34.59
C LYS B 1074 -6.37 -31.91 -34.42
N ILE B 1075 -5.60 -32.66 -35.17
CA ILE B 1075 -4.16 -32.57 -35.11
C ILE B 1075 -3.75 -31.42 -36.06
N MET B 1076 -2.91 -30.50 -35.57
CA MET B 1076 -2.55 -29.33 -36.37
C MET B 1076 -1.37 -29.74 -37.26
N GLY B 1077 -1.36 -29.29 -38.51
CA GLY B 1077 -0.24 -29.57 -39.40
C GLY B 1077 -0.37 -30.81 -40.21
N THR B 1078 0.75 -31.45 -40.48
CA THR B 1078 0.80 -32.64 -41.33
C THR B 1078 -0.28 -33.67 -40.88
N SER B 1079 -1.12 -34.11 -41.81
CA SER B 1079 -2.05 -35.19 -41.50
C SER B 1079 -1.39 -36.38 -40.74
N PRO B 1080 -1.99 -36.79 -39.61
CA PRO B 1080 -1.52 -38.02 -38.99
C PRO B 1080 -1.48 -39.29 -39.92
N LEU B 1081 -2.37 -39.34 -40.89
CA LEU B 1081 -2.32 -40.40 -41.93
C LEU B 1081 -0.96 -40.40 -42.70
N GLN B 1082 -0.49 -39.20 -43.01
CA GLN B 1082 0.82 -38.99 -43.66
C GLN B 1082 2.00 -39.28 -42.73
N ILE B 1083 1.85 -38.95 -41.42
CA ILE B 1083 2.83 -39.35 -40.43
C ILE B 1083 2.98 -40.82 -40.34
N ASP B 1084 1.85 -41.50 -40.26
CA ASP B 1084 1.77 -42.98 -40.25
C ASP B 1084 2.47 -43.61 -41.51
N ARG B 1085 2.20 -43.07 -42.70
CA ARG B 1085 2.90 -43.53 -43.95
C ARG B 1085 4.39 -43.35 -43.86
N ALA B 1086 4.82 -42.15 -43.46
CA ALA B 1086 6.25 -41.81 -43.45
C ALA B 1086 7.05 -42.56 -42.46
N GLU B 1087 6.41 -43.01 -41.41
CA GLU B 1087 7.11 -43.73 -40.37
C GLU B 1087 6.82 -45.24 -40.42
N ASP B 1088 5.95 -45.70 -41.33
CA ASP B 1088 5.94 -47.09 -41.74
C ASP B 1088 7.10 -47.38 -42.75
N ARG B 1089 8.06 -48.21 -42.37
CA ARG B 1089 9.25 -48.45 -43.18
C ARG B 1089 8.89 -49.01 -44.57
N SER B 1090 7.99 -50.00 -44.64
CA SER B 1090 7.65 -50.52 -45.94
C SER B 1090 7.02 -49.45 -46.88
N ILE B 1091 6.07 -48.70 -46.33
CA ILE B 1091 5.38 -47.68 -47.11
C ILE B 1091 6.32 -46.55 -47.52
N PHE B 1092 7.07 -46.10 -46.55
CA PHE B 1092 8.08 -45.06 -46.81
C PHE B 1092 9.07 -45.49 -47.90
N SER B 1093 9.64 -46.68 -47.78
CA SER B 1093 10.58 -47.17 -48.76
C SER B 1093 9.97 -47.24 -50.18
N ALA B 1094 8.70 -47.63 -50.27
CA ALA B 1094 8.04 -47.73 -51.61
C ALA B 1094 7.76 -46.37 -52.20
N VAL B 1095 7.38 -45.39 -51.36
CA VAL B 1095 7.31 -44.00 -51.85
C VAL B 1095 8.66 -43.50 -52.37
N LEU B 1096 9.71 -43.75 -51.61
CA LEU B 1096 11.04 -43.36 -52.10
C LEU B 1096 11.37 -44.00 -53.41
N ASP B 1097 11.08 -45.33 -53.55
CA ASP B 1097 11.30 -46.04 -54.87
C ASP B 1097 10.60 -45.32 -56.06
N GLU B 1098 9.36 -44.96 -55.87
CA GLU B 1098 8.58 -44.32 -56.88
C GLU B 1098 9.12 -42.92 -57.17
N LEU B 1099 9.67 -42.24 -56.17
CA LEU B 1099 10.24 -40.90 -56.39
C LEU B 1099 11.67 -40.97 -56.93
N LYS B 1100 12.22 -42.16 -57.07
CA LYS B 1100 13.63 -42.38 -57.46
C LYS B 1100 14.65 -41.77 -56.51
N VAL B 1101 14.37 -41.90 -55.22
CA VAL B 1101 15.25 -41.37 -54.19
C VAL B 1101 15.92 -42.61 -53.62
N ALA B 1102 17.23 -42.62 -53.58
CA ALA B 1102 17.99 -43.79 -53.15
C ALA B 1102 17.95 -43.99 -51.63
N GLN B 1103 18.01 -45.24 -51.18
CA GLN B 1103 18.07 -45.65 -49.76
C GLN B 1103 19.02 -46.86 -49.70
N ALA B 1104 19.56 -47.26 -48.55
CA ALA B 1104 20.31 -48.55 -48.49
C ALA B 1104 19.39 -49.77 -48.60
N PRO B 1105 19.91 -50.89 -49.12
CA PRO B 1105 19.14 -52.14 -49.14
C PRO B 1105 18.76 -52.59 -47.76
N TRP B 1106 17.51 -53.06 -47.60
CA TRP B 1106 17.01 -53.50 -46.27
C TRP B 1106 15.96 -54.58 -46.45
N LYS B 1107 15.73 -55.33 -45.38
CA LYS B 1107 14.69 -56.38 -45.34
C LYS B 1107 14.27 -56.65 -43.90
N ALA B 1108 12.96 -56.57 -43.64
CA ALA B 1108 12.38 -57.07 -42.39
C ALA B 1108 12.36 -58.59 -42.56
N VAL B 1109 12.95 -59.26 -41.56
CA VAL B 1109 13.32 -60.67 -41.63
C VAL B 1109 12.79 -61.42 -40.37
N ASN B 1110 12.70 -62.74 -40.51
CA ASN B 1110 11.88 -63.62 -39.65
C ASN B 1110 12.73 -64.74 -39.00
N THR B 1111 13.44 -65.50 -39.85
CA THR B 1111 14.38 -66.57 -39.47
C THR B 1111 15.84 -66.19 -39.75
N LEU B 1112 16.77 -66.81 -39.02
CA LEU B 1112 18.22 -66.69 -39.29
C LEU B 1112 18.59 -67.04 -40.74
N ASN B 1113 17.84 -67.96 -41.33
CA ASN B 1113 18.06 -68.42 -42.71
C ASN B 1113 17.77 -67.34 -43.75
N GLU B 1114 16.72 -66.53 -43.52
CA GLU B 1114 16.42 -65.39 -44.40
C GLU B 1114 17.39 -64.21 -44.15
N ALA B 1115 17.71 -63.90 -42.88
CA ALA B 1115 18.76 -62.93 -42.52
C ALA B 1115 20.09 -63.18 -43.24
N LEU B 1116 20.55 -64.42 -43.13
CA LEU B 1116 21.77 -64.87 -43.81
C LEU B 1116 21.67 -64.68 -45.30
N GLU B 1117 20.54 -65.10 -45.87
CA GLU B 1117 20.33 -64.94 -47.30
C GLU B 1117 20.37 -63.45 -47.71
N PHE B 1118 19.84 -62.58 -46.86
CA PHE B 1118 19.86 -61.13 -47.11
C PHE B 1118 21.28 -60.54 -47.11
N ALA B 1119 22.07 -60.89 -46.09
CA ALA B 1119 23.46 -60.39 -45.96
C ALA B 1119 24.38 -60.77 -47.12
N LYS B 1120 24.13 -61.94 -47.73
CA LYS B 1120 24.95 -62.42 -48.85
C LYS B 1120 24.71 -61.67 -50.17
N SER B 1121 23.46 -61.25 -50.39
CA SER B 1121 23.06 -60.53 -51.61
C SER B 1121 23.57 -59.08 -51.68
N VAL B 1122 24.06 -58.55 -50.55
CA VAL B 1122 24.56 -57.17 -50.43
C VAL B 1122 25.92 -56.99 -49.69
N ASP B 1123 26.59 -58.10 -49.32
CA ASP B 1123 27.86 -58.13 -48.53
C ASP B 1123 27.65 -57.81 -47.03
N TYR B 1124 28.72 -57.97 -46.23
CA TYR B 1124 28.73 -57.60 -44.79
C TYR B 1124 29.38 -56.22 -44.53
N PRO B 1125 29.23 -55.61 -43.32
CA PRO B 1125 28.31 -56.06 -42.26
C PRO B 1125 26.83 -55.61 -42.50
N CYS B 1126 26.01 -55.62 -41.42
CA CYS B 1126 24.62 -55.15 -41.47
C CYS B 1126 24.24 -54.46 -40.18
N LEU B 1127 23.28 -53.54 -40.23
CA LEU B 1127 22.57 -53.15 -39.01
C LEU B 1127 21.48 -54.19 -38.69
N LEU B 1128 21.03 -54.19 -37.44
CA LEU B 1128 19.84 -54.94 -36.99
C LEU B 1128 19.05 -54.02 -36.04
N ARG B 1129 17.74 -53.88 -36.26
CA ARG B 1129 16.87 -53.05 -35.43
C ARG B 1129 15.71 -53.91 -34.90
N PRO B 1130 14.96 -53.42 -33.89
CA PRO B 1130 13.72 -54.08 -33.47
C PRO B 1130 12.50 -53.46 -34.16
N VAL B 1164 12.48 -58.82 -37.38
CA VAL B 1164 13.71 -58.01 -37.22
C VAL B 1164 14.24 -57.39 -38.55
N VAL B 1165 14.59 -56.10 -38.52
CA VAL B 1165 14.94 -55.31 -39.74
C VAL B 1165 16.45 -55.19 -39.97
N LEU B 1166 16.93 -55.75 -41.07
CA LEU B 1166 18.33 -55.63 -41.48
C LEU B 1166 18.54 -54.62 -42.61
N THR B 1167 19.58 -53.79 -42.45
CA THR B 1167 20.06 -52.83 -43.43
C THR B 1167 21.57 -53.00 -43.70
N LYS B 1168 21.92 -53.03 -44.99
CA LYS B 1168 23.30 -52.94 -45.44
C LYS B 1168 23.91 -51.75 -44.78
N PHE B 1169 25.06 -51.97 -44.13
CA PHE B 1169 25.78 -50.89 -43.45
C PHE B 1169 26.83 -50.32 -44.43
N VAL B 1170 26.66 -49.08 -44.90
CA VAL B 1170 27.65 -48.52 -45.82
C VAL B 1170 28.82 -47.96 -45.01
N GLU B 1171 30.03 -48.25 -45.50
CA GLU B 1171 31.29 -48.09 -44.77
C GLU B 1171 31.97 -46.82 -45.22
N GLY B 1172 32.53 -46.07 -44.27
CA GLY B 1172 33.25 -44.84 -44.56
C GLY B 1172 32.36 -43.72 -45.13
N ALA B 1173 31.08 -43.73 -44.82
CA ALA B 1173 30.19 -42.71 -45.32
C ALA B 1173 30.13 -41.53 -44.33
N ARG B 1174 29.76 -40.39 -44.84
CA ARG B 1174 29.37 -39.24 -44.03
C ARG B 1174 27.84 -39.31 -43.76
N GLU B 1175 27.39 -38.60 -42.73
CA GLU B 1175 26.00 -38.49 -42.42
C GLU B 1175 25.64 -37.02 -42.33
N VAL B 1176 24.47 -36.70 -42.86
CA VAL B 1176 23.97 -35.37 -42.93
C VAL B 1176 22.56 -35.39 -42.38
N GLU B 1177 22.21 -34.31 -41.68
CA GLU B 1177 20.90 -34.02 -41.14
C GLU B 1177 20.27 -32.90 -41.95
N MET B 1178 19.05 -33.14 -42.40
CA MET B 1178 18.21 -32.12 -42.95
C MET B 1178 17.10 -31.80 -41.92
N ASP B 1179 17.10 -30.58 -41.34
CA ASP B 1179 15.99 -30.06 -40.52
C ASP B 1179 15.21 -29.07 -41.32
N ALA B 1180 13.88 -29.26 -41.41
CA ALA B 1180 13.08 -28.44 -42.24
C ALA B 1180 11.67 -28.13 -41.77
N VAL B 1181 11.06 -27.18 -42.44
CA VAL B 1181 9.67 -26.86 -42.19
C VAL B 1181 9.01 -26.88 -43.57
N GLY B 1182 7.98 -27.71 -43.68
CA GLY B 1182 7.06 -27.75 -44.78
C GLY B 1182 5.83 -26.89 -44.60
N LYS B 1183 5.37 -26.30 -45.68
CA LYS B 1183 4.06 -25.67 -45.74
C LYS B 1183 3.34 -26.19 -47.01
N ASP B 1184 2.20 -26.87 -46.84
CA ASP B 1184 1.44 -27.49 -47.99
C ASP B 1184 2.35 -28.25 -48.95
N GLY B 1185 3.29 -29.00 -48.39
CA GLY B 1185 4.18 -29.79 -49.23
C GLY B 1185 5.40 -29.11 -49.83
N ARG B 1186 5.60 -27.80 -49.60
CA ARG B 1186 6.78 -27.07 -50.06
C ARG B 1186 7.70 -26.78 -48.88
N VAL B 1187 9.00 -26.91 -49.11
CA VAL B 1187 9.97 -26.63 -48.07
C VAL B 1187 10.17 -25.11 -47.97
N ILE B 1188 9.74 -24.51 -46.85
CA ILE B 1188 9.97 -23.10 -46.58
C ILE B 1188 11.11 -22.72 -45.60
N SER B 1189 11.72 -23.71 -44.93
CA SER B 1189 12.88 -23.47 -44.08
C SER B 1189 13.66 -24.75 -44.02
N HIS B 1190 14.97 -24.64 -44.11
CA HIS B 1190 15.83 -25.85 -44.06
C HIS B 1190 17.25 -25.50 -43.60
N ALA B 1191 17.94 -26.50 -43.09
CA ALA B 1191 19.29 -26.39 -42.68
C ALA B 1191 19.90 -27.76 -42.79
N ILE B 1192 21.09 -27.84 -43.34
CA ILE B 1192 21.80 -29.10 -43.51
C ILE B 1192 23.00 -29.09 -42.65
N SER B 1193 23.13 -30.08 -41.76
CA SER B 1193 24.24 -30.14 -40.82
C SER B 1193 25.00 -31.44 -41.17
N GLU B 1194 26.28 -31.52 -40.87
CA GLU B 1194 27.08 -32.66 -41.20
C GLU B 1194 27.60 -33.27 -39.91
N HIS B 1195 27.49 -34.56 -39.75
CA HIS B 1195 28.07 -35.25 -38.57
C HIS B 1195 29.59 -35.18 -38.63
N VAL B 1196 30.22 -34.96 -37.51
CA VAL B 1196 31.68 -35.11 -37.42
C VAL B 1196 32.04 -36.58 -37.69
N GLU B 1197 31.40 -37.44 -36.96
CA GLU B 1197 31.67 -38.87 -37.06
C GLU B 1197 31.14 -39.45 -38.36
N ASP B 1198 31.87 -40.43 -38.92
CA ASP B 1198 31.35 -41.27 -40.00
C ASP B 1198 30.01 -41.98 -39.64
N ALA B 1199 29.15 -42.15 -40.63
CA ALA B 1199 27.91 -42.88 -40.42
C ALA B 1199 28.23 -44.22 -39.73
N GLY B 1200 27.53 -44.49 -38.63
CA GLY B 1200 27.82 -45.64 -37.76
C GLY B 1200 26.55 -46.02 -37.01
N VAL B 1201 26.67 -46.61 -35.82
CA VAL B 1201 25.47 -46.99 -35.00
C VAL B 1201 25.05 -45.82 -34.08
N HIS B 1202 26.06 -45.17 -33.48
CA HIS B 1202 25.93 -43.88 -32.80
C HIS B 1202 25.47 -42.73 -33.74
N SER B 1203 24.15 -42.53 -33.80
CA SER B 1203 23.52 -41.55 -34.70
C SER B 1203 23.05 -40.30 -33.92
N GLY B 1204 22.21 -40.52 -32.90
CA GLY B 1204 21.63 -39.47 -32.07
C GLY B 1204 22.49 -38.86 -30.98
N ASP B 1205 23.73 -39.34 -30.82
CA ASP B 1205 24.78 -38.61 -30.05
C ASP B 1205 25.97 -38.14 -30.95
N ALA B 1206 25.73 -37.97 -32.25
CA ALA B 1206 26.78 -37.47 -33.13
C ALA B 1206 26.97 -35.98 -32.86
N THR B 1207 28.14 -35.49 -33.16
CA THR B 1207 28.45 -34.06 -33.10
C THR B 1207 28.16 -33.45 -34.44
N LEU B 1208 27.44 -32.34 -34.46
CA LEU B 1208 27.00 -31.77 -35.75
C LEU B 1208 27.73 -30.49 -36.08
N MET B 1209 27.92 -30.22 -37.37
CA MET B 1209 28.62 -29.06 -37.88
C MET B 1209 27.61 -28.41 -38.84
N LEU B 1210 27.45 -27.11 -38.70
CA LEU B 1210 26.58 -26.34 -39.55
C LEU B 1210 27.35 -25.09 -39.91
N PRO B 1211 27.54 -24.74 -41.21
CA PRO B 1211 27.06 -25.45 -42.34
C PRO B 1211 27.98 -26.65 -42.62
N THR B 1212 27.79 -27.33 -43.74
CA THR B 1212 28.61 -28.52 -44.04
C THR B 1212 30.06 -28.16 -44.37
N GLN B 1213 30.94 -29.05 -44.02
CA GLN B 1213 32.35 -28.87 -44.15
C GLN B 1213 33.00 -29.74 -45.22
N THR B 1214 32.60 -31.01 -45.40
CA THR B 1214 33.30 -31.97 -46.29
C THR B 1214 32.30 -32.77 -47.11
N ILE B 1215 31.18 -32.14 -47.49
CA ILE B 1215 30.15 -32.73 -48.33
C ILE B 1215 30.29 -32.07 -49.73
N SER B 1216 30.17 -32.86 -50.79
CA SER B 1216 30.31 -32.34 -52.15
C SER B 1216 29.13 -31.45 -52.47
N GLN B 1217 29.33 -30.53 -53.41
CA GLN B 1217 28.24 -29.68 -53.85
C GLN B 1217 27.08 -30.49 -54.51
N GLY B 1218 27.41 -31.53 -55.22
CA GLY B 1218 26.40 -32.34 -55.92
C GLY B 1218 25.59 -33.06 -54.84
N ALA B 1219 26.26 -33.63 -53.84
CA ALA B 1219 25.50 -34.27 -52.75
C ALA B 1219 24.51 -33.35 -52.05
N ILE B 1220 24.90 -32.10 -51.80
CA ILE B 1220 23.98 -31.14 -51.25
C ILE B 1220 22.81 -30.97 -52.16
N GLU B 1221 23.00 -30.91 -53.48
CA GLU B 1221 21.87 -30.68 -54.35
C GLU B 1221 20.95 -31.91 -54.35
N LYS B 1222 21.52 -33.08 -54.18
CA LYS B 1222 20.69 -34.27 -54.11
C LYS B 1222 19.88 -34.35 -52.80
N VAL B 1223 20.51 -33.89 -51.73
CA VAL B 1223 19.84 -33.81 -50.41
C VAL B 1223 18.65 -32.85 -50.53
N LYS B 1224 18.88 -31.71 -51.14
CA LYS B 1224 17.81 -30.74 -51.33
C LYS B 1224 16.65 -31.27 -52.17
N ASP B 1225 16.99 -31.90 -53.28
CA ASP B 1225 16.02 -32.45 -54.20
C ASP B 1225 15.17 -33.56 -53.53
N ALA B 1226 15.84 -34.47 -52.82
CA ALA B 1226 15.18 -35.55 -52.07
C ALA B 1226 14.22 -34.96 -51.05
N THR B 1227 14.66 -33.92 -50.35
CA THR B 1227 13.83 -33.25 -49.35
C THR B 1227 12.57 -32.58 -49.98
N ARG B 1228 12.72 -31.97 -51.14
CA ARG B 1228 11.63 -31.41 -51.86
C ARG B 1228 10.59 -32.48 -52.19
N LYS B 1229 11.03 -33.64 -52.68
CA LYS B 1229 10.16 -34.71 -53.08
C LYS B 1229 9.41 -35.33 -51.87
N ILE B 1230 10.14 -35.51 -50.77
CA ILE B 1230 9.59 -35.97 -49.51
C ILE B 1230 8.50 -35.07 -48.95
N ALA B 1231 8.81 -33.79 -48.89
CA ALA B 1231 7.85 -32.83 -48.41
C ALA B 1231 6.60 -32.86 -49.24
N LYS B 1232 6.74 -32.96 -50.55
CA LYS B 1232 5.55 -33.05 -51.40
C LYS B 1232 4.80 -34.36 -51.26
N ALA B 1233 5.52 -35.46 -51.17
CA ALA B 1233 4.87 -36.78 -51.12
C ALA B 1233 4.05 -36.99 -49.85
N PHE B 1234 4.48 -36.36 -48.76
CA PHE B 1234 3.76 -36.52 -47.50
C PHE B 1234 2.99 -35.28 -47.13
N ALA B 1235 2.86 -34.37 -48.06
CA ALA B 1235 2.02 -33.17 -47.85
C ALA B 1235 2.35 -32.48 -46.51
N ILE B 1236 3.65 -32.25 -46.28
CA ILE B 1236 4.08 -31.79 -45.01
C ILE B 1236 3.69 -30.32 -44.77
N SER B 1237 3.09 -30.08 -43.63
CA SER B 1237 2.78 -28.73 -43.11
C SER B 1237 3.20 -28.69 -41.66
N GLY B 1238 4.48 -28.33 -41.44
CA GLY B 1238 5.05 -28.35 -40.10
C GLY B 1238 6.49 -28.80 -40.13
N PRO B 1239 7.04 -29.16 -38.98
CA PRO B 1239 8.43 -29.56 -38.86
C PRO B 1239 8.70 -31.01 -39.34
N PHE B 1240 9.88 -31.23 -39.93
CA PHE B 1240 10.41 -32.53 -40.20
C PHE B 1240 11.90 -32.64 -40.28
N ASN B 1241 12.40 -33.86 -40.32
CA ASN B 1241 13.81 -34.10 -40.36
C ASN B 1241 14.05 -35.35 -41.25
N VAL B 1242 15.09 -35.29 -42.09
CA VAL B 1242 15.53 -36.44 -42.83
C VAL B 1242 16.99 -36.63 -42.58
N GLN B 1243 17.41 -37.87 -42.33
CA GLN B 1243 18.79 -38.23 -42.21
C GLN B 1243 19.29 -38.95 -43.48
N PHE B 1244 20.47 -38.55 -43.90
CA PHE B 1244 21.06 -39.04 -45.13
C PHE B 1244 22.45 -39.57 -44.90
N LEU B 1245 22.77 -40.64 -45.61
CA LEU B 1245 24.12 -41.10 -45.73
C LEU B 1245 24.74 -40.51 -47.07
N VAL B 1246 25.96 -40.00 -46.98
CA VAL B 1246 26.61 -39.42 -48.14
C VAL B 1246 27.99 -40.03 -48.35
N LYS B 1247 28.24 -40.47 -49.58
CA LYS B 1247 29.59 -40.93 -49.93
C LYS B 1247 29.93 -40.43 -51.34
N GLY B 1248 30.77 -39.39 -51.45
CA GLY B 1248 31.04 -38.78 -52.75
C GLY B 1248 29.83 -38.10 -53.26
N ASN B 1249 29.27 -38.58 -54.36
CA ASN B 1249 27.94 -38.13 -54.85
C ASN B 1249 26.77 -39.02 -54.51
N ASP B 1250 27.02 -40.17 -53.88
CA ASP B 1250 25.97 -41.11 -53.52
C ASP B 1250 25.25 -40.59 -52.26
N VAL B 1251 23.97 -40.37 -52.35
CA VAL B 1251 23.17 -39.87 -51.26
C VAL B 1251 22.01 -40.82 -51.03
N LEU B 1252 21.89 -41.35 -49.82
CA LEU B 1252 20.93 -42.37 -49.44
C LEU B 1252 20.15 -41.90 -48.24
N VAL B 1253 18.81 -41.92 -48.33
CA VAL B 1253 17.94 -41.59 -47.17
C VAL B 1253 18.07 -42.73 -46.13
N ILE B 1254 18.34 -42.35 -44.91
CA ILE B 1254 18.36 -43.30 -43.80
C ILE B 1254 16.96 -43.33 -43.20
N GLU B 1255 16.40 -42.19 -42.83
CA GLU B 1255 15.01 -42.14 -42.36
C GLU B 1255 14.48 -40.76 -42.36
N CYS B 1256 13.19 -40.68 -42.21
CA CYS B 1256 12.50 -39.45 -42.07
C CYS B 1256 11.73 -39.48 -40.72
N ASN B 1257 11.76 -38.40 -39.93
CA ASN B 1257 10.89 -38.24 -38.72
C ASN B 1257 10.05 -37.03 -39.01
N LEU B 1258 8.74 -37.19 -39.06
CA LEU B 1258 7.85 -36.13 -39.43
C LEU B 1258 7.47 -35.34 -38.18
N ARG B 1259 8.49 -34.70 -37.59
CA ARG B 1259 8.37 -33.96 -36.38
C ARG B 1259 9.64 -33.16 -36.20
N ALA B 1260 9.64 -32.25 -35.26
CA ALA B 1260 10.87 -31.52 -34.92
C ALA B 1260 11.87 -32.52 -34.33
N SER B 1261 13.10 -32.29 -34.70
CA SER B 1261 14.20 -33.06 -34.20
C SER B 1261 14.93 -32.27 -33.08
N ARG B 1262 15.85 -32.96 -32.43
CA ARG B 1262 16.66 -32.32 -31.39
C ARG B 1262 17.62 -31.26 -31.86
N SER B 1263 17.90 -31.16 -33.16
CA SER B 1263 18.67 -30.14 -33.67
C SER B 1263 17.94 -28.89 -34.04
N PHE B 1264 16.62 -28.82 -33.88
CA PHE B 1264 15.88 -27.58 -34.16
C PHE B 1264 16.40 -26.31 -33.44
N PRO B 1265 16.62 -26.35 -32.11
CA PRO B 1265 17.15 -25.19 -31.41
C PRO B 1265 18.52 -24.77 -31.98
N PHE B 1266 19.43 -25.71 -32.18
CA PHE B 1266 20.75 -25.48 -32.72
C PHE B 1266 20.68 -24.75 -34.12
N VAL B 1267 19.91 -25.30 -35.04
CA VAL B 1267 19.82 -24.72 -36.38
C VAL B 1267 19.17 -23.39 -36.33
N SER B 1268 18.22 -23.22 -35.44
CA SER B 1268 17.50 -21.96 -35.36
C SER B 1268 18.45 -20.83 -34.85
N LYS B 1269 19.24 -21.12 -33.83
CA LYS B 1269 20.15 -20.12 -33.23
C LYS B 1269 21.29 -19.84 -34.20
N THR B 1270 21.71 -20.85 -34.97
CA THR B 1270 22.79 -20.69 -35.92
C THR B 1270 22.36 -19.78 -37.08
N LEU B 1271 21.17 -20.01 -37.61
CA LEU B 1271 20.69 -19.30 -38.78
C LEU B 1271 19.96 -18.01 -38.45
N GLY B 1272 19.59 -17.77 -37.19
CA GLY B 1272 18.85 -16.54 -36.84
C GLY B 1272 17.39 -16.56 -37.17
N VAL B 1273 16.79 -17.74 -37.32
CA VAL B 1273 15.38 -17.94 -37.66
C VAL B 1273 14.90 -19.05 -36.77
N ASP B 1274 13.85 -18.77 -36.03
CA ASP B 1274 13.27 -19.73 -35.10
C ASP B 1274 12.39 -20.73 -35.87
N PHE B 1275 12.90 -21.91 -36.14
CA PHE B 1275 12.20 -22.87 -36.96
C PHE B 1275 10.93 -23.37 -36.29
N ILE B 1276 10.92 -23.43 -34.98
CA ILE B 1276 9.74 -23.82 -34.28
C ILE B 1276 8.66 -22.76 -34.42
N ASP B 1277 9.04 -21.51 -34.39
CA ASP B 1277 8.08 -20.40 -34.54
C ASP B 1277 7.45 -20.42 -35.92
N VAL B 1278 8.31 -20.62 -36.92
CA VAL B 1278 7.84 -20.78 -38.28
C VAL B 1278 6.90 -21.99 -38.41
N ALA B 1279 7.34 -23.13 -37.90
CA ALA B 1279 6.50 -24.36 -37.99
C ALA B 1279 5.19 -24.24 -37.26
N THR B 1280 5.20 -23.60 -36.09
CA THR B 1280 3.95 -23.38 -35.34
C THR B 1280 2.96 -22.50 -36.10
N LYS B 1281 3.46 -21.42 -36.64
CA LYS B 1281 2.66 -20.55 -37.46
C LYS B 1281 2.05 -21.32 -38.68
N VAL B 1282 2.86 -22.11 -39.39
CA VAL B 1282 2.36 -22.94 -40.50
C VAL B 1282 1.28 -23.87 -39.98
N MET B 1283 1.50 -24.53 -38.85
CA MET B 1283 0.52 -25.53 -38.37
C MET B 1283 -0.84 -24.93 -37.99
N ILE B 1284 -0.91 -23.70 -37.56
CA ILE B 1284 -2.19 -23.10 -37.16
C ILE B 1284 -2.74 -22.20 -38.25
N GLY B 1285 -2.14 -22.16 -39.45
CA GLY B 1285 -2.61 -21.32 -40.57
C GLY B 1285 -2.31 -19.84 -40.52
N GLU B 1286 -1.34 -19.43 -39.71
CA GLU B 1286 -0.90 -18.04 -39.61
C GLU B 1286 0.08 -17.77 -40.77
N ASN B 1287 -0.07 -16.65 -41.45
CA ASN B 1287 0.80 -16.41 -42.63
C ASN B 1287 2.24 -16.21 -42.26
N VAL B 1288 3.12 -16.63 -43.15
CA VAL B 1288 4.52 -16.57 -42.94
C VAL B 1288 5.05 -15.94 -44.20
N ASP B 1289 5.83 -14.88 -44.06
CA ASP B 1289 6.55 -14.29 -45.22
C ASP B 1289 7.80 -15.08 -45.51
N GLU B 1290 7.91 -15.66 -46.69
CA GLU B 1290 9.04 -16.54 -47.02
C GLU B 1290 10.32 -15.83 -47.50
N LYS B 1291 10.29 -14.51 -47.72
CA LYS B 1291 11.41 -13.83 -48.43
C LYS B 1291 12.77 -13.98 -47.72
N HIS B 1292 12.75 -13.83 -46.41
CA HIS B 1292 13.95 -13.93 -45.61
C HIS B 1292 14.16 -15.33 -45.02
N LEU B 1293 13.30 -16.30 -45.30
CA LEU B 1293 13.48 -17.65 -44.73
C LEU B 1293 14.51 -18.41 -45.53
N PRO B 1294 15.16 -19.41 -44.91
CA PRO B 1294 16.03 -20.30 -45.69
C PRO B 1294 15.27 -21.38 -46.46
N THR B 1295 14.69 -21.00 -47.60
CA THR B 1295 13.99 -21.91 -48.49
C THR B 1295 15.02 -22.70 -49.26
N LEU B 1296 14.60 -23.76 -49.97
CA LEU B 1296 15.60 -24.53 -50.78
C LEU B 1296 16.27 -23.73 -51.84
N ASP B 1297 15.52 -22.78 -52.41
CA ASP B 1297 16.07 -21.91 -53.46
C ASP B 1297 16.91 -20.75 -52.92
N HIS B 1298 16.72 -20.33 -51.66
CA HIS B 1298 17.63 -19.38 -51.10
C HIS B 1298 18.06 -19.76 -49.68
N PRO B 1299 19.00 -20.68 -49.60
CA PRO B 1299 19.41 -21.11 -48.25
C PRO B 1299 20.08 -19.97 -47.44
N ILE B 1300 20.23 -20.18 -46.13
CA ILE B 1300 21.00 -19.29 -45.28
C ILE B 1300 22.16 -20.09 -44.88
N ILE B 1301 23.32 -19.64 -45.34
CA ILE B 1301 24.58 -20.32 -45.10
C ILE B 1301 25.48 -19.32 -44.39
N PRO B 1302 25.81 -19.56 -43.12
CA PRO B 1302 26.77 -18.70 -42.45
C PRO B 1302 28.11 -18.73 -43.17
N ALA B 1303 28.68 -17.56 -43.36
CA ALA B 1303 29.98 -17.45 -44.04
C ALA B 1303 31.14 -17.20 -43.05
N ASP B 1304 30.92 -16.34 -42.05
CA ASP B 1304 31.97 -15.86 -41.12
C ASP B 1304 32.09 -16.70 -39.85
N TYR B 1305 31.24 -17.72 -39.69
CA TYR B 1305 31.39 -18.61 -38.53
C TYR B 1305 30.76 -19.98 -38.86
N VAL B 1306 31.08 -20.94 -38.01
CA VAL B 1306 30.58 -22.33 -38.09
C VAL B 1306 30.04 -22.67 -36.68
N ALA B 1307 29.04 -23.49 -36.63
CA ALA B 1307 28.43 -23.94 -35.34
C ALA B 1307 28.66 -25.42 -35.16
N ILE B 1308 28.86 -25.84 -33.89
CA ILE B 1308 29.01 -27.19 -33.55
C ILE B 1308 28.00 -27.47 -32.43
N LYS B 1309 27.41 -28.64 -32.49
CA LYS B 1309 26.52 -29.15 -31.47
C LYS B 1309 27.09 -30.46 -30.97
N ALA B 1310 27.32 -30.56 -29.67
CA ALA B 1310 27.92 -31.76 -29.11
C ALA B 1310 27.20 -32.15 -27.78
N PRO B 1311 27.44 -33.37 -27.31
CA PRO B 1311 26.80 -33.70 -26.03
C PRO B 1311 27.47 -33.01 -24.86
N MET B 1312 26.70 -32.79 -23.82
CA MET B 1312 27.24 -32.21 -22.60
C MET B 1312 28.00 -33.30 -21.84
N PHE B 1313 27.42 -34.51 -21.74
CA PHE B 1313 27.98 -35.51 -20.85
C PHE B 1313 28.03 -36.83 -21.61
N SER B 1314 29.14 -37.54 -21.61
CA SER B 1314 29.20 -38.91 -22.16
C SER B 1314 29.85 -39.88 -21.16
N TRP B 1315 29.36 -41.11 -21.12
CA TRP B 1315 29.89 -42.16 -20.22
C TRP B 1315 29.83 -43.54 -20.90
N PRO B 1316 30.79 -44.45 -20.56
CA PRO B 1316 30.70 -45.77 -21.15
C PRO B 1316 29.59 -46.63 -20.48
N ARG B 1317 29.06 -47.59 -21.23
CA ARG B 1317 28.19 -48.65 -20.72
C ARG B 1317 28.80 -49.94 -21.10
N LEU B 1318 28.81 -50.91 -20.19
CA LEU B 1318 29.31 -52.24 -20.51
C LEU B 1318 28.15 -53.12 -20.88
N ARG B 1319 28.19 -53.72 -22.06
CA ARG B 1319 27.21 -54.75 -22.44
C ARG B 1319 27.76 -56.10 -21.95
N ASP B 1320 27.42 -56.42 -20.70
CA ASP B 1320 28.08 -57.46 -19.90
C ASP B 1320 27.48 -58.84 -20.25
N ALA B 1321 26.54 -59.36 -19.46
CA ALA B 1321 25.82 -60.58 -19.82
C ALA B 1321 24.95 -60.20 -21.03
N ASP B 1322 25.28 -60.76 -22.19
CA ASP B 1322 24.69 -60.36 -23.48
C ASP B 1322 25.20 -61.34 -24.57
N PRO B 1323 24.80 -61.13 -25.85
CA PRO B 1323 25.66 -61.67 -26.91
C PRO B 1323 26.84 -60.72 -27.10
N ILE B 1324 27.76 -61.06 -27.99
CA ILE B 1324 28.90 -60.18 -28.37
C ILE B 1324 29.83 -59.70 -27.21
N LEU B 1325 29.28 -59.02 -26.18
CA LEU B 1325 30.07 -58.36 -25.11
C LEU B 1325 30.83 -57.18 -25.71
N ARG B 1326 30.38 -55.97 -25.42
CA ARG B 1326 31.03 -54.76 -25.93
C ARG B 1326 30.79 -53.53 -25.05
N CYS B 1327 31.72 -52.60 -25.15
CA CYS B 1327 31.62 -51.30 -24.52
C CYS B 1327 31.11 -50.31 -25.58
N GLU B 1328 30.09 -49.55 -25.25
CA GLU B 1328 29.64 -48.45 -26.09
C GLU B 1328 29.57 -47.18 -25.20
N MET B 1329 29.24 -46.05 -25.83
CA MET B 1329 29.10 -44.79 -25.15
C MET B 1329 27.63 -44.37 -25.16
N ALA B 1330 27.23 -43.73 -24.10
CA ALA B 1330 25.95 -43.07 -24.00
C ALA B 1330 26.22 -41.60 -23.80
N SER B 1331 25.34 -40.75 -24.31
CA SER B 1331 25.54 -39.30 -24.22
C SER B 1331 24.27 -38.61 -23.90
N THR B 1332 24.35 -37.44 -23.30
CA THR B 1332 23.14 -36.67 -23.03
C THR B 1332 23.44 -35.18 -22.97
N GLY B 1333 22.39 -34.36 -23.06
CA GLY B 1333 22.56 -32.92 -22.89
C GLY B 1333 23.16 -32.31 -24.16
N GLU B 1334 23.50 -31.02 -24.10
CA GLU B 1334 23.85 -30.28 -25.29
C GLU B 1334 24.81 -29.22 -24.92
N VAL B 1335 25.88 -29.08 -25.71
CA VAL B 1335 26.68 -27.84 -25.76
C VAL B 1335 26.75 -27.44 -27.22
N ALA B 1336 26.40 -26.22 -27.51
CA ALA B 1336 26.55 -25.70 -28.84
C ALA B 1336 27.29 -24.37 -28.77
N CYS B 1337 28.24 -24.16 -29.73
CA CYS B 1337 29.17 -23.07 -29.73
C CYS B 1337 29.40 -22.60 -31.18
N PHE B 1338 29.69 -21.31 -31.38
CA PHE B 1338 30.15 -20.82 -32.66
C PHE B 1338 31.67 -20.65 -32.61
N GLY B 1339 32.27 -20.65 -33.78
CA GLY B 1339 33.69 -20.33 -33.89
C GLY B 1339 33.89 -19.83 -35.32
N GLU B 1340 34.99 -19.17 -35.54
CA GLU B 1340 35.39 -18.75 -36.92
C GLU B 1340 35.50 -19.91 -37.87
N GLY B 1341 35.96 -21.06 -37.39
CA GLY B 1341 35.83 -22.33 -38.14
C GLY B 1341 35.55 -23.47 -37.17
N ILE B 1342 35.45 -24.65 -37.72
CA ILE B 1342 35.03 -25.81 -36.94
C ILE B 1342 36.06 -26.16 -35.85
N HIS B 1343 37.33 -25.92 -36.11
CA HIS B 1343 38.39 -26.21 -35.14
C HIS B 1343 38.23 -25.37 -33.89
N THR B 1344 38.01 -24.06 -34.05
CA THR B 1344 37.76 -23.18 -32.94
C THR B 1344 36.49 -23.56 -32.22
N ALA B 1345 35.40 -23.75 -32.96
CA ALA B 1345 34.15 -24.18 -32.36
C ALA B 1345 34.30 -25.41 -31.50
N PHE B 1346 35.05 -26.38 -32.03
CA PHE B 1346 35.26 -27.60 -31.32
C PHE B 1346 35.98 -27.40 -29.99
N LEU B 1347 37.12 -26.69 -30.01
CA LEU B 1347 37.86 -26.39 -28.75
C LEU B 1347 36.95 -25.57 -27.78
N LYS B 1348 36.14 -24.63 -28.25
CA LYS B 1348 35.18 -23.98 -27.35
C LYS B 1348 34.15 -24.91 -26.74
N ALA B 1349 33.67 -25.89 -27.52
CA ALA B 1349 32.75 -26.87 -26.99
C ALA B 1349 33.43 -27.65 -25.86
N MET B 1350 34.69 -27.97 -26.04
CA MET B 1350 35.43 -28.70 -25.00
C MET B 1350 35.57 -27.88 -23.70
N LEU B 1351 35.91 -26.61 -23.82
CA LEU B 1351 35.97 -25.73 -22.67
C LEU B 1351 34.62 -25.53 -22.03
N SER B 1352 33.57 -25.45 -22.85
CA SER B 1352 32.18 -25.28 -22.35
C SER B 1352 31.62 -26.49 -21.56
N THR B 1353 32.12 -27.65 -21.93
CA THR B 1353 31.80 -28.90 -21.27
C THR B 1353 32.49 -29.03 -19.94
N GLY B 1354 33.41 -28.14 -19.64
CA GLY B 1354 34.04 -28.12 -18.34
C GLY B 1354 35.44 -28.70 -18.42
N PHE B 1355 35.97 -29.00 -19.63
CA PHE B 1355 37.33 -29.58 -19.72
C PHE B 1355 38.40 -28.53 -19.91
N LYS B 1356 39.62 -28.86 -19.50
CA LYS B 1356 40.80 -28.09 -19.92
C LYS B 1356 41.29 -28.71 -21.23
N ILE B 1357 41.73 -27.87 -22.14
CA ILE B 1357 42.23 -28.38 -23.42
C ILE B 1357 43.53 -29.07 -23.12
N PRO B 1358 43.66 -30.37 -23.45
CA PRO B 1358 44.85 -31.14 -23.10
C PRO B 1358 46.12 -30.49 -23.58
N GLN B 1359 47.14 -30.60 -22.76
CA GLN B 1359 48.44 -30.12 -23.18
C GLN B 1359 49.61 -30.94 -22.73
N LYS B 1360 49.42 -32.08 -22.08
CA LYS B 1360 50.53 -32.80 -21.48
C LYS B 1360 50.73 -34.16 -22.10
N GLY B 1361 49.80 -35.08 -21.87
CA GLY B 1361 49.95 -36.44 -22.36
C GLY B 1361 48.66 -37.10 -22.77
N ILE B 1362 48.78 -38.02 -23.71
CA ILE B 1362 47.64 -38.66 -24.34
C ILE B 1362 47.79 -40.14 -24.27
N LEU B 1363 46.74 -40.80 -23.81
CA LEU B 1363 46.68 -42.26 -23.82
C LEU B 1363 46.06 -42.65 -25.12
N ILE B 1364 46.76 -43.51 -25.86
CA ILE B 1364 46.30 -44.00 -27.13
C ILE B 1364 45.86 -45.44 -27.07
N GLY B 1365 44.58 -45.69 -27.31
CA GLY B 1365 44.05 -47.05 -27.39
C GLY B 1365 43.34 -47.25 -28.71
N ILE B 1366 43.84 -48.19 -29.51
CA ILE B 1366 43.22 -48.52 -30.78
C ILE B 1366 43.28 -50.00 -31.05
N GLN B 1367 42.36 -50.49 -31.84
CA GLN B 1367 42.41 -51.86 -32.37
C GLN B 1367 43.69 -52.05 -33.26
N GLN B 1368 44.37 -53.19 -33.17
CA GLN B 1368 45.55 -53.47 -33.99
C GLN B 1368 45.32 -53.28 -35.48
N SER B 1369 44.17 -53.71 -35.98
CA SER B 1369 43.86 -53.54 -37.39
C SER B 1369 43.74 -52.03 -37.78
N PHE B 1370 43.46 -51.16 -36.81
CA PHE B 1370 43.42 -49.70 -37.07
C PHE B 1370 44.82 -49.00 -37.16
N ARG B 1371 45.90 -49.73 -36.89
CA ARG B 1371 47.21 -49.10 -36.81
C ARG B 1371 47.61 -48.29 -38.06
N PRO B 1372 47.49 -48.86 -39.27
CA PRO B 1372 47.86 -48.07 -40.46
C PRO B 1372 47.13 -46.76 -40.56
N ARG B 1373 45.84 -46.75 -40.23
CA ARG B 1373 45.09 -45.48 -40.37
C ARG B 1373 45.36 -44.44 -39.30
N PHE B 1374 45.94 -44.85 -38.20
CA PHE B 1374 46.10 -43.98 -37.04
C PHE B 1374 47.50 -43.41 -36.93
N LEU B 1375 48.49 -44.01 -37.61
CA LEU B 1375 49.87 -43.63 -37.37
C LEU B 1375 50.13 -42.13 -37.64
N GLY B 1376 49.52 -41.61 -38.70
CA GLY B 1376 49.61 -40.18 -39.06
C GLY B 1376 49.17 -39.25 -37.97
N VAL B 1377 48.04 -39.53 -37.39
CA VAL B 1377 47.48 -38.76 -36.27
C VAL B 1377 48.35 -38.88 -35.04
N ALA B 1378 48.87 -40.06 -34.77
CA ALA B 1378 49.82 -40.20 -33.66
C ALA B 1378 51.06 -39.31 -33.81
N GLU B 1379 51.62 -39.29 -35.01
CA GLU B 1379 52.78 -38.47 -35.31
C GLU B 1379 52.46 -37.01 -35.13
N GLN B 1380 51.31 -36.60 -35.62
CA GLN B 1380 50.84 -35.21 -35.50
C GLN B 1380 50.68 -34.74 -34.04
N LEU B 1381 50.11 -35.59 -33.20
CA LEU B 1381 49.98 -35.33 -31.78
C LEU B 1381 51.37 -35.29 -31.14
N HIS B 1382 52.26 -36.21 -31.53
CA HIS B 1382 53.64 -36.13 -31.04
C HIS B 1382 54.33 -34.81 -31.48
N ASN B 1383 54.18 -34.41 -32.73
CA ASN B 1383 54.75 -33.18 -33.25
C ASN B 1383 54.21 -31.92 -32.55
N GLU B 1384 53.01 -31.96 -31.98
CA GLU B 1384 52.49 -30.85 -31.19
C GLU B 1384 52.98 -30.78 -29.73
N GLY B 1385 53.80 -31.75 -29.32
CA GLY B 1385 54.44 -31.70 -28.03
C GLY B 1385 53.78 -32.53 -26.98
N PHE B 1386 52.76 -33.34 -27.33
CA PHE B 1386 52.16 -34.25 -26.38
C PHE B 1386 53.05 -35.47 -26.16
N LYS B 1387 53.17 -35.89 -24.92
CA LYS B 1387 53.76 -37.18 -24.64
C LYS B 1387 52.67 -38.24 -24.88
N LEU B 1388 53.06 -39.37 -25.49
CA LEU B 1388 52.12 -40.42 -25.81
C LEU B 1388 52.31 -41.63 -24.87
N PHE B 1389 51.19 -42.20 -24.41
CA PHE B 1389 51.18 -43.45 -23.68
C PHE B 1389 50.35 -44.46 -24.43
N ALA B 1390 50.69 -45.72 -24.28
CA ALA B 1390 49.89 -46.80 -24.85
C ALA B 1390 50.21 -48.11 -24.19
N THR B 1391 49.31 -49.06 -24.31
CA THR B 1391 49.54 -50.41 -23.83
C THR B 1391 50.68 -51.00 -24.65
N GLU B 1392 51.49 -51.82 -24.00
CA GLU B 1392 52.81 -52.12 -24.45
C GLU B 1392 52.97 -52.46 -25.96
N ALA B 1393 52.11 -53.29 -26.53
CA ALA B 1393 52.36 -53.72 -27.93
C ALA B 1393 52.18 -52.50 -28.89
N THR B 1394 51.23 -51.63 -28.55
CA THR B 1394 50.92 -50.44 -29.34
C THR B 1394 52.05 -49.45 -29.14
N SER B 1395 52.56 -49.35 -27.92
CA SER B 1395 53.74 -48.54 -27.62
C SER B 1395 54.98 -48.94 -28.39
N ASP B 1396 55.25 -50.25 -28.40
CA ASP B 1396 56.36 -50.78 -29.19
C ASP B 1396 56.19 -50.46 -30.69
N TRP B 1397 54.96 -50.60 -31.19
CA TRP B 1397 54.63 -50.23 -32.53
C TRP B 1397 54.91 -48.74 -32.84
N LEU B 1398 54.46 -47.82 -32.00
CA LEU B 1398 54.75 -46.39 -32.19
C LEU B 1398 56.28 -46.12 -32.27
N ASN B 1399 56.98 -46.57 -31.25
CA ASN B 1399 58.43 -46.40 -31.13
C ASN B 1399 59.18 -47.03 -32.32
N ALA B 1400 58.74 -48.16 -32.83
CA ALA B 1400 59.40 -48.79 -34.03
C ALA B 1400 59.22 -47.93 -35.31
N ASN B 1401 58.10 -47.18 -35.36
CA ASN B 1401 57.88 -46.19 -36.38
C ASN B 1401 58.44 -44.82 -36.07
N ASN B 1402 59.26 -44.71 -35.03
CA ASN B 1402 59.89 -43.46 -34.61
C ASN B 1402 58.88 -42.38 -34.19
N VAL B 1403 57.77 -42.81 -33.56
CA VAL B 1403 56.87 -41.90 -32.87
C VAL B 1403 57.01 -42.27 -31.41
N PRO B 1404 57.74 -41.49 -30.61
CA PRO B 1404 58.04 -41.92 -29.23
C PRO B 1404 56.78 -42.17 -28.40
N ALA B 1405 56.81 -43.18 -27.56
CA ALA B 1405 55.68 -43.48 -26.68
C ALA B 1405 56.18 -44.16 -25.43
N THR B 1406 55.42 -44.06 -24.34
CA THR B 1406 55.70 -44.79 -23.10
C THR B 1406 54.69 -45.92 -22.87
N PRO B 1407 55.15 -47.15 -22.58
CA PRO B 1407 54.23 -48.26 -22.43
C PRO B 1407 53.52 -48.25 -21.07
N VAL B 1408 52.30 -48.81 -21.01
CA VAL B 1408 51.52 -48.92 -19.80
C VAL B 1408 50.84 -50.26 -19.77
N ALA B 1409 50.31 -50.63 -18.60
CA ALA B 1409 49.74 -51.96 -18.43
C ALA B 1409 48.27 -51.91 -18.77
N TRP B 1410 47.75 -52.97 -19.37
CA TRP B 1410 46.33 -53.14 -19.30
C TRP B 1410 45.96 -53.19 -17.78
N PRO B 1411 44.87 -52.47 -17.35
CA PRO B 1411 44.47 -52.56 -15.93
C PRO B 1411 44.41 -53.99 -15.42
N SER B 1412 43.71 -54.89 -16.11
CA SER B 1412 43.58 -56.26 -15.67
C SER B 1412 44.94 -57.04 -15.47
N GLN B 1413 46.05 -56.51 -15.95
CA GLN B 1413 47.32 -57.22 -16.00
C GLN B 1413 48.45 -56.50 -15.26
N GLU B 1414 48.15 -55.55 -14.36
CA GLU B 1414 49.22 -54.75 -13.70
C GLU B 1414 50.15 -55.63 -12.82
N GLY B 1415 49.59 -56.66 -12.19
CA GLY B 1415 50.38 -57.62 -11.42
C GLY B 1415 51.42 -58.35 -12.28
N GLN B 1416 51.04 -58.65 -13.53
CA GLN B 1416 51.86 -59.48 -14.45
C GLN B 1416 53.13 -58.79 -15.00
N ASN B 1417 53.05 -57.47 -15.20
CA ASN B 1417 54.19 -56.64 -15.68
C ASN B 1417 54.30 -55.48 -14.67
N PRO B 1418 54.89 -55.74 -13.49
CA PRO B 1418 54.90 -54.73 -12.44
C PRO B 1418 55.84 -53.51 -12.73
N SER B 1419 56.79 -53.66 -13.65
CA SER B 1419 57.58 -52.49 -14.09
C SER B 1419 56.80 -51.46 -14.93
N LEU B 1420 55.70 -51.86 -15.59
CA LEU B 1420 54.88 -50.94 -16.42
C LEU B 1420 54.05 -49.99 -15.58
N SER B 1421 54.05 -48.73 -16.00
CA SER B 1421 53.21 -47.70 -15.39
C SER B 1421 51.70 -48.08 -15.46
N SER B 1422 50.96 -47.55 -14.50
CA SER B 1422 49.53 -47.78 -14.40
C SER B 1422 48.76 -46.60 -14.96
N ILE B 1423 47.74 -46.87 -15.77
CA ILE B 1423 46.95 -45.78 -16.39
C ILE B 1423 46.30 -44.90 -15.31
N ARG B 1424 45.65 -45.58 -14.36
CA ARG B 1424 44.93 -44.86 -13.29
C ARG B 1424 45.90 -43.95 -12.53
N LYS B 1425 47.08 -44.47 -12.18
CA LYS B 1425 48.14 -43.67 -11.56
C LYS B 1425 48.57 -42.47 -12.42
N LEU B 1426 48.83 -42.70 -13.71
CA LEU B 1426 49.19 -41.59 -14.61
C LEU B 1426 48.04 -40.56 -14.80
N ILE B 1427 46.79 -41.02 -14.81
CA ILE B 1427 45.68 -40.05 -14.92
C ILE B 1427 45.60 -39.28 -13.60
N ARG B 1428 45.61 -40.01 -12.48
CA ARG B 1428 45.65 -39.41 -11.11
C ARG B 1428 46.74 -38.31 -10.92
N ASP B 1429 47.98 -38.51 -11.39
CA ASP B 1429 49.05 -37.48 -11.19
C ASP B 1429 49.18 -36.39 -12.26
N GLY B 1430 48.26 -36.37 -13.23
CA GLY B 1430 48.30 -35.38 -14.28
C GLY B 1430 49.15 -35.70 -15.49
N SER B 1431 49.81 -36.86 -15.55
CA SER B 1431 50.68 -37.17 -16.72
C SER B 1431 49.89 -37.36 -18.08
N ILE B 1432 48.71 -37.98 -17.96
CA ILE B 1432 47.75 -38.14 -19.07
C ILE B 1432 46.61 -37.16 -18.84
N ASP B 1433 46.40 -36.21 -19.74
CA ASP B 1433 45.25 -35.31 -19.66
C ASP B 1433 44.27 -35.44 -20.87
N LEU B 1434 44.33 -36.55 -21.63
CA LEU B 1434 43.36 -36.88 -22.71
C LEU B 1434 43.43 -38.35 -22.94
N VAL B 1435 42.29 -39.00 -23.08
CA VAL B 1435 42.26 -40.39 -23.40
C VAL B 1435 41.63 -40.54 -24.79
N ILE B 1436 42.34 -41.24 -25.68
CA ILE B 1436 41.80 -41.74 -26.95
C ILE B 1436 41.57 -43.23 -26.83
N ASN B 1437 40.32 -43.65 -26.94
CA ASN B 1437 39.98 -45.07 -26.77
C ASN B 1437 38.96 -45.41 -27.84
N LEU B 1438 39.47 -45.82 -29.00
CA LEU B 1438 38.68 -46.06 -30.19
C LEU B 1438 37.99 -47.46 -30.12
N PRO B 1439 36.91 -47.67 -30.89
CA PRO B 1439 36.19 -48.96 -30.74
C PRO B 1439 37.14 -50.13 -30.98
N ASN B 1440 36.98 -51.19 -30.20
CA ASN B 1440 37.93 -52.31 -30.20
C ASN B 1440 37.15 -53.63 -29.97
N ASN B 1441 37.17 -54.47 -31.01
CA ASN B 1441 36.36 -55.70 -31.10
C ASN B 1441 36.98 -56.88 -30.36
N ASN B 1442 38.17 -56.68 -29.79
CA ASN B 1442 38.89 -57.71 -29.10
C ASN B 1442 38.21 -58.00 -27.74
N THR B 1443 37.41 -59.08 -27.75
CA THR B 1443 36.75 -59.70 -26.56
C THR B 1443 37.57 -59.71 -25.30
N LYS B 1444 38.83 -60.13 -25.40
CA LYS B 1444 39.75 -60.12 -24.24
C LYS B 1444 39.83 -58.80 -23.50
N PHE B 1445 39.66 -57.67 -24.19
CA PHE B 1445 39.96 -56.37 -23.59
C PHE B 1445 38.78 -55.43 -23.47
N VAL B 1446 37.58 -55.92 -23.80
CA VAL B 1446 36.37 -55.11 -23.63
C VAL B 1446 36.25 -54.62 -22.20
N HIS B 1447 36.47 -55.49 -21.20
CA HIS B 1447 36.33 -55.04 -19.84
C HIS B 1447 37.41 -54.00 -19.48
N ASP B 1448 38.66 -54.26 -19.89
CA ASP B 1448 39.73 -53.28 -19.71
C ASP B 1448 39.44 -51.88 -20.36
N ASN B 1449 38.86 -51.90 -21.56
CA ASN B 1449 38.52 -50.65 -22.26
C ASN B 1449 37.39 -49.89 -21.55
N TYR B 1450 36.43 -50.66 -21.03
CA TYR B 1450 35.42 -50.07 -20.16
C TYR B 1450 36.06 -49.36 -19.01
N VAL B 1451 36.97 -50.07 -18.31
CA VAL B 1451 37.65 -49.49 -17.16
C VAL B 1451 38.43 -48.24 -17.53
N ILE B 1452 39.22 -48.32 -18.60
CA ILE B 1452 39.90 -47.11 -19.06
C ILE B 1452 38.94 -45.93 -19.30
N ARG B 1453 37.85 -46.19 -20.03
CA ARG B 1453 36.92 -45.10 -20.34
C ARG B 1453 36.29 -44.52 -19.06
N ARG B 1454 35.91 -45.41 -18.14
CA ARG B 1454 35.27 -44.99 -16.88
C ARG B 1454 36.25 -44.16 -16.08
N THR B 1455 37.54 -44.54 -16.13
CA THR B 1455 38.54 -43.79 -15.39
C THR B 1455 38.70 -42.40 -15.95
N ALA B 1456 38.69 -42.28 -17.27
CA ALA B 1456 38.75 -40.93 -17.87
C ALA B 1456 37.56 -40.12 -17.41
N VAL B 1457 36.38 -40.67 -17.52
CA VAL B 1457 35.19 -39.88 -17.17
C VAL B 1457 35.18 -39.48 -15.68
N ASP B 1458 35.47 -40.44 -14.80
CA ASP B 1458 35.55 -40.20 -13.34
C ASP B 1458 36.61 -39.13 -12.96
N SER B 1459 37.70 -39.03 -13.71
CA SER B 1459 38.75 -38.02 -13.41
C SER B 1459 38.56 -36.69 -14.07
N GLY B 1460 37.46 -36.53 -14.79
CA GLY B 1460 37.18 -35.23 -15.42
C GLY B 1460 38.10 -34.87 -16.57
N ILE B 1461 38.65 -35.84 -17.28
CA ILE B 1461 39.46 -35.52 -18.47
C ILE B 1461 38.82 -35.96 -19.78
N PRO B 1462 39.08 -35.21 -20.87
CA PRO B 1462 38.36 -35.51 -22.10
C PRO B 1462 38.69 -36.91 -22.62
N LEU B 1463 37.67 -37.54 -23.21
CA LEU B 1463 37.66 -38.91 -23.66
C LEU B 1463 37.16 -38.90 -25.12
N LEU B 1464 38.02 -39.29 -26.06
CA LEU B 1464 37.63 -39.30 -27.48
C LEU B 1464 37.52 -40.77 -27.86
N THR B 1465 36.39 -41.15 -28.46
CA THR B 1465 36.09 -42.54 -28.82
C THR B 1465 35.81 -42.71 -30.26
N ASN B 1466 36.01 -41.63 -31.06
CA ASN B 1466 35.84 -41.74 -32.47
C ASN B 1466 37.04 -41.10 -33.21
N PHE B 1467 37.46 -41.77 -34.28
CA PHE B 1467 38.56 -41.37 -35.09
C PHE B 1467 38.42 -40.02 -35.76
N GLN B 1468 37.23 -39.71 -36.29
CA GLN B 1468 37.01 -38.43 -36.90
C GLN B 1468 37.09 -37.29 -35.89
N VAL B 1469 36.54 -37.53 -34.69
CA VAL B 1469 36.62 -36.55 -33.64
C VAL B 1469 38.07 -36.41 -33.22
N THR B 1470 38.80 -37.51 -33.18
CA THR B 1470 40.21 -37.46 -32.84
C THR B 1470 41.06 -36.63 -33.80
N LYS B 1471 40.76 -36.73 -35.10
CA LYS B 1471 41.44 -35.92 -36.12
C LYS B 1471 41.08 -34.47 -36.02
N LEU B 1472 39.80 -34.20 -35.75
CA LEU B 1472 39.36 -32.84 -35.51
C LEU B 1472 40.18 -32.20 -34.37
N PHE B 1473 40.33 -32.93 -33.26
CA PHE B 1473 41.10 -32.49 -32.12
C PHE B 1473 42.56 -32.18 -32.48
N ALA B 1474 43.22 -33.14 -33.09
CA ALA B 1474 44.59 -33.04 -33.54
C ALA B 1474 44.79 -31.87 -34.48
N GLU B 1475 43.90 -31.67 -35.43
CA GLU B 1475 43.99 -30.46 -36.31
C GLU B 1475 43.77 -29.18 -35.51
N ALA B 1476 42.84 -29.19 -34.56
CA ALA B 1476 42.47 -27.96 -33.88
C ALA B 1476 43.63 -27.46 -32.97
N VAL B 1477 44.28 -28.37 -32.25
CA VAL B 1477 45.46 -27.99 -31.43
C VAL B 1477 46.69 -27.61 -32.23
N GLN B 1478 46.76 -28.08 -33.45
CA GLN B 1478 47.83 -27.69 -34.35
C GLN B 1478 47.62 -26.22 -34.58
N LYS B 1479 46.39 -25.88 -34.99
CA LYS B 1479 45.97 -24.52 -35.39
C LYS B 1479 46.01 -23.41 -34.31
N SER B 1480 45.51 -23.69 -33.11
CA SER B 1480 45.18 -22.62 -32.15
C SER B 1480 46.43 -21.84 -31.60
N ASP B 1484 45.17 -17.57 -23.57
CA ASP B 1484 45.35 -18.56 -24.63
C ASP B 1484 44.01 -19.17 -25.02
N SER B 1485 43.25 -19.61 -24.03
CA SER B 1485 41.85 -20.10 -24.20
C SER B 1485 40.84 -18.93 -24.25
N LYS B 1486 41.05 -17.88 -23.44
CA LYS B 1486 40.13 -16.72 -23.38
C LYS B 1486 40.04 -15.92 -24.71
N SER B 1487 41.11 -15.91 -25.50
CA SER B 1487 41.09 -15.20 -26.77
C SER B 1487 40.07 -15.73 -27.86
N LEU B 1488 39.58 -16.97 -27.75
CA LEU B 1488 38.57 -17.49 -28.71
C LEU B 1488 37.08 -16.94 -28.58
N PHE B 1489 36.64 -16.34 -27.46
CA PHE B 1489 35.16 -16.10 -27.13
C PHE B 1489 34.37 -14.71 -27.33
N HIS B 1490 32.97 -14.68 -27.33
CA HIS B 1490 32.03 -13.42 -27.05
C HIS B 1490 30.38 -13.51 -26.70
N TYR B 1491 29.62 -12.37 -26.73
CA TYR B 1491 28.35 -12.05 -25.89
C TYR B 1491 27.08 -11.23 -26.48
N ARG B 1492 26.02 -10.99 -25.69
CA ARG B 1492 24.86 -10.07 -26.14
C ARG B 1492 23.91 -9.31 -25.12
#